data_6QKZ
#
_entry.id   6QKZ
#
loop_
_entity.id
_entity.type
_entity.pdbx_description
1 polymer GluA1
2 polymer 'Glutamate receptor 2'
3 polymer 'Voltage-dependent calcium channel gamma-8 subunit'
4 branched beta-D-mannopyranose-(1-4)-2-acetamido-2-deoxy-beta-D-glucopyranose-(1-4)-2-acetamido-2-deoxy-beta-D-glucopyranose
5 branched 2-acetamido-2-deoxy-beta-D-glucopyranose-(1-4)-2-acetamido-2-deoxy-beta-D-glucopyranose
6 non-polymer 6-nitro-2,3-bis(oxidanylidene)-1,4-dihydrobenzo[f]quinoxaline-7-sulfonamide
7 non-polymer 2-acetamido-2-deoxy-beta-D-glucopyranose
#
loop_
_entity_poly.entity_id
_entity_poly.type
_entity_poly.pdbx_seq_one_letter_code
_entity_poly.pdbx_strand_id
1 'polypeptide(L)'
;ADYKDDDDKNFPNNIQIGGLFPNQQSQEHAAFRFALSQLTEPPKLLPQIDIVNISDSFEMTYRFCSQFSKGVYAIFGFYE
RRTVNMLTSFCGALHVCFITPSFPVDTSNQFVLQLRPELQEALISIIDHYKWQTFVYIYDADRGLSVLQRVLDTAAEKNW
QVTAVNILTTTEEGYRMLFQDLEKKKERLVVVDCESERLNAILGQIVKLEKNGIGYHYILANLGFMDIDLNKFKESGANV
TGFQLVNYTDTIPARIMQQWRTSDSRDHTRVDWKRPKYTSALTYDGVKVMAEAFQSLRRQRIDISRRGNAGDCLANPAVP
WGQGIDIQRALQQVRFEGLTGNVQFNEKGRRTNYTLHVIEMKHDGIRKIGYWNEDDKFVPAATDAQAGGDNSSVQNRTYI
VTTILEDPYVMLKKNANQFEGNDRYEGYCVELAAEIAKHVGYSYRLEIVSDGKYGARDPDTKAWNGMVGELVYGRADVAV
APLTITLVREEVIDFSKPFMSLGISIMIKKPQKSKPGVFSFLDPLAYEIWMCIVFAYIGVSVVLFLVSRFSPYEWHSEEF
EEGRDQTTSDQSNEFGIFNSLWFSLGAFMQQGCDISPRSLSGRIVGGVWWFFTLIIISSYTANLAAFLTVERMVSPIESA
EDLAKQTEIAYGTLEAGSTKEFFRRSKIAVFEKMWTYMKSAEPSVFVRTTEEGMIRVRKSKGKYAYLLESTMNEYIEQRK
PCDTMKVGGNLDSKGYGIATPKGSALRGPVNLAVLKLSEQGVLDKLKSKWWYDKGECGSKDSGSKDKTSALSLSNVAGVF
YILIGGLGLAMLVALIEFCYKSRSESKRMKGFCLIPQQSINEAIRTSTLPRNSGAGASGGGGSGENGRVVSQDFPKSMQS
IPCMSHSSGMPLGATGL
;
A,C
2 'polypeptide(L)'
;VSSNSIQIGGLFPRGADQEYSAFRVGMVQFSTSEFRLTPHIDNLEVANSFAVTNAFCSQFSRGVYAIFGFYDKKSVNTIT
SFCGTLHVSFITPSFPTDGTHPFVIQMRPDLKGALLSLIEYYQWDKFAYLYDSDRGLSTLQAVLDSAAEKKWQVTAINVG
NINNDKKDETYRSLFQDLELKKERRVILDCERDKVNDIVDQVITIGKHVKGYHYIIANLGFTDGDLLKIQFGGANVSGFQ
IVDYDDSLVSKFIERWSTLEEKEYPGAHTATIKYTSALTYDAVQVMTEAFRNLRKQRIEISRRGNAGDCLANPAVPWGQG
VEIERALKQVQVEGLSGNIKFDQNGKRINYTINIMELKTNGPRKIGYWSEVDKMVVTLTELPSGNDTSGLENKTVVVTTI
LESPYVMMKKNHEMLEGNERYEGYCVDLAAEIAKHCGFKYKLTIVGDGKYGARDADTKIWNGMVGELVYGKADIAIAPLT
ITLVREEVIDFSKPFMSLGISIMIKKPQKSKPGVFSFLDPLAYEIWMCIVFAYIGVSVVLFLVSRFSPYEWHTEEFEDGR
ETQSSESTNEFGIFNSLWFSLGAFMRQGCDISPRSLSGRIVGGVWWFFTLIIISSYTANLAAFLTVERMVSPIESAEDLS
KQTEIAYGTLDSGSTKEFFRRSKIAVFDKMWTYMRSAEPSVFVRTTAEGVARVRKSKGKYAYLLESTMNEYIEQRKPCDT
MKVGGNLDSKGYGIATPKGSSLGTPVNLAVLKLSEQGVLDKLKNKWWYDKGECGAKDSGSKEKTSALSLSNVAGVFYILV
GGLGLAMLVALIEFCYKSRAEAKRMKVAKNPQNINPSSS
;
B,D
3 'polypeptide(L)'
;GESLKRWNEERGLWCEKGVQVLLTTIGAFAAFGLMTIAISTDYWLYTRALICNTTNLTAGDDGPPHRGGSGSSEKKDPGG
LTHSGLWRICCLEGLKRGVCVKINHFPEDTDYDHDSSEYLLRVVRASSIFPILSAILLLLGGVCVAASRVYKSKRNIILG
AGILFVAAGLSNIIGVIVYISANAGEPGPKRDEEKKNHYSYGWSFYFGGLSFILAEVIGVLAVNIYIERSREAHCQSRSD
LLKAGGGAGGSGGSGPSAILRLPSYRFRYRRRSRSSSRGSSEASPSRDASPGGPGGPGFASTDISMYTLSRDPSKGSVAA
GLASAGGGGGGAGVGAYGGAAGAAGGGGTGSERDRGSSAGFLTLHNAFPKEAASGVTVTVTGPPAAPAPAPPAPAAPAPG
TLSKEAAASNTNTLNRKLEVLFQ
;
I,J
#
# COMPACT_ATOMS: atom_id res chain seq x y z
N ASN A 10 -2.83 90.91 41.35
CA ASN A 10 -2.27 90.03 40.35
C ASN A 10 -3.37 89.10 39.83
N PHE A 11 -3.82 88.23 40.72
CA PHE A 11 -4.85 87.23 40.45
C PHE A 11 -5.83 87.40 41.59
N PRO A 12 -6.92 86.63 41.65
CA PRO A 12 -7.78 86.71 42.83
C PRO A 12 -7.12 85.95 43.99
N ASN A 13 -7.44 86.33 45.22
CA ASN A 13 -6.77 85.75 46.38
C ASN A 13 -7.28 84.36 46.72
N ASN A 14 -8.50 84.08 46.30
CA ASN A 14 -9.11 82.79 46.53
C ASN A 14 -9.49 82.16 45.19
N ILE A 15 -9.09 80.91 45.00
CA ILE A 15 -9.48 80.19 43.81
C ILE A 15 -10.46 79.07 44.24
N GLN A 16 -11.75 79.29 44.02
CA GLN A 16 -12.77 78.32 44.39
C GLN A 16 -12.60 77.04 43.56
N ILE A 17 -12.68 75.89 44.22
CA ILE A 17 -12.52 74.61 43.54
C ILE A 17 -13.70 73.70 43.84
N GLY A 18 -14.43 73.28 42.81
CA GLY A 18 -15.57 72.40 43.03
C GLY A 18 -15.11 70.97 43.31
N GLY A 19 -16.02 70.19 43.90
CA GLY A 19 -15.76 68.83 44.25
C GLY A 19 -17.00 67.97 44.03
N LEU A 20 -16.76 66.80 43.47
CA LEU A 20 -17.79 65.80 43.26
C LEU A 20 -17.34 64.50 43.93
N PHE A 21 -17.84 64.28 45.14
CA PHE A 21 -17.43 63.17 46.00
C PHE A 21 -18.63 62.26 46.25
N PRO A 22 -18.43 60.95 46.24
CA PRO A 22 -19.55 60.02 46.40
C PRO A 22 -19.89 59.74 47.87
N ASN A 23 -19.07 60.22 48.80
CA ASN A 23 -19.31 59.96 50.21
C ASN A 23 -19.10 61.17 51.11
N GLN A 24 -19.82 61.20 52.23
CA GLN A 24 -19.70 62.28 53.19
C GLN A 24 -18.36 62.17 53.93
N GLN A 25 -17.93 60.95 54.19
CA GLN A 25 -16.66 60.70 54.85
C GLN A 25 -15.92 59.53 54.22
N SER A 26 -14.62 59.69 54.07
CA SER A 26 -13.77 58.66 53.48
C SER A 26 -12.31 59.08 53.55
N GLN A 27 -11.40 58.13 53.35
CA GLN A 27 -9.97 58.43 53.40
C GLN A 27 -9.59 59.47 52.35
N GLU A 28 -10.26 59.42 51.21
CA GLU A 28 -10.01 60.38 50.13
C GLU A 28 -10.30 61.79 50.63
N HIS A 29 -11.42 61.96 51.31
CA HIS A 29 -11.79 63.25 51.89
C HIS A 29 -10.73 63.76 52.82
N ALA A 30 -10.22 62.87 53.67
CA ALA A 30 -9.23 63.25 54.62
C ALA A 30 -7.87 63.55 53.92
N ALA A 31 -7.56 62.79 52.87
CA ALA A 31 -6.42 63.10 52.05
C ALA A 31 -6.55 64.50 51.39
N PHE A 32 -7.70 64.75 50.78
CA PHE A 32 -8.02 66.04 50.19
C PHE A 32 -7.82 67.20 51.19
N ARG A 33 -8.40 67.10 52.38
CA ARG A 33 -8.29 68.16 53.37
C ARG A 33 -6.86 68.35 53.89
N PHE A 34 -6.12 67.25 54.03
CA PHE A 34 -4.75 67.32 54.51
C PHE A 34 -3.84 68.10 53.52
N ALA A 35 -3.89 67.70 52.26
CA ALA A 35 -3.08 68.31 51.22
C ALA A 35 -3.32 69.84 51.19
N LEU A 36 -4.58 70.23 51.35
CA LEU A 36 -5.01 71.63 51.36
C LEU A 36 -4.48 72.47 52.55
N SER A 37 -4.46 71.90 53.75
CA SER A 37 -3.92 72.57 54.92
C SER A 37 -2.42 72.74 54.82
N GLN A 38 -1.75 71.95 53.97
CA GLN A 38 -0.30 72.13 53.76
C GLN A 38 0.06 73.40 53.00
N LEU A 39 -0.69 73.75 51.96
CA LEU A 39 -0.46 74.95 51.14
C LEU A 39 -0.32 76.29 51.86
N THR A 40 0.56 77.13 51.36
CA THR A 40 0.94 78.38 52.02
C THR A 40 0.80 79.59 51.10
N GLU A 41 1.02 79.40 49.81
CA GLU A 41 1.10 80.53 48.90
C GLU A 41 -0.26 80.90 48.33
N PRO A 42 -0.50 82.20 48.10
CA PRO A 42 -1.69 82.56 47.33
C PRO A 42 -1.50 82.15 45.86
N PRO A 43 -2.59 81.80 45.16
CA PRO A 43 -3.99 81.83 45.60
C PRO A 43 -4.35 80.70 46.54
N LYS A 44 -5.22 81.00 47.50
CA LYS A 44 -5.78 79.99 48.35
C LYS A 44 -6.86 79.23 47.57
N LEU A 45 -6.68 77.91 47.49
CA LEU A 45 -7.68 76.95 46.99
C LEU A 45 -8.73 76.74 48.03
N LEU A 46 -9.94 77.19 47.68
CA LEU A 46 -11.08 77.24 48.57
C LEU A 46 -12.08 76.19 48.10
N PRO A 47 -12.06 75.02 48.72
CA PRO A 47 -12.88 73.90 48.26
C PRO A 47 -14.37 74.08 48.53
N GLN A 48 -15.20 73.58 47.61
CA GLN A 48 -16.64 73.73 47.69
C GLN A 48 -17.33 72.48 47.17
N ILE A 49 -17.36 71.44 47.98
CA ILE A 49 -17.78 70.14 47.51
C ILE A 49 -19.11 69.66 47.84
N ASP A 50 -19.56 68.81 46.94
CA ASP A 50 -20.87 68.32 47.07
C ASP A 50 -20.81 66.83 47.04
N ILE A 51 -21.60 66.27 47.93
CA ILE A 51 -21.76 64.85 48.00
C ILE A 51 -22.80 64.53 46.96
N VAL A 52 -22.46 63.61 46.08
CA VAL A 52 -23.30 63.32 44.94
C VAL A 52 -23.15 61.87 44.55
N ASN A 53 -24.23 61.28 44.05
CA ASN A 53 -24.17 59.98 43.42
C ASN A 53 -23.37 60.05 42.11
N ILE A 54 -22.13 59.63 42.16
CA ILE A 54 -21.24 59.75 41.03
C ILE A 54 -21.67 58.86 39.91
N SER A 55 -22.63 57.97 40.15
CA SER A 55 -23.12 57.13 39.04
C SER A 55 -24.30 57.69 38.25
N ASP A 56 -24.86 58.80 38.71
CA ASP A 56 -26.07 59.34 38.10
C ASP A 56 -25.81 60.59 37.27
N SER A 57 -25.96 60.45 35.95
CA SER A 57 -25.72 61.56 35.04
C SER A 57 -26.53 62.80 35.39
N PHE A 58 -27.75 62.59 35.88
CA PHE A 58 -28.62 63.70 36.24
C PHE A 58 -28.07 64.48 37.43
N GLU A 59 -27.94 63.79 38.56
CA GLU A 59 -27.36 64.43 39.75
C GLU A 59 -26.06 65.10 39.36
N MET A 60 -25.28 64.41 38.52
CA MET A 60 -23.98 64.92 38.10
C MET A 60 -24.06 66.16 37.26
N THR A 61 -25.06 66.21 36.40
CA THR A 61 -25.30 67.39 35.61
C THR A 61 -25.69 68.53 36.53
N TYR A 62 -26.57 68.26 37.49
CA TYR A 62 -27.01 69.28 38.42
C TYR A 62 -25.84 69.90 39.19
N ARG A 63 -25.01 69.04 39.79
CA ARG A 63 -23.88 69.51 40.58
C ARG A 63 -22.89 70.29 39.71
N PHE A 64 -22.52 69.70 38.58
CA PHE A 64 -21.58 70.33 37.65
C PHE A 64 -22.04 71.74 37.29
N CYS A 65 -23.29 71.86 36.87
CA CYS A 65 -23.84 73.15 36.47
C CYS A 65 -23.91 74.12 37.65
N SER A 66 -24.32 73.63 38.81
CA SER A 66 -24.36 74.43 39.99
C SER A 66 -22.92 74.94 40.34
N GLN A 67 -21.94 74.06 40.24
CA GLN A 67 -20.60 74.53 40.52
C GLN A 67 -20.10 75.47 39.47
N PHE A 68 -20.48 75.22 38.21
CA PHE A 68 -20.06 76.07 37.10
C PHE A 68 -20.67 77.46 37.33
N SER A 69 -21.99 77.52 37.51
CA SER A 69 -22.68 78.74 37.95
C SER A 69 -22.09 79.45 39.17
N LYS A 70 -21.75 78.71 40.23
CA LYS A 70 -21.17 79.35 41.41
C LYS A 70 -19.77 79.97 41.14
N GLY A 71 -19.10 79.52 40.08
CA GLY A 71 -17.90 80.23 39.64
C GLY A 71 -16.58 79.54 39.93
N VAL A 72 -16.57 78.22 40.09
CA VAL A 72 -15.36 77.51 40.39
C VAL A 72 -14.47 77.52 39.16
N TYR A 73 -13.18 77.40 39.40
CA TYR A 73 -12.17 77.47 38.37
C TYR A 73 -11.78 76.07 37.93
N ALA A 74 -12.18 75.08 38.71
CA ALA A 74 -11.91 73.69 38.39
C ALA A 74 -12.79 72.81 39.22
N ILE A 75 -12.95 71.56 38.80
CA ILE A 75 -13.69 70.61 39.61
C ILE A 75 -12.82 69.39 39.90
N PHE A 76 -12.71 69.02 41.17
CA PHE A 76 -11.98 67.80 41.53
C PHE A 76 -13.02 66.79 41.96
N GLY A 77 -12.87 65.55 41.53
CA GLY A 77 -13.88 64.55 41.83
C GLY A 77 -13.71 63.16 41.27
N PHE A 78 -14.79 62.41 41.37
CA PHE A 78 -14.83 61.02 40.92
C PHE A 78 -15.98 60.75 39.95
N TYR A 79 -15.73 59.87 38.99
CA TYR A 79 -16.78 59.40 38.07
C TYR A 79 -16.71 57.91 37.92
N GLU A 80 -17.73 57.40 37.26
CA GLU A 80 -17.96 55.99 37.05
C GLU A 80 -18.24 55.78 35.56
N ARG A 81 -18.33 54.54 35.13
CA ARG A 81 -18.53 54.23 33.72
C ARG A 81 -19.85 54.90 33.25
N ARG A 82 -20.90 54.94 34.10
CA ARG A 82 -22.15 55.57 33.71
C ARG A 82 -22.13 57.10 33.60
N THR A 83 -21.08 57.74 34.11
CA THR A 83 -21.00 59.20 34.05
C THR A 83 -19.86 59.80 33.21
N VAL A 84 -18.97 58.96 32.69
CA VAL A 84 -17.82 59.50 31.99
C VAL A 84 -18.19 60.33 30.78
N ASN A 85 -19.20 59.88 30.06
CA ASN A 85 -19.65 60.63 28.89
C ASN A 85 -20.21 62.02 29.20
N MET A 86 -21.00 62.13 30.28
CA MET A 86 -21.52 63.44 30.62
C MET A 86 -20.39 64.40 30.99
N LEU A 87 -19.46 63.93 31.81
CA LEU A 87 -18.34 64.76 32.25
C LEU A 87 -17.43 65.18 31.11
N THR A 88 -17.09 64.20 30.27
CA THR A 88 -16.18 64.45 29.17
C THR A 88 -16.86 65.50 28.32
N SER A 89 -18.16 65.32 28.14
CA SER A 89 -18.97 66.21 27.29
C SER A 89 -19.16 67.60 27.89
N PHE A 90 -19.45 67.68 29.17
CA PHE A 90 -19.67 68.98 29.81
C PHE A 90 -18.34 69.71 29.98
N CYS A 91 -17.28 68.94 30.19
CA CYS A 91 -15.93 69.52 30.32
C CYS A 91 -15.47 70.08 28.98
N GLY A 92 -15.67 69.31 27.92
CA GLY A 92 -15.30 69.73 26.59
C GLY A 92 -16.11 70.91 26.10
N ALA A 93 -17.39 70.93 26.44
CA ALA A 93 -18.26 72.03 26.00
C ALA A 93 -18.03 73.31 26.78
N LEU A 94 -17.62 73.22 28.04
CA LEU A 94 -17.53 74.41 28.87
C LEU A 94 -16.11 74.85 29.20
N HIS A 95 -15.14 74.01 28.85
CA HIS A 95 -13.74 74.27 29.14
C HIS A 95 -13.48 74.45 30.63
N VAL A 96 -14.15 73.67 31.49
CA VAL A 96 -13.80 73.61 32.90
C VAL A 96 -13.10 72.26 33.06
N CYS A 97 -11.98 72.21 33.79
CA CYS A 97 -11.28 70.95 33.96
C CYS A 97 -11.80 70.15 35.14
N PHE A 98 -11.75 68.84 34.96
CA PHE A 98 -12.14 67.88 35.96
C PHE A 98 -10.86 67.09 36.23
N ILE A 99 -10.42 67.12 37.48
CA ILE A 99 -9.18 66.47 37.93
C ILE A 99 -9.66 65.28 38.78
N THR A 100 -9.32 64.06 38.41
CA THR A 100 -9.96 62.90 38.99
C THR A 100 -8.99 61.78 39.16
N PRO A 101 -9.04 61.07 40.31
CA PRO A 101 -8.28 59.83 40.56
C PRO A 101 -8.95 58.60 40.03
N SER A 102 -10.12 58.73 39.43
CA SER A 102 -10.89 57.60 38.93
C SER A 102 -10.28 56.80 37.79
N PHE A 103 -10.93 55.68 37.49
CA PHE A 103 -10.40 54.76 36.53
C PHE A 103 -10.31 55.44 35.17
N PRO A 104 -9.12 55.53 34.59
CA PRO A 104 -8.94 56.24 33.32
C PRO A 104 -9.71 55.64 32.14
N VAL A 105 -10.23 56.50 31.28
CA VAL A 105 -11.03 56.09 30.12
C VAL A 105 -10.24 56.13 28.81
N ASP A 106 -10.72 55.35 27.82
CA ASP A 106 -10.06 55.23 26.51
C ASP A 106 -10.02 56.50 25.64
N THR A 107 -11.15 57.18 25.49
CA THR A 107 -11.19 58.45 24.78
C THR A 107 -11.96 59.42 25.74
N SER A 108 -11.31 60.52 26.12
CA SER A 108 -11.85 61.56 27.00
C SER A 108 -11.23 62.73 26.30
N ASN A 109 -11.15 63.89 26.94
CA ASN A 109 -10.55 65.05 26.30
C ASN A 109 -9.46 65.72 27.15
N GLN A 110 -8.84 66.74 26.58
CA GLN A 110 -7.74 67.46 27.24
C GLN A 110 -8.18 68.03 28.58
N PHE A 111 -9.43 68.43 28.67
CA PHE A 111 -9.95 69.11 29.85
C PHE A 111 -10.08 68.20 31.08
N VAL A 112 -10.09 66.88 30.85
CA VAL A 112 -10.15 65.93 31.96
C VAL A 112 -8.74 65.52 32.38
N LEU A 113 -8.41 65.75 33.64
CA LEU A 113 -7.07 65.41 34.09
C LEU A 113 -7.03 64.18 34.98
N GLN A 114 -6.48 63.11 34.43
CA GLN A 114 -6.47 61.81 35.09
C GLN A 114 -5.23 61.53 35.88
N LEU A 115 -5.41 61.58 37.19
CA LEU A 115 -4.31 61.37 38.10
C LEU A 115 -3.87 59.92 38.09
N ARG A 116 -4.79 59.01 37.77
CA ARG A 116 -4.46 57.58 37.81
C ARG A 116 -3.79 57.06 36.55
N PRO A 117 -2.55 56.59 36.72
CA PRO A 117 -1.78 55.99 35.63
C PRO A 117 -2.52 54.82 34.99
N GLU A 118 -2.44 54.69 33.68
CA GLU A 118 -3.07 53.57 32.98
C GLU A 118 -2.33 52.28 33.31
N LEU A 119 -3.05 51.18 33.24
CA LEU A 119 -2.56 49.91 33.73
C LEU A 119 -2.53 48.83 32.66
N GLN A 120 -3.29 49.04 31.59
CA GLN A 120 -3.52 47.99 30.60
C GLN A 120 -2.25 47.48 29.89
N GLU A 121 -1.34 48.39 29.52
CA GLU A 121 -0.09 48.00 28.89
C GLU A 121 0.72 47.16 29.85
N ALA A 122 0.88 47.67 31.08
CA ALA A 122 1.64 46.97 32.13
C ALA A 122 1.12 45.56 32.29
N LEU A 123 -0.20 45.46 32.41
CA LEU A 123 -0.86 44.15 32.54
C LEU A 123 -0.52 43.21 31.38
N ILE A 124 -0.58 43.70 30.15
CA ILE A 124 -0.26 42.85 29.02
C ILE A 124 1.20 42.36 29.06
N SER A 125 2.09 43.21 29.58
CA SER A 125 3.50 42.84 29.74
C SER A 125 3.61 41.66 30.69
N ILE A 126 2.92 41.75 31.82
CA ILE A 126 2.98 40.74 32.87
C ILE A 126 2.45 39.38 32.41
N ILE A 127 1.42 39.41 31.56
CA ILE A 127 0.90 38.18 30.98
C ILE A 127 1.90 37.62 29.98
N ASP A 128 2.37 38.48 29.08
CA ASP A 128 3.39 38.10 28.13
C ASP A 128 4.59 37.51 28.92
N HIS A 129 4.95 38.12 30.04
CA HIS A 129 6.10 37.63 30.83
C HIS A 129 5.96 36.16 31.20
N TYR A 130 4.92 35.84 31.96
CA TYR A 130 4.69 34.47 32.42
C TYR A 130 4.16 33.57 31.30
N LYS A 131 4.30 34.04 30.07
CA LYS A 131 3.88 33.29 28.89
C LYS A 131 2.54 32.55 29.05
N TRP A 132 1.56 33.23 29.62
CA TRP A 132 0.22 32.67 29.75
C TRP A 132 -0.40 32.45 28.36
N GLN A 133 -1.27 31.44 28.23
CA GLN A 133 -1.89 31.08 26.97
C GLN A 133 -3.39 31.08 27.12
N THR A 134 -3.86 30.41 28.16
CA THR A 134 -5.28 30.30 28.45
C THR A 134 -5.53 30.71 29.89
N PHE A 135 -6.43 31.68 30.07
CA PHE A 135 -6.71 32.23 31.38
C PHE A 135 -8.10 32.92 31.48
N VAL A 136 -8.54 33.09 32.71
CA VAL A 136 -9.78 33.74 33.00
C VAL A 136 -9.48 35.21 33.19
N TYR A 137 -10.34 36.05 32.64
CA TYR A 137 -10.24 37.49 32.85
C TYR A 137 -11.51 38.01 33.52
N ILE A 138 -11.43 38.23 34.83
CA ILE A 138 -12.55 38.76 35.60
C ILE A 138 -12.43 40.27 35.68
N TYR A 139 -13.49 40.98 35.34
CA TYR A 139 -13.41 42.44 35.23
C TYR A 139 -14.59 43.22 35.73
N ASP A 140 -14.36 44.51 35.86
CA ASP A 140 -15.38 45.43 36.33
C ASP A 140 -16.14 45.99 35.14
N ALA A 141 -17.40 45.60 35.03
CA ALA A 141 -18.26 46.14 33.99
C ALA A 141 -18.36 47.64 34.18
N ASP A 142 -17.95 48.10 35.36
CA ASP A 142 -18.10 49.51 35.72
C ASP A 142 -17.06 50.42 35.07
N ARG A 143 -15.89 49.88 34.74
CA ARG A 143 -14.81 50.68 34.16
C ARG A 143 -14.11 50.01 32.99
N GLY A 144 -14.10 48.68 33.02
CA GLY A 144 -13.31 47.91 32.08
C GLY A 144 -14.09 47.30 30.93
N LEU A 145 -14.62 48.14 30.05
CA LEU A 145 -15.24 47.65 28.83
C LEU A 145 -14.31 47.88 27.65
N SER A 146 -13.44 48.89 27.78
CA SER A 146 -12.45 49.20 26.76
C SER A 146 -11.20 48.34 26.93
N VAL A 147 -10.90 47.98 28.17
CA VAL A 147 -9.71 47.19 28.48
C VAL A 147 -9.85 45.75 27.98
N LEU A 148 -11.07 45.25 27.96
CA LEU A 148 -11.33 43.89 27.59
C LEU A 148 -11.14 43.61 26.19
N GLN A 149 -11.57 44.61 25.48
CA GLN A 149 -11.37 44.56 24.05
C GLN A 149 -9.86 44.59 23.77
N ARG A 150 -9.15 45.43 24.50
CA ARG A 150 -7.69 45.47 24.37
C ARG A 150 -7.06 44.11 24.70
N VAL A 151 -7.67 43.39 25.64
CA VAL A 151 -7.22 42.07 26.01
C VAL A 151 -7.62 41.07 24.96
N LEU A 152 -8.84 41.22 24.42
CA LEU A 152 -9.31 40.36 23.33
C LEU A 152 -8.49 40.58 22.05
N ASP A 153 -8.13 41.83 21.77
CA ASP A 153 -7.25 42.19 20.66
C ASP A 153 -5.93 41.44 20.74
N THR A 154 -5.22 41.63 21.86
CA THR A 154 -3.93 40.98 22.06
C THR A 154 -4.09 39.46 21.95
N ALA A 155 -5.15 38.92 22.56
CA ALA A 155 -5.44 37.48 22.49
C ALA A 155 -5.46 36.97 21.05
N ALA A 156 -6.03 37.76 20.14
CA ALA A 156 -6.04 37.40 18.73
C ALA A 156 -4.62 37.33 18.17
N GLU A 157 -3.80 38.30 18.53
CA GLU A 157 -2.44 38.39 18.01
C GLU A 157 -1.52 37.29 18.53
N LYS A 158 -1.54 37.08 19.85
CA LYS A 158 -0.68 36.06 20.46
C LYS A 158 -1.41 34.75 20.67
N ASN A 159 -2.61 34.64 20.08
CA ASN A 159 -3.40 33.43 20.14
C ASN A 159 -3.65 32.89 21.54
N TRP A 160 -4.14 33.76 22.43
CA TRP A 160 -4.50 33.34 23.77
C TRP A 160 -5.92 32.80 23.77
N GLN A 161 -6.27 32.04 24.79
CA GLN A 161 -7.62 31.52 24.95
C GLN A 161 -8.23 32.12 26.22
N VAL A 162 -8.70 33.37 26.13
CA VAL A 162 -9.23 34.07 27.31
C VAL A 162 -10.69 33.76 27.60
N THR A 163 -11.07 33.83 28.87
CA THR A 163 -12.44 33.61 29.29
C THR A 163 -12.97 34.83 30.04
N ALA A 164 -13.78 35.63 29.37
CA ALA A 164 -14.27 36.88 29.95
C ALA A 164 -15.42 36.66 30.93
N VAL A 165 -15.33 37.35 32.06
CA VAL A 165 -16.29 37.22 33.15
C VAL A 165 -16.54 38.60 33.74
N ASN A 166 -17.76 39.11 33.57
CA ASN A 166 -18.08 40.40 34.12
C ASN A 166 -18.50 40.24 35.58
N ILE A 167 -17.85 41.01 36.43
CA ILE A 167 -18.18 41.01 37.85
C ILE A 167 -19.69 41.27 38.12
N LEU A 168 -20.22 42.34 37.54
CA LEU A 168 -21.58 42.79 37.85
C LEU A 168 -22.68 41.74 37.55
N THR A 169 -22.41 40.84 36.62
CA THR A 169 -23.44 39.96 36.06
C THR A 169 -23.37 38.47 36.45
N THR A 170 -22.27 38.03 37.02
CA THR A 170 -22.17 36.60 37.29
C THR A 170 -22.58 36.34 38.74
N THR A 171 -23.22 35.20 39.00
CA THR A 171 -23.63 34.86 40.37
C THR A 171 -22.63 33.97 41.10
N GLU A 172 -22.88 33.83 42.39
CA GLU A 172 -22.18 32.91 43.28
C GLU A 172 -22.01 31.53 42.63
N GLU A 173 -23.06 31.06 41.99
CA GLU A 173 -23.07 29.76 41.32
C GLU A 173 -22.37 29.81 39.96
N GLY A 174 -22.58 30.89 39.23
CA GLY A 174 -21.77 31.18 38.04
C GLY A 174 -20.28 31.06 38.35
N TYR A 175 -19.89 31.60 39.52
CA TYR A 175 -18.52 31.54 40.01
C TYR A 175 -18.11 30.11 40.37
N ARG A 176 -18.98 29.43 41.11
CA ARG A 176 -18.74 28.05 41.52
C ARG A 176 -18.42 27.27 40.28
N MET A 177 -19.20 27.53 39.25
CA MET A 177 -19.16 26.76 38.03
C MET A 177 -17.84 26.91 37.29
N LEU A 178 -17.37 28.14 37.13
CA LEU A 178 -16.18 28.38 36.33
C LEU A 178 -14.89 28.03 37.09
N PHE A 179 -14.94 28.13 38.40
CA PHE A 179 -13.86 27.64 39.26
C PHE A 179 -13.91 26.13 39.26
N GLN A 180 -15.05 25.56 38.87
CA GLN A 180 -15.15 24.12 38.66
C GLN A 180 -14.50 23.73 37.32
N ASP A 181 -14.65 24.57 36.29
CA ASP A 181 -13.97 24.34 35.02
C ASP A 181 -12.45 24.41 35.17
N LEU A 182 -12.00 25.41 35.92
CA LEU A 182 -10.57 25.71 36.12
C LEU A 182 -9.78 24.62 36.81
N GLU A 183 -10.41 23.96 37.77
CA GLU A 183 -9.72 22.96 38.58
C GLU A 183 -9.69 21.59 37.93
N LYS A 184 -10.15 21.55 36.68
CA LYS A 184 -9.99 20.37 35.85
C LYS A 184 -8.62 20.29 35.20
N LYS A 185 -7.88 21.40 35.24
CA LYS A 185 -6.53 21.51 34.65
C LYS A 185 -5.57 21.92 35.77
N LYS A 186 -4.30 21.51 35.68
CA LYS A 186 -3.35 21.70 36.78
C LYS A 186 -2.98 23.13 37.25
N GLU A 187 -2.73 24.06 36.34
CA GLU A 187 -2.40 25.43 36.76
C GLU A 187 -3.61 26.25 36.37
N ARG A 188 -4.15 26.99 37.34
CA ARG A 188 -5.31 27.79 37.08
C ARG A 188 -4.86 29.24 37.04
N LEU A 189 -5.05 29.88 35.88
CA LEU A 189 -4.59 31.25 35.71
C LEU A 189 -5.76 32.23 35.61
N VAL A 190 -5.75 33.19 36.53
CA VAL A 190 -6.81 34.16 36.67
C VAL A 190 -6.27 35.60 36.72
N VAL A 191 -6.88 36.45 35.91
CA VAL A 191 -6.66 37.89 35.97
C VAL A 191 -7.90 38.50 36.60
N VAL A 192 -7.70 39.38 37.57
CA VAL A 192 -8.81 40.10 38.17
C VAL A 192 -8.55 41.59 38.06
N ASP A 193 -9.31 42.30 37.24
CA ASP A 193 -9.11 43.74 37.11
C ASP A 193 -10.34 44.40 37.64
N CYS A 194 -10.19 45.14 38.73
CA CYS A 194 -11.29 45.88 39.30
C CYS A 194 -10.79 46.78 40.44
N GLU A 195 -11.68 47.66 40.90
CA GLU A 195 -11.39 48.59 41.98
C GLU A 195 -11.30 47.89 43.33
N SER A 196 -10.74 48.57 44.32
CA SER A 196 -10.41 47.98 45.62
C SER A 196 -11.58 47.43 46.43
N GLU A 197 -12.67 48.17 46.52
CA GLU A 197 -13.80 47.74 47.33
C GLU A 197 -14.45 46.47 46.78
N ARG A 198 -14.67 46.44 45.47
CA ARG A 198 -15.24 45.25 44.83
C ARG A 198 -14.21 44.13 44.81
N LEU A 199 -12.94 44.51 44.77
CA LEU A 199 -11.83 43.56 44.78
C LEU A 199 -11.88 42.68 46.03
N ASN A 200 -11.94 43.33 47.19
CA ASN A 200 -11.95 42.62 48.46
C ASN A 200 -13.15 41.69 48.63
N ALA A 201 -14.29 42.10 48.09
CA ALA A 201 -15.50 41.29 48.17
C ALA A 201 -15.34 40.03 47.34
N ILE A 202 -14.65 40.16 46.20
CA ILE A 202 -14.41 39.03 45.32
C ILE A 202 -13.37 38.09 45.92
N LEU A 203 -12.44 38.65 46.68
CA LEU A 203 -11.40 37.85 47.32
C LEU A 203 -11.99 36.75 48.17
N GLY A 204 -12.79 37.14 49.17
CA GLY A 204 -13.41 36.19 50.07
C GLY A 204 -14.16 35.09 49.33
N GLN A 205 -14.72 35.44 48.18
CA GLN A 205 -15.47 34.49 47.37
C GLN A 205 -14.55 33.54 46.62
N ILE A 206 -13.38 34.03 46.25
CA ILE A 206 -12.41 33.23 45.51
C ILE A 206 -11.67 32.24 46.41
N VAL A 207 -11.08 32.76 47.48
CA VAL A 207 -10.32 31.94 48.41
C VAL A 207 -11.13 30.74 48.90
N LYS A 208 -12.40 30.98 49.24
CA LYS A 208 -13.26 29.92 49.73
C LYS A 208 -13.49 28.84 48.66
N LEU A 209 -13.51 29.24 47.40
CA LEU A 209 -13.78 28.34 46.30
C LEU A 209 -12.55 27.53 45.88
N GLU A 210 -11.36 28.09 46.14
CA GLU A 210 -10.13 27.52 45.62
C GLU A 210 -9.47 26.46 46.51
N LYS A 211 -9.98 26.28 47.72
CA LYS A 211 -9.40 25.25 48.63
C LYS A 211 -7.88 25.42 48.97
N ASN A 212 -7.09 24.38 48.74
CA ASN A 212 -5.68 24.42 49.12
C ASN A 212 -4.91 25.53 48.41
N GLY A 213 -5.47 26.04 47.32
CA GLY A 213 -4.87 27.12 46.58
C GLY A 213 -3.69 26.69 45.72
N ILE A 214 -3.43 25.39 45.68
CA ILE A 214 -2.34 24.85 44.89
C ILE A 214 -2.62 24.98 43.39
N GLY A 215 -1.62 25.48 42.65
CA GLY A 215 -1.74 25.59 41.21
C GLY A 215 -2.53 26.78 40.73
N TYR A 216 -2.89 27.67 41.64
CA TYR A 216 -3.64 28.88 41.28
C TYR A 216 -2.69 30.08 41.19
N HIS A 217 -2.75 30.83 40.09
CA HIS A 217 -1.88 32.00 39.89
C HIS A 217 -2.72 33.23 39.55
N TYR A 218 -2.73 34.21 40.46
CA TYR A 218 -3.54 35.40 40.28
C TYR A 218 -2.74 36.65 39.93
N ILE A 219 -3.22 37.37 38.91
CA ILE A 219 -2.70 38.69 38.60
C ILE A 219 -3.82 39.70 38.89
N LEU A 220 -3.60 40.55 39.88
CA LEU A 220 -4.60 41.54 40.26
C LEU A 220 -4.32 42.89 39.62
N ALA A 221 -5.10 43.24 38.60
CA ALA A 221 -4.93 44.50 37.89
C ALA A 221 -5.43 45.65 38.76
N ASN A 222 -4.56 46.06 39.68
CA ASN A 222 -4.90 47.08 40.67
C ASN A 222 -3.60 47.80 41.02
N LEU A 223 -3.71 49.04 41.49
CA LEU A 223 -2.52 49.84 41.80
C LEU A 223 -2.22 49.90 43.28
N GLY A 224 -3.05 49.23 44.08
CA GLY A 224 -2.86 49.19 45.51
C GLY A 224 -2.74 47.76 46.02
N PHE A 225 -1.76 47.02 45.49
CA PHE A 225 -1.55 45.65 45.90
C PHE A 225 -1.51 45.54 47.41
N MET A 226 -0.74 46.44 48.02
CA MET A 226 -0.58 46.48 49.46
C MET A 226 -1.83 46.96 50.21
N ASP A 227 -2.79 47.54 49.50
CA ASP A 227 -4.04 47.99 50.16
C ASP A 227 -4.95 46.83 50.45
N ILE A 228 -4.76 45.71 49.75
CA ILE A 228 -5.66 44.55 49.86
C ILE A 228 -5.52 43.82 51.19
N ASP A 229 -6.61 43.18 51.63
CA ASP A 229 -6.50 42.25 52.76
C ASP A 229 -5.87 40.97 52.25
N LEU A 230 -4.60 40.83 52.55
CA LEU A 230 -3.81 39.77 51.98
C LEU A 230 -3.77 38.62 52.98
N ASN A 231 -4.37 38.85 54.15
CA ASN A 231 -4.59 37.83 55.18
C ASN A 231 -5.50 36.71 54.69
N LYS A 232 -6.38 37.05 53.76
CA LYS A 232 -7.29 36.07 53.16
C LYS A 232 -6.49 34.99 52.43
N PHE A 233 -5.19 35.25 52.26
CA PHE A 233 -4.30 34.32 51.58
C PHE A 233 -3.30 33.59 52.47
N LYS A 234 -3.44 33.75 53.79
CA LYS A 234 -2.56 33.06 54.74
C LYS A 234 -2.74 31.54 54.67
N GLU A 235 -1.65 30.84 54.35
CA GLU A 235 -1.67 29.44 53.92
C GLU A 235 -2.63 29.10 52.76
N SER A 236 -2.61 29.94 51.73
CA SER A 236 -3.12 29.58 50.42
C SER A 236 -1.93 29.35 49.53
N GLY A 237 -1.93 28.25 48.80
CA GLY A 237 -0.92 28.00 47.77
C GLY A 237 -0.87 29.05 46.67
N ALA A 238 -1.88 29.92 46.68
CA ALA A 238 -2.09 30.95 45.66
C ALA A 238 -0.86 31.81 45.41
N ASN A 239 -0.48 31.89 44.14
CA ASN A 239 0.57 32.79 43.66
C ASN A 239 -0.10 34.08 43.23
N VAL A 240 0.16 35.16 43.96
CA VAL A 240 -0.55 36.40 43.71
C VAL A 240 0.40 37.49 43.25
N THR A 241 0.10 38.05 42.07
CA THR A 241 0.89 39.14 41.50
C THR A 241 0.05 40.37 41.32
N GLY A 242 0.66 41.53 41.58
CA GLY A 242 0.00 42.80 41.47
C GLY A 242 0.94 43.95 41.21
N PHE A 243 0.45 45.14 41.55
CA PHE A 243 1.10 46.38 41.21
C PHE A 243 1.01 47.34 42.38
N GLN A 244 2.13 47.97 42.72
CA GLN A 244 2.10 49.03 43.73
C GLN A 244 2.59 50.33 43.13
N LEU A 245 1.78 51.37 43.28
CA LEU A 245 2.12 52.68 42.75
C LEU A 245 2.97 53.46 43.74
N VAL A 246 2.62 53.33 45.02
CA VAL A 246 3.30 54.08 46.09
C VAL A 246 4.26 53.23 46.94
N ASN A 247 5.46 53.76 47.15
CA ASN A 247 6.42 53.21 48.11
C ASN A 247 6.51 54.19 49.29
N TYR A 248 6.06 53.75 50.47
CA TYR A 248 5.95 54.62 51.66
C TYR A 248 7.22 54.78 52.44
N THR A 249 8.25 54.09 51.95
CA THR A 249 9.55 54.14 52.57
C THR A 249 10.48 55.00 51.75
N ASP A 250 10.00 55.46 50.60
CA ASP A 250 10.80 56.37 49.78
C ASP A 250 10.84 57.75 50.42
N THR A 251 11.87 58.51 50.08
CA THR A 251 12.16 59.79 50.71
C THR A 251 10.96 60.74 50.74
N ILE A 252 10.50 61.15 49.57
CA ILE A 252 9.40 62.12 49.51
C ILE A 252 8.11 61.55 50.10
N PRO A 253 7.74 60.33 49.72
CA PRO A 253 6.56 59.68 50.29
C PRO A 253 6.63 59.56 51.82
N ALA A 254 7.76 59.08 52.32
CA ALA A 254 7.95 58.91 53.76
C ALA A 254 7.86 60.23 54.52
N ARG A 255 8.52 61.25 53.99
CA ARG A 255 8.47 62.58 54.57
C ARG A 255 7.02 63.03 54.68
N ILE A 256 6.25 62.74 53.64
CA ILE A 256 4.84 63.10 53.59
C ILE A 256 4.02 62.29 54.58
N MET A 257 4.26 60.98 54.61
CA MET A 257 3.57 60.10 55.54
C MET A 257 3.84 60.53 56.97
N GLN A 258 5.10 60.89 57.23
CA GLN A 258 5.51 61.34 58.56
C GLN A 258 4.79 62.62 58.93
N GLN A 259 4.61 63.50 57.96
CA GLN A 259 4.02 64.82 58.22
C GLN A 259 2.56 64.76 58.68
N TRP A 260 1.72 63.96 58.00
CA TRP A 260 0.33 63.84 58.44
C TRP A 260 0.10 62.76 59.50
N ARG A 261 1.03 61.83 59.64
CA ARG A 261 0.98 60.87 60.73
C ARG A 261 1.06 61.66 62.04
N THR A 262 1.96 62.63 62.07
CA THR A 262 2.08 63.53 63.21
C THR A 262 0.89 64.48 63.26
N SER A 263 0.38 64.82 62.08
CA SER A 263 -0.76 65.71 61.97
C SER A 263 -1.97 65.13 62.72
N ASP A 264 -2.11 63.81 62.67
CA ASP A 264 -3.25 63.14 63.27
C ASP A 264 -3.03 62.63 64.66
N SER A 265 -1.77 62.54 65.06
CA SER A 265 -1.43 62.08 66.39
C SER A 265 -1.35 63.27 67.33
N ARG A 266 -0.67 64.33 66.90
CA ARG A 266 -0.56 65.53 67.71
C ARG A 266 -1.96 66.09 67.95
N ASP A 267 -2.83 65.92 66.97
CA ASP A 267 -4.23 66.30 67.09
C ASP A 267 -4.93 65.38 68.08
N LYS A 274 -3.67 54.82 60.00
CA LYS A 274 -3.98 53.85 58.95
C LYS A 274 -3.24 54.19 57.65
N ARG A 275 -2.77 53.16 56.97
CA ARG A 275 -1.98 53.28 55.75
C ARG A 275 -2.81 53.78 54.57
N PRO A 276 -2.42 54.92 54.00
CA PRO A 276 -3.21 55.55 52.94
C PRO A 276 -3.32 54.71 51.67
N LYS A 277 -4.55 54.50 51.23
CA LYS A 277 -4.83 53.78 50.00
C LYS A 277 -4.38 54.64 48.82
N TYR A 278 -4.19 54.01 47.66
CA TYR A 278 -3.65 54.71 46.49
C TYR A 278 -4.54 55.79 45.92
N THR A 279 -5.84 55.61 46.09
CA THR A 279 -6.81 56.59 45.65
C THR A 279 -6.69 57.84 46.51
N SER A 280 -6.35 57.65 47.78
CA SER A 280 -6.16 58.74 48.70
C SER A 280 -4.83 59.42 48.40
N ALA A 281 -3.87 58.64 47.91
CA ALA A 281 -2.58 59.18 47.51
C ALA A 281 -2.75 60.02 46.25
N LEU A 282 -3.56 59.51 45.32
CA LEU A 282 -3.85 60.22 44.09
C LEU A 282 -4.59 61.51 44.40
N THR A 283 -5.49 61.45 45.38
CA THR A 283 -6.23 62.62 45.79
C THR A 283 -5.27 63.67 46.35
N TYR A 284 -4.37 63.23 47.23
CA TYR A 284 -3.29 64.06 47.73
C TYR A 284 -2.48 64.76 46.60
N ASP A 285 -2.04 63.97 45.62
CA ASP A 285 -1.24 64.51 44.52
C ASP A 285 -2.13 65.37 43.58
N GLY A 286 -3.43 65.08 43.54
CA GLY A 286 -4.38 65.81 42.70
C GLY A 286 -4.51 67.24 43.21
N VAL A 287 -4.38 67.39 44.52
CA VAL A 287 -4.44 68.71 45.11
C VAL A 287 -3.20 69.53 44.76
N LYS A 288 -2.01 68.94 44.89
CA LYS A 288 -0.77 69.64 44.53
C LYS A 288 -0.70 69.98 43.03
N VAL A 289 -1.28 69.12 42.19
CA VAL A 289 -1.42 69.40 40.76
C VAL A 289 -2.14 70.73 40.59
N MET A 290 -3.22 70.90 41.34
CA MET A 290 -4.05 72.08 41.20
C MET A 290 -3.31 73.27 41.76
N ALA A 291 -2.74 73.09 42.95
CA ALA A 291 -1.93 74.13 43.58
C ALA A 291 -0.82 74.60 42.64
N GLU A 292 -0.11 73.64 42.05
CA GLU A 292 0.96 73.96 41.11
C GLU A 292 0.41 74.70 39.91
N ALA A 293 -0.67 74.17 39.34
CA ALA A 293 -1.29 74.75 38.16
C ALA A 293 -1.48 76.26 38.28
N PHE A 294 -2.13 76.69 39.35
CA PHE A 294 -2.47 78.10 39.52
C PHE A 294 -1.26 78.96 39.89
N GLN A 295 -0.31 78.39 40.61
CA GLN A 295 0.91 79.11 40.97
C GLN A 295 1.77 79.29 39.70
N SER A 296 1.55 78.43 38.69
CA SER A 296 2.22 78.60 37.39
C SER A 296 1.56 79.74 36.64
N LEU A 297 0.27 79.91 36.87
CA LEU A 297 -0.48 80.98 36.26
C LEU A 297 -0.13 82.33 36.90
N ARG A 298 0.25 82.30 38.17
CA ARG A 298 0.65 83.54 38.84
C ARG A 298 2.02 84.02 38.34
N ARG A 299 2.95 83.10 38.13
CA ARG A 299 4.27 83.51 37.65
C ARG A 299 4.30 83.72 36.13
N GLN A 300 3.31 83.18 35.42
CA GLN A 300 3.14 83.49 34.01
C GLN A 300 2.39 84.81 33.91
N ARG A 301 1.81 85.21 35.04
CA ARG A 301 1.13 86.50 35.18
C ARG A 301 -0.10 86.64 34.30
N ILE A 302 -0.76 85.52 34.05
CA ILE A 302 -2.03 85.51 33.35
C ILE A 302 -3.14 85.80 34.36
N ASP A 303 -4.00 86.75 34.05
CA ASP A 303 -5.05 87.19 34.97
C ASP A 303 -6.38 86.47 34.79
N ILE A 304 -6.82 85.80 35.86
CA ILE A 304 -8.06 85.04 35.85
C ILE A 304 -9.12 85.68 36.75
N SER A 305 -10.39 85.40 36.44
CA SER A 305 -11.52 85.89 37.23
C SER A 305 -12.80 85.26 36.72
N ARG A 306 -13.77 85.03 37.58
CA ARG A 306 -15.02 84.43 37.14
C ARG A 306 -16.29 85.00 37.77
N ARG A 307 -17.39 84.86 37.05
CA ARG A 307 -18.70 85.37 37.45
C ARG A 307 -19.28 84.67 38.66
N GLY A 308 -19.57 85.45 39.69
CA GLY A 308 -20.32 84.94 40.82
C GLY A 308 -21.78 85.16 40.51
N ASN A 309 -22.02 85.81 39.37
CA ASN A 309 -23.36 86.14 38.92
C ASN A 309 -24.05 84.99 38.18
N ALA A 310 -23.90 83.78 38.69
CA ALA A 310 -24.62 82.62 38.20
C ALA A 310 -24.68 82.47 36.67
N GLY A 311 -23.55 82.67 36.00
CA GLY A 311 -23.52 82.43 34.56
C GLY A 311 -24.15 81.06 34.34
N ASP A 312 -25.28 81.02 33.63
CA ASP A 312 -26.02 79.78 33.44
C ASP A 312 -25.25 78.74 32.62
N CYS A 313 -25.57 77.47 32.85
CA CYS A 313 -24.81 76.35 32.33
C CYS A 313 -25.29 75.93 30.94
N LEU A 314 -26.50 75.40 30.87
CA LEU A 314 -27.07 74.89 29.64
C LEU A 314 -27.46 75.94 28.63
N ALA A 315 -27.00 75.72 27.43
CA ALA A 315 -27.20 76.69 26.40
C ALA A 315 -26.94 76.02 25.08
N ASN A 316 -27.34 76.68 24.00
CA ASN A 316 -27.03 76.18 22.67
C ASN A 316 -26.65 77.31 21.72
N PRO A 317 -25.38 77.33 21.31
CA PRO A 317 -24.41 76.31 21.73
C PRO A 317 -23.90 76.57 23.14
N ALA A 318 -23.11 75.64 23.65
CA ALA A 318 -22.44 75.81 24.93
C ALA A 318 -21.42 76.93 24.77
N VAL A 319 -21.53 77.95 25.60
CA VAL A 319 -20.57 79.03 25.58
C VAL A 319 -19.43 78.70 26.56
N PRO A 320 -18.21 78.49 26.05
CA PRO A 320 -17.09 78.10 26.91
C PRO A 320 -16.53 79.23 27.77
N TRP A 321 -15.91 78.88 28.89
CA TRP A 321 -15.23 79.83 29.75
C TRP A 321 -13.94 80.23 29.04
N GLY A 322 -13.88 81.49 28.60
CA GLY A 322 -12.78 81.98 27.79
C GLY A 322 -11.37 81.72 28.30
N GLN A 323 -11.22 81.62 29.62
CA GLN A 323 -9.90 81.43 30.20
C GLN A 323 -9.69 79.99 30.65
N GLY A 324 -10.66 79.13 30.35
CA GLY A 324 -10.58 77.73 30.71
C GLY A 324 -9.36 77.06 30.10
N ILE A 325 -9.03 77.44 28.87
CA ILE A 325 -7.88 76.87 28.16
C ILE A 325 -6.57 77.24 28.84
N ASP A 326 -6.58 78.36 29.57
CA ASP A 326 -5.39 78.81 30.29
C ASP A 326 -5.14 77.92 31.51
N ILE A 327 -6.21 77.64 32.25
CA ILE A 327 -6.13 76.78 33.43
C ILE A 327 -5.77 75.36 33.02
N GLN A 328 -6.20 74.99 31.82
CA GLN A 328 -6.00 73.63 31.31
C GLN A 328 -4.59 73.36 30.86
N ARG A 329 -4.00 74.34 30.20
CA ARG A 329 -2.62 74.22 29.79
C ARG A 329 -1.73 74.13 31.03
N ALA A 330 -2.07 74.93 32.05
CA ALA A 330 -1.29 74.93 33.29
C ALA A 330 -1.36 73.59 34.01
N LEU A 331 -2.56 73.04 34.12
CA LEU A 331 -2.75 71.75 34.78
C LEU A 331 -2.00 70.65 34.06
N GLN A 332 -2.00 70.71 32.74
CA GLN A 332 -1.39 69.68 31.91
C GLN A 332 0.14 69.72 31.92
N GLN A 333 0.71 70.90 32.13
CA GLN A 333 2.16 71.08 32.09
C GLN A 333 2.84 70.78 33.43
N VAL A 334 2.03 70.45 34.44
CA VAL A 334 2.56 70.20 35.78
C VAL A 334 3.54 69.06 35.86
N ARG A 335 4.65 69.31 36.55
CA ARG A 335 5.68 68.30 36.73
C ARG A 335 6.22 68.39 38.15
N PHE A 336 6.06 67.30 38.90
CA PHE A 336 6.58 67.26 40.27
C PHE A 336 6.62 65.85 40.86
N GLU A 337 7.17 65.77 42.07
CA GLU A 337 7.38 64.52 42.77
C GLU A 337 6.42 64.44 43.95
N GLY A 338 5.39 63.61 43.86
CA GLY A 338 4.45 63.54 44.94
C GLY A 338 4.42 62.17 45.57
N LEU A 339 3.42 61.97 46.41
CA LEU A 339 3.14 60.67 46.98
C LEU A 339 3.09 59.52 45.94
N THR A 340 2.86 59.82 44.68
CA THR A 340 2.71 58.74 43.70
C THR A 340 3.84 58.78 42.66
N GLY A 341 5.03 59.11 43.14
CA GLY A 341 6.16 59.17 42.24
C GLY A 341 6.10 60.44 41.40
N ASN A 342 6.52 60.29 40.14
CA ASN A 342 6.62 61.40 39.24
C ASN A 342 5.25 61.74 38.66
N VAL A 343 4.78 62.95 38.92
CA VAL A 343 3.43 63.39 38.46
C VAL A 343 3.56 64.27 37.21
N GLN A 344 3.03 63.77 36.09
CA GLN A 344 3.27 64.34 34.76
C GLN A 344 2.15 63.94 33.76
N PHE A 345 1.74 64.84 32.88
CA PHE A 345 0.63 64.52 31.94
C PHE A 345 1.06 64.73 30.48
N ASN A 346 0.70 63.78 29.62
CA ASN A 346 0.77 64.01 28.19
C ASN A 346 -0.34 64.97 27.74
N GLU A 347 -0.34 65.31 26.46
CA GLU A 347 -1.29 66.30 25.93
C GLU A 347 -2.74 65.80 25.92
N LYS A 348 -2.94 64.49 25.96
CA LYS A 348 -4.28 63.97 25.99
C LYS A 348 -4.93 64.02 27.39
N GLY A 349 -4.18 64.48 28.39
CA GLY A 349 -4.64 64.54 29.77
C GLY A 349 -4.34 63.36 30.69
N ARG A 350 -3.47 62.46 30.27
CA ARG A 350 -3.16 61.26 31.05
C ARG A 350 -1.79 61.28 31.65
N ARG A 351 -1.63 60.61 32.79
CA ARG A 351 -0.33 60.39 33.43
C ARG A 351 0.72 59.88 32.46
N THR A 352 1.87 60.52 32.43
CA THR A 352 2.96 60.06 31.59
C THR A 352 4.27 60.03 32.37
N ASN A 353 5.30 59.33 31.88
CA ASN A 353 6.57 59.21 32.58
C ASN A 353 6.39 58.65 34.00
N TYR A 354 5.69 57.52 34.15
CA TYR A 354 5.51 56.97 35.49
C TYR A 354 6.10 55.57 35.56
N THR A 355 6.44 55.12 36.77
CA THR A 355 6.96 53.78 37.00
C THR A 355 5.94 53.02 37.85
N LEU A 356 5.59 51.79 37.44
CA LEU A 356 4.81 50.90 38.31
C LEU A 356 5.69 49.78 38.85
N HIS A 357 5.65 49.57 40.17
CA HIS A 357 6.42 48.46 40.75
C HIS A 357 5.56 47.19 40.77
N VAL A 358 6.12 46.08 40.28
CA VAL A 358 5.45 44.77 40.27
C VAL A 358 5.83 43.93 41.51
N ILE A 359 4.81 43.43 42.21
CA ILE A 359 5.00 42.67 43.44
C ILE A 359 4.30 41.31 43.35
N GLU A 360 4.85 40.35 44.10
CA GLU A 360 4.39 38.98 44.08
C GLU A 360 4.21 38.49 45.51
N MET A 361 3.28 37.56 45.73
CA MET A 361 3.05 37.04 47.08
C MET A 361 2.64 35.56 47.12
N LYS A 362 3.31 34.82 48.01
CA LYS A 362 2.99 33.42 48.25
C LYS A 362 3.32 33.10 49.70
N HIS A 363 2.36 32.51 50.42
CA HIS A 363 2.57 32.22 51.83
C HIS A 363 3.22 33.46 52.46
N ASP A 364 2.60 34.61 52.20
CA ASP A 364 3.15 35.93 52.55
C ASP A 364 4.54 36.14 51.97
N GLY A 365 4.68 35.81 50.69
CA GLY A 365 5.90 36.09 49.97
C GLY A 365 5.79 37.47 49.37
N ILE A 366 6.31 38.46 50.09
CA ILE A 366 6.31 39.82 49.57
C ILE A 366 7.63 40.13 48.89
N ARG A 367 7.74 39.70 47.63
CA ARG A 367 8.93 39.93 46.82
C ARG A 367 8.61 40.91 45.71
N LYS A 368 9.62 41.66 45.27
CA LYS A 368 9.45 42.64 44.21
C LYS A 368 9.98 42.10 42.89
N ILE A 369 9.07 41.70 42.00
CA ILE A 369 9.42 41.11 40.74
C ILE A 369 10.24 42.11 39.95
N GLY A 370 9.89 43.37 40.08
CA GLY A 370 10.58 44.44 39.38
C GLY A 370 9.79 45.72 39.20
N TYR A 371 9.81 46.25 37.99
CA TYR A 371 9.12 47.50 37.67
C TYR A 371 8.69 47.56 36.21
N TRP A 372 7.69 48.41 35.92
CA TRP A 372 7.24 48.65 34.54
C TRP A 372 7.12 50.12 34.26
N ASN A 373 7.50 50.49 33.05
CA ASN A 373 7.36 51.87 32.62
C ASN A 373 7.14 51.90 31.12
N GLU A 374 6.75 53.06 30.60
CA GLU A 374 6.42 53.15 29.19
C GLU A 374 7.59 52.86 28.25
N ASP A 375 8.78 53.38 28.54
CA ASP A 375 9.95 53.12 27.70
C ASP A 375 10.55 51.71 27.68
N ASP A 376 10.75 51.13 28.86
CA ASP A 376 11.37 49.81 28.93
C ASP A 376 10.37 48.68 29.09
N LYS A 377 9.11 49.04 29.25
CA LYS A 377 8.11 48.03 29.54
C LYS A 377 8.51 47.36 30.86
N PHE A 378 8.56 46.03 30.87
CA PHE A 378 8.85 45.31 32.10
C PHE A 378 10.30 44.83 32.22
N VAL A 379 10.98 45.24 33.29
CA VAL A 379 12.36 44.82 33.59
C VAL A 379 12.30 44.22 34.99
N PRO A 380 12.73 42.96 35.10
CA PRO A 380 12.74 42.25 36.37
C PRO A 380 13.85 42.76 37.29
N ALA A 381 13.66 42.64 38.60
CA ALA A 381 14.67 43.09 39.55
C ALA A 381 14.45 42.51 40.95
N TYR A 399 21.79 17.60 43.85
CA TYR A 399 20.77 17.22 42.83
C TYR A 399 19.93 16.05 43.36
N ILE A 400 18.75 15.84 42.75
CA ILE A 400 17.81 14.79 43.13
C ILE A 400 17.69 13.80 41.96
N VAL A 401 17.70 12.51 42.28
CA VAL A 401 17.59 11.42 41.31
C VAL A 401 16.18 10.82 41.40
N THR A 402 15.50 10.73 40.25
CA THR A 402 14.22 10.06 40.11
C THR A 402 14.44 8.69 39.48
N THR A 403 13.84 7.64 40.07
CA THR A 403 14.02 6.26 39.63
C THR A 403 12.79 5.44 40.02
N ILE A 404 12.68 4.24 39.43
CA ILE A 404 11.58 3.30 39.68
C ILE A 404 12.19 1.98 40.18
N LEU A 405 11.40 1.24 40.99
CA LEU A 405 11.81 -0.02 41.59
C LEU A 405 11.36 -1.17 40.68
N GLU A 406 12.33 -1.94 40.16
CA GLU A 406 12.05 -3.08 39.29
C GLU A 406 13.32 -3.94 39.17
N ASP A 407 13.35 -5.04 39.92
CA ASP A 407 14.32 -6.13 39.75
C ASP A 407 15.74 -5.62 40.05
N PRO A 408 16.79 -5.97 39.26
CA PRO A 408 18.17 -5.78 39.69
C PRO A 408 18.73 -4.37 39.49
N TYR A 409 17.92 -3.47 38.92
CA TYR A 409 18.29 -2.08 38.69
C TYR A 409 18.28 -1.32 40.02
N VAL A 410 17.14 -1.39 40.71
CA VAL A 410 16.93 -0.74 42.00
C VAL A 410 16.05 -1.66 42.86
N MET A 411 16.56 -2.02 44.04
CA MET A 411 15.79 -2.72 45.08
C MET A 411 16.35 -2.32 46.45
N LEU A 412 15.44 -2.20 47.43
CA LEU A 412 15.79 -1.74 48.78
C LEU A 412 16.73 -2.76 49.45
N LYS A 413 17.64 -2.23 50.27
CA LYS A 413 18.70 -3.02 50.92
C LYS A 413 18.10 -3.88 52.04
N LYS A 414 18.86 -4.91 52.44
CA LYS A 414 18.47 -5.83 53.50
C LYS A 414 18.55 -5.09 54.84
N ASN A 415 17.45 -5.18 55.62
CA ASN A 415 17.27 -4.41 56.85
C ASN A 415 17.25 -2.92 56.51
N ALA A 416 16.19 -2.52 55.77
CA ALA A 416 16.01 -1.15 55.29
C ALA A 416 15.56 -0.24 56.44
N ASN A 417 15.08 -0.85 57.54
CA ASN A 417 14.67 -0.13 58.75
C ASN A 417 15.90 0.54 59.38
N GLN A 418 17.03 -0.16 59.38
CA GLN A 418 18.31 0.34 59.90
C GLN A 418 19.18 0.80 58.74
N PHE A 419 18.71 1.83 58.02
CA PHE A 419 19.40 2.41 56.87
C PHE A 419 19.00 3.89 56.74
N GLU A 420 19.90 4.70 56.17
CA GLU A 420 19.70 6.14 56.04
C GLU A 420 20.29 6.63 54.71
N GLY A 421 19.41 7.21 53.87
CA GLY A 421 19.81 7.90 52.66
C GLY A 421 20.05 6.94 51.49
N ASN A 422 21.26 7.03 50.91
CA ASN A 422 21.65 6.29 49.72
C ASN A 422 21.99 4.83 50.07
N ASP A 423 22.20 4.56 51.37
CA ASP A 423 22.52 3.22 51.87
C ASP A 423 21.24 2.45 52.21
N ARG A 424 20.11 2.87 51.61
CA ARG A 424 18.81 2.20 51.76
C ARG A 424 18.40 1.54 50.44
N TYR A 425 19.31 1.53 49.46
CA TYR A 425 19.05 0.97 48.13
C TYR A 425 20.30 0.22 47.63
N GLU A 426 20.08 -0.71 46.69
CA GLU A 426 21.15 -1.51 46.09
C GLU A 426 20.70 -2.03 44.72
N GLY A 427 21.62 -2.05 43.75
CA GLY A 427 21.35 -2.58 42.41
C GLY A 427 22.34 -2.07 41.37
N TYR A 428 21.90 -2.13 40.11
CA TYR A 428 22.72 -1.80 38.94
C TYR A 428 22.77 -0.27 38.76
N CYS A 429 21.59 0.35 38.65
CA CYS A 429 21.46 1.80 38.43
C CYS A 429 22.01 2.60 39.62
N VAL A 430 22.01 1.97 40.81
CA VAL A 430 22.64 2.50 42.01
C VAL A 430 24.11 2.82 41.73
N GLU A 431 24.81 1.84 41.12
CA GLU A 431 26.25 1.91 40.85
C GLU A 431 26.52 2.88 39.69
N LEU A 432 25.58 2.96 38.73
CA LEU A 432 25.68 3.86 37.58
C LEU A 432 25.56 5.31 38.05
N ALA A 433 24.65 5.56 39.00
CA ALA A 433 24.44 6.89 39.59
C ALA A 433 25.71 7.35 40.34
N ALA A 434 26.41 6.39 40.95
CA ALA A 434 27.63 6.64 41.74
C ALA A 434 28.79 7.06 40.82
N GLU A 435 28.87 6.43 39.64
CA GLU A 435 30.00 6.60 38.72
C GLU A 435 29.96 7.98 38.06
N ILE A 436 28.76 8.40 37.61
CA ILE A 436 28.57 9.62 36.82
C ILE A 436 28.68 10.85 37.73
N ALA A 437 28.20 10.73 38.97
CA ALA A 437 28.21 11.81 39.95
C ALA A 437 29.65 12.26 40.26
N LYS A 438 30.60 11.30 40.16
CA LYS A 438 32.01 11.54 40.42
C LYS A 438 32.67 12.21 39.21
N HIS A 439 32.34 11.72 38.01
CA HIS A 439 32.97 12.16 36.76
C HIS A 439 32.53 13.58 36.40
N VAL A 440 31.25 13.89 36.61
CA VAL A 440 30.69 15.23 36.33
C VAL A 440 31.04 16.16 37.50
N GLY A 441 30.70 15.72 38.72
CA GLY A 441 31.10 16.40 39.95
C GLY A 441 29.94 17.10 40.63
N TYR A 442 29.03 16.31 41.20
CA TYR A 442 27.95 16.82 42.07
C TYR A 442 27.42 15.68 42.96
N SER A 443 27.12 16.03 44.21
CA SER A 443 26.51 15.10 45.17
C SER A 443 25.01 14.98 44.86
N TYR A 444 24.43 13.79 45.16
CA TYR A 444 23.07 13.46 44.77
C TYR A 444 22.31 12.88 45.98
N ARG A 445 20.99 12.72 45.78
CA ARG A 445 20.09 12.07 46.74
C ARG A 445 19.04 11.26 45.96
N LEU A 446 19.00 9.95 46.22
CA LEU A 446 18.13 9.02 45.51
C LEU A 446 16.71 9.13 46.07
N GLU A 447 15.72 9.10 45.16
CA GLU A 447 14.30 9.18 45.50
C GLU A 447 13.50 8.31 44.53
N ILE A 448 12.56 7.53 45.08
CA ILE A 448 11.66 6.67 44.30
C ILE A 448 10.52 7.53 43.75
N VAL A 449 9.98 7.11 42.60
CA VAL A 449 8.91 7.83 41.89
C VAL A 449 7.60 7.70 42.69
N SER A 450 6.66 8.60 42.41
CA SER A 450 5.39 8.70 43.13
C SER A 450 4.35 7.76 42.52
N ASP A 451 4.22 7.79 41.19
CA ASP A 451 3.21 7.04 40.45
C ASP A 451 3.57 5.54 40.44
N GLY A 452 4.79 5.23 39.96
CA GLY A 452 5.29 3.87 39.86
C GLY A 452 5.25 3.33 38.43
N LYS A 453 4.87 4.20 37.48
CA LYS A 453 4.82 3.86 36.05
C LYS A 453 6.12 4.33 35.38
N TYR A 454 6.33 3.86 34.14
CA TYR A 454 7.52 4.20 33.36
C TYR A 454 7.38 5.64 32.83
N GLY A 455 6.31 5.90 32.08
CA GLY A 455 6.03 7.20 31.50
C GLY A 455 5.05 7.13 30.35
N ALA A 456 3.84 7.65 30.57
CA ALA A 456 2.79 7.68 29.56
C ALA A 456 1.86 8.88 29.80
N ARG A 457 1.44 9.53 28.70
CA ARG A 457 0.51 10.65 28.72
C ARG A 457 -0.90 10.14 28.40
N ASP A 458 -1.89 10.70 29.09
CA ASP A 458 -3.31 10.41 28.85
C ASP A 458 -3.73 11.11 27.55
N PRO A 459 -4.66 10.51 26.76
CA PRO A 459 -5.06 11.10 25.47
C PRO A 459 -5.86 12.40 25.61
N ASP A 460 -6.65 12.53 26.67
CA ASP A 460 -7.48 13.72 26.92
C ASP A 460 -6.59 14.86 27.43
N THR A 461 -6.28 14.82 28.73
CA THR A 461 -5.40 15.80 29.37
C THR A 461 -3.96 15.29 29.26
N LYS A 462 -3.03 16.21 28.96
CA LYS A 462 -1.61 15.89 28.81
C LYS A 462 -0.95 15.80 30.19
N ALA A 463 -1.48 14.91 31.03
CA ALA A 463 -0.98 14.67 32.39
C ALA A 463 -0.05 13.46 32.37
N TRP A 464 1.26 13.73 32.35
CA TRP A 464 2.29 12.70 32.25
C TRP A 464 2.48 12.06 33.62
N ASN A 465 2.37 10.72 33.66
CA ASN A 465 2.44 9.94 34.90
C ASN A 465 3.75 9.13 34.91
N GLY A 466 4.29 8.93 36.12
CA GLY A 466 5.45 8.08 36.35
C GLY A 466 6.74 8.87 36.48
N MET A 467 7.80 8.37 35.82
CA MET A 467 9.16 8.90 35.96
C MET A 467 9.29 10.22 35.18
N VAL A 468 8.81 10.22 33.93
CA VAL A 468 8.94 11.37 33.02
C VAL A 468 8.04 12.52 33.50
N GLY A 469 6.91 12.18 34.15
CA GLY A 469 5.97 13.17 34.70
C GLY A 469 6.60 14.04 35.77
N GLU A 470 7.49 13.44 36.58
CA GLU A 470 8.18 14.12 37.68
C GLU A 470 9.26 15.05 37.12
N LEU A 471 9.76 14.73 35.92
CA LEU A 471 10.83 15.48 35.25
C LEU A 471 10.26 16.71 34.52
N VAL A 472 9.03 16.59 34.01
CA VAL A 472 8.44 17.59 33.09
C VAL A 472 8.32 18.95 33.81
N TYR A 473 7.71 18.96 35.00
CA TYR A 473 7.57 20.20 35.79
C TYR A 473 8.86 20.48 36.56
N GLY A 474 9.55 19.40 36.99
CA GLY A 474 10.90 19.48 37.53
C GLY A 474 10.92 19.38 39.05
N ARG A 475 10.69 18.16 39.56
CA ARG A 475 10.83 17.84 40.98
C ARG A 475 12.24 17.27 41.23
N ALA A 476 12.78 16.57 40.22
CA ALA A 476 14.12 15.98 40.27
C ALA A 476 14.97 16.53 39.12
N ASP A 477 16.30 16.42 39.26
CA ASP A 477 17.27 16.96 38.32
C ASP A 477 17.40 16.02 37.12
N VAL A 478 17.79 14.76 37.39
CA VAL A 478 18.01 13.74 36.37
C VAL A 478 17.35 12.44 36.82
N ALA A 479 17.30 11.46 35.90
CA ALA A 479 16.69 10.15 36.14
C ALA A 479 17.58 9.05 35.56
N VAL A 480 17.74 7.95 36.30
CA VAL A 480 18.46 6.77 35.85
C VAL A 480 17.57 5.54 36.09
N ALA A 481 16.87 5.13 35.03
CA ALA A 481 15.94 4.01 35.05
C ALA A 481 15.91 3.33 33.67
N PRO A 482 15.66 2.01 33.59
CA PRO A 482 15.48 1.34 32.30
C PRO A 482 14.22 1.86 31.57
N LEU A 483 14.43 2.83 30.68
CA LEU A 483 13.36 3.48 29.92
C LEU A 483 13.75 3.53 28.43
N THR A 484 12.86 3.03 27.58
CA THR A 484 13.06 2.95 26.13
C THR A 484 12.87 4.34 25.51
N ILE A 485 13.39 4.52 24.29
CA ILE A 485 13.31 5.80 23.57
C ILE A 485 12.24 5.66 22.48
N THR A 486 11.41 6.70 22.35
CA THR A 486 10.37 6.80 21.33
C THR A 486 10.34 8.23 20.78
N LEU A 487 9.73 8.40 19.60
CA LEU A 487 9.53 9.69 18.95
C LEU A 487 8.65 10.59 19.84
N VAL A 488 7.69 9.96 20.54
CA VAL A 488 6.73 10.65 21.40
C VAL A 488 7.47 11.22 22.61
N ARG A 489 8.42 10.44 23.13
CA ARG A 489 9.14 10.75 24.38
C ARG A 489 10.25 11.78 24.11
N GLU A 490 10.78 11.80 22.88
CA GLU A 490 11.94 12.62 22.51
C GLU A 490 11.58 14.11 22.46
N GLU A 491 10.30 14.41 22.24
CA GLU A 491 9.81 15.78 22.09
C GLU A 491 9.78 16.48 23.46
N VAL A 492 9.17 15.82 24.45
CA VAL A 492 8.88 16.44 25.76
C VAL A 492 10.11 16.37 26.67
N ILE A 493 10.88 15.29 26.56
CA ILE A 493 12.10 15.09 27.36
C ILE A 493 13.28 14.81 26.42
N ASP A 494 14.46 15.30 26.80
CA ASP A 494 15.69 15.13 26.02
C ASP A 494 16.40 13.85 26.48
N PHE A 495 16.58 12.92 25.53
CA PHE A 495 17.25 11.64 25.77
C PHE A 495 18.74 11.75 25.39
N SER A 496 19.58 11.03 26.13
CA SER A 496 21.03 10.96 25.90
C SER A 496 21.33 9.73 25.02
N LYS A 497 22.63 9.49 24.79
CA LYS A 497 23.11 8.38 23.98
C LYS A 497 22.84 7.06 24.70
N PRO A 498 22.53 5.96 23.98
CA PRO A 498 22.21 4.68 24.63
C PRO A 498 23.43 4.01 25.27
N PHE A 499 23.19 3.26 26.35
CA PHE A 499 24.25 2.59 27.13
C PHE A 499 24.10 1.06 27.02
N MET A 500 22.86 0.57 27.03
CA MET A 500 22.57 -0.86 26.94
C MET A 500 21.50 -1.09 25.86
N SER A 501 21.79 -2.03 24.94
CA SER A 501 20.89 -2.37 23.84
C SER A 501 20.05 -3.61 24.20
N LEU A 502 18.79 -3.60 23.77
CA LEU A 502 17.83 -4.66 24.08
C LEU A 502 17.15 -5.14 22.80
N GLY A 503 16.43 -6.27 22.91
CA GLY A 503 15.69 -6.86 21.80
C GLY A 503 14.66 -7.87 22.30
N ILE A 504 13.71 -8.19 21.41
CA ILE A 504 12.66 -9.16 21.71
C ILE A 504 13.17 -10.56 21.35
N SER A 505 13.05 -11.48 22.31
CA SER A 505 13.58 -12.84 22.21
C SER A 505 12.55 -13.85 22.72
N ILE A 506 12.90 -15.13 22.63
CA ILE A 506 11.99 -16.25 22.90
C ILE A 506 12.41 -16.91 24.23
N MET A 507 11.41 -17.32 25.01
CA MET A 507 11.59 -18.01 26.29
C MET A 507 10.72 -19.28 26.30
N ILE A 508 11.36 -20.44 26.39
CA ILE A 508 10.68 -21.74 26.48
C ILE A 508 11.13 -22.46 27.75
N LYS A 509 10.42 -23.55 28.09
CA LYS A 509 10.77 -24.42 29.21
C LYS A 509 12.02 -25.22 28.82
N LYS A 510 13.01 -25.24 29.72
CA LYS A 510 14.30 -25.87 29.49
C LYS A 510 14.11 -27.38 29.36
N PRO A 511 14.58 -28.00 28.24
CA PRO A 511 14.54 -29.47 28.11
C PRO A 511 15.32 -30.15 29.24
N GLN A 512 14.60 -30.86 30.12
CA GLN A 512 15.18 -31.53 31.28
C GLN A 512 16.09 -32.67 30.80
N LYS A 513 17.14 -32.95 31.59
CA LYS A 513 18.12 -33.98 31.28
C LYS A 513 17.43 -35.35 31.20
N SER A 514 17.11 -35.78 29.97
CA SER A 514 16.42 -37.03 29.70
C SER A 514 17.33 -38.22 30.02
N LYS A 515 17.34 -38.63 31.30
CA LYS A 515 18.07 -39.81 31.74
C LYS A 515 17.42 -41.05 31.16
N PRO A 516 18.11 -41.84 30.31
CA PRO A 516 17.51 -43.02 29.70
C PRO A 516 17.13 -44.07 30.75
N GLY A 517 16.00 -44.75 30.54
CA GLY A 517 15.56 -45.84 31.39
C GLY A 517 16.62 -46.93 31.48
N VAL A 518 16.76 -47.51 32.67
CA VAL A 518 17.77 -48.54 32.94
C VAL A 518 17.42 -49.80 32.14
N PHE A 519 16.14 -49.94 31.74
CA PHE A 519 15.70 -50.94 30.77
C PHE A 519 14.99 -50.22 29.60
N SER A 520 15.74 -49.38 28.89
CA SER A 520 15.24 -48.64 27.73
C SER A 520 15.73 -49.28 26.42
N PHE A 521 16.07 -50.58 26.49
CA PHE A 521 16.49 -51.37 25.33
C PHE A 521 15.42 -52.42 24.96
N LEU A 522 14.35 -52.50 25.77
CA LEU A 522 13.23 -53.41 25.54
C LEU A 522 12.00 -52.60 25.10
N ASP A 523 12.23 -51.39 24.56
CA ASP A 523 11.17 -50.50 24.12
C ASP A 523 10.57 -50.97 22.78
N PRO A 524 11.37 -51.42 21.79
CA PRO A 524 10.83 -51.77 20.47
C PRO A 524 9.64 -52.73 20.49
N LEU A 525 9.71 -53.78 21.32
CA LEU A 525 8.65 -54.77 21.46
C LEU A 525 7.87 -54.51 22.77
N ALA A 526 6.54 -54.63 22.69
CA ALA A 526 5.64 -54.39 23.83
C ALA A 526 5.71 -55.57 24.81
N TYR A 527 5.16 -55.37 26.00
CA TYR A 527 5.34 -56.29 27.14
C TYR A 527 4.61 -57.62 26.90
N GLU A 528 3.47 -57.58 26.20
CA GLU A 528 2.62 -58.76 26.01
C GLU A 528 3.25 -59.73 24.99
N ILE A 529 4.14 -59.22 24.12
CA ILE A 529 4.89 -60.04 23.17
C ILE A 529 5.97 -60.82 23.92
N TRP A 530 6.74 -60.11 24.76
CA TRP A 530 7.82 -60.72 25.56
C TRP A 530 7.28 -61.84 26.45
N MET A 531 5.99 -61.73 26.83
CA MET A 531 5.31 -62.73 27.65
C MET A 531 5.08 -64.01 26.84
N CYS A 532 4.63 -63.86 25.59
CA CYS A 532 4.17 -64.97 24.75
C CYS A 532 5.35 -65.73 24.14
N ILE A 533 6.54 -65.11 24.09
CA ILE A 533 7.76 -65.77 23.61
C ILE A 533 8.20 -66.82 24.63
N VAL A 534 7.98 -66.53 25.92
CA VAL A 534 8.37 -67.41 27.03
C VAL A 534 7.43 -68.63 27.05
N PHE A 535 6.12 -68.37 26.90
CA PHE A 535 5.10 -69.42 26.92
C PHE A 535 5.32 -70.40 25.77
N ALA A 536 5.58 -69.87 24.57
CA ALA A 536 5.79 -70.67 23.36
C ALA A 536 7.04 -71.54 23.50
N TYR A 537 8.08 -70.98 24.13
CA TYR A 537 9.39 -71.63 24.32
C TYR A 537 9.22 -72.92 25.14
N ILE A 538 8.34 -72.88 26.15
CA ILE A 538 8.05 -74.05 27.00
C ILE A 538 7.29 -75.09 26.17
N GLY A 539 6.22 -74.64 25.50
CA GLY A 539 5.33 -75.51 24.72
C GLY A 539 6.06 -76.23 23.60
N VAL A 540 7.08 -75.58 23.01
CA VAL A 540 7.87 -76.14 21.91
C VAL A 540 8.73 -77.29 22.43
N SER A 541 9.39 -77.08 23.57
CA SER A 541 10.32 -78.05 24.16
C SER A 541 9.58 -79.34 24.58
N VAL A 542 8.41 -79.15 25.22
CA VAL A 542 7.60 -80.26 25.77
C VAL A 542 7.15 -81.17 24.63
N VAL A 543 6.65 -80.57 23.54
CA VAL A 543 6.16 -81.29 22.36
C VAL A 543 7.33 -82.05 21.71
N LEU A 544 8.47 -81.38 21.57
CA LEU A 544 9.69 -81.95 20.96
C LEU A 544 10.13 -83.19 21.74
N PHE A 545 10.10 -83.08 23.07
CA PHE A 545 10.52 -84.12 24.02
C PHE A 545 9.66 -85.39 23.84
N LEU A 546 8.36 -85.20 23.63
CA LEU A 546 7.37 -86.28 23.55
C LEU A 546 7.57 -87.10 22.26
N VAL A 547 7.62 -86.40 21.11
CA VAL A 547 7.60 -87.04 19.79
C VAL A 547 9.00 -87.61 19.45
N SER A 548 10.04 -87.11 20.12
CA SER A 548 11.42 -87.54 19.87
C SER A 548 11.62 -88.99 20.36
N ARG A 549 11.34 -89.22 21.65
CA ARG A 549 11.49 -90.55 22.27
C ARG A 549 10.11 -91.21 22.42
N PHE A 550 9.91 -92.29 21.65
CA PHE A 550 8.65 -93.04 21.61
C PHE A 550 8.94 -94.47 21.20
N SER A 551 8.32 -95.49 21.85
CA SER A 551 8.64 -96.89 21.58
C SER A 551 8.10 -97.37 20.23
N ASN A 573 17.16 -92.28 21.82
CA ASN A 573 16.98 -90.86 21.54
C ASN A 573 17.85 -90.04 22.51
N GLU A 574 18.54 -89.04 21.96
CA GLU A 574 19.44 -88.17 22.71
C GLU A 574 18.64 -87.02 23.36
N PHE A 575 17.51 -86.66 22.74
CA PHE A 575 16.65 -85.57 23.20
C PHE A 575 15.89 -86.01 24.46
N GLY A 576 16.55 -85.89 25.62
CA GLY A 576 15.93 -86.06 26.92
C GLY A 576 15.12 -84.83 27.31
N ILE A 577 14.66 -84.79 28.56
CA ILE A 577 13.93 -83.64 29.10
C ILE A 577 14.89 -82.46 29.27
N PHE A 578 16.17 -82.76 29.57
CA PHE A 578 17.19 -81.74 29.80
C PHE A 578 17.74 -81.23 28.46
N ASN A 579 17.97 -82.13 27.51
CA ASN A 579 18.64 -81.82 26.24
C ASN A 579 17.68 -81.10 25.27
N SER A 580 16.41 -81.53 25.25
CA SER A 580 15.38 -80.92 24.39
C SER A 580 15.14 -79.46 24.80
N LEU A 581 15.35 -79.17 26.09
CA LEU A 581 15.21 -77.83 26.67
C LEU A 581 16.38 -76.95 26.24
N TRP A 582 17.56 -77.57 26.08
CA TRP A 582 18.81 -76.92 25.72
C TRP A 582 18.85 -76.61 24.22
N PHE A 583 18.21 -77.47 23.41
CA PHE A 583 18.14 -77.34 21.95
C PHE A 583 17.30 -76.12 21.56
N SER A 584 16.21 -75.88 22.31
CA SER A 584 15.23 -74.85 22.01
C SER A 584 15.81 -73.45 22.24
N LEU A 585 16.65 -73.31 23.27
CA LEU A 585 17.30 -72.04 23.60
C LEU A 585 18.37 -71.72 22.54
N GLY A 586 19.14 -72.73 22.15
CA GLY A 586 20.23 -72.60 21.17
C GLY A 586 19.74 -72.11 19.82
N ALA A 587 18.48 -72.44 19.47
CA ALA A 587 17.88 -72.06 18.21
C ALA A 587 17.50 -70.56 18.22
N PHE A 588 16.86 -70.11 19.31
CA PHE A 588 16.38 -68.73 19.42
C PHE A 588 17.55 -67.74 19.53
N MET A 589 18.58 -68.14 20.29
CA MET A 589 19.75 -67.29 20.56
C MET A 589 20.64 -67.19 19.32
N GLN A 590 20.47 -68.13 18.37
CA GLN A 590 21.23 -68.19 17.13
C GLN A 590 22.71 -68.48 17.46
N GLN A 591 22.97 -69.72 17.91
CA GLN A 591 24.30 -70.16 18.29
C GLN A 591 24.51 -71.61 17.86
N GLY A 592 23.93 -71.98 16.70
CA GLY A 592 24.04 -73.32 16.14
C GLY A 592 23.35 -74.37 17.00
N CYS A 593 23.88 -75.60 16.95
CA CYS A 593 23.33 -76.73 17.69
C CYS A 593 24.40 -77.81 17.89
N ASP A 594 24.19 -78.66 18.89
CA ASP A 594 25.06 -79.81 19.17
C ASP A 594 24.55 -81.02 18.38
N ILE A 595 23.28 -81.38 18.61
CA ILE A 595 22.65 -82.56 18.01
C ILE A 595 21.40 -82.12 17.23
N SER A 596 21.23 -82.68 16.03
CA SER A 596 20.08 -82.42 15.17
C SER A 596 19.03 -83.52 15.35
N PRO A 597 17.72 -83.19 15.30
CA PRO A 597 16.67 -84.21 15.29
C PRO A 597 16.84 -85.21 14.14
N ARG A 598 16.69 -86.51 14.46
CA ARG A 598 16.99 -87.61 13.56
C ARG A 598 15.73 -88.03 12.79
N SER A 599 14.61 -88.15 13.50
CA SER A 599 13.36 -88.68 12.95
C SER A 599 12.57 -87.59 12.22
N LEU A 600 11.49 -88.00 11.56
CA LEU A 600 10.61 -87.11 10.79
C LEU A 600 9.79 -86.21 11.74
N SER A 601 9.28 -86.81 12.82
CA SER A 601 8.44 -86.11 13.81
C SER A 601 9.22 -85.00 14.51
N GLY A 602 10.51 -85.25 14.77
CA GLY A 602 11.40 -84.29 15.43
C GLY A 602 11.85 -83.17 14.50
N ARG A 603 11.97 -83.48 13.20
CA ARG A 603 12.45 -82.55 12.19
C ARG A 603 11.39 -81.46 11.92
N ILE A 604 10.13 -81.87 11.80
CA ILE A 604 9.04 -80.97 11.37
C ILE A 604 8.79 -79.90 12.45
N VAL A 605 8.92 -80.26 13.73
CA VAL A 605 8.71 -79.31 14.83
C VAL A 605 9.93 -78.38 14.96
N GLY A 606 11.11 -78.88 14.56
CA GLY A 606 12.35 -78.10 14.55
C GLY A 606 12.34 -77.01 13.49
N GLY A 607 11.74 -77.32 12.32
CA GLY A 607 11.71 -76.43 11.17
C GLY A 607 10.84 -75.20 11.39
N VAL A 608 9.73 -75.37 12.12
CA VAL A 608 8.77 -74.30 12.38
C VAL A 608 9.38 -73.33 13.42
N TRP A 609 10.10 -73.90 14.40
CA TRP A 609 10.77 -73.13 15.45
C TRP A 609 11.92 -72.31 14.85
N TRP A 610 12.51 -72.80 13.75
CA TRP A 610 13.53 -72.06 12.99
C TRP A 610 12.90 -70.89 12.24
N PHE A 611 11.69 -71.11 11.69
CA PHE A 611 10.97 -70.09 10.91
C PHE A 611 10.44 -68.98 11.85
N PHE A 612 10.06 -69.37 13.06
CA PHE A 612 9.59 -68.44 14.10
C PHE A 612 10.73 -67.47 14.47
N THR A 613 11.92 -68.03 14.70
CA THR A 613 13.08 -67.31 15.22
C THR A 613 13.52 -66.19 14.25
N LEU A 614 13.53 -66.50 12.96
CA LEU A 614 14.15 -65.64 11.93
C LEU A 614 13.35 -64.34 11.77
N ILE A 615 12.04 -64.40 12.03
CA ILE A 615 11.12 -63.26 11.83
C ILE A 615 11.15 -62.35 13.07
N ILE A 616 11.17 -62.94 14.27
CA ILE A 616 11.12 -62.19 15.54
C ILE A 616 12.39 -61.35 15.68
N ILE A 617 13.54 -61.94 15.34
CA ILE A 617 14.86 -61.29 15.48
C ILE A 617 14.94 -60.10 14.51
N SER A 618 14.57 -60.33 13.24
CA SER A 618 14.72 -59.34 12.17
C SER A 618 13.75 -58.16 12.35
N SER A 619 12.59 -58.43 12.98
CA SER A 619 11.59 -57.40 13.29
C SER A 619 12.10 -56.47 14.40
N TYR A 620 12.84 -57.05 15.36
CA TYR A 620 13.38 -56.32 16.51
C TYR A 620 14.48 -55.35 16.05
N THR A 621 15.33 -55.81 15.13
CA THR A 621 16.46 -55.03 14.61
C THR A 621 15.96 -53.83 13.81
N ALA A 622 14.95 -54.07 12.96
CA ALA A 622 14.42 -53.06 12.02
C ALA A 622 13.66 -51.96 12.79
N ASN A 623 12.96 -52.35 13.86
CA ASN A 623 12.15 -51.42 14.64
C ASN A 623 13.05 -50.48 15.46
N LEU A 624 14.14 -51.04 16.00
CA LEU A 624 15.14 -50.28 16.77
C LEU A 624 15.90 -49.34 15.84
N ALA A 625 16.10 -49.76 14.58
CA ALA A 625 16.73 -48.94 13.55
C ALA A 625 15.87 -47.71 13.25
N ALA A 626 14.54 -47.91 13.22
CA ALA A 626 13.57 -46.85 12.95
C ALA A 626 13.47 -45.89 14.13
N PHE A 627 13.68 -46.42 15.35
CA PHE A 627 13.52 -45.67 16.60
C PHE A 627 14.62 -44.61 16.73
N LEU A 628 15.85 -44.99 16.37
CA LEU A 628 17.04 -44.15 16.52
C LEU A 628 17.16 -43.18 15.33
N THR A 629 16.62 -43.56 14.17
CA THR A 629 16.67 -42.75 12.96
C THR A 629 15.81 -41.49 13.15
N VAL A 630 14.61 -41.66 13.69
CA VAL A 630 13.65 -40.57 13.90
C VAL A 630 14.15 -39.64 15.02
N GLU A 631 14.74 -40.23 16.07
CA GLU A 631 15.07 -39.52 17.30
C GLU A 631 16.17 -38.48 17.07
N ARG A 632 17.06 -38.73 16.10
CA ARG A 632 18.24 -37.87 15.88
C ARG A 632 17.93 -36.76 14.87
N MET A 633 16.92 -36.96 14.02
CA MET A 633 16.51 -35.93 13.03
C MET A 633 15.32 -35.13 13.58
N VAL A 634 15.58 -34.40 14.68
CA VAL A 634 14.60 -33.50 15.29
C VAL A 634 15.34 -32.19 15.64
N SER A 635 14.69 -31.06 15.36
CA SER A 635 15.24 -29.73 15.59
C SER A 635 14.40 -28.97 16.61
N PRO A 636 15.01 -28.36 17.66
CA PRO A 636 14.27 -27.51 18.59
C PRO A 636 13.90 -26.17 17.96
N ILE A 637 12.95 -25.47 18.59
CA ILE A 637 12.47 -24.16 18.13
C ILE A 637 13.62 -23.15 18.32
N GLU A 638 14.36 -22.89 17.23
CA GLU A 638 15.60 -22.11 17.27
C GLU A 638 15.28 -20.64 16.94
N SER A 639 14.84 -20.40 15.69
CA SER A 639 14.61 -19.05 15.16
C SER A 639 13.11 -18.74 15.13
N ALA A 640 12.78 -17.50 14.77
CA ALA A 640 11.39 -17.01 14.69
C ALA A 640 10.66 -17.66 13.51
N GLU A 641 11.41 -18.16 12.53
CA GLU A 641 10.88 -18.87 11.37
C GLU A 641 10.28 -20.22 11.81
N ASP A 642 10.90 -20.85 12.82
CA ASP A 642 10.45 -22.13 13.37
C ASP A 642 9.12 -21.94 14.12
N LEU A 643 8.96 -20.78 14.77
CA LEU A 643 7.72 -20.40 15.46
C LEU A 643 6.60 -20.18 14.42
N ALA A 644 6.95 -19.57 13.29
CA ALA A 644 6.00 -19.22 12.23
C ALA A 644 5.35 -20.46 11.63
N LYS A 645 6.10 -21.58 11.58
CA LYS A 645 5.60 -22.85 11.04
C LYS A 645 5.51 -23.88 12.17
N GLN A 646 4.66 -23.58 13.16
CA GLN A 646 4.31 -24.51 14.24
C GLN A 646 2.97 -24.10 14.85
N THR A 647 2.15 -25.10 15.19
CA THR A 647 0.81 -24.92 15.74
C THR A 647 0.70 -25.59 17.12
N GLU A 648 1.46 -26.67 17.34
CA GLU A 648 1.41 -27.46 18.58
C GLU A 648 1.93 -26.63 19.76
N ILE A 649 3.04 -25.90 19.54
CA ILE A 649 3.64 -25.04 20.55
C ILE A 649 3.12 -23.61 20.34
N ALA A 650 2.29 -23.15 21.28
CA ALA A 650 1.64 -21.84 21.22
C ALA A 650 2.62 -20.74 21.67
N TYR A 651 2.34 -19.51 21.27
CA TYR A 651 3.13 -18.35 21.67
C TYR A 651 2.25 -17.09 21.76
N GLY A 652 2.45 -16.32 22.84
CA GLY A 652 1.69 -15.10 23.11
C GLY A 652 2.53 -14.10 23.90
N THR A 653 2.11 -12.82 23.86
CA THR A 653 2.81 -11.71 24.49
C THR A 653 1.96 -11.17 25.65
N LEU A 654 2.28 -9.96 26.12
CA LEU A 654 1.51 -9.25 27.14
C LEU A 654 0.20 -8.74 26.54
N GLU A 655 -0.74 -8.38 27.41
CA GLU A 655 -2.07 -7.89 27.03
C GLU A 655 -1.94 -6.53 26.31
N ALA A 656 -1.12 -5.65 26.87
CA ALA A 656 -0.84 -4.33 26.29
C ALA A 656 0.61 -3.91 26.61
N GLY A 657 1.23 -3.23 25.65
CA GLY A 657 2.61 -2.75 25.77
C GLY A 657 3.15 -2.23 24.45
N SER A 658 4.48 -2.18 24.35
CA SER A 658 5.18 -1.76 23.14
C SER A 658 5.39 -2.94 22.18
N THR A 659 5.24 -4.17 22.71
CA THR A 659 5.46 -5.41 21.97
C THR A 659 4.30 -5.67 21.00
N LYS A 660 3.07 -5.61 21.53
CA LYS A 660 1.86 -5.90 20.78
C LYS A 660 1.56 -4.76 19.78
N GLU A 661 1.93 -3.53 20.17
CA GLU A 661 1.75 -2.34 19.33
C GLU A 661 2.64 -2.42 18.09
N PHE A 662 3.83 -3.01 18.25
CA PHE A 662 4.78 -3.22 17.14
C PHE A 662 4.22 -4.29 16.18
N PHE A 663 3.55 -5.30 16.76
CA PHE A 663 3.04 -6.46 16.02
C PHE A 663 1.92 -6.07 15.05
N ARG A 664 1.15 -5.03 15.41
CA ARG A 664 -0.05 -4.62 14.64
C ARG A 664 0.38 -3.96 13.32
N ARG A 665 1.33 -3.02 13.39
CA ARG A 665 1.84 -2.30 12.22
C ARG A 665 3.20 -2.90 11.81
N SER A 666 3.30 -4.23 11.86
CA SER A 666 4.47 -4.98 11.45
C SER A 666 4.40 -5.27 9.94
N LYS A 667 5.30 -4.66 9.16
CA LYS A 667 5.42 -4.88 7.73
C LYS A 667 6.70 -5.69 7.47
N ILE A 668 6.64 -6.98 7.82
CA ILE A 668 7.79 -7.90 7.76
C ILE A 668 7.46 -9.06 6.82
N ALA A 669 8.35 -10.06 6.80
CA ALA A 669 8.25 -11.20 5.89
C ALA A 669 7.08 -12.11 6.30
N VAL A 670 7.21 -12.76 7.46
CA VAL A 670 6.23 -13.75 7.93
C VAL A 670 5.87 -13.48 9.40
N PHE A 671 6.10 -12.25 9.89
CA PHE A 671 5.69 -11.83 11.23
C PHE A 671 4.29 -11.21 11.17
N GLU A 672 3.85 -10.86 9.96
CA GLU A 672 2.46 -10.45 9.69
C GLU A 672 1.55 -11.67 9.82
N LYS A 673 2.04 -12.83 9.38
CA LYS A 673 1.34 -14.11 9.48
C LYS A 673 1.34 -14.59 10.93
N MET A 674 2.41 -14.26 11.67
CA MET A 674 2.57 -14.61 13.08
C MET A 674 1.45 -13.96 13.92
N TRP A 675 1.20 -12.68 13.66
CA TRP A 675 0.17 -11.92 14.39
C TRP A 675 -1.24 -12.33 13.93
N THR A 676 -1.35 -12.76 12.67
CA THR A 676 -2.60 -13.25 12.09
C THR A 676 -3.12 -14.45 12.90
N TYR A 677 -2.20 -15.32 13.32
CA TYR A 677 -2.52 -16.50 14.13
C TYR A 677 -2.81 -16.09 15.58
N MET A 678 -2.08 -15.08 16.08
CA MET A 678 -2.14 -14.63 17.47
C MET A 678 -3.54 -14.08 17.81
N LYS A 679 -4.19 -13.44 16.83
CA LYS A 679 -5.47 -12.77 17.04
C LYS A 679 -6.57 -13.79 17.36
N SER A 680 -6.58 -14.90 16.60
CA SER A 680 -7.60 -15.95 16.72
C SER A 680 -6.98 -17.21 17.36
N ALA A 681 -7.25 -17.40 18.66
CA ALA A 681 -6.81 -18.56 19.43
C ALA A 681 -8.00 -19.12 20.24
N GLU A 682 -7.89 -20.38 20.65
CA GLU A 682 -8.95 -21.07 21.38
C GLU A 682 -9.05 -20.50 22.80
N PRO A 683 -8.00 -20.66 23.66
CA PRO A 683 -7.89 -19.86 24.87
C PRO A 683 -7.20 -18.51 24.60
N SER A 684 -7.22 -17.62 25.60
CA SER A 684 -6.59 -16.31 25.52
C SER A 684 -5.07 -16.45 25.65
N VAL A 685 -4.37 -16.23 24.52
CA VAL A 685 -2.91 -16.40 24.44
C VAL A 685 -2.21 -15.23 25.16
N PHE A 686 -2.84 -14.04 25.10
CA PHE A 686 -2.29 -12.84 25.72
C PHE A 686 -2.50 -12.90 27.24
N VAL A 687 -1.41 -12.73 28.00
CA VAL A 687 -1.42 -12.79 29.46
C VAL A 687 -1.30 -11.37 30.02
N ARG A 688 -1.99 -11.11 31.13
CA ARG A 688 -2.05 -9.79 31.75
C ARG A 688 -0.72 -9.49 32.45
N THR A 689 -0.31 -10.38 33.36
CA THR A 689 0.90 -10.23 34.15
C THR A 689 2.07 -10.95 33.47
N THR A 690 3.28 -10.40 33.63
CA THR A 690 4.50 -10.93 33.03
C THR A 690 5.04 -12.10 33.86
N GLU A 691 5.00 -11.95 35.19
CA GLU A 691 5.53 -12.96 36.11
C GLU A 691 4.60 -14.17 36.13
N GLU A 692 3.28 -13.92 36.08
CA GLU A 692 2.25 -14.96 36.01
C GLU A 692 2.31 -15.64 34.63
N GLY A 693 2.74 -14.89 33.61
CA GLY A 693 2.95 -15.43 32.26
C GLY A 693 4.10 -16.41 32.21
N MET A 694 5.11 -16.20 33.06
CA MET A 694 6.26 -17.09 33.19
C MET A 694 5.84 -18.42 33.83
N ILE A 695 4.81 -18.37 34.68
CA ILE A 695 4.28 -19.54 35.39
C ILE A 695 3.50 -20.42 34.39
N ARG A 696 2.86 -19.79 33.40
CA ARG A 696 2.05 -20.48 32.40
C ARG A 696 2.95 -21.36 31.52
N VAL A 697 4.19 -20.91 31.29
CA VAL A 697 5.18 -21.66 30.50
C VAL A 697 5.62 -22.89 31.31
N ARG A 698 5.77 -22.71 32.63
CA ARG A 698 6.14 -23.79 33.55
C ARG A 698 5.04 -24.86 33.58
N LYS A 699 3.78 -24.42 33.65
CA LYS A 699 2.62 -25.30 33.80
C LYS A 699 2.41 -26.15 32.54
N SER A 700 2.63 -25.55 31.37
CA SER A 700 2.45 -26.21 30.07
C SER A 700 3.50 -27.31 29.89
N LYS A 701 4.75 -27.01 30.27
CA LYS A 701 5.89 -27.92 30.15
C LYS A 701 6.13 -28.25 28.67
N GLY A 702 6.65 -27.26 27.94
CA GLY A 702 7.00 -27.40 26.53
C GLY A 702 5.77 -27.42 25.63
N LYS A 703 4.83 -26.51 25.89
CA LYS A 703 3.62 -26.36 25.09
C LYS A 703 3.27 -24.87 24.87
N TYR A 704 3.98 -23.96 25.55
CA TYR A 704 3.75 -22.52 25.43
C TYR A 704 5.09 -21.79 25.49
N ALA A 705 5.20 -20.72 24.69
CA ALA A 705 6.38 -19.86 24.64
C ALA A 705 5.95 -18.41 24.89
N TYR A 706 6.74 -17.69 25.70
CA TYR A 706 6.43 -16.31 26.09
C TYR A 706 7.50 -15.38 25.52
N LEU A 707 7.06 -14.38 24.74
CA LEU A 707 7.92 -13.38 24.13
C LEU A 707 8.02 -12.16 25.06
N LEU A 708 9.24 -11.65 25.22
CA LEU A 708 9.53 -10.50 26.08
C LEU A 708 10.89 -9.89 25.69
N GLU A 709 11.34 -8.90 26.47
CA GLU A 709 12.65 -8.27 26.28
C GLU A 709 13.75 -9.27 26.64
N SER A 710 14.93 -9.08 26.02
CA SER A 710 16.08 -9.98 26.15
C SER A 710 16.73 -9.84 27.52
N THR A 711 16.81 -8.60 28.01
CA THR A 711 17.46 -8.28 29.29
C THR A 711 16.75 -8.98 30.44
N MET A 712 15.41 -8.90 30.44
CA MET A 712 14.57 -9.49 31.47
C MET A 712 14.59 -11.02 31.35
N ASN A 713 14.69 -11.52 30.12
CA ASN A 713 14.68 -12.96 29.82
C ASN A 713 15.93 -13.63 30.39
N GLU A 714 17.09 -12.97 30.26
CA GLU A 714 18.39 -13.51 30.68
C GLU A 714 18.48 -13.57 32.21
N TYR A 715 17.85 -12.60 32.89
CA TYR A 715 17.87 -12.48 34.35
C TYR A 715 16.96 -13.54 35.00
N ILE A 716 15.88 -13.90 34.30
CA ILE A 716 14.86 -14.83 34.80
C ILE A 716 15.42 -16.26 34.80
N GLU A 717 16.35 -16.56 33.89
CA GLU A 717 17.03 -17.86 33.81
C GLU A 717 17.94 -18.03 35.03
N GLN A 718 18.62 -16.95 35.44
CA GLN A 718 19.65 -16.98 36.47
C GLN A 718 19.01 -17.09 37.86
N ARG A 719 18.27 -16.05 38.26
CA ARG A 719 17.62 -16.02 39.57
C ARG A 719 16.30 -16.80 39.51
N LYS A 720 16.02 -17.55 40.59
CA LYS A 720 14.81 -18.38 40.74
C LYS A 720 15.10 -19.80 40.23
N PRO A 721 14.26 -20.80 40.58
CA PRO A 721 14.45 -22.18 40.12
C PRO A 721 14.64 -22.29 38.59
N CYS A 722 15.62 -23.10 38.18
CA CYS A 722 16.05 -23.21 36.79
C CYS A 722 15.15 -24.18 36.02
N ASP A 723 14.27 -23.63 35.19
CA ASP A 723 13.43 -24.40 34.27
C ASP A 723 13.12 -23.57 33.01
N THR A 724 13.97 -22.59 32.70
CA THR A 724 13.79 -21.67 31.58
C THR A 724 15.15 -21.38 30.93
N MET A 725 15.11 -20.87 29.69
CA MET A 725 16.30 -20.45 28.97
C MET A 725 15.90 -19.56 27.78
N LYS A 726 16.88 -18.76 27.32
CA LYS A 726 16.76 -17.95 26.12
C LYS A 726 17.17 -18.81 24.92
N VAL A 727 16.52 -18.56 23.76
CA VAL A 727 16.82 -19.29 22.54
C VAL A 727 16.65 -18.34 21.34
N GLY A 728 17.57 -18.44 20.38
CA GLY A 728 17.54 -17.67 19.13
C GLY A 728 18.15 -16.29 19.28
N GLY A 729 18.13 -15.53 18.19
CA GLY A 729 18.65 -14.17 18.14
C GLY A 729 17.58 -13.13 18.46
N ASN A 730 18.00 -11.87 18.56
CA ASN A 730 17.10 -10.75 18.84
C ASN A 730 16.34 -10.38 17.57
N LEU A 731 15.09 -9.95 17.73
CA LEU A 731 14.18 -9.64 16.63
C LEU A 731 14.07 -8.13 16.44
N ASP A 732 13.65 -7.42 17.50
CA ASP A 732 13.42 -5.98 17.47
C ASP A 732 14.67 -5.23 17.96
N SER A 733 14.74 -3.93 17.62
CA SER A 733 15.82 -3.05 18.03
C SER A 733 15.26 -1.90 18.89
N LYS A 734 15.74 -1.83 20.13
CA LYS A 734 15.34 -0.80 21.09
C LYS A 734 16.44 -0.65 22.15
N GLY A 735 16.65 0.58 22.62
CA GLY A 735 17.71 0.91 23.58
C GLY A 735 17.18 1.71 24.76
N TYR A 736 17.75 1.44 25.95
CA TYR A 736 17.49 2.23 27.15
C TYR A 736 18.34 3.51 27.08
N GLY A 737 18.00 4.49 27.92
CA GLY A 737 18.68 5.78 27.95
C GLY A 737 18.51 6.51 29.27
N ILE A 738 19.22 7.64 29.38
CA ILE A 738 19.17 8.53 30.55
C ILE A 738 18.60 9.87 30.08
N ALA A 739 17.56 10.36 30.79
CA ALA A 739 16.75 11.48 30.33
C ALA A 739 16.80 12.63 31.34
N THR A 740 16.82 13.86 30.81
CA THR A 740 16.66 15.10 31.56
C THR A 740 15.95 16.10 30.65
N PRO A 741 14.99 16.91 31.16
CA PRO A 741 14.16 17.76 30.30
C PRO A 741 14.99 18.75 29.46
N LYS A 742 14.48 19.06 28.26
CA LYS A 742 15.19 19.87 27.26
C LYS A 742 15.44 21.28 27.82
N GLY A 743 16.60 21.84 27.47
CA GLY A 743 17.06 23.13 27.98
C GLY A 743 17.90 22.97 29.24
N SER A 744 18.36 21.74 29.51
CA SER A 744 19.24 21.44 30.63
C SER A 744 20.69 21.58 30.20
N ALA A 745 21.52 22.14 31.08
CA ALA A 745 22.96 22.29 30.88
C ALA A 745 23.70 21.04 31.35
N LEU A 746 22.96 20.07 31.89
CA LEU A 746 23.52 18.81 32.41
C LEU A 746 23.74 17.81 31.27
N ARG A 747 23.20 18.09 30.08
CA ARG A 747 23.33 17.22 28.91
C ARG A 747 24.80 17.05 28.52
N GLY A 748 25.55 18.17 28.54
CA GLY A 748 26.95 18.23 28.12
C GLY A 748 27.83 17.17 28.80
N PRO A 749 28.09 17.29 30.12
CA PRO A 749 29.03 16.41 30.80
C PRO A 749 28.54 14.97 31.01
N VAL A 750 27.22 14.77 31.07
CA VAL A 750 26.61 13.46 31.33
C VAL A 750 26.70 12.59 30.07
N ASN A 751 26.34 13.15 28.92
CA ASN A 751 26.32 12.43 27.64
C ASN A 751 27.72 11.89 27.31
N LEU A 752 28.75 12.71 27.55
CA LEU A 752 30.14 12.34 27.29
C LEU A 752 30.65 11.34 28.33
N ALA A 753 30.16 11.46 29.58
CA ALA A 753 30.51 10.54 30.67
C ALA A 753 30.02 9.13 30.35
N VAL A 754 28.81 9.03 29.77
CA VAL A 754 28.21 7.75 29.35
C VAL A 754 29.13 7.08 28.32
N LEU A 755 29.66 7.88 27.38
CA LEU A 755 30.57 7.40 26.34
C LEU A 755 31.94 7.04 26.94
N LYS A 756 32.33 7.74 28.01
CA LYS A 756 33.58 7.49 28.72
C LYS A 756 33.54 6.15 29.44
N LEU A 757 32.36 5.80 29.98
CA LEU A 757 32.15 4.56 30.73
C LEU A 757 32.15 3.36 29.79
N SER A 758 31.50 3.51 28.63
CA SER A 758 31.24 2.41 27.69
C SER A 758 32.53 1.99 26.98
N GLU A 759 33.31 2.97 26.51
CA GLU A 759 34.48 2.72 25.67
C GLU A 759 35.60 2.07 26.50
N GLN A 760 35.78 2.54 27.73
CA GLN A 760 36.80 2.01 28.65
C GLN A 760 36.38 0.63 29.15
N GLY A 761 35.08 0.45 29.40
CA GLY A 761 34.50 -0.84 29.77
C GLY A 761 34.14 -0.89 31.25
N VAL A 762 33.29 0.04 31.68
CA VAL A 762 32.80 0.12 33.06
C VAL A 762 31.45 -0.60 33.14
N LEU A 763 30.57 -0.32 32.17
CA LEU A 763 29.22 -0.90 32.07
C LEU A 763 29.31 -2.43 31.93
N ASP A 764 30.27 -2.90 31.13
CA ASP A 764 30.36 -4.31 30.72
C ASP A 764 30.79 -5.17 31.92
N LYS A 765 31.66 -4.62 32.77
CA LYS A 765 32.10 -5.28 34.00
C LYS A 765 30.94 -5.30 35.03
N LEU A 766 30.18 -4.20 35.06
CA LEU A 766 29.10 -3.99 36.03
C LEU A 766 27.90 -4.89 35.68
N LYS A 767 27.65 -5.06 34.38
CA LYS A 767 26.56 -5.89 33.86
C LYS A 767 26.87 -7.37 34.13
N SER A 768 28.17 -7.72 34.13
CA SER A 768 28.63 -9.08 34.41
C SER A 768 28.38 -9.47 35.87
N LYS A 769 28.44 -8.47 36.77
CA LYS A 769 28.37 -8.68 38.21
C LYS A 769 26.95 -9.05 38.63
N TRP A 770 25.98 -8.18 38.33
CA TRP A 770 24.62 -8.27 38.87
C TRP A 770 23.81 -9.39 38.20
N TRP A 771 24.20 -9.78 36.98
CA TRP A 771 23.49 -10.82 36.23
C TRP A 771 24.07 -12.20 36.55
N TYR A 772 25.40 -12.35 36.43
CA TYR A 772 26.06 -13.67 36.46
C TYR A 772 26.72 -13.92 37.83
N ASP A 773 27.56 -12.97 38.26
CA ASP A 773 28.31 -13.09 39.52
C ASP A 773 27.34 -13.20 40.70
N LYS A 774 26.27 -12.41 40.65
CA LYS A 774 25.17 -12.46 41.61
C LYS A 774 24.02 -13.27 40.98
N GLY A 775 24.29 -14.55 40.72
CA GLY A 775 23.36 -15.48 40.10
C GLY A 775 23.31 -16.81 40.83
N GLU A 776 22.23 -17.57 40.61
CA GLU A 776 21.96 -18.81 41.32
C GLU A 776 21.59 -19.92 40.31
N CYS A 777 22.25 -19.91 39.15
CA CYS A 777 22.06 -20.93 38.11
C CYS A 777 23.29 -20.97 37.20
N GLY A 778 23.82 -22.19 37.00
CA GLY A 778 25.00 -22.41 36.15
C GLY A 778 26.27 -21.95 36.83
N THR A 788 29.72 -35.31 20.86
CA THR A 788 29.71 -36.77 20.76
C THR A 788 28.26 -37.26 20.83
N SER A 789 27.85 -38.03 19.81
CA SER A 789 26.50 -38.59 19.72
C SER A 789 26.56 -40.05 19.25
N ALA A 790 27.22 -40.88 20.05
CA ALA A 790 27.24 -42.34 19.88
C ALA A 790 26.22 -42.95 20.85
N LEU A 791 26.15 -44.29 20.86
CA LEU A 791 25.28 -45.03 21.77
C LEU A 791 25.90 -45.01 23.18
N SER A 792 25.12 -44.55 24.16
CA SER A 792 25.57 -44.37 25.54
C SER A 792 25.63 -45.71 26.26
N LEU A 793 26.29 -45.71 27.42
CA LEU A 793 26.44 -46.89 28.29
C LEU A 793 25.11 -47.19 28.99
N SER A 794 24.34 -46.14 29.28
CA SER A 794 23.10 -46.22 30.07
C SER A 794 22.02 -47.00 29.31
N ASN A 795 22.05 -46.93 27.97
CA ASN A 795 21.05 -47.56 27.12
C ASN A 795 21.20 -49.10 27.17
N VAL A 796 22.44 -49.56 27.37
CA VAL A 796 22.79 -51.00 27.40
C VAL A 796 22.95 -51.48 28.85
N ALA A 797 23.18 -50.53 29.77
CA ALA A 797 23.47 -50.79 31.19
C ALA A 797 22.62 -51.94 31.75
N GLY A 798 21.32 -51.96 31.40
CA GLY A 798 20.34 -52.92 31.90
C GLY A 798 20.75 -54.37 31.67
N VAL A 799 21.33 -54.65 30.49
CA VAL A 799 21.59 -56.02 30.05
C VAL A 799 22.81 -56.60 30.78
N PHE A 800 23.61 -55.73 31.42
CA PHE A 800 24.74 -56.15 32.25
C PHE A 800 24.25 -56.74 33.58
N TYR A 801 23.13 -56.20 34.11
CA TYR A 801 22.54 -56.67 35.37
C TYR A 801 22.02 -58.11 35.21
N ILE A 802 21.58 -58.44 33.99
CA ILE A 802 21.10 -59.79 33.65
C ILE A 802 22.30 -60.75 33.64
N LEU A 803 23.45 -60.26 33.20
CA LEU A 803 24.68 -61.06 33.04
C LEU A 803 25.24 -61.45 34.41
N ILE A 804 25.23 -60.50 35.36
CA ILE A 804 25.79 -60.69 36.70
C ILE A 804 24.88 -61.62 37.52
N GLY A 805 23.57 -61.36 37.47
CA GLY A 805 22.56 -62.12 38.19
C GLY A 805 22.56 -63.59 37.83
N GLY A 806 22.85 -63.88 36.55
CA GLY A 806 22.95 -65.24 36.02
C GLY A 806 24.12 -66.00 36.61
N LEU A 807 25.27 -65.33 36.75
CA LEU A 807 26.49 -65.91 37.29
C LEU A 807 26.35 -66.12 38.80
N GLY A 808 25.51 -65.30 39.45
CA GLY A 808 25.19 -65.44 40.87
C GLY A 808 24.50 -66.75 41.18
N LEU A 809 23.51 -67.10 40.35
CA LEU A 809 22.76 -68.36 40.45
C LEU A 809 23.69 -69.54 40.12
N ALA A 810 24.59 -69.34 39.14
CA ALA A 810 25.52 -70.38 38.68
C ALA A 810 26.40 -70.88 39.82
N MET A 811 26.85 -69.96 40.68
CA MET A 811 27.71 -70.28 41.82
C MET A 811 26.92 -71.06 42.88
N LEU A 812 25.63 -70.74 43.03
CA LEU A 812 24.74 -71.36 44.03
C LEU A 812 24.44 -72.82 43.65
N VAL A 813 24.29 -73.08 42.34
CA VAL A 813 24.00 -74.43 41.82
C VAL A 813 25.20 -75.34 42.08
N ALA A 814 26.42 -74.78 41.92
CA ALA A 814 27.68 -75.49 42.19
C ALA A 814 27.81 -75.79 43.69
N LEU A 815 27.27 -74.89 44.53
CA LEU A 815 27.34 -74.98 45.98
C LEU A 815 26.43 -76.11 46.49
N ILE A 816 25.25 -76.25 45.88
CA ILE A 816 24.20 -77.17 46.33
C ILE A 816 24.61 -78.62 46.03
N GLU A 817 25.03 -78.89 44.80
CA GLU A 817 25.24 -80.26 44.30
C GLU A 817 26.60 -80.81 44.75
N PHE A 818 27.44 -79.97 45.37
CA PHE A 818 28.73 -80.41 45.94
C PHE A 818 28.50 -81.03 47.32
N CYS A 819 27.58 -80.44 48.10
CA CYS A 819 27.23 -80.91 49.44
C CYS A 819 26.46 -82.23 49.37
N TYR A 820 25.72 -82.44 48.28
CA TYR A 820 24.89 -83.63 48.06
C TYR A 820 25.79 -84.85 47.82
N LYS A 821 26.70 -84.74 46.85
CA LYS A 821 27.62 -85.81 46.50
C LYS A 821 28.72 -85.93 47.56
N SER B 3 7.01 80.55 -43.14
CA SER B 3 5.96 80.56 -44.15
C SER B 3 6.00 79.30 -45.00
N ASN B 4 6.93 78.40 -44.68
CA ASN B 4 7.09 77.16 -45.41
C ASN B 4 6.06 76.11 -45.01
N SER B 5 4.85 76.23 -45.55
CA SER B 5 3.77 75.32 -45.19
C SER B 5 3.75 74.07 -46.08
N ILE B 6 4.08 72.93 -45.50
CA ILE B 6 3.85 71.66 -46.15
C ILE B 6 2.52 71.11 -45.66
N GLN B 7 1.56 70.99 -46.55
CA GLN B 7 0.24 70.53 -46.15
C GLN B 7 0.19 69.00 -46.03
N ILE B 8 -0.52 68.52 -45.01
CA ILE B 8 -0.77 67.10 -44.86
C ILE B 8 -2.20 66.90 -44.42
N GLY B 9 -2.70 65.69 -44.60
CA GLY B 9 -4.02 65.35 -44.12
C GLY B 9 -3.96 64.56 -42.83
N GLY B 10 -5.04 64.60 -42.08
CA GLY B 10 -5.19 63.76 -40.91
C GLY B 10 -6.58 63.14 -40.97
N LEU B 11 -6.63 61.82 -41.13
CA LEU B 11 -7.88 61.08 -41.12
C LEU B 11 -8.13 60.42 -39.76
N PHE B 12 -8.97 61.04 -38.94
CA PHE B 12 -9.16 60.60 -37.55
C PHE B 12 -10.51 59.97 -37.30
N PRO B 13 -10.52 58.74 -36.76
CA PRO B 13 -11.76 58.06 -36.40
C PRO B 13 -12.57 58.94 -35.47
N ARG B 14 -13.88 58.85 -35.59
CA ARG B 14 -14.77 59.78 -34.91
C ARG B 14 -14.70 59.82 -33.40
N GLY B 15 -13.89 58.99 -32.77
CA GLY B 15 -13.76 59.14 -31.32
C GLY B 15 -12.34 59.19 -30.79
N ALA B 16 -11.36 59.40 -31.66
CA ALA B 16 -9.96 59.23 -31.30
C ALA B 16 -9.39 60.49 -30.65
N ASP B 17 -10.03 60.91 -29.56
CA ASP B 17 -9.69 62.15 -28.86
C ASP B 17 -8.24 62.21 -28.40
N GLN B 18 -7.81 61.17 -27.69
CA GLN B 18 -6.48 61.17 -27.11
C GLN B 18 -5.44 61.17 -28.19
N GLU B 19 -5.71 60.39 -29.24
CA GLU B 19 -4.81 60.34 -30.38
C GLU B 19 -4.68 61.71 -31.06
N TYR B 20 -5.80 62.38 -31.26
CA TYR B 20 -5.72 63.73 -31.80
C TYR B 20 -4.95 64.67 -30.85
N SER B 21 -5.21 64.57 -29.55
CA SER B 21 -4.43 65.37 -28.59
C SER B 21 -2.92 65.08 -28.73
N ALA B 22 -2.57 63.81 -28.75
CA ALA B 22 -1.21 63.38 -29.01
C ALA B 22 -0.63 63.95 -30.31
N PHE B 23 -1.44 64.01 -31.35
CA PHE B 23 -1.03 64.54 -32.66
C PHE B 23 -0.76 66.03 -32.56
N ARG B 24 -1.70 66.76 -31.96
CA ARG B 24 -1.51 68.19 -31.75
C ARG B 24 -0.27 68.50 -30.90
N VAL B 25 0.02 67.65 -29.91
CA VAL B 25 1.20 67.86 -29.08
C VAL B 25 2.48 67.66 -29.89
N GLY B 26 2.54 66.60 -30.67
CA GLY B 26 3.69 66.35 -31.53
C GLY B 26 3.96 67.44 -32.54
N MET B 27 2.90 68.05 -33.05
CA MET B 27 3.04 69.17 -33.98
C MET B 27 3.78 70.34 -33.33
N VAL B 28 3.53 70.53 -32.03
CA VAL B 28 4.19 71.57 -31.24
C VAL B 28 5.63 71.17 -30.92
N GLN B 29 5.80 69.98 -30.37
CA GLN B 29 7.11 69.44 -30.03
C GLN B 29 8.10 69.52 -31.18
N PHE B 30 7.65 69.18 -32.39
CA PHE B 30 8.57 68.98 -33.52
C PHE B 30 8.56 70.08 -34.57
N SER B 31 7.68 71.07 -34.41
CA SER B 31 7.64 72.22 -35.31
C SER B 31 8.94 73.03 -35.27
N THR B 32 9.19 73.76 -36.35
CA THR B 32 10.49 74.41 -36.54
C THR B 32 10.36 75.60 -37.46
N SER B 33 11.40 76.44 -37.48
CA SER B 33 11.46 77.59 -38.37
C SER B 33 11.64 77.13 -39.82
N GLU B 34 12.19 75.93 -40.01
CA GLU B 34 12.40 75.39 -41.34
C GLU B 34 11.07 75.33 -42.10
N PHE B 35 10.12 74.60 -41.53
CA PHE B 35 8.81 74.46 -42.14
C PHE B 35 7.76 74.11 -41.09
N ARG B 36 6.51 74.39 -41.44
CA ARG B 36 5.36 74.07 -40.60
C ARG B 36 4.43 73.10 -41.30
N LEU B 37 4.39 71.86 -40.83
CA LEU B 37 3.36 70.91 -41.24
C LEU B 37 1.99 71.55 -41.02
N THR B 38 1.22 71.73 -42.07
CA THR B 38 -0.10 72.33 -41.90
C THR B 38 -1.20 71.29 -42.13
N PRO B 39 -1.67 70.67 -41.06
CA PRO B 39 -2.59 69.54 -41.14
C PRO B 39 -3.99 69.98 -41.51
N HIS B 40 -4.63 69.26 -42.42
CA HIS B 40 -6.07 69.37 -42.57
C HIS B 40 -6.73 68.10 -42.04
N ILE B 41 -7.68 68.27 -41.13
CA ILE B 41 -8.23 67.19 -40.34
C ILE B 41 -9.63 66.78 -40.78
N ASP B 42 -9.83 65.49 -41.06
CA ASP B 42 -11.17 64.97 -41.21
C ASP B 42 -11.51 63.98 -40.10
N ASN B 43 -12.69 64.12 -39.51
CA ASN B 43 -13.21 63.15 -38.55
C ASN B 43 -14.26 62.26 -39.20
N LEU B 44 -14.03 60.94 -39.24
CA LEU B 44 -14.96 60.07 -39.97
C LEU B 44 -15.15 58.64 -39.46
N GLU B 45 -16.26 58.04 -39.89
CA GLU B 45 -16.60 56.66 -39.63
C GLU B 45 -15.59 55.81 -40.41
N VAL B 46 -14.51 55.45 -39.73
CA VAL B 46 -13.37 54.84 -40.38
C VAL B 46 -13.66 53.45 -40.96
N ALA B 47 -14.75 52.83 -40.53
CA ALA B 47 -15.16 51.51 -41.00
C ALA B 47 -16.01 51.60 -42.28
N ASN B 48 -16.35 52.82 -42.66
CA ASN B 48 -17.22 53.10 -43.80
C ASN B 48 -16.34 53.45 -44.98
N SER B 49 -16.20 52.50 -45.92
CA SER B 49 -15.28 52.64 -47.05
C SER B 49 -15.66 53.81 -47.96
N PHE B 50 -16.96 54.03 -48.10
CA PHE B 50 -17.41 55.20 -48.85
C PHE B 50 -16.92 56.48 -48.15
N ALA B 51 -17.13 56.55 -46.84
CA ALA B 51 -16.70 57.72 -46.08
C ALA B 51 -15.19 57.91 -46.20
N VAL B 52 -14.46 56.81 -46.10
CA VAL B 52 -13.00 56.83 -46.23
C VAL B 52 -12.54 57.30 -47.63
N THR B 53 -13.22 56.87 -48.68
CA THR B 53 -12.87 57.31 -50.02
C THR B 53 -13.13 58.81 -50.18
N ASN B 54 -14.31 59.25 -49.77
CA ASN B 54 -14.62 60.66 -49.75
C ASN B 54 -13.58 61.52 -49.06
N ALA B 55 -13.11 61.06 -47.92
CA ALA B 55 -12.17 61.84 -47.13
C ALA B 55 -10.78 61.77 -47.77
N PHE B 56 -10.41 60.61 -48.29
CA PHE B 56 -9.12 60.55 -48.98
C PHE B 56 -9.14 61.44 -50.22
N CYS B 57 -10.20 61.36 -50.99
CA CYS B 57 -10.25 62.10 -52.23
C CYS B 57 -10.31 63.59 -51.93
N SER B 58 -11.01 63.95 -50.86
CA SER B 58 -11.11 65.35 -50.46
C SER B 58 -9.71 65.93 -50.11
N GLN B 59 -8.90 65.13 -49.43
CA GLN B 59 -7.54 65.53 -49.08
C GLN B 59 -6.59 65.48 -50.27
N PHE B 60 -6.86 64.57 -51.21
CA PHE B 60 -6.03 64.47 -52.38
C PHE B 60 -6.22 65.76 -53.21
N SER B 61 -7.47 66.13 -53.46
CA SER B 61 -7.80 67.36 -54.19
C SER B 61 -7.16 68.63 -53.63
N ARG B 62 -7.05 68.72 -52.30
CA ARG B 62 -6.46 69.88 -51.65
C ARG B 62 -4.98 69.97 -51.99
N GLY B 63 -4.38 68.84 -52.30
CA GLY B 63 -2.97 68.80 -52.62
C GLY B 63 -2.07 68.53 -51.43
N VAL B 64 -2.51 67.65 -50.52
CA VAL B 64 -1.69 67.32 -49.35
C VAL B 64 -0.47 66.57 -49.81
N TYR B 65 0.62 66.66 -49.05
CA TYR B 65 1.84 65.99 -49.44
C TYR B 65 1.97 64.60 -48.81
N ALA B 66 1.05 64.30 -47.90
CA ALA B 66 0.95 62.97 -47.33
C ALA B 66 -0.25 62.97 -46.42
N ILE B 67 -0.67 61.78 -45.97
CA ILE B 67 -1.83 61.66 -45.11
C ILE B 67 -1.48 60.83 -43.87
N PHE B 68 -1.65 61.41 -42.69
CA PHE B 68 -1.57 60.61 -41.47
C PHE B 68 -2.98 60.18 -41.13
N GLY B 69 -3.15 58.94 -40.71
CA GLY B 69 -4.50 58.50 -40.46
C GLY B 69 -4.64 57.10 -39.92
N PHE B 70 -5.89 56.67 -39.84
CA PHE B 70 -6.25 55.36 -39.30
C PHE B 70 -7.13 54.63 -40.33
N TYR B 71 -7.06 53.30 -40.36
CA TYR B 71 -8.01 52.49 -41.09
C TYR B 71 -8.55 51.35 -40.21
N ASP B 72 -9.55 50.65 -40.76
CA ASP B 72 -10.25 49.56 -40.13
C ASP B 72 -10.03 48.34 -41.03
N LYS B 73 -10.36 47.14 -40.58
CA LYS B 73 -10.20 46.00 -41.45
C LYS B 73 -11.14 46.11 -42.68
N LYS B 74 -12.22 46.89 -42.55
CA LYS B 74 -13.17 47.07 -43.65
C LYS B 74 -12.78 48.17 -44.66
N SER B 75 -11.85 49.04 -44.29
CA SER B 75 -11.52 50.17 -45.10
C SER B 75 -10.06 50.15 -45.51
N VAL B 76 -9.29 49.19 -44.97
CA VAL B 76 -7.83 49.10 -45.22
C VAL B 76 -7.50 48.98 -46.73
N ASN B 77 -8.30 48.20 -47.43
CA ASN B 77 -8.11 48.07 -48.87
C ASN B 77 -8.31 49.34 -49.68
N THR B 78 -9.27 50.16 -49.26
CA THR B 78 -9.49 51.47 -49.89
C THR B 78 -8.22 52.33 -49.77
N ILE B 79 -7.66 52.35 -48.56
CA ILE B 79 -6.46 53.12 -48.27
C ILE B 79 -5.26 52.66 -49.07
N THR B 80 -4.98 51.36 -49.03
CA THR B 80 -3.83 50.82 -49.72
C THR B 80 -3.97 50.93 -51.25
N SER B 81 -5.15 50.66 -51.78
CA SER B 81 -5.36 50.77 -53.23
C SER B 81 -5.23 52.22 -53.70
N PHE B 82 -5.90 53.13 -53.01
CA PHE B 82 -5.86 54.53 -53.43
C PHE B 82 -4.47 55.14 -53.27
N CYS B 83 -3.79 54.80 -52.18
CA CYS B 83 -2.45 55.30 -51.93
C CYS B 83 -1.44 54.69 -52.90
N GLY B 84 -1.59 53.40 -53.17
CA GLY B 84 -0.66 52.70 -54.02
C GLY B 84 -0.79 53.20 -55.46
N THR B 85 -2.02 53.54 -55.85
CA THR B 85 -2.32 53.95 -57.22
C THR B 85 -1.88 55.38 -57.47
N LEU B 86 -2.05 56.24 -56.47
CA LEU B 86 -1.78 57.66 -56.64
C LEU B 86 -0.42 58.12 -56.10
N HIS B 87 0.36 57.17 -55.59
CA HIS B 87 1.63 57.47 -54.91
C HIS B 87 1.49 58.50 -53.77
N VAL B 88 0.42 58.38 -52.99
CA VAL B 88 0.21 59.19 -51.80
C VAL B 88 0.51 58.36 -50.56
N SER B 89 1.46 58.83 -49.77
CA SER B 89 1.91 58.11 -48.60
C SER B 89 0.92 58.24 -47.47
N PHE B 90 0.58 57.11 -46.87
CA PHE B 90 -0.29 57.09 -45.72
C PHE B 90 0.55 56.70 -44.53
N ILE B 91 0.51 57.48 -43.46
CA ILE B 91 1.24 57.15 -42.24
C ILE B 91 0.23 56.85 -41.14
N THR B 92 0.35 55.69 -40.51
CA THR B 92 -0.71 55.21 -39.64
C THR B 92 -0.22 54.38 -38.43
N PRO B 93 -0.93 54.51 -37.29
CA PRO B 93 -0.70 53.67 -36.11
C PRO B 93 -1.60 52.43 -36.10
N SER B 94 -2.40 52.26 -37.14
CA SER B 94 -3.29 51.10 -37.28
C SER B 94 -2.52 49.79 -37.45
N PHE B 95 -3.24 48.67 -37.35
CA PHE B 95 -2.63 47.36 -37.60
C PHE B 95 -1.87 47.35 -38.91
N PRO B 96 -0.68 46.72 -38.90
CA PRO B 96 0.15 46.58 -40.11
C PRO B 96 -0.63 45.81 -41.17
N THR B 97 -0.47 46.18 -42.44
CA THR B 97 -1.20 45.49 -43.51
C THR B 97 -0.71 44.06 -43.71
N ASP B 98 -1.62 43.24 -44.21
CA ASP B 98 -1.32 41.85 -44.49
C ASP B 98 -0.82 41.72 -45.92
N GLY B 99 0.44 42.05 -46.13
CA GLY B 99 1.03 42.11 -47.45
C GLY B 99 2.10 43.20 -47.46
N THR B 100 2.65 43.49 -48.63
CA THR B 100 3.74 44.45 -48.71
C THR B 100 3.33 45.69 -49.47
N HIS B 101 2.06 46.04 -49.35
CA HIS B 101 1.53 47.27 -49.94
C HIS B 101 2.49 48.44 -49.79
N PRO B 102 2.74 49.15 -50.89
CA PRO B 102 3.60 50.35 -50.94
C PRO B 102 2.86 51.61 -50.50
N PHE B 103 3.62 52.65 -50.20
CA PHE B 103 3.03 53.94 -49.88
C PHE B 103 2.27 53.94 -48.55
N VAL B 104 2.61 52.98 -47.69
CA VAL B 104 1.97 52.90 -46.39
C VAL B 104 3.02 52.76 -45.28
N ILE B 105 3.16 53.80 -44.48
CA ILE B 105 4.13 53.80 -43.39
C ILE B 105 3.46 53.31 -42.12
N GLN B 106 3.77 52.08 -41.71
CA GLN B 106 3.09 51.46 -40.59
C GLN B 106 3.84 51.68 -39.26
N MET B 107 3.39 52.66 -38.47
CA MET B 107 4.05 52.99 -37.21
C MET B 107 4.04 51.82 -36.23
N ARG B 108 2.99 51.02 -36.26
CA ARG B 108 2.79 49.93 -35.29
C ARG B 108 3.56 48.66 -35.62
N PRO B 109 4.45 48.23 -34.71
CA PRO B 109 5.19 47.00 -34.93
C PRO B 109 4.29 45.77 -34.94
N ASP B 110 4.77 44.73 -35.60
CA ASP B 110 4.10 43.43 -35.65
C ASP B 110 4.18 42.76 -34.28
N LEU B 111 3.09 42.12 -33.88
CA LEU B 111 2.95 41.56 -32.54
C LEU B 111 3.01 40.03 -32.55
N LYS B 112 2.82 39.45 -33.74
CA LYS B 112 2.72 37.99 -33.90
C LYS B 112 3.95 37.21 -33.42
N GLY B 113 5.13 37.69 -33.78
CA GLY B 113 6.36 37.06 -33.32
C GLY B 113 6.44 36.98 -31.81
N ALA B 114 6.37 38.12 -31.15
CA ALA B 114 6.43 38.15 -29.69
C ALA B 114 5.39 37.24 -29.05
N LEU B 115 4.15 37.31 -29.54
CA LEU B 115 3.09 36.46 -29.00
C LEU B 115 3.40 34.97 -29.15
N LEU B 116 3.74 34.54 -30.37
CA LEU B 116 4.14 33.15 -30.58
C LEU B 116 5.28 32.76 -29.64
N SER B 117 6.27 33.65 -29.50
CA SER B 117 7.39 33.43 -28.60
C SER B 117 6.96 33.33 -27.15
N LEU B 118 6.05 34.19 -26.73
CA LEU B 118 5.61 34.18 -25.34
C LEU B 118 4.89 32.87 -25.00
N ILE B 119 4.07 32.39 -25.94
CA ILE B 119 3.30 31.18 -25.73
C ILE B 119 4.23 30.00 -25.51
N GLU B 120 5.28 29.95 -26.31
CA GLU B 120 6.30 28.91 -26.20
C GLU B 120 7.01 29.04 -24.86
N TYR B 121 7.36 30.27 -24.51
CA TYR B 121 8.04 30.55 -23.25
C TYR B 121 7.34 29.90 -22.07
N TYR B 122 6.03 30.14 -21.93
CA TYR B 122 5.28 29.55 -20.83
C TYR B 122 5.03 28.07 -21.06
N GLN B 123 5.51 27.55 -22.17
CA GLN B 123 5.48 26.11 -22.44
C GLN B 123 4.06 25.57 -22.60
N TRP B 124 3.15 26.44 -23.01
CA TRP B 124 1.76 26.08 -23.24
C TRP B 124 1.66 25.04 -24.37
N ASP B 125 0.71 24.12 -24.23
CA ASP B 125 0.37 23.21 -25.32
C ASP B 125 -1.13 23.22 -25.64
N LYS B 126 -1.95 23.50 -24.63
CA LYS B 126 -3.39 23.58 -24.81
C LYS B 126 -3.89 24.90 -24.21
N PHE B 127 -4.69 25.64 -24.96
CA PHE B 127 -5.16 26.95 -24.51
C PHE B 127 -6.36 27.44 -25.32
N ALA B 128 -7.08 28.39 -24.73
CA ALA B 128 -8.17 29.07 -25.41
C ALA B 128 -7.66 30.38 -26.01
N TYR B 129 -8.17 30.69 -27.19
CA TYR B 129 -7.82 31.92 -27.88
C TYR B 129 -9.09 32.73 -28.14
N LEU B 130 -9.30 33.79 -27.38
CA LEU B 130 -10.44 34.68 -27.60
C LEU B 130 -10.06 35.74 -28.61
N TYR B 131 -10.78 35.75 -29.73
CA TYR B 131 -10.46 36.70 -30.79
C TYR B 131 -11.67 37.55 -31.09
N ASP B 132 -11.41 38.69 -31.71
CA ASP B 132 -12.45 39.67 -31.96
C ASP B 132 -12.57 39.84 -33.45
N SER B 133 -13.60 39.24 -34.05
CA SER B 133 -13.81 39.35 -35.50
C SER B 133 -13.87 40.80 -35.96
N ASP B 134 -14.36 41.70 -35.11
CA ASP B 134 -14.47 43.13 -35.45
C ASP B 134 -13.10 43.71 -35.77
N ARG B 135 -12.09 43.16 -35.12
CA ARG B 135 -10.76 43.72 -35.13
C ARG B 135 -9.86 42.99 -36.11
N GLY B 136 -10.14 41.71 -36.34
CA GLY B 136 -9.36 40.93 -37.29
C GLY B 136 -8.94 39.56 -36.79
N LEU B 137 -8.55 38.69 -37.70
CA LEU B 137 -8.21 37.30 -37.40
C LEU B 137 -6.75 37.02 -37.68
N SER B 138 -6.08 38.00 -38.25
CA SER B 138 -4.69 37.89 -38.65
C SER B 138 -3.74 37.21 -37.63
N THR B 139 -3.78 37.60 -36.35
CA THR B 139 -2.85 36.96 -35.40
C THR B 139 -3.30 35.57 -34.91
N LEU B 140 -4.61 35.37 -34.80
CA LEU B 140 -5.17 34.03 -34.63
C LEU B 140 -4.64 33.08 -35.71
N GLN B 141 -4.72 33.52 -36.96
CA GLN B 141 -4.26 32.69 -38.04
C GLN B 141 -2.79 32.27 -37.87
N ALA B 142 -1.96 33.19 -37.38
CA ALA B 142 -0.55 32.89 -37.21
C ALA B 142 -0.35 31.80 -36.17
N VAL B 143 -1.13 31.86 -35.08
CA VAL B 143 -1.04 30.80 -34.08
C VAL B 143 -1.72 29.51 -34.54
N LEU B 144 -2.77 29.61 -35.35
CA LEU B 144 -3.37 28.43 -35.95
C LEU B 144 -2.40 27.76 -36.93
N ASP B 145 -1.67 28.56 -37.72
CA ASP B 145 -0.70 28.01 -38.67
C ASP B 145 0.38 27.25 -37.90
N SER B 146 0.84 27.86 -36.82
CA SER B 146 1.94 27.33 -36.01
C SER B 146 1.55 26.17 -35.13
N ALA B 147 0.25 26.02 -34.87
CA ALA B 147 -0.18 25.07 -33.86
C ALA B 147 0.40 23.66 -34.06
N ALA B 148 0.42 23.16 -35.28
CA ALA B 148 1.00 21.84 -35.58
C ALA B 148 2.47 21.73 -35.20
N GLU B 149 3.29 22.55 -35.85
CA GLU B 149 4.73 22.54 -35.62
C GLU B 149 5.07 22.76 -34.14
N LYS B 150 4.38 23.71 -33.51
CA LYS B 150 4.62 24.02 -32.11
C LYS B 150 3.83 23.06 -31.20
N LYS B 151 3.07 22.14 -31.80
CA LYS B 151 2.28 21.18 -31.02
C LYS B 151 1.36 21.82 -29.98
N TRP B 152 0.38 22.60 -30.44
CA TRP B 152 -0.61 23.19 -29.54
C TRP B 152 -2.02 22.68 -29.84
N GLN B 153 -2.88 22.63 -28.82
CA GLN B 153 -4.31 22.47 -29.02
C GLN B 153 -5.03 23.77 -28.69
N VAL B 154 -5.49 24.45 -29.73
CA VAL B 154 -6.13 25.76 -29.59
C VAL B 154 -7.64 25.67 -29.71
N THR B 155 -8.30 26.23 -28.71
CA THR B 155 -9.74 26.42 -28.73
C THR B 155 -9.99 27.91 -29.00
N ALA B 156 -10.41 28.22 -30.23
CA ALA B 156 -10.64 29.61 -30.68
C ALA B 156 -12.10 30.01 -30.51
N ILE B 157 -12.32 31.06 -29.72
CA ILE B 157 -13.66 31.58 -29.50
C ILE B 157 -13.79 33.03 -29.98
N ASN B 158 -14.82 33.31 -30.78
CA ASN B 158 -15.08 34.66 -31.29
C ASN B 158 -15.78 35.50 -30.24
N VAL B 159 -15.16 36.63 -29.93
CA VAL B 159 -15.68 37.47 -28.89
C VAL B 159 -16.20 38.77 -29.52
N GLY B 160 -16.41 38.72 -30.84
CA GLY B 160 -16.52 39.91 -31.64
C GLY B 160 -17.89 40.38 -32.10
N ASN B 161 -18.95 39.62 -31.89
CA ASN B 161 -20.25 40.16 -32.30
C ASN B 161 -21.24 40.31 -31.16
N ILE B 162 -20.74 40.76 -30.02
CA ILE B 162 -21.53 40.85 -28.80
C ILE B 162 -22.34 42.14 -28.77
N ASN B 163 -23.66 42.02 -28.85
CA ASN B 163 -24.49 43.20 -28.71
C ASN B 163 -24.49 43.65 -27.26
N ASN B 164 -24.00 44.85 -27.00
CA ASN B 164 -23.84 45.36 -25.65
C ASN B 164 -25.07 45.21 -24.79
N ASP B 165 -26.21 44.94 -25.42
CA ASP B 165 -27.45 44.66 -24.71
C ASP B 165 -27.19 43.61 -23.63
N LYS B 166 -26.77 42.42 -24.06
CA LYS B 166 -26.38 41.38 -23.12
C LYS B 166 -24.96 41.61 -22.58
N LYS B 167 -23.95 41.13 -23.29
CA LYS B 167 -22.56 41.37 -22.92
C LYS B 167 -22.18 40.62 -21.65
N ASP B 168 -22.67 41.11 -20.52
CA ASP B 168 -22.48 40.42 -19.25
C ASP B 168 -22.82 38.95 -19.41
N GLU B 169 -24.07 38.69 -19.81
CA GLU B 169 -24.53 37.32 -19.97
C GLU B 169 -23.70 36.51 -20.97
N THR B 170 -23.37 37.11 -22.10
CA THR B 170 -22.56 36.40 -23.10
C THR B 170 -21.21 36.01 -22.48
N TYR B 171 -20.48 36.98 -21.95
CA TYR B 171 -19.14 36.73 -21.43
C TYR B 171 -19.09 35.70 -20.30
N ARG B 172 -20.16 35.63 -19.52
CA ARG B 172 -20.27 34.65 -18.45
C ARG B 172 -20.55 33.27 -19.04
N SER B 173 -21.41 33.23 -20.05
CA SER B 173 -21.73 31.98 -20.75
C SER B 173 -20.46 31.41 -21.37
N LEU B 174 -19.67 32.29 -21.99
CA LEU B 174 -18.40 31.87 -22.59
C LEU B 174 -17.47 31.18 -21.59
N PHE B 175 -17.28 31.78 -20.42
CA PHE B 175 -16.37 31.21 -19.44
C PHE B 175 -16.95 30.00 -18.73
N GLN B 176 -18.25 30.03 -18.50
CA GLN B 176 -18.94 28.87 -17.95
C GLN B 176 -19.10 27.77 -18.98
N ASP B 177 -18.62 28.02 -20.20
CA ASP B 177 -18.51 26.98 -21.21
C ASP B 177 -17.08 26.42 -21.26
N LEU B 178 -16.09 27.32 -21.21
CA LEU B 178 -14.70 26.90 -20.99
C LEU B 178 -14.61 26.16 -19.65
N GLU B 179 -15.72 26.12 -18.93
CA GLU B 179 -15.89 25.24 -17.79
C GLU B 179 -16.42 23.90 -18.30
N LEU B 180 -15.76 23.39 -19.33
CA LEU B 180 -16.11 22.11 -19.94
C LEU B 180 -14.80 21.38 -20.19
N LYS B 181 -13.98 21.97 -21.06
CA LYS B 181 -12.69 21.38 -21.41
C LYS B 181 -11.62 21.75 -20.40
N LYS B 182 -12.04 22.28 -19.26
CA LYS B 182 -11.11 22.72 -18.23
C LYS B 182 -10.04 23.61 -18.85
N GLU B 183 -10.47 24.75 -19.36
CA GLU B 183 -9.54 25.71 -19.94
C GLU B 183 -9.14 26.73 -18.89
N ARG B 184 -7.84 26.93 -18.73
CA ARG B 184 -7.34 27.82 -17.69
C ARG B 184 -6.28 28.72 -18.25
N ARG B 185 -5.84 28.43 -19.47
CA ARG B 185 -4.87 29.27 -20.16
C ARG B 185 -5.56 29.95 -21.35
N VAL B 186 -5.57 31.28 -21.34
CA VAL B 186 -6.45 32.06 -22.19
C VAL B 186 -5.71 33.25 -22.77
N ILE B 187 -5.77 33.38 -24.10
CA ILE B 187 -5.21 34.53 -24.79
C ILE B 187 -6.33 35.49 -25.17
N LEU B 188 -6.13 36.78 -24.90
CA LEU B 188 -7.17 37.76 -25.13
C LEU B 188 -7.22 38.35 -26.54
N ASP B 189 -6.23 39.10 -27.01
CA ASP B 189 -6.29 39.57 -28.43
C ASP B 189 -7.57 40.39 -28.76
N CYS B 190 -7.68 41.57 -28.14
CA CYS B 190 -8.83 42.45 -28.22
C CYS B 190 -8.35 43.90 -28.06
N GLU B 191 -9.19 44.86 -28.46
CA GLU B 191 -8.95 46.25 -28.13
C GLU B 191 -8.96 46.40 -26.60
N ARG B 192 -8.29 47.44 -26.07
CA ARG B 192 -8.20 47.64 -24.62
C ARG B 192 -9.56 47.71 -23.91
N ASP B 193 -10.59 48.14 -24.63
CA ASP B 193 -11.93 48.27 -24.06
C ASP B 193 -12.57 46.90 -23.87
N LYS B 194 -12.52 46.10 -24.92
CA LYS B 194 -13.04 44.75 -24.88
C LYS B 194 -12.26 43.93 -23.85
N VAL B 195 -10.99 44.28 -23.64
CA VAL B 195 -10.18 43.56 -22.68
C VAL B 195 -10.69 43.88 -21.29
N ASN B 196 -10.92 45.17 -21.06
CA ASN B 196 -11.48 45.66 -19.81
C ASN B 196 -12.81 45.01 -19.48
N ASP B 197 -13.68 44.94 -20.47
CA ASP B 197 -14.99 44.33 -20.31
C ASP B 197 -14.84 42.89 -19.89
N ILE B 198 -13.84 42.23 -20.47
CA ILE B 198 -13.73 40.80 -20.26
C ILE B 198 -13.11 40.57 -18.88
N VAL B 199 -12.05 41.32 -18.59
CA VAL B 199 -11.46 41.33 -17.27
C VAL B 199 -12.51 41.55 -16.20
N ASP B 200 -13.40 42.51 -16.42
CA ASP B 200 -14.51 42.75 -15.50
C ASP B 200 -15.35 41.50 -15.29
N GLN B 201 -15.61 40.75 -16.35
CA GLN B 201 -16.44 39.57 -16.19
C GLN B 201 -15.68 38.38 -15.59
N VAL B 202 -14.38 38.29 -15.87
CA VAL B 202 -13.57 37.22 -15.29
C VAL B 202 -13.58 37.36 -13.77
N ILE B 203 -13.42 38.60 -13.31
CA ILE B 203 -13.46 38.92 -11.88
C ILE B 203 -14.81 38.58 -11.28
N THR B 204 -15.89 39.02 -11.91
CA THR B 204 -17.21 38.71 -11.39
C THR B 204 -17.46 37.22 -11.29
N ILE B 205 -16.86 36.45 -12.21
CA ILE B 205 -17.06 35.00 -12.24
C ILE B 205 -16.09 34.29 -11.28
N GLY B 206 -15.06 35.02 -10.87
CA GLY B 206 -14.10 34.49 -9.91
C GLY B 206 -13.08 33.59 -10.59
N LYS B 207 -12.67 33.99 -11.77
CA LYS B 207 -11.71 33.23 -12.55
C LYS B 207 -10.43 34.03 -12.70
N HIS B 208 -10.18 34.94 -11.76
CA HIS B 208 -8.94 35.72 -11.74
C HIS B 208 -8.05 35.22 -10.61
N VAL B 209 -8.34 34.01 -10.16
CA VAL B 209 -7.60 33.40 -9.07
C VAL B 209 -6.44 32.57 -9.61
N LYS B 210 -5.64 32.07 -8.68
CA LYS B 210 -4.53 31.17 -8.98
C LYS B 210 -5.00 29.95 -9.77
N GLY B 211 -4.24 29.60 -10.80
CA GLY B 211 -4.60 28.46 -11.61
C GLY B 211 -5.04 28.86 -13.01
N TYR B 212 -5.46 30.13 -13.18
CA TYR B 212 -5.74 30.69 -14.51
C TYR B 212 -4.58 31.59 -14.94
N HIS B 213 -4.37 31.71 -16.24
CA HIS B 213 -3.34 32.58 -16.78
C HIS B 213 -3.84 33.21 -18.08
N TYR B 214 -3.74 34.53 -18.17
CA TYR B 214 -4.24 35.29 -19.29
C TYR B 214 -3.09 35.98 -19.99
N ILE B 215 -3.10 35.96 -21.30
CA ILE B 215 -2.15 36.72 -22.08
C ILE B 215 -2.94 37.79 -22.85
N ILE B 216 -2.69 39.05 -22.55
CA ILE B 216 -3.33 40.14 -23.29
C ILE B 216 -2.54 40.45 -24.54
N ALA B 217 -3.11 40.14 -25.70
CA ALA B 217 -2.35 40.23 -26.95
C ALA B 217 -2.67 41.54 -27.62
N ASN B 218 -2.21 42.62 -27.00
CA ASN B 218 -2.14 43.93 -27.64
C ASN B 218 -0.84 44.58 -27.19
N LEU B 219 -0.51 45.74 -27.76
CA LEU B 219 0.77 46.37 -27.46
C LEU B 219 0.70 47.36 -26.32
N GLY B 220 -0.41 47.37 -25.60
CA GLY B 220 -0.57 48.33 -24.53
C GLY B 220 -0.95 47.68 -23.21
N PHE B 221 -0.11 46.77 -22.71
CA PHE B 221 -0.40 46.07 -21.44
C PHE B 221 -0.89 47.00 -20.34
N THR B 222 -0.22 48.13 -20.14
CA THR B 222 -0.62 49.04 -19.07
C THR B 222 -1.50 50.20 -19.50
N ASP B 223 -2.06 50.13 -20.70
CA ASP B 223 -2.99 51.15 -21.14
C ASP B 223 -4.30 51.07 -20.33
N GLY B 224 -4.69 49.87 -19.93
CA GLY B 224 -5.94 49.69 -19.20
C GLY B 224 -5.75 49.59 -17.71
N ASP B 225 -6.82 49.25 -17.00
CA ASP B 225 -6.78 49.14 -15.55
C ASP B 225 -6.45 47.72 -15.09
N LEU B 226 -5.21 47.49 -14.75
CA LEU B 226 -4.80 46.17 -14.28
C LEU B 226 -4.98 46.01 -12.77
N LEU B 227 -5.02 47.12 -12.05
CA LEU B 227 -5.04 47.05 -10.60
C LEU B 227 -6.13 46.12 -10.09
N LYS B 228 -7.27 46.10 -10.78
CA LYS B 228 -8.42 45.34 -10.30
C LYS B 228 -8.29 43.81 -10.39
N ILE B 229 -7.38 43.33 -11.22
CA ILE B 229 -7.17 41.89 -11.40
C ILE B 229 -5.81 41.45 -10.83
N GLN B 230 -5.20 42.35 -10.07
CA GLN B 230 -3.84 42.20 -9.58
C GLN B 230 -3.73 41.29 -8.36
N PHE B 231 -4.81 41.15 -7.62
CA PHE B 231 -4.73 40.51 -6.32
C PHE B 231 -5.48 39.20 -6.24
N GLY B 232 -6.04 38.80 -7.36
CA GLY B 232 -6.76 37.54 -7.39
C GLY B 232 -5.84 36.34 -7.29
N GLY B 233 -4.60 36.46 -7.76
CA GLY B 233 -3.71 35.32 -7.89
C GLY B 233 -3.44 34.79 -9.31
N ALA B 234 -4.26 35.18 -10.29
CA ALA B 234 -4.03 34.72 -11.67
C ALA B 234 -2.73 35.29 -12.25
N ASN B 235 -2.09 34.53 -13.13
CA ASN B 235 -1.05 35.07 -14.00
C ASN B 235 -1.71 35.94 -15.09
N VAL B 236 -1.08 37.06 -15.41
CA VAL B 236 -1.54 37.96 -16.44
C VAL B 236 -0.29 38.50 -17.11
N SER B 237 -0.14 38.24 -18.40
CA SER B 237 1.05 38.68 -19.12
C SER B 237 0.64 39.49 -20.34
N GLY B 238 1.53 40.37 -20.79
CA GLY B 238 1.21 41.17 -21.96
C GLY B 238 2.43 41.80 -22.59
N PHE B 239 2.19 42.79 -23.44
CA PHE B 239 3.25 43.41 -24.20
C PHE B 239 3.14 44.91 -24.09
N GLN B 240 4.28 45.57 -24.20
CA GLN B 240 4.35 47.00 -23.97
C GLN B 240 5.41 47.58 -24.89
N ILE B 241 5.08 48.64 -25.59
CA ILE B 241 6.00 49.24 -26.54
C ILE B 241 6.44 50.62 -26.08
N VAL B 242 5.62 51.23 -25.22
CA VAL B 242 5.96 52.49 -24.61
C VAL B 242 6.64 52.21 -23.25
N ASP B 243 7.96 52.40 -23.18
CA ASP B 243 8.72 52.10 -21.95
C ASP B 243 8.83 53.36 -21.10
N TYR B 244 7.99 53.45 -20.07
CA TYR B 244 7.95 54.64 -19.24
C TYR B 244 9.24 54.87 -18.44
N ASP B 245 10.19 53.94 -18.57
CA ASP B 245 11.47 54.10 -17.89
C ASP B 245 12.44 54.93 -18.71
N ASP B 246 12.18 55.03 -20.01
CA ASP B 246 12.98 55.89 -20.89
C ASP B 246 12.79 57.35 -20.49
N SER B 247 13.89 58.10 -20.45
CA SER B 247 13.82 59.53 -20.17
C SER B 247 12.99 60.27 -21.21
N LEU B 248 13.17 59.92 -22.49
CA LEU B 248 12.37 60.51 -23.56
C LEU B 248 10.89 60.40 -23.24
N VAL B 249 10.47 59.22 -22.79
CA VAL B 249 9.07 59.00 -22.44
C VAL B 249 8.69 59.70 -21.15
N SER B 250 9.57 59.58 -20.15
CA SER B 250 9.34 60.18 -18.86
C SER B 250 9.23 61.70 -19.01
N LYS B 251 10.10 62.28 -19.82
CA LYS B 251 10.11 63.71 -20.05
C LYS B 251 8.84 64.11 -20.80
N PHE B 252 8.37 63.24 -21.69
CA PHE B 252 7.12 63.49 -22.40
C PHE B 252 5.92 63.47 -21.47
N ILE B 253 5.80 62.43 -20.65
CA ILE B 253 4.69 62.32 -19.70
C ILE B 253 4.69 63.43 -18.66
N GLU B 254 5.86 63.91 -18.29
CA GLU B 254 5.95 65.06 -17.40
C GLU B 254 5.08 66.16 -18.00
N ARG B 255 5.28 66.38 -19.29
CA ARG B 255 4.56 67.41 -20.03
C ARG B 255 3.08 67.06 -20.17
N TRP B 256 2.81 65.83 -20.62
CA TRP B 256 1.47 65.35 -20.95
C TRP B 256 0.54 65.36 -19.75
N SER B 257 1.09 65.02 -18.58
CA SER B 257 0.28 64.96 -17.36
C SER B 257 -0.20 66.34 -16.95
N THR B 258 0.46 67.36 -17.47
CA THR B 258 0.22 68.74 -17.08
C THR B 258 -0.83 69.47 -17.94
N LEU B 259 -0.94 69.09 -19.21
CA LEU B 259 -1.83 69.79 -20.13
C LEU B 259 -3.24 69.94 -19.58
N GLU B 260 -3.92 71.00 -19.96
CA GLU B 260 -5.31 71.14 -19.55
C GLU B 260 -6.17 70.15 -20.33
N GLU B 261 -6.95 69.37 -19.60
CA GLU B 261 -7.78 68.32 -20.16
C GLU B 261 -8.82 68.89 -21.14
N LYS B 262 -9.20 70.15 -20.91
CA LYS B 262 -10.17 70.84 -21.76
C LYS B 262 -9.59 71.18 -23.13
N GLU B 263 -8.31 71.54 -23.15
CA GLU B 263 -7.62 71.80 -24.40
C GLU B 263 -7.15 70.50 -25.07
N TYR B 264 -6.76 69.52 -24.27
CA TYR B 264 -6.28 68.25 -24.83
C TYR B 264 -7.01 67.05 -24.23
N PRO B 265 -8.23 66.78 -24.70
CA PRO B 265 -8.97 65.59 -24.26
C PRO B 265 -8.10 64.33 -24.25
N GLY B 266 -8.13 63.62 -23.13
CA GLY B 266 -7.46 62.33 -22.99
C GLY B 266 -6.07 62.49 -22.43
N ALA B 267 -5.62 63.73 -22.27
CA ALA B 267 -4.22 64.04 -21.96
C ALA B 267 -3.94 64.66 -20.59
N HIS B 268 -4.63 64.24 -19.54
CA HIS B 268 -4.22 64.75 -18.22
C HIS B 268 -3.90 63.56 -17.32
N THR B 269 -3.01 62.70 -17.80
CA THR B 269 -2.85 61.35 -17.25
C THR B 269 -1.40 60.93 -17.11
N ALA B 270 -1.19 59.79 -16.45
CA ALA B 270 0.15 59.28 -16.19
C ALA B 270 0.60 58.36 -17.33
N THR B 271 -0.32 57.54 -17.82
CA THR B 271 -0.02 56.70 -18.98
C THR B 271 -0.59 57.30 -20.27
N ILE B 272 -0.30 56.67 -21.39
CA ILE B 272 -0.84 57.09 -22.68
C ILE B 272 -0.99 55.88 -23.61
N LYS B 273 -2.17 55.73 -24.21
CA LYS B 273 -2.44 54.59 -25.07
C LYS B 273 -1.34 54.48 -26.13
N TYR B 274 -0.91 53.25 -26.42
CA TYR B 274 0.16 53.06 -27.38
C TYR B 274 -0.25 53.64 -28.75
N THR B 275 -1.55 53.66 -29.05
CA THR B 275 -2.00 54.28 -30.30
C THR B 275 -1.72 55.80 -30.35
N SER B 276 -1.91 56.48 -29.22
CA SER B 276 -1.59 57.90 -29.16
C SER B 276 -0.08 58.15 -29.20
N ALA B 277 0.68 57.23 -28.62
CA ALA B 277 2.13 57.35 -28.61
C ALA B 277 2.70 57.18 -30.00
N LEU B 278 2.13 56.22 -30.75
CA LEU B 278 2.50 55.99 -32.15
C LEU B 278 2.11 57.20 -33.02
N THR B 279 1.04 57.88 -32.66
CA THR B 279 0.60 59.09 -33.36
C THR B 279 1.60 60.25 -33.16
N TYR B 280 1.97 60.51 -31.91
CA TYR B 280 2.99 61.51 -31.59
C TYR B 280 4.26 61.20 -32.40
N ASP B 281 4.69 59.94 -32.35
CA ASP B 281 5.86 59.45 -33.06
C ASP B 281 5.75 59.69 -34.55
N ALA B 282 4.54 59.53 -35.09
CA ALA B 282 4.27 59.76 -36.52
C ALA B 282 4.55 61.19 -36.94
N VAL B 283 4.31 62.14 -36.04
CA VAL B 283 4.57 63.53 -36.38
C VAL B 283 6.07 63.76 -36.45
N GLN B 284 6.85 63.03 -35.66
CA GLN B 284 8.29 63.18 -35.77
C GLN B 284 8.78 62.62 -37.10
N VAL B 285 8.22 61.49 -37.49
CA VAL B 285 8.70 60.82 -38.69
C VAL B 285 8.40 61.67 -39.92
N MET B 286 7.19 62.18 -39.98
CA MET B 286 6.78 63.03 -41.07
C MET B 286 7.65 64.27 -41.14
N THR B 287 7.93 64.84 -39.96
CA THR B 287 8.78 66.04 -39.87
C THR B 287 10.20 65.75 -40.37
N GLU B 288 10.83 64.70 -39.86
CA GLU B 288 12.15 64.27 -40.33
C GLU B 288 12.17 64.00 -41.84
N ALA B 289 11.20 63.23 -42.32
CA ALA B 289 11.16 62.89 -43.73
C ALA B 289 11.20 64.16 -44.58
N PHE B 290 10.32 65.11 -44.28
CA PHE B 290 10.24 66.32 -45.08
C PHE B 290 11.43 67.24 -44.86
N ARG B 291 12.01 67.19 -43.67
CA ARG B 291 13.25 67.91 -43.38
C ARG B 291 14.38 67.32 -44.22
N ASN B 292 14.47 66.00 -44.24
CA ASN B 292 15.50 65.32 -45.01
C ASN B 292 15.38 65.50 -46.53
N LEU B 293 14.15 65.69 -47.02
CA LEU B 293 13.97 65.96 -48.45
C LEU B 293 14.58 67.31 -48.82
N ARG B 294 14.59 68.25 -47.87
CA ARG B 294 15.23 69.54 -48.10
C ARG B 294 16.76 69.47 -47.97
N LYS B 295 17.23 68.73 -46.96
CA LYS B 295 18.66 68.53 -46.78
C LYS B 295 19.30 67.89 -48.01
N GLN B 296 18.47 67.31 -48.88
CA GLN B 296 18.99 66.70 -50.10
C GLN B 296 18.54 67.46 -51.35
N ARG B 297 17.96 68.64 -51.12
CA ARG B 297 17.52 69.52 -52.19
C ARG B 297 16.69 68.78 -53.23
N ILE B 298 15.87 67.87 -52.74
CA ILE B 298 14.86 67.21 -53.53
C ILE B 298 13.62 68.08 -53.48
N GLU B 299 13.32 68.77 -54.57
CA GLU B 299 12.13 69.61 -54.59
C GLU B 299 10.90 68.72 -54.77
N ILE B 300 9.90 68.93 -53.94
CA ILE B 300 8.73 68.06 -53.94
C ILE B 300 7.45 68.87 -54.01
N SER B 301 7.60 70.16 -54.24
CA SER B 301 6.46 71.07 -54.29
C SER B 301 5.63 70.86 -55.55
N ARG B 302 4.35 70.60 -55.37
CA ARG B 302 3.46 70.36 -56.50
C ARG B 302 3.25 71.66 -57.26
N ARG B 303 3.33 71.58 -58.58
CA ARG B 303 3.19 72.76 -59.42
C ARG B 303 1.72 72.99 -59.77
N GLY B 304 1.06 71.96 -60.25
CA GLY B 304 -0.34 72.03 -60.60
C GLY B 304 -1.21 71.27 -59.61
N ASN B 305 -2.51 71.58 -59.62
CA ASN B 305 -3.45 70.90 -58.74
C ASN B 305 -3.31 69.38 -58.83
N ALA B 306 -3.47 68.73 -57.68
CA ALA B 306 -3.43 67.27 -57.59
C ALA B 306 -4.54 66.69 -58.47
N GLY B 307 -5.69 67.38 -58.46
CA GLY B 307 -6.80 67.00 -59.30
C GLY B 307 -7.86 66.16 -58.60
N ASP B 308 -8.53 65.32 -59.37
CA ASP B 308 -9.58 64.45 -58.83
C ASP B 308 -9.09 63.01 -58.70
N CYS B 309 -9.23 62.45 -57.50
CA CYS B 309 -8.79 61.09 -57.23
C CYS B 309 -9.47 60.11 -58.19
N LEU B 310 -10.42 60.62 -58.97
CA LEU B 310 -11.14 59.78 -59.93
C LEU B 310 -10.84 60.20 -61.36
N ALA B 311 -9.71 60.87 -61.55
CA ALA B 311 -9.31 61.33 -62.88
C ALA B 311 -8.85 60.09 -63.62
N ASN B 312 -9.06 60.07 -64.92
CA ASN B 312 -8.79 58.89 -65.71
C ASN B 312 -8.15 59.33 -67.03
N PRO B 313 -6.97 58.81 -67.35
CA PRO B 313 -6.21 57.80 -66.58
C PRO B 313 -5.57 58.30 -65.30
N ALA B 314 -5.27 57.35 -64.42
CA ALA B 314 -4.58 57.59 -63.19
C ALA B 314 -3.08 57.64 -63.43
N VAL B 315 -2.53 58.85 -63.45
CA VAL B 315 -1.09 59.03 -63.60
C VAL B 315 -0.53 59.65 -62.32
N PRO B 316 0.18 58.85 -61.53
CA PRO B 316 0.66 59.33 -60.23
C PRO B 316 1.68 60.44 -60.40
N TRP B 317 1.73 61.38 -59.46
CA TRP B 317 2.72 62.45 -59.53
C TRP B 317 4.14 61.94 -59.31
N GLY B 318 5.07 62.62 -59.96
CA GLY B 318 6.46 62.19 -59.99
C GLY B 318 7.15 62.14 -58.65
N GLN B 319 6.76 63.00 -57.73
CA GLN B 319 7.50 63.11 -56.47
C GLN B 319 6.98 62.19 -55.35
N GLY B 320 5.88 61.50 -55.59
CA GLY B 320 5.37 60.55 -54.62
C GLY B 320 6.39 59.53 -54.14
N VAL B 321 7.09 58.91 -55.09
CA VAL B 321 8.09 57.92 -54.77
C VAL B 321 9.23 58.48 -53.88
N GLU B 322 9.61 59.74 -54.12
CA GLU B 322 10.65 60.39 -53.31
C GLU B 322 10.16 60.60 -51.88
N ILE B 323 8.91 61.00 -51.74
CA ILE B 323 8.31 61.23 -50.43
C ILE B 323 8.23 59.94 -49.63
N GLU B 324 7.77 58.88 -50.29
CA GLU B 324 7.70 57.54 -49.71
C GLU B 324 9.07 57.12 -49.22
N ARG B 325 10.05 57.16 -50.12
CA ARG B 325 11.41 56.79 -49.75
C ARG B 325 11.91 57.60 -48.54
N ALA B 326 11.74 58.91 -48.57
CA ALA B 326 12.20 59.76 -47.47
C ALA B 326 11.52 59.35 -46.17
N LEU B 327 10.23 59.06 -46.25
CA LEU B 327 9.50 58.62 -45.08
C LEU B 327 10.06 57.30 -44.56
N LYS B 328 10.41 56.41 -45.47
CA LYS B 328 10.85 55.08 -45.09
C LYS B 328 12.31 55.05 -44.66
N GLN B 329 13.04 56.12 -44.95
CA GLN B 329 14.45 56.21 -44.59
C GLN B 329 14.65 56.86 -43.22
N VAL B 330 13.58 57.41 -42.67
CA VAL B 330 13.67 58.05 -41.36
C VAL B 330 14.04 57.05 -40.27
N GLN B 331 15.04 57.39 -39.46
CA GLN B 331 15.33 56.60 -38.27
C GLN B 331 15.51 57.47 -37.05
N VAL B 332 14.53 57.43 -36.15
CA VAL B 332 14.56 58.22 -34.92
C VAL B 332 14.17 57.39 -33.72
N GLU B 333 14.37 57.96 -32.54
CA GLU B 333 13.95 57.33 -31.30
C GLU B 333 12.74 58.11 -30.82
N GLY B 334 11.72 57.42 -30.32
CA GLY B 334 10.51 58.09 -29.89
C GLY B 334 9.87 57.41 -28.72
N LEU B 335 8.59 57.70 -28.49
CA LEU B 335 7.86 57.07 -27.41
C LEU B 335 7.78 55.55 -27.56
N SER B 336 7.76 55.08 -28.80
CA SER B 336 7.68 53.66 -29.08
C SER B 336 9.06 53.07 -29.33
N GLY B 337 10.10 53.77 -28.88
CA GLY B 337 11.43 53.21 -28.96
C GLY B 337 12.14 53.59 -30.24
N ASN B 338 13.11 52.77 -30.65
CA ASN B 338 13.78 53.00 -31.92
C ASN B 338 12.79 52.81 -33.08
N ILE B 339 12.68 53.81 -33.93
CA ILE B 339 11.80 53.71 -35.08
C ILE B 339 12.61 53.56 -36.35
N LYS B 340 12.36 52.47 -37.07
CA LYS B 340 13.01 52.22 -38.34
C LYS B 340 12.07 51.41 -39.21
N PHE B 341 12.17 51.59 -40.53
CA PHE B 341 11.28 50.91 -41.47
C PHE B 341 12.05 50.11 -42.52
N ASP B 342 11.46 49.00 -42.95
CA ASP B 342 11.96 48.34 -44.14
C ASP B 342 11.34 48.98 -45.40
N GLN B 343 11.67 48.42 -46.56
CA GLN B 343 11.23 48.95 -47.84
C GLN B 343 9.74 48.87 -48.03
N ASN B 344 9.07 48.09 -47.18
CA ASN B 344 7.62 48.01 -47.25
C ASN B 344 6.96 48.77 -46.09
N GLY B 345 7.70 49.67 -45.46
CA GLY B 345 7.14 50.52 -44.42
C GLY B 345 6.75 49.83 -43.11
N LYS B 346 7.28 48.65 -42.86
CA LYS B 346 7.05 47.95 -41.61
C LYS B 346 8.15 48.28 -40.61
N ARG B 347 7.80 48.46 -39.34
CA ARG B 347 8.80 48.73 -38.30
C ARG B 347 9.86 47.64 -38.32
N ILE B 348 11.13 48.01 -38.25
CA ILE B 348 12.16 47.01 -38.01
C ILE B 348 13.08 47.43 -36.87
N ASN B 349 13.88 46.50 -36.37
CA ASN B 349 14.78 46.80 -35.27
C ASN B 349 14.01 47.48 -34.14
N TYR B 350 12.82 46.99 -33.85
CA TYR B 350 12.04 47.55 -32.76
C TYR B 350 12.09 46.58 -31.61
N THR B 351 11.59 47.01 -30.46
CA THR B 351 11.57 46.15 -29.29
C THR B 351 10.21 46.15 -28.60
N ILE B 352 9.76 44.96 -28.21
CA ILE B 352 8.53 44.82 -27.44
C ILE B 352 8.81 44.27 -26.04
N ASN B 353 8.47 45.02 -25.00
CA ASN B 353 8.64 44.53 -23.63
C ASN B 353 7.63 43.47 -23.26
N ILE B 354 8.08 42.46 -22.52
CA ILE B 354 7.20 41.43 -22.02
C ILE B 354 6.87 41.71 -20.55
N MET B 355 5.59 41.65 -20.22
CA MET B 355 5.13 42.05 -18.90
C MET B 355 4.36 40.94 -18.22
N GLU B 356 4.53 40.85 -16.90
CA GLU B 356 3.62 40.12 -16.04
C GLU B 356 3.08 41.07 -14.95
N LEU B 357 1.83 40.83 -14.55
CA LEU B 357 1.24 41.61 -13.48
C LEU B 357 1.68 41.01 -12.13
N LYS B 358 2.16 41.85 -11.22
CA LYS B 358 2.45 41.37 -9.87
C LYS B 358 1.65 42.14 -8.83
N THR B 359 1.70 41.67 -7.59
CA THR B 359 1.00 42.34 -6.51
C THR B 359 1.45 43.78 -6.35
N ASN B 360 2.70 44.05 -6.69
CA ASN B 360 3.22 45.42 -6.70
C ASN B 360 3.07 46.13 -8.05
N GLY B 361 2.27 45.56 -8.95
CA GLY B 361 2.00 46.18 -10.24
C GLY B 361 2.69 45.49 -11.42
N PRO B 362 2.43 45.98 -12.64
CA PRO B 362 3.04 45.40 -13.85
C PRO B 362 4.56 45.51 -13.77
N ARG B 363 5.26 44.44 -14.10
CA ARG B 363 6.71 44.51 -14.16
C ARG B 363 7.23 43.90 -15.44
N LYS B 364 8.21 44.56 -16.05
CA LYS B 364 8.89 44.05 -17.23
C LYS B 364 9.72 42.82 -16.87
N ILE B 365 9.55 41.75 -17.64
CA ILE B 365 10.15 40.46 -17.32
C ILE B 365 11.17 40.11 -18.39
N GLY B 366 11.22 40.94 -19.42
CA GLY B 366 12.06 40.66 -20.58
C GLY B 366 11.63 41.46 -21.78
N TYR B 367 12.16 41.11 -22.94
CA TYR B 367 11.90 41.90 -24.12
C TYR B 367 11.98 40.99 -25.33
N TRP B 368 11.27 41.37 -26.39
CA TRP B 368 11.28 40.64 -27.65
C TRP B 368 11.85 41.49 -28.76
N SER B 369 12.78 40.91 -29.49
CA SER B 369 13.46 41.60 -30.58
C SER B 369 13.23 40.83 -31.86
N GLU B 370 13.29 41.54 -32.97
CA GLU B 370 13.17 40.89 -34.26
C GLU B 370 14.13 39.71 -34.40
N VAL B 371 15.36 39.92 -33.95
CA VAL B 371 16.42 38.96 -34.22
C VAL B 371 16.81 38.11 -33.03
N ASP B 372 16.54 38.58 -31.82
CA ASP B 372 16.90 37.83 -30.62
C ASP B 372 15.72 37.00 -30.12
N LYS B 373 14.54 37.25 -30.69
CA LYS B 373 13.30 36.72 -30.12
C LYS B 373 13.20 37.06 -28.62
N MET B 374 12.73 36.11 -27.83
CA MET B 374 12.38 36.37 -26.43
C MET B 374 13.55 36.32 -25.43
N VAL B 375 13.75 37.41 -24.68
CA VAL B 375 14.88 37.47 -23.75
C VAL B 375 14.50 37.83 -22.33
N VAL B 376 14.65 36.88 -21.40
CA VAL B 376 14.37 37.12 -19.98
C VAL B 376 15.35 38.11 -19.37
N THR B 377 14.80 39.14 -18.72
CA THR B 377 15.60 40.25 -18.21
C THR B 377 16.18 40.01 -16.82
N LEU B 378 17.46 40.34 -16.66
CA LEU B 378 18.13 40.16 -15.38
C LEU B 378 19.55 40.73 -15.42
N VAL B 396 25.03 19.17 -0.01
CA VAL B 396 26.19 18.26 -0.21
C VAL B 396 26.10 17.10 0.80
N VAL B 397 26.15 15.86 0.29
CA VAL B 397 26.06 14.64 1.08
C VAL B 397 27.36 13.86 0.89
N THR B 398 28.19 13.82 1.94
CA THR B 398 29.48 13.10 1.91
C THR B 398 29.25 11.66 2.39
N THR B 399 29.80 10.71 1.62
CA THR B 399 29.70 9.28 1.91
C THR B 399 31.09 8.66 1.72
N ILE B 400 31.16 7.32 1.73
CA ILE B 400 32.41 6.60 1.53
C ILE B 400 32.13 5.25 0.87
N LEU B 401 33.08 4.78 0.05
CA LEU B 401 32.95 3.54 -0.72
C LEU B 401 33.13 2.33 0.21
N GLU B 402 32.10 1.49 0.26
CA GLU B 402 32.11 0.24 1.02
C GLU B 402 31.60 -0.90 0.12
N SER B 403 31.74 -2.13 0.61
CA SER B 403 31.33 -3.32 -0.14
C SER B 403 29.81 -3.40 -0.20
N PRO B 404 29.09 -3.39 0.95
CA PRO B 404 27.63 -3.53 0.95
C PRO B 404 26.81 -2.22 0.96
N TYR B 405 27.46 -1.09 1.25
CA TYR B 405 26.77 0.16 1.56
C TYR B 405 26.64 1.04 0.30
N VAL B 406 27.79 1.41 -0.29
CA VAL B 406 27.83 2.27 -1.47
C VAL B 406 28.58 1.55 -2.59
N MET B 407 27.82 1.01 -3.55
CA MET B 407 28.34 0.28 -4.70
C MET B 407 28.13 1.10 -5.98
N MET B 408 29.11 1.04 -6.88
CA MET B 408 29.02 1.67 -8.20
C MET B 408 28.37 0.67 -9.18
N LYS B 409 27.29 1.11 -9.84
CA LYS B 409 26.48 0.26 -10.72
C LYS B 409 27.22 0.03 -12.04
N LYS B 410 26.82 -1.04 -12.74
CA LYS B 410 27.36 -1.39 -14.06
C LYS B 410 26.78 -0.42 -15.10
N ASN B 411 27.63 -0.02 -16.06
CA ASN B 411 27.32 1.01 -17.05
C ASN B 411 27.12 2.34 -16.33
N HIS B 412 28.17 2.78 -15.62
CA HIS B 412 28.19 4.02 -14.84
C HIS B 412 28.50 5.21 -15.76
N GLU B 413 29.11 4.93 -16.91
CA GLU B 413 29.45 5.95 -17.90
C GLU B 413 28.20 6.39 -18.68
N MET B 414 27.24 5.47 -18.82
CA MET B 414 26.01 5.68 -19.59
C MET B 414 24.89 6.24 -18.70
N LEU B 415 25.16 6.40 -17.40
CA LEU B 415 24.21 6.96 -16.44
C LEU B 415 24.94 7.95 -15.52
N GLU B 416 24.77 9.24 -15.79
CA GLU B 416 25.41 10.32 -15.04
C GLU B 416 24.42 10.87 -14.00
N GLY B 417 24.89 10.99 -12.74
CA GLY B 417 24.11 11.54 -11.64
C GLY B 417 24.07 10.58 -10.45
N ASN B 418 22.85 10.28 -9.98
CA ASN B 418 22.61 9.45 -8.81
C ASN B 418 22.33 8.00 -9.22
N GLU B 419 22.33 7.73 -10.54
CA GLU B 419 22.11 6.39 -11.09
C GLU B 419 23.43 5.61 -11.14
N ARG B 420 24.54 6.30 -10.87
CA ARG B 420 25.89 5.72 -10.90
C ARG B 420 26.10 4.75 -9.73
N TYR B 421 25.40 5.00 -8.61
CA TYR B 421 25.56 4.21 -7.39
C TYR B 421 24.22 3.57 -7.00
N GLU B 422 24.31 2.50 -6.19
CA GLU B 422 23.16 1.78 -5.66
C GLU B 422 23.59 1.02 -4.39
N GLY B 423 22.76 1.08 -3.35
CA GLY B 423 23.02 0.39 -2.09
C GLY B 423 22.06 0.79 -0.98
N TYR B 424 22.39 0.36 0.25
CA TYR B 424 21.60 0.64 1.45
C TYR B 424 21.70 2.13 1.82
N CYS B 425 22.92 2.66 1.80
CA CYS B 425 23.25 3.99 2.30
C CYS B 425 22.67 5.08 1.39
N VAL B 426 22.41 4.72 0.12
CA VAL B 426 21.81 5.63 -0.86
C VAL B 426 20.32 5.82 -0.52
N ASP B 427 19.64 4.71 -0.21
CA ASP B 427 18.20 4.69 0.06
C ASP B 427 17.92 5.28 1.45
N LEU B 428 18.91 5.18 2.35
CA LEU B 428 18.82 5.71 3.72
C LEU B 428 18.78 7.25 3.67
N ALA B 429 19.51 7.83 2.72
CA ALA B 429 19.56 9.28 2.51
C ALA B 429 18.22 9.78 1.95
N ALA B 430 17.60 8.96 1.09
CA ALA B 430 16.31 9.28 0.46
C ALA B 430 15.18 9.25 1.52
N GLU B 431 15.31 8.37 2.51
CA GLU B 431 14.37 8.25 3.62
C GLU B 431 14.47 9.48 4.54
N ILE B 432 15.69 10.03 4.66
CA ILE B 432 15.99 11.19 5.48
C ILE B 432 15.40 12.46 4.83
N ALA B 433 15.51 12.54 3.50
CA ALA B 433 15.08 13.71 2.72
C ALA B 433 13.57 13.65 2.42
N LYS B 434 12.90 12.59 2.91
CA LYS B 434 11.44 12.44 2.80
C LYS B 434 10.76 13.39 3.79
N HIS B 435 11.41 13.62 4.94
CA HIS B 435 10.89 14.49 6.02
C HIS B 435 11.77 15.73 6.22
N CYS B 436 12.83 15.88 5.40
CA CYS B 436 13.72 17.03 5.46
C CYS B 436 13.70 17.76 4.11
N GLY B 437 13.69 19.10 4.17
CA GLY B 437 13.73 19.96 2.99
C GLY B 437 15.15 20.27 2.56
N PHE B 438 15.77 19.33 1.85
CA PHE B 438 17.16 19.44 1.39
C PHE B 438 17.33 18.72 0.06
N LYS B 439 18.18 19.29 -0.81
CA LYS B 439 18.55 18.71 -2.10
C LYS B 439 19.88 17.96 -1.95
N TYR B 440 19.88 16.68 -2.31
CA TYR B 440 21.02 15.77 -2.11
C TYR B 440 21.78 15.59 -3.42
N LYS B 441 23.11 15.62 -3.32
CA LYS B 441 24.02 15.31 -4.42
C LYS B 441 25.07 14.30 -3.92
N LEU B 442 25.10 13.13 -4.58
CA LEU B 442 25.98 12.02 -4.18
C LEU B 442 27.43 12.39 -4.45
N THR B 443 28.11 12.92 -3.41
CA THR B 443 29.49 13.35 -3.48
C THR B 443 30.37 12.39 -2.66
N ILE B 444 31.39 11.83 -3.32
CA ILE B 444 32.33 10.88 -2.73
C ILE B 444 33.49 11.68 -2.13
N VAL B 445 33.95 11.27 -0.94
CA VAL B 445 35.08 11.91 -0.28
C VAL B 445 36.37 11.49 -1.00
N GLY B 446 37.26 12.47 -1.23
CA GLY B 446 38.43 12.31 -2.10
C GLY B 446 39.55 11.53 -1.44
N ASP B 447 39.71 11.70 -0.12
CA ASP B 447 40.79 11.09 0.65
C ASP B 447 40.65 9.56 0.65
N GLY B 448 39.42 9.08 0.84
CA GLY B 448 39.13 7.67 1.06
C GLY B 448 39.43 7.26 2.48
N LYS B 449 38.97 8.08 3.43
CA LYS B 449 39.23 7.90 4.86
C LYS B 449 37.99 8.31 5.66
N TYR B 450 37.82 7.68 6.82
CA TYR B 450 36.67 7.92 7.70
C TYR B 450 36.88 9.23 8.46
N GLY B 451 37.98 9.31 9.21
CA GLY B 451 38.38 10.53 9.93
C GLY B 451 39.17 10.22 11.18
N ALA B 452 40.41 10.71 11.22
CA ALA B 452 41.29 10.59 12.38
C ALA B 452 42.31 11.73 12.38
N ARG B 453 42.46 12.39 13.53
CA ARG B 453 43.41 13.48 13.71
C ARG B 453 44.82 12.88 13.90
N ASP B 454 45.75 13.28 13.02
CA ASP B 454 47.12 12.78 13.03
C ASP B 454 47.85 13.37 14.24
N ALA B 455 48.89 12.65 14.68
CA ALA B 455 49.66 12.99 15.89
C ALA B 455 50.54 14.22 15.63
N ASP B 456 51.12 14.28 14.42
CA ASP B 456 52.09 15.32 14.06
C ASP B 456 51.37 16.60 13.65
N THR B 457 50.37 16.48 12.76
CA THR B 457 49.69 17.62 12.15
C THR B 457 48.65 18.20 13.11
N LYS B 458 47.95 17.32 13.84
CA LYS B 458 46.86 17.70 14.75
C LYS B 458 45.72 18.33 13.94
N ILE B 459 45.33 17.64 12.86
CA ILE B 459 44.30 18.10 11.94
C ILE B 459 43.55 16.88 11.40
N TRP B 460 42.23 17.06 11.18
CA TRP B 460 41.32 15.98 10.78
C TRP B 460 41.30 15.83 9.26
N ASN B 461 40.90 14.63 8.80
CA ASN B 461 40.89 14.28 7.39
C ASN B 461 39.55 13.62 7.02
N GLY B 462 39.28 13.55 5.72
CA GLY B 462 38.15 12.80 5.16
C GLY B 462 36.81 13.47 5.44
N MET B 463 35.80 12.65 5.75
CA MET B 463 34.42 13.10 5.96
C MET B 463 34.32 13.91 7.26
N VAL B 464 35.13 13.54 8.26
CA VAL B 464 35.19 14.23 9.55
C VAL B 464 35.91 15.58 9.35
N GLY B 465 36.98 15.57 8.55
CA GLY B 465 37.76 16.77 8.24
C GLY B 465 36.96 17.80 7.45
N GLU B 466 36.08 17.32 6.58
CA GLU B 466 35.23 18.18 5.74
C GLU B 466 34.13 18.83 6.59
N LEU B 467 33.74 18.16 7.68
CA LEU B 467 32.65 18.62 8.56
C LEU B 467 33.11 19.80 9.43
N VAL B 468 34.28 19.65 10.08
CA VAL B 468 34.77 20.61 11.08
C VAL B 468 35.26 21.89 10.38
N TYR B 469 35.96 21.74 9.24
CA TYR B 469 36.54 22.87 8.52
C TYR B 469 35.47 23.59 7.66
N GLY B 470 34.28 22.98 7.54
CA GLY B 470 33.13 23.62 6.92
C GLY B 470 33.16 23.51 5.40
N LYS B 471 32.93 22.29 4.91
CA LYS B 471 32.86 21.99 3.48
C LYS B 471 31.65 21.07 3.23
N ALA B 472 31.57 19.98 3.98
CA ALA B 472 30.44 19.04 3.93
C ALA B 472 29.29 19.57 4.79
N ASP B 473 28.06 19.17 4.40
CA ASP B 473 26.82 19.60 5.06
C ASP B 473 26.25 18.46 5.92
N ILE B 474 26.17 17.26 5.35
CA ILE B 474 25.62 16.08 6.02
C ILE B 474 26.45 14.85 5.64
N ALA B 475 26.51 13.88 6.55
CA ALA B 475 27.29 12.64 6.38
C ALA B 475 26.43 11.43 6.76
N ILE B 476 25.99 10.68 5.75
CA ILE B 476 25.24 9.43 5.93
C ILE B 476 26.11 8.29 5.39
N ALA B 477 26.89 7.68 6.29
CA ALA B 477 27.86 6.63 5.97
C ALA B 477 28.11 5.77 7.20
N PRO B 478 28.59 4.52 7.04
CA PRO B 478 28.99 3.69 8.18
C PRO B 478 30.15 4.33 8.96
N LEU B 479 29.80 5.15 9.95
CA LEU B 479 30.75 5.85 10.81
C LEU B 479 30.46 5.53 12.27
N THR B 480 31.47 5.00 12.98
CA THR B 480 31.36 4.62 14.38
C THR B 480 31.35 5.89 15.25
N ILE B 481 30.50 5.89 16.28
CA ILE B 481 30.31 7.03 17.17
C ILE B 481 31.18 6.81 18.42
N THR B 482 32.28 7.56 18.51
CA THR B 482 33.25 7.42 19.60
C THR B 482 33.31 8.73 20.41
N LEU B 483 34.19 8.74 21.41
CA LEU B 483 34.29 9.80 22.42
C LEU B 483 34.79 11.10 21.78
N VAL B 484 35.90 10.99 21.03
CA VAL B 484 36.65 12.15 20.52
C VAL B 484 35.86 12.84 19.39
N ARG B 485 35.04 12.08 18.66
CA ARG B 485 34.24 12.61 17.55
C ARG B 485 33.12 13.51 18.09
N GLU B 486 32.58 13.17 19.27
CA GLU B 486 31.46 13.89 19.88
C GLU B 486 31.91 15.28 20.38
N GLU B 487 33.21 15.42 20.66
CA GLU B 487 33.79 16.68 21.13
C GLU B 487 33.86 17.71 19.99
N VAL B 488 33.96 17.23 18.74
CA VAL B 488 34.17 18.10 17.58
C VAL B 488 32.86 18.27 16.79
N ILE B 489 32.15 17.16 16.52
CA ILE B 489 30.91 17.21 15.73
C ILE B 489 29.78 16.48 16.49
N ASP B 490 28.55 16.95 16.27
CA ASP B 490 27.35 16.37 16.86
C ASP B 490 26.93 15.14 16.04
N PHE B 491 26.39 14.12 16.74
CA PHE B 491 25.93 12.88 16.13
C PHE B 491 24.44 12.69 16.40
N SER B 492 23.78 11.95 15.50
CA SER B 492 22.37 11.58 15.62
C SER B 492 22.24 10.31 16.46
N LYS B 493 21.02 9.79 16.59
CA LYS B 493 20.74 8.56 17.32
C LYS B 493 21.08 7.36 16.44
N PRO B 494 21.45 6.19 17.02
CA PRO B 494 21.87 5.03 16.23
C PRO B 494 20.71 4.42 15.41
N PHE B 495 20.99 4.07 14.15
CA PHE B 495 20.00 3.51 13.23
C PHE B 495 20.13 1.99 13.14
N MET B 496 21.33 1.46 13.44
CA MET B 496 21.54 0.01 13.60
C MET B 496 22.69 -0.24 14.58
N SER B 497 22.63 -1.39 15.26
CA SER B 497 23.61 -1.79 16.27
C SER B 497 24.49 -2.92 15.73
N LEU B 498 25.71 -3.02 16.26
CA LEU B 498 26.71 -3.98 15.81
C LEU B 498 27.72 -4.24 16.94
N GLY B 499 28.61 -5.22 16.70
CA GLY B 499 29.66 -5.59 17.63
C GLY B 499 30.70 -6.49 16.97
N ILE B 500 31.71 -6.89 17.76
CA ILE B 500 32.80 -7.74 17.30
C ILE B 500 32.37 -9.20 17.50
N SER B 501 32.54 -10.01 16.45
CA SER B 501 32.09 -11.40 16.41
C SER B 501 33.18 -12.29 15.81
N ILE B 502 32.94 -13.60 15.84
CA ILE B 502 33.89 -14.62 15.38
C ILE B 502 33.38 -15.19 14.05
N MET B 503 34.31 -15.42 13.10
CA MET B 503 34.02 -16.13 11.85
C MET B 503 35.03 -17.27 11.68
N ILE B 504 34.55 -18.38 11.11
CA ILE B 504 35.34 -19.59 10.84
C ILE B 504 34.92 -20.15 9.49
N LYS B 505 35.77 -21.01 8.93
CA LYS B 505 35.47 -21.73 7.69
C LYS B 505 34.39 -22.77 7.97
N LYS B 506 33.55 -23.04 6.95
CA LYS B 506 32.44 -23.97 7.07
C LYS B 506 32.96 -25.35 7.47
N PRO B 507 32.21 -26.10 8.31
CA PRO B 507 32.73 -27.35 8.89
C PRO B 507 32.93 -28.48 7.88
N GLN B 508 32.11 -28.50 6.82
CA GLN B 508 32.22 -29.45 5.70
C GLN B 508 32.14 -30.89 6.24
N LYS B 509 32.91 -31.80 5.64
CA LYS B 509 32.88 -33.23 5.95
C LYS B 509 34.31 -33.74 6.14
N SER B 510 34.49 -34.62 7.14
CA SER B 510 35.80 -35.16 7.52
C SER B 510 36.14 -36.39 6.66
N LYS B 511 37.41 -36.78 6.69
CA LYS B 511 37.89 -38.02 6.09
C LYS B 511 38.03 -39.07 7.18
N PRO B 512 37.35 -40.24 7.05
CA PRO B 512 37.54 -41.34 8.00
C PRO B 512 38.84 -42.09 7.69
N GLY B 513 39.75 -42.12 8.68
CA GLY B 513 41.10 -42.68 8.52
C GLY B 513 41.13 -44.17 8.82
N VAL B 514 41.35 -44.50 10.10
CA VAL B 514 41.46 -45.88 10.57
C VAL B 514 40.77 -45.99 11.94
N PHE B 515 40.15 -47.15 12.18
CA PHE B 515 39.33 -47.43 13.37
C PHE B 515 38.19 -46.40 13.45
N SER B 516 37.58 -46.10 12.28
CA SER B 516 36.45 -45.18 12.17
C SER B 516 35.13 -45.94 12.29
N PHE B 517 35.22 -47.28 12.35
CA PHE B 517 34.07 -48.18 12.40
C PHE B 517 33.63 -48.42 13.86
N LEU B 518 34.37 -47.86 14.82
CA LEU B 518 34.07 -47.94 16.26
C LEU B 518 33.30 -46.68 16.70
N ASP B 519 32.77 -45.92 15.73
CA ASP B 519 32.07 -44.66 15.95
C ASP B 519 30.69 -44.90 16.58
N PRO B 520 29.88 -45.90 16.14
CA PRO B 520 28.52 -46.07 16.66
C PRO B 520 28.40 -46.23 18.18
N LEU B 521 29.38 -46.92 18.78
CA LEU B 521 29.40 -47.19 20.23
C LEU B 521 30.48 -46.33 20.90
N ALA B 522 30.25 -46.04 22.19
CA ALA B 522 31.18 -45.29 23.03
C ALA B 522 32.39 -46.16 23.38
N TYR B 523 33.51 -45.51 23.71
CA TYR B 523 34.77 -46.17 24.06
C TYR B 523 34.66 -46.85 25.43
N GLU B 524 33.65 -46.47 26.23
CA GLU B 524 33.40 -47.04 27.56
C GLU B 524 32.85 -48.47 27.44
N ILE B 525 31.97 -48.69 26.44
CA ILE B 525 31.23 -49.95 26.29
C ILE B 525 32.19 -51.05 25.80
N TRP B 526 33.04 -50.70 24.82
CA TRP B 526 33.97 -51.65 24.18
C TRP B 526 34.83 -52.35 25.24
N MET B 527 35.39 -51.57 26.16
CA MET B 527 36.31 -52.07 27.19
C MET B 527 35.56 -52.95 28.21
N CYS B 528 34.28 -52.63 28.45
CA CYS B 528 33.43 -53.38 29.39
C CYS B 528 33.18 -54.81 28.86
N ILE B 529 33.07 -54.94 27.53
CA ILE B 529 32.85 -56.22 26.87
C ILE B 529 34.10 -57.10 27.02
N VAL B 530 35.28 -56.47 26.96
CA VAL B 530 36.57 -57.15 27.07
C VAL B 530 36.70 -57.77 28.46
N PHE B 531 36.49 -56.95 29.50
CA PHE B 531 36.60 -57.38 30.90
C PHE B 531 35.57 -58.49 31.20
N ALA B 532 34.34 -58.29 30.73
CA ALA B 532 33.20 -59.17 31.04
C ALA B 532 33.47 -60.59 30.54
N TYR B 533 34.02 -60.71 29.32
CA TYR B 533 34.23 -61.99 28.63
C TYR B 533 35.33 -62.80 29.33
N ILE B 534 36.26 -62.10 30.01
CA ILE B 534 37.29 -62.75 30.85
C ILE B 534 36.60 -63.38 32.06
N GLY B 535 35.72 -62.59 32.69
CA GLY B 535 34.96 -63.01 33.88
C GLY B 535 34.14 -64.27 33.63
N VAL B 536 33.42 -64.30 32.50
CA VAL B 536 32.54 -65.41 32.13
C VAL B 536 33.39 -66.67 31.90
N SER B 537 34.55 -66.50 31.25
CA SER B 537 35.47 -67.59 30.92
C SER B 537 36.05 -68.20 32.21
N VAL B 538 36.47 -67.32 33.14
CA VAL B 538 37.09 -67.72 34.41
C VAL B 538 36.07 -68.47 35.28
N VAL B 539 34.85 -67.92 35.35
CA VAL B 539 33.76 -68.50 36.16
C VAL B 539 33.44 -69.91 35.66
N LEU B 540 33.42 -70.09 34.34
CA LEU B 540 33.09 -71.38 33.70
C LEU B 540 34.06 -72.47 34.18
N PHE B 541 35.34 -72.10 34.34
CA PHE B 541 36.39 -73.02 34.79
C PHE B 541 36.18 -73.39 36.27
N LEU B 542 35.97 -72.38 37.12
CA LEU B 542 35.78 -72.56 38.56
C LEU B 542 34.51 -73.37 38.84
N VAL B 543 33.47 -73.15 38.02
CA VAL B 543 32.19 -73.84 38.13
C VAL B 543 32.38 -75.34 37.85
N SER B 544 33.21 -75.64 36.84
CA SER B 544 33.41 -77.01 36.36
C SER B 544 34.16 -77.85 37.41
N ARG B 545 35.28 -77.32 37.91
CA ARG B 545 36.11 -77.98 38.92
C ARG B 545 36.07 -77.17 40.21
N GLU B 570 36.69 -81.71 28.19
CA GLU B 570 37.07 -81.02 29.42
C GLU B 570 37.25 -79.52 29.13
N PHE B 571 37.11 -78.71 30.18
CA PHE B 571 37.25 -77.25 30.11
C PHE B 571 38.38 -76.80 31.04
N GLY B 572 39.43 -76.21 30.45
CA GLY B 572 40.53 -75.59 31.17
C GLY B 572 40.41 -74.08 31.16
N ILE B 573 41.56 -73.41 31.21
CA ILE B 573 41.65 -71.95 31.12
C ILE B 573 41.66 -71.55 29.64
N PHE B 574 42.45 -72.28 28.84
CA PHE B 574 42.61 -72.02 27.40
C PHE B 574 41.32 -72.35 26.65
N ASN B 575 40.67 -73.46 27.04
CA ASN B 575 39.51 -74.01 26.31
C ASN B 575 38.26 -73.18 26.60
N SER B 576 38.16 -72.65 27.82
CA SER B 576 37.01 -71.84 28.26
C SER B 576 37.02 -70.48 27.57
N LEU B 577 38.21 -69.89 27.43
CA LEU B 577 38.41 -68.58 26.79
C LEU B 577 37.97 -68.63 25.32
N TRP B 578 38.26 -69.76 24.65
CA TRP B 578 37.95 -69.95 23.24
C TRP B 578 36.42 -70.04 23.03
N PHE B 579 35.74 -70.69 23.97
CA PHE B 579 34.29 -70.92 23.90
C PHE B 579 33.53 -69.60 23.90
N SER B 580 33.95 -68.67 24.77
CA SER B 580 33.26 -67.38 24.96
C SER B 580 33.65 -66.38 23.87
N LEU B 581 34.76 -66.63 23.17
CA LEU B 581 35.15 -65.85 21.99
C LEU B 581 34.31 -66.29 20.79
N GLY B 582 34.17 -67.61 20.62
CA GLY B 582 33.35 -68.21 19.58
C GLY B 582 31.87 -67.90 19.75
N ALA B 583 31.46 -67.63 20.99
CA ALA B 583 30.09 -67.29 21.34
C ALA B 583 29.75 -65.87 20.90
N PHE B 584 30.69 -64.93 21.12
CA PHE B 584 30.48 -63.50 20.83
C PHE B 584 30.47 -63.25 19.32
N MET B 585 31.28 -64.03 18.58
CA MET B 585 31.39 -63.91 17.12
C MET B 585 30.18 -64.57 16.43
N ARG B 586 29.46 -65.41 17.19
CA ARG B 586 28.20 -66.02 16.78
C ARG B 586 28.47 -67.08 15.70
N GLN B 587 29.39 -68.00 16.01
CA GLN B 587 29.68 -69.17 15.19
C GLN B 587 29.64 -70.42 16.08
N GLY B 588 29.05 -71.50 15.54
CA GLY B 588 28.86 -72.76 16.26
C GLY B 588 30.05 -73.68 16.11
N CYS B 589 30.67 -74.03 17.25
CA CYS B 589 31.79 -74.96 17.33
C CYS B 589 31.26 -76.33 17.81
N ASP B 590 32.08 -77.06 18.57
CA ASP B 590 31.71 -78.35 19.14
C ASP B 590 31.94 -78.35 20.67
N ILE B 591 32.12 -77.16 21.25
CA ILE B 591 32.35 -76.99 22.68
C ILE B 591 31.02 -76.61 23.34
N SER B 592 30.51 -77.50 24.20
CA SER B 592 29.22 -77.33 24.85
C SER B 592 29.30 -77.72 26.33
N PRO B 593 29.04 -76.79 27.27
CA PRO B 593 28.98 -77.13 28.70
C PRO B 593 27.85 -78.14 29.00
N ARG B 594 28.24 -79.29 29.57
CA ARG B 594 27.34 -80.41 29.81
C ARG B 594 26.70 -80.31 31.20
N SER B 595 27.30 -79.49 32.08
CA SER B 595 26.80 -79.27 33.44
C SER B 595 25.60 -78.32 33.41
N LEU B 596 24.69 -78.50 34.38
CA LEU B 596 23.51 -77.65 34.57
C LEU B 596 23.96 -76.22 34.91
N SER B 597 24.98 -76.11 35.77
CA SER B 597 25.53 -74.84 36.23
C SER B 597 26.12 -74.05 35.05
N GLY B 598 26.80 -74.76 34.14
CA GLY B 598 27.44 -74.17 32.97
C GLY B 598 26.45 -73.68 31.92
N ARG B 599 25.28 -74.32 31.87
CA ARG B 599 24.25 -74.00 30.87
C ARG B 599 23.46 -72.76 31.29
N ILE B 600 23.53 -72.41 32.57
CA ILE B 600 23.01 -71.14 33.10
C ILE B 600 23.95 -70.01 32.67
N VAL B 601 25.26 -70.30 32.70
CA VAL B 601 26.31 -69.36 32.31
C VAL B 601 26.21 -69.10 30.80
N GLY B 602 26.18 -70.19 30.01
CA GLY B 602 26.20 -70.14 28.55
C GLY B 602 25.02 -69.37 27.97
N GLY B 603 23.81 -69.69 28.45
CA GLY B 603 22.56 -69.11 27.95
C GLY B 603 22.44 -67.63 28.22
N VAL B 604 22.98 -67.19 29.36
CA VAL B 604 22.94 -65.79 29.79
C VAL B 604 23.92 -64.96 28.94
N TRP B 605 25.10 -65.54 28.67
CA TRP B 605 26.13 -64.93 27.83
C TRP B 605 25.65 -64.81 26.37
N TRP B 606 24.78 -65.73 25.95
CA TRP B 606 24.20 -65.74 24.61
C TRP B 606 23.27 -64.54 24.42
N PHE B 607 22.45 -64.24 25.43
CA PHE B 607 21.48 -63.15 25.36
C PHE B 607 22.21 -61.80 25.25
N PHE B 608 23.36 -61.68 25.93
CA PHE B 608 24.21 -60.50 25.86
C PHE B 608 24.65 -60.28 24.41
N THR B 609 25.10 -61.36 23.75
CA THR B 609 25.62 -61.32 22.39
C THR B 609 24.56 -60.82 21.40
N LEU B 610 23.31 -61.25 21.61
CA LEU B 610 22.21 -61.01 20.68
C LEU B 610 21.84 -59.52 20.65
N ILE B 611 21.93 -58.85 21.81
CA ILE B 611 21.50 -57.46 21.97
C ILE B 611 22.59 -56.51 21.47
N ILE B 612 23.86 -56.86 21.72
CA ILE B 612 25.00 -56.01 21.36
C ILE B 612 25.12 -55.90 19.84
N ILE B 613 24.97 -57.04 19.14
CA ILE B 613 25.08 -57.11 17.68
C ILE B 613 23.94 -56.31 17.04
N SER B 614 22.72 -56.50 17.56
CA SER B 614 21.50 -55.88 17.02
C SER B 614 21.52 -54.36 17.25
N SER B 615 22.09 -53.94 18.39
CA SER B 615 22.18 -52.52 18.75
C SER B 615 23.20 -51.81 17.87
N TYR B 616 24.29 -52.51 17.52
CA TYR B 616 25.33 -51.98 16.63
C TYR B 616 24.74 -51.66 15.25
N THR B 617 24.02 -52.64 14.68
CA THR B 617 23.48 -52.57 13.32
C THR B 617 22.50 -51.39 13.19
N ALA B 618 21.68 -51.19 14.22
CA ALA B 618 20.63 -50.16 14.24
C ALA B 618 21.25 -48.75 14.22
N ASN B 619 22.27 -48.53 15.06
CA ASN B 619 22.87 -47.22 15.28
C ASN B 619 23.68 -46.80 14.04
N LEU B 620 24.23 -47.79 13.32
CA LEU B 620 25.05 -47.53 12.13
C LEU B 620 24.16 -47.10 10.95
N ALA B 621 22.91 -47.56 10.95
CA ALA B 621 21.92 -47.23 9.91
C ALA B 621 21.50 -45.76 10.05
N ALA B 622 21.44 -45.26 11.29
CA ALA B 622 21.02 -43.89 11.60
C ALA B 622 22.07 -42.88 11.13
N PHE B 623 23.34 -43.28 11.15
CA PHE B 623 24.47 -42.42 10.76
C PHE B 623 24.45 -42.13 9.26
N LEU B 624 24.00 -43.10 8.47
CA LEU B 624 24.10 -43.06 7.00
C LEU B 624 22.76 -42.62 6.39
N THR B 625 21.76 -42.36 7.23
CA THR B 625 20.46 -41.84 6.79
C THR B 625 20.50 -40.30 6.80
N VAL B 626 20.84 -39.72 7.95
CA VAL B 626 20.98 -38.27 8.11
C VAL B 626 22.35 -37.96 8.74
N GLU B 627 23.10 -37.08 8.09
CA GLU B 627 24.45 -36.69 8.50
C GLU B 627 24.40 -35.30 9.14
N ARG B 628 24.99 -35.17 10.34
CA ARG B 628 25.06 -33.91 11.07
C ARG B 628 26.51 -33.42 11.11
N MET B 629 26.75 -32.25 10.52
CA MET B 629 28.04 -31.55 10.62
C MET B 629 27.95 -30.49 11.72
N VAL B 630 28.63 -30.76 12.84
CA VAL B 630 28.54 -29.93 14.05
C VAL B 630 29.84 -29.11 14.17
N SER B 631 29.68 -27.86 14.62
CA SER B 631 30.78 -26.90 14.72
C SER B 631 31.70 -27.27 15.88
N PRO B 632 33.04 -27.12 15.72
CA PRO B 632 33.98 -27.43 16.81
C PRO B 632 33.95 -26.42 17.97
N ILE B 633 33.69 -25.15 17.67
CA ILE B 633 33.66 -24.07 18.66
C ILE B 633 32.25 -23.46 18.71
N GLU B 634 31.85 -23.05 19.92
CA GLU B 634 30.50 -22.54 20.20
C GLU B 634 30.55 -21.06 20.61
N SER B 635 31.47 -20.71 21.52
CA SER B 635 31.52 -19.39 22.15
C SER B 635 32.96 -18.85 22.15
N ALA B 636 33.12 -17.64 22.69
CA ALA B 636 34.41 -16.98 22.87
C ALA B 636 35.21 -17.67 24.00
N GLU B 637 34.50 -18.19 24.99
CA GLU B 637 35.09 -18.92 26.12
C GLU B 637 35.53 -20.31 25.66
N ASP B 638 35.00 -20.78 24.52
CA ASP B 638 35.33 -22.09 23.94
C ASP B 638 36.74 -22.06 23.36
N LEU B 639 37.05 -21.01 22.57
CA LEU B 639 38.36 -20.86 21.92
C LEU B 639 39.39 -20.27 22.91
N SER B 640 38.93 -19.96 24.13
CA SER B 640 39.81 -19.56 25.24
C SER B 640 40.46 -20.79 25.88
N LYS B 641 39.76 -21.93 25.84
CA LYS B 641 40.21 -23.19 26.46
C LYS B 641 40.84 -24.12 25.42
N GLN B 642 40.23 -24.19 24.23
CA GLN B 642 40.69 -25.06 23.14
C GLN B 642 42.16 -24.76 22.83
N THR B 643 42.45 -23.50 22.54
CA THR B 643 43.80 -23.00 22.27
C THR B 643 44.51 -23.93 21.27
N GLU B 644 43.96 -23.98 20.05
CA GLU B 644 44.42 -24.88 18.99
C GLU B 644 44.44 -24.12 17.65
N ILE B 645 43.34 -23.41 17.36
CA ILE B 645 43.14 -22.66 16.14
C ILE B 645 43.58 -21.21 16.38
N ALA B 646 44.30 -20.63 15.40
CA ALA B 646 44.85 -19.28 15.49
C ALA B 646 43.73 -18.24 15.38
N TYR B 647 43.89 -17.12 16.06
CA TYR B 647 42.92 -16.02 16.01
C TYR B 647 43.61 -14.67 16.24
N GLY B 648 43.26 -13.69 15.41
CA GLY B 648 43.76 -12.31 15.50
C GLY B 648 42.83 -11.33 14.82
N THR B 649 43.30 -10.09 14.67
CA THR B 649 42.54 -8.99 14.05
C THR B 649 43.43 -8.30 13.01
N LEU B 650 43.10 -7.05 12.65
CA LEU B 650 43.92 -6.20 11.80
C LEU B 650 45.15 -5.73 12.57
N ASP B 651 46.16 -5.24 11.82
CA ASP B 651 47.42 -4.76 12.36
C ASP B 651 47.16 -3.57 13.31
N SER B 652 46.37 -2.61 12.83
CA SER B 652 45.95 -1.45 13.61
C SER B 652 44.52 -1.04 13.21
N GLY B 653 43.61 -1.06 14.20
CA GLY B 653 42.20 -0.73 13.98
C GLY B 653 41.47 -0.47 15.28
N SER B 654 40.14 -0.47 15.20
CA SER B 654 39.25 -0.22 16.34
C SER B 654 39.22 -1.45 17.26
N THR B 655 39.11 -2.63 16.66
CA THR B 655 39.00 -3.91 17.39
C THR B 655 40.34 -4.29 18.01
N LYS B 656 41.45 -3.89 17.36
CA LYS B 656 42.81 -4.14 17.85
C LYS B 656 43.05 -3.33 19.13
N GLU B 657 42.55 -2.10 19.15
CA GLU B 657 42.70 -1.17 20.27
C GLU B 657 41.84 -1.64 21.46
N PHE B 658 40.71 -2.28 21.16
CA PHE B 658 39.79 -2.82 22.16
C PHE B 658 40.48 -3.98 22.93
N PHE B 659 41.18 -4.85 22.19
CA PHE B 659 41.83 -6.04 22.74
C PHE B 659 42.96 -5.64 23.71
N ARG B 660 43.72 -4.60 23.34
CA ARG B 660 44.89 -4.16 24.11
C ARG B 660 44.47 -3.75 25.52
N ARG B 661 43.50 -2.83 25.61
CA ARG B 661 42.99 -2.32 26.88
C ARG B 661 41.72 -3.08 27.26
N SER B 662 41.86 -4.09 28.12
CA SER B 662 40.75 -4.91 28.61
C SER B 662 40.89 -5.09 30.13
N LYS B 663 39.74 -5.07 30.82
CA LYS B 663 39.67 -5.17 32.28
C LYS B 663 39.47 -6.63 32.69
N ILE B 664 38.50 -7.30 32.06
CA ILE B 664 38.08 -8.66 32.42
C ILE B 664 39.16 -9.65 31.95
N ALA B 665 39.22 -10.81 32.65
CA ALA B 665 40.32 -11.77 32.56
C ALA B 665 40.33 -12.52 31.23
N VAL B 666 39.15 -12.76 30.65
CA VAL B 666 38.98 -13.66 29.50
C VAL B 666 39.67 -13.07 28.25
N PHE B 667 39.51 -11.75 28.03
CA PHE B 667 40.11 -11.06 26.88
C PHE B 667 41.56 -10.65 27.20
N ASP B 668 41.88 -10.55 28.49
CA ASP B 668 43.25 -10.28 28.95
C ASP B 668 44.14 -11.49 28.64
N LYS B 669 43.57 -12.68 28.79
CA LYS B 669 44.24 -13.95 28.44
C LYS B 669 44.33 -14.07 26.91
N MET B 670 43.35 -13.49 26.20
CA MET B 670 43.28 -13.52 24.75
C MET B 670 44.32 -12.56 24.15
N TRP B 671 44.53 -11.41 24.79
CA TRP B 671 45.53 -10.41 24.35
C TRP B 671 46.95 -10.94 24.58
N THR B 672 47.12 -11.77 25.62
CA THR B 672 48.38 -12.46 25.91
C THR B 672 48.76 -13.37 24.73
N TYR B 673 47.76 -14.07 24.18
CA TYR B 673 47.93 -14.95 23.02
C TYR B 673 48.20 -14.12 21.76
N MET B 674 47.42 -13.04 21.59
CA MET B 674 47.46 -12.20 20.39
C MET B 674 48.83 -11.50 20.27
N ARG B 675 49.37 -11.04 21.40
CA ARG B 675 50.63 -10.30 21.44
C ARG B 675 51.80 -11.26 21.19
N SER B 676 51.93 -12.28 22.05
CA SER B 676 53.01 -13.27 21.98
C SER B 676 52.58 -14.44 21.10
N ALA B 677 52.32 -14.15 19.82
CA ALA B 677 51.93 -15.13 18.82
C ALA B 677 53.13 -15.47 17.94
N GLU B 678 53.28 -16.75 17.61
CA GLU B 678 54.40 -17.26 16.82
C GLU B 678 53.87 -18.01 15.60
N PRO B 679 53.80 -17.33 14.44
CA PRO B 679 54.16 -15.93 14.27
C PRO B 679 52.95 -15.00 14.50
N SER B 680 53.18 -13.69 14.35
CA SER B 680 52.17 -12.66 14.58
C SER B 680 50.96 -12.91 13.67
N VAL B 681 49.77 -12.93 14.28
CA VAL B 681 48.50 -13.18 13.59
C VAL B 681 47.81 -11.84 13.33
N PHE B 682 48.39 -11.07 12.38
CA PHE B 682 47.89 -9.76 12.00
C PHE B 682 48.05 -9.58 10.49
N VAL B 683 47.00 -9.06 9.84
CA VAL B 683 46.96 -8.84 8.39
C VAL B 683 46.71 -7.35 8.13
N ARG B 684 47.02 -6.91 6.91
CA ARG B 684 47.01 -5.50 6.52
C ARG B 684 45.55 -5.04 6.29
N THR B 685 44.80 -5.81 5.49
CA THR B 685 43.44 -5.47 5.09
C THR B 685 42.45 -6.51 5.62
N THR B 686 41.17 -6.12 5.66
CA THR B 686 40.07 -6.99 6.08
C THR B 686 39.79 -8.03 4.99
N ALA B 687 40.08 -7.66 3.74
CA ALA B 687 39.96 -8.56 2.58
C ALA B 687 40.99 -9.68 2.67
N GLU B 688 42.17 -9.37 3.24
CA GLU B 688 43.26 -10.33 3.45
C GLU B 688 42.85 -11.34 4.54
N GLY B 689 42.12 -10.86 5.56
CA GLY B 689 41.66 -11.68 6.69
C GLY B 689 40.73 -12.79 6.25
N VAL B 690 39.78 -12.47 5.36
CA VAL B 690 38.80 -13.42 4.84
C VAL B 690 39.52 -14.49 4.01
N ALA B 691 40.50 -14.06 3.22
CA ALA B 691 41.28 -14.95 2.34
C ALA B 691 42.09 -15.96 3.17
N ARG B 692 42.57 -15.52 4.34
CA ARG B 692 43.41 -16.33 5.21
C ARG B 692 42.59 -17.44 5.90
N VAL B 693 41.30 -17.17 6.12
CA VAL B 693 40.39 -18.10 6.80
C VAL B 693 40.07 -19.28 5.88
N ARG B 694 39.77 -18.98 4.61
CA ARG B 694 39.35 -19.98 3.62
C ARG B 694 40.53 -20.87 3.22
N LYS B 695 41.72 -20.28 3.15
CA LYS B 695 42.94 -20.97 2.71
C LYS B 695 43.45 -21.90 3.83
N SER B 696 43.40 -21.43 5.07
CA SER B 696 43.90 -22.17 6.23
C SER B 696 43.09 -23.46 6.44
N LYS B 697 41.79 -23.40 6.19
CA LYS B 697 40.88 -24.55 6.27
C LYS B 697 40.80 -25.04 7.71
N GLY B 698 40.12 -24.26 8.56
CA GLY B 698 39.92 -24.57 9.96
C GLY B 698 41.21 -24.48 10.77
N LYS B 699 41.98 -23.42 10.53
CA LYS B 699 43.27 -23.19 11.20
C LYS B 699 43.42 -21.73 11.63
N TYR B 700 42.64 -20.81 11.04
CA TYR B 700 42.67 -19.40 11.41
C TYR B 700 41.22 -18.88 11.52
N ALA B 701 40.94 -18.15 12.61
CA ALA B 701 39.65 -17.53 12.87
C ALA B 701 39.82 -16.01 12.99
N TYR B 702 39.12 -15.27 12.12
CA TYR B 702 39.25 -13.82 12.02
C TYR B 702 38.15 -13.16 12.87
N LEU B 703 38.48 -12.02 13.48
CA LEU B 703 37.58 -11.26 14.34
C LEU B 703 37.37 -9.87 13.73
N LEU B 704 36.10 -9.53 13.44
CA LEU B 704 35.74 -8.22 12.91
C LEU B 704 34.28 -7.90 13.26
N GLU B 705 33.75 -6.83 12.66
CA GLU B 705 32.38 -6.36 12.88
C GLU B 705 31.39 -7.44 12.41
N SER B 706 30.25 -7.52 13.11
CA SER B 706 29.23 -8.53 12.86
C SER B 706 28.45 -8.21 11.57
N THR B 707 28.39 -6.93 11.21
CA THR B 707 27.66 -6.44 10.05
C THR B 707 28.29 -6.98 8.75
N MET B 708 29.60 -6.75 8.59
CA MET B 708 30.34 -7.18 7.41
C MET B 708 30.36 -8.72 7.34
N ASN B 709 30.52 -9.36 8.50
CA ASN B 709 30.62 -10.82 8.62
C ASN B 709 29.38 -11.49 8.02
N GLU B 710 28.20 -10.92 8.30
CA GLU B 710 26.92 -11.49 7.85
C GLU B 710 26.75 -11.31 6.34
N TYR B 711 27.33 -10.25 5.78
CA TYR B 711 27.28 -9.95 4.34
C TYR B 711 28.19 -10.91 3.56
N ILE B 712 29.38 -11.21 4.12
CA ILE B 712 30.37 -12.06 3.48
C ILE B 712 29.87 -13.50 3.42
N GLU B 713 29.07 -13.91 4.42
CA GLU B 713 28.49 -15.25 4.50
C GLU B 713 27.46 -15.46 3.39
N GLN B 714 26.71 -14.40 3.06
CA GLN B 714 25.62 -14.46 2.07
C GLN B 714 26.17 -14.36 0.64
N ARG B 715 27.36 -13.76 0.50
CA ARG B 715 27.99 -13.58 -0.82
C ARG B 715 28.68 -14.87 -1.26
N LYS B 716 29.10 -14.91 -2.53
CA LYS B 716 29.64 -16.11 -3.18
C LYS B 716 31.06 -16.38 -2.69
N PRO B 717 31.52 -17.65 -2.66
CA PRO B 717 30.67 -18.81 -2.97
C PRO B 717 30.11 -19.54 -1.73
N CYS B 718 30.04 -18.83 -0.60
CA CYS B 718 29.50 -19.34 0.68
C CYS B 718 30.41 -20.44 1.24
N ASP B 719 31.31 -20.05 2.14
CA ASP B 719 32.22 -20.99 2.82
C ASP B 719 32.60 -20.50 4.24
N THR B 720 31.81 -19.58 4.80
CA THR B 720 32.04 -19.05 6.15
C THR B 720 30.71 -18.64 6.77
N MET B 721 30.65 -18.62 8.11
CA MET B 721 29.43 -18.33 8.86
C MET B 721 29.78 -17.70 10.21
N LYS B 722 28.78 -16.99 10.77
CA LYS B 722 28.86 -16.34 12.07
C LYS B 722 28.66 -17.39 13.18
N VAL B 723 29.35 -17.21 14.31
CA VAL B 723 29.25 -18.11 15.47
C VAL B 723 29.25 -17.28 16.75
N GLY B 724 28.39 -17.67 17.69
CA GLY B 724 28.30 -17.07 19.02
C GLY B 724 27.68 -15.69 18.99
N GLY B 725 27.71 -15.01 20.15
CA GLY B 725 27.21 -13.65 20.30
C GLY B 725 28.31 -12.62 20.04
N ASN B 726 27.96 -11.34 20.22
CA ASN B 726 28.89 -10.22 20.04
C ASN B 726 29.55 -9.93 21.38
N LEU B 727 30.74 -9.29 21.31
CA LEU B 727 31.60 -9.06 22.47
C LEU B 727 31.34 -7.66 23.04
N ASP B 728 31.48 -6.64 22.18
CA ASP B 728 31.18 -5.25 22.52
C ASP B 728 29.90 -4.84 21.79
N SER B 729 29.40 -3.63 22.07
CA SER B 729 28.18 -3.09 21.46
C SER B 729 28.43 -1.64 21.01
N LYS B 730 28.47 -1.44 19.69
CA LYS B 730 28.67 -0.14 19.06
C LYS B 730 27.55 0.09 18.03
N GLY B 731 27.53 1.28 17.43
CA GLY B 731 26.50 1.66 16.45
C GLY B 731 26.99 2.74 15.50
N TYR B 732 26.33 2.81 14.33
CA TYR B 732 26.55 3.85 13.33
C TYR B 732 25.47 4.93 13.47
N GLY B 733 25.78 6.14 12.99
CA GLY B 733 24.86 7.28 13.03
C GLY B 733 25.11 8.24 11.87
N ILE B 734 24.32 9.32 11.84
CA ILE B 734 24.44 10.38 10.83
C ILE B 734 25.19 11.55 11.46
N ALA B 735 26.33 11.92 10.85
CA ALA B 735 27.21 12.97 11.35
C ALA B 735 26.84 14.31 10.71
N THR B 736 27.04 15.40 11.47
CA THR B 736 26.71 16.75 11.04
C THR B 736 27.69 17.73 11.68
N PRO B 737 28.16 18.77 10.95
CA PRO B 737 29.10 19.77 11.49
C PRO B 737 28.69 20.39 12.84
N LYS B 738 29.67 20.99 13.53
CA LYS B 738 29.49 21.62 14.83
C LYS B 738 28.48 22.78 14.71
N GLY B 739 27.70 22.99 15.78
CA GLY B 739 26.57 23.91 15.78
C GLY B 739 25.28 23.17 15.48
N SER B 740 25.22 22.56 14.29
CA SER B 740 24.13 21.67 13.86
C SER B 740 22.79 22.40 13.91
N SER B 741 22.59 23.31 12.95
CA SER B 741 21.37 24.09 12.83
C SER B 741 20.28 23.27 12.11
N LEU B 742 20.71 22.27 11.33
CA LEU B 742 19.82 21.44 10.51
C LEU B 742 19.89 19.97 10.94
N GLY B 743 20.56 19.70 12.08
CA GLY B 743 20.82 18.34 12.54
C GLY B 743 19.75 17.82 13.49
N THR B 744 18.84 18.71 13.91
CA THR B 744 17.81 18.39 14.90
C THR B 744 16.69 17.56 14.27
N PRO B 745 16.02 18.00 13.17
CA PRO B 745 14.83 17.31 12.68
C PRO B 745 15.09 15.92 12.07
N VAL B 746 16.25 15.78 11.40
CA VAL B 746 16.61 14.56 10.69
C VAL B 746 16.93 13.44 11.69
N ASN B 747 17.34 13.81 12.91
CA ASN B 747 17.59 12.87 14.01
C ASN B 747 16.27 12.24 14.47
N LEU B 748 15.22 13.07 14.53
CA LEU B 748 13.88 12.66 14.99
C LEU B 748 13.21 11.76 13.93
N ALA B 749 13.41 12.09 12.65
CA ALA B 749 12.77 11.40 11.53
C ALA B 749 13.24 9.95 11.42
N VAL B 750 14.55 9.75 11.64
CA VAL B 750 15.19 8.42 11.59
C VAL B 750 14.60 7.52 12.69
N LEU B 751 14.34 8.11 13.85
CA LEU B 751 13.82 7.40 15.03
C LEU B 751 12.40 6.88 14.73
N LYS B 752 11.64 7.63 13.93
CA LYS B 752 10.28 7.26 13.53
C LYS B 752 10.33 6.15 12.47
N LEU B 753 11.27 6.27 11.53
CA LEU B 753 11.45 5.30 10.45
C LEU B 753 12.05 3.99 11.00
N SER B 754 12.71 4.08 12.17
CA SER B 754 13.16 2.92 12.93
C SER B 754 11.94 2.15 13.49
N GLU B 755 10.94 2.91 13.96
CA GLU B 755 9.73 2.35 14.57
C GLU B 755 8.84 1.68 13.52
N GLN B 756 8.77 2.28 12.32
CA GLN B 756 7.90 1.80 11.24
C GLN B 756 8.42 0.47 10.69
N GLY B 757 9.74 0.28 10.72
CA GLY B 757 10.40 -0.94 10.25
C GLY B 757 10.84 -0.83 8.80
N VAL B 758 11.44 0.32 8.45
CA VAL B 758 11.96 0.59 7.11
C VAL B 758 13.45 0.21 7.06
N LEU B 759 14.14 0.37 8.19
CA LEU B 759 15.56 0.08 8.31
C LEU B 759 15.79 -1.44 8.23
N ASP B 760 14.89 -2.19 8.88
CA ASP B 760 14.92 -3.66 8.87
C ASP B 760 14.56 -4.18 7.47
N LYS B 761 13.64 -3.47 6.79
CA LYS B 761 13.18 -3.83 5.45
C LYS B 761 14.32 -3.64 4.44
N LEU B 762 15.10 -2.57 4.61
CA LEU B 762 16.16 -2.18 3.67
C LEU B 762 17.39 -3.09 3.85
N LYS B 763 17.69 -3.45 5.12
CA LYS B 763 18.83 -4.31 5.45
C LYS B 763 18.56 -5.74 4.95
N ASN B 764 17.27 -6.13 4.90
CA ASN B 764 16.85 -7.45 4.46
C ASN B 764 16.96 -7.58 2.93
N LYS B 765 16.99 -6.44 2.24
CA LYS B 765 16.97 -6.37 0.78
C LYS B 765 18.37 -6.61 0.21
N TRP B 766 19.38 -5.96 0.80
CA TRP B 766 20.76 -5.95 0.26
C TRP B 766 21.57 -7.13 0.81
N TRP B 767 21.35 -7.48 2.08
CA TRP B 767 22.08 -8.57 2.74
C TRP B 767 21.57 -9.93 2.25
N TYR B 768 20.27 -10.18 2.48
CA TYR B 768 19.67 -11.51 2.39
C TYR B 768 19.06 -11.74 1.00
N ASP B 769 18.31 -10.76 0.50
CA ASP B 769 17.53 -10.90 -0.74
C ASP B 769 18.48 -11.13 -1.93
N LYS B 770 19.46 -10.23 -2.09
CA LYS B 770 20.48 -10.34 -3.14
C LYS B 770 21.68 -11.12 -2.58
N GLY B 771 21.74 -12.41 -2.89
CA GLY B 771 22.79 -13.32 -2.39
C GLY B 771 22.99 -14.52 -3.31
N GLU B 772 24.12 -15.20 -3.11
CA GLU B 772 24.53 -16.34 -3.94
C GLU B 772 23.76 -17.59 -3.53
N CYS B 773 23.95 -18.01 -2.27
CA CYS B 773 23.32 -19.21 -1.71
C CYS B 773 22.09 -18.82 -0.87
N GLY B 774 20.97 -19.51 -1.13
CA GLY B 774 19.69 -19.24 -0.47
C GLY B 774 19.63 -19.85 0.91
N GLY B 779 17.08 -25.32 -0.95
CA GLY B 779 16.60 -26.70 -0.91
C GLY B 779 17.72 -27.69 -0.63
N SER B 780 17.55 -28.49 0.43
CA SER B 780 18.53 -29.48 0.86
C SER B 780 18.11 -30.87 0.38
N LYS B 781 18.85 -31.40 -0.61
CA LYS B 781 18.61 -32.73 -1.16
C LYS B 781 19.82 -33.62 -0.86
N GLU B 782 19.59 -34.66 -0.05
CA GLU B 782 20.64 -35.60 0.36
C GLU B 782 20.48 -36.91 -0.44
N LYS B 783 21.62 -37.47 -0.85
CA LYS B 783 21.68 -38.74 -1.60
C LYS B 783 22.71 -39.64 -0.94
N THR B 784 22.34 -40.91 -0.71
CA THR B 784 23.19 -41.90 -0.06
C THR B 784 24.20 -42.43 -1.07
N SER B 785 25.49 -42.27 -0.75
CA SER B 785 26.60 -42.70 -1.61
C SER B 785 27.09 -44.09 -1.18
N ALA B 786 27.72 -44.80 -2.13
CA ALA B 786 28.30 -46.12 -1.88
C ALA B 786 29.53 -45.97 -0.98
N LEU B 787 29.76 -46.98 -0.13
CA LEU B 787 30.88 -47.00 0.82
C LEU B 787 32.18 -47.26 0.06
N SER B 788 33.19 -46.42 0.32
CA SER B 788 34.54 -46.56 -0.25
C SER B 788 35.40 -47.42 0.69
N LEU B 789 36.57 -47.84 0.18
CA LEU B 789 37.46 -48.78 0.87
C LEU B 789 38.16 -48.10 2.06
N SER B 790 38.32 -46.77 1.98
CA SER B 790 39.07 -45.99 2.95
C SER B 790 38.45 -46.09 4.36
N ASN B 791 37.12 -46.17 4.42
CA ASN B 791 36.39 -46.13 5.70
C ASN B 791 36.27 -47.54 6.31
N VAL B 792 36.53 -48.58 5.51
CA VAL B 792 36.54 -49.99 5.97
C VAL B 792 37.99 -50.47 6.10
N ALA B 793 38.95 -49.63 5.67
CA ALA B 793 40.37 -49.98 5.60
C ALA B 793 40.89 -50.51 6.95
N GLY B 794 40.35 -49.98 8.05
CA GLY B 794 40.75 -50.30 9.40
C GLY B 794 40.82 -51.80 9.68
N VAL B 795 39.76 -52.52 9.28
CA VAL B 795 39.61 -53.95 9.62
C VAL B 795 40.53 -54.81 8.75
N PHE B 796 40.96 -54.28 7.59
CA PHE B 796 41.84 -55.00 6.66
C PHE B 796 43.26 -55.11 7.24
N TYR B 797 43.76 -54.05 7.88
CA TYR B 797 45.09 -54.04 8.51
C TYR B 797 45.13 -55.06 9.67
N ILE B 798 44.01 -55.17 10.38
CA ILE B 798 43.89 -56.06 11.54
C ILE B 798 43.98 -57.53 11.07
N LEU B 799 43.38 -57.82 9.92
CA LEU B 799 43.31 -59.17 9.35
C LEU B 799 44.73 -59.67 9.03
N VAL B 800 45.42 -58.92 8.17
CA VAL B 800 46.71 -59.34 7.61
C VAL B 800 47.77 -59.33 8.73
N GLY B 801 47.62 -58.40 9.67
CA GLY B 801 48.47 -58.32 10.86
C GLY B 801 48.37 -59.55 11.73
N GLY B 802 47.14 -60.05 11.92
CA GLY B 802 46.87 -61.26 12.69
C GLY B 802 47.39 -62.52 12.00
N LEU B 803 47.33 -62.53 10.66
CA LEU B 803 47.80 -63.65 9.83
C LEU B 803 49.32 -63.83 9.99
N GLY B 804 50.06 -62.72 9.90
CA GLY B 804 51.52 -62.71 10.03
C GLY B 804 51.99 -63.17 11.40
N LEU B 805 51.19 -62.85 12.42
CA LEU B 805 51.48 -63.20 13.82
C LEU B 805 51.31 -64.71 14.03
N ALA B 806 50.35 -65.31 13.32
CA ALA B 806 50.02 -66.73 13.42
C ALA B 806 51.16 -67.59 12.87
N MET B 807 51.84 -67.10 11.83
CA MET B 807 52.98 -67.77 11.22
C MET B 807 54.17 -67.81 12.21
N LEU B 808 54.35 -66.69 12.92
CA LEU B 808 55.49 -66.48 13.83
C LEU B 808 55.43 -67.47 15.00
N VAL B 809 54.23 -67.63 15.58
CA VAL B 809 54.01 -68.45 16.77
C VAL B 809 54.14 -69.94 16.42
N ALA B 810 53.67 -70.32 15.22
CA ALA B 810 53.68 -71.69 14.75
C ALA B 810 55.12 -72.17 14.48
N LEU B 811 55.99 -71.24 14.07
CA LEU B 811 57.37 -71.54 13.70
C LEU B 811 58.19 -71.86 14.95
N ILE B 812 58.12 -70.98 15.96
CA ILE B 812 58.90 -71.10 17.21
C ILE B 812 58.37 -72.26 18.08
N GLU B 813 57.08 -72.60 17.91
CA GLU B 813 56.47 -73.74 18.61
C GLU B 813 57.09 -75.05 18.11
N PHE B 814 57.44 -75.08 16.82
CA PHE B 814 58.11 -76.23 16.18
C PHE B 814 59.61 -76.19 16.47
N CYS B 815 60.19 -74.98 16.51
CA CYS B 815 61.63 -74.76 16.60
C CYS B 815 62.19 -75.31 17.93
N TYR B 816 61.49 -75.02 19.04
CA TYR B 816 61.92 -75.40 20.38
C TYR B 816 61.43 -76.81 20.73
N LYS B 817 60.47 -77.33 19.96
CA LYS B 817 60.00 -78.71 20.09
C LYS B 817 61.01 -79.67 19.43
N SER B 818 61.75 -79.14 18.43
CA SER B 818 62.80 -79.89 17.74
C SER B 818 63.98 -80.14 18.69
N ARG B 819 64.38 -79.09 19.43
CA ARG B 819 65.46 -79.17 20.42
C ARG B 819 64.90 -79.75 21.72
N ASN C 10 -49.11 53.73 -68.45
CA ASN C 10 -49.11 53.07 -67.16
C ASN C 10 -47.76 53.24 -66.50
N PHE C 11 -46.76 52.62 -67.11
CA PHE C 11 -45.37 52.62 -66.66
C PHE C 11 -44.58 52.98 -67.91
N PRO C 12 -43.26 53.07 -67.82
CA PRO C 12 -42.49 53.28 -69.07
C PRO C 12 -42.40 51.97 -69.83
N ASN C 13 -42.24 52.04 -71.15
CA ASN C 13 -42.28 50.82 -71.98
C ASN C 13 -40.99 50.04 -71.90
N ASN C 14 -39.90 50.72 -71.56
CA ASN C 14 -38.62 50.10 -71.43
C ASN C 14 -38.08 50.31 -70.01
N ILE C 15 -37.64 49.22 -69.39
CA ILE C 15 -37.03 49.33 -68.07
C ILE C 15 -35.54 48.99 -68.24
N GLN C 16 -34.70 50.02 -68.24
CA GLN C 16 -33.25 49.83 -68.40
C GLN C 16 -32.69 49.08 -67.19
N ILE C 17 -31.85 48.09 -67.45
CA ILE C 17 -31.25 47.29 -66.37
C ILE C 17 -29.74 47.28 -66.50
N GLY C 18 -29.03 47.75 -65.48
CA GLY C 18 -27.58 47.75 -65.54
C GLY C 18 -27.03 46.36 -65.29
N GLY C 19 -25.77 46.17 -65.69
CA GLY C 19 -25.09 44.91 -65.56
C GLY C 19 -23.63 45.13 -65.22
N LEU C 20 -23.14 44.32 -64.28
CA LEU C 20 -21.75 44.31 -63.88
C LEU C 20 -21.23 42.88 -64.04
N PHE C 21 -20.57 42.64 -65.17
CA PHE C 21 -20.09 41.31 -65.56
C PHE C 21 -18.57 41.32 -65.64
N PRO C 22 -17.92 40.26 -65.19
CA PRO C 22 -16.45 40.23 -65.19
C PRO C 22 -15.84 39.77 -66.50
N ASN C 23 -16.67 39.31 -67.43
CA ASN C 23 -16.16 38.81 -68.71
C ASN C 23 -16.96 39.26 -69.92
N GLN C 24 -16.30 39.37 -71.06
CA GLN C 24 -16.94 39.75 -72.31
C GLN C 24 -17.84 38.61 -72.80
N GLN C 25 -17.37 37.38 -72.61
CA GLN C 25 -18.13 36.21 -73.01
C GLN C 25 -18.07 35.12 -71.94
N SER C 26 -19.20 34.48 -71.71
CA SER C 26 -19.29 33.40 -70.72
C SER C 26 -20.68 32.79 -70.75
N GLN C 27 -20.82 31.61 -70.15
CA GLN C 27 -22.12 30.92 -70.13
C GLN C 27 -23.18 31.77 -69.43
N GLU C 28 -22.76 32.52 -68.42
CA GLU C 28 -23.67 33.40 -67.69
C GLU C 28 -24.26 34.43 -68.65
N HIS C 29 -23.41 35.03 -69.47
CA HIS C 29 -23.85 36.00 -70.47
C HIS C 29 -24.88 35.40 -71.40
N ALA C 30 -24.63 34.18 -71.84
CA ALA C 30 -25.53 33.52 -72.75
C ALA C 30 -26.85 33.14 -72.02
N ALA C 31 -26.74 32.74 -70.76
CA ALA C 31 -27.92 32.53 -69.95
C ALA C 31 -28.76 33.82 -69.80
N PHE C 32 -28.09 34.90 -69.45
CA PHE C 32 -28.70 36.21 -69.34
C PHE C 32 -29.46 36.61 -70.63
N ARG C 33 -28.81 36.50 -71.79
CA ARG C 33 -29.44 36.88 -73.05
C ARG C 33 -30.60 35.97 -73.44
N PHE C 34 -30.48 34.68 -73.12
CA PHE C 34 -31.54 33.73 -73.43
C PHE C 34 -32.85 34.04 -72.66
N ALA C 35 -32.70 34.20 -71.36
CA ALA C 35 -33.83 34.47 -70.48
C ALA C 35 -34.59 35.73 -70.96
N LEU C 36 -33.84 36.73 -71.39
CA LEU C 36 -34.36 38.00 -71.90
C LEU C 36 -35.15 37.90 -73.23
N SER C 37 -34.67 37.08 -74.17
CA SER C 37 -35.37 36.85 -75.42
C SER C 37 -36.67 36.08 -75.20
N GLN C 38 -36.79 35.38 -74.08
CA GLN C 38 -38.05 34.68 -73.76
C GLN C 38 -39.21 35.61 -73.42
N LEU C 39 -38.95 36.66 -72.64
CA LEU C 39 -39.97 37.65 -72.23
C LEU C 39 -40.82 38.29 -73.33
N THR C 40 -42.10 38.50 -73.02
CA THR C 40 -43.07 38.96 -74.01
C THR C 40 -43.83 40.21 -73.55
N GLU C 41 -44.02 40.35 -72.25
CA GLU C 41 -44.89 41.41 -71.75
C GLU C 41 -44.13 42.70 -71.49
N PRO C 42 -44.77 43.86 -71.71
CA PRO C 42 -44.15 45.09 -71.25
C PRO C 42 -44.22 45.15 -69.73
N PRO C 43 -43.23 45.81 -69.08
CA PRO C 43 -42.11 46.54 -69.65
C PRO C 43 -41.02 45.65 -70.22
N LYS C 44 -40.42 46.09 -71.32
CA LYS C 44 -39.26 45.45 -71.85
C LYS C 44 -38.05 45.82 -71.00
N LEU C 45 -37.38 44.78 -70.48
CA LEU C 45 -36.07 44.87 -69.82
C LEU C 45 -34.99 45.03 -70.85
N LEU C 46 -34.38 46.21 -70.80
CA LEU C 46 -33.42 46.66 -71.79
C LEU C 46 -32.05 46.69 -71.12
N PRO C 47 -31.27 45.63 -71.33
CA PRO C 47 -29.99 45.48 -70.63
C PRO C 47 -28.91 46.44 -71.11
N GLN C 48 -28.07 46.89 -70.18
CA GLN C 48 -27.02 47.87 -70.48
C GLN C 48 -25.79 47.56 -69.66
N ILE C 49 -25.02 46.57 -70.10
CA ILE C 49 -23.94 46.05 -69.27
C ILE C 49 -22.58 46.42 -69.59
N ASP C 50 -21.82 46.38 -68.53
CA ASP C 50 -20.47 46.79 -68.63
C ASP C 50 -19.60 45.69 -68.12
N ILE C 51 -18.54 45.49 -68.87
CA ILE C 51 -17.52 44.54 -68.50
C ILE C 51 -16.65 45.29 -67.53
N VAL C 52 -16.43 44.70 -66.37
CA VAL C 52 -15.74 45.38 -65.30
C VAL C 52 -15.00 44.37 -64.45
N ASN C 53 -13.86 44.78 -63.92
CA ASN C 53 -13.18 44.01 -62.89
C ASN C 53 -14.00 44.00 -61.60
N ILE C 54 -14.69 42.90 -61.36
CA ILE C 54 -15.60 42.80 -60.24
C ILE C 54 -14.84 42.79 -58.94
N SER C 55 -13.52 42.68 -58.99
CA SER C 55 -12.74 42.74 -57.75
C SER C 55 -12.26 44.11 -57.31
N ASP C 56 -12.46 45.11 -58.17
CA ASP C 56 -11.91 46.44 -57.91
C ASP C 56 -12.99 47.44 -57.51
N SER C 57 -12.95 47.86 -56.25
CA SER C 57 -13.92 48.80 -55.71
C SER C 57 -14.00 50.08 -56.54
N PHE C 58 -12.87 50.53 -57.07
CA PHE C 58 -12.84 51.75 -57.86
C PHE C 58 -13.61 51.59 -59.18
N GLU C 59 -13.16 50.64 -60.00
CA GLU C 59 -13.86 50.36 -61.24
C GLU C 59 -15.33 50.16 -60.95
N MET C 60 -15.61 49.47 -59.86
CA MET C 60 -16.98 49.16 -59.46
C MET C 60 -17.79 50.37 -59.09
N THR C 61 -17.14 51.29 -58.40
CA THR C 61 -17.78 52.55 -58.07
C THR C 61 -18.07 53.32 -59.36
N TYR C 62 -17.10 53.34 -60.27
CA TYR C 62 -17.28 54.06 -61.53
C TYR C 62 -18.48 53.52 -62.32
N ARG C 63 -18.53 52.21 -62.51
CA ARG C 63 -19.61 51.60 -63.26
C ARG C 63 -20.96 51.81 -62.58
N PHE C 64 -21.02 51.53 -61.29
CA PHE C 64 -22.24 51.71 -60.52
C PHE C 64 -22.81 53.12 -60.68
N CYS C 65 -21.95 54.11 -60.47
CA CYS C 65 -22.36 55.51 -60.58
C CYS C 65 -22.78 55.86 -62.00
N SER C 66 -22.01 55.39 -62.98
CA SER C 66 -22.34 55.61 -64.36
C SER C 66 -23.72 54.97 -64.67
N GLN C 67 -23.97 53.77 -64.19
CA GLN C 67 -25.26 53.19 -64.45
C GLN C 67 -26.36 53.91 -63.71
N PHE C 68 -26.06 54.35 -62.49
CA PHE C 68 -27.03 55.06 -61.68
C PHE C 68 -27.39 56.36 -62.41
N SER C 69 -26.38 57.16 -62.74
CA SER C 69 -26.55 58.32 -63.63
C SER C 69 -27.31 58.08 -64.94
N LYS C 70 -26.99 57.01 -65.66
CA LYS C 70 -27.69 56.71 -66.90
C LYS C 70 -29.19 56.39 -66.69
N GLY C 71 -29.57 55.99 -65.47
CA GLY C 71 -30.98 55.90 -65.15
C GLY C 71 -31.56 54.50 -65.05
N VAL C 72 -30.73 53.50 -64.77
CA VAL C 72 -31.19 52.14 -64.68
C VAL C 72 -32.04 52.00 -63.43
N TYR C 73 -32.94 51.05 -63.47
CA TYR C 73 -33.90 50.79 -62.41
C TYR C 73 -33.39 49.68 -61.49
N ALA C 74 -32.38 48.97 -61.95
CA ALA C 74 -31.77 47.92 -61.17
C ALA C 74 -30.43 47.55 -61.78
N ILE C 75 -29.58 46.89 -61.00
CA ILE C 75 -28.33 46.41 -61.54
C ILE C 75 -28.22 44.90 -61.31
N PHE C 76 -27.93 44.15 -62.36
CA PHE C 76 -27.71 42.72 -62.24
C PHE C 76 -26.22 42.50 -62.43
N GLY C 77 -25.63 41.65 -61.60
CA GLY C 77 -24.19 41.47 -61.69
C GLY C 77 -23.53 40.53 -60.69
N PHE C 78 -22.21 40.62 -60.66
CA PHE C 78 -21.38 39.80 -59.81
C PHE C 78 -20.43 40.64 -58.95
N TYR C 79 -20.20 40.16 -57.72
CA TYR C 79 -19.20 40.75 -56.84
C TYR C 79 -18.34 39.69 -56.20
N GLU C 80 -17.31 40.17 -55.53
CA GLU C 80 -16.28 39.36 -54.91
C GLU C 80 -16.11 39.87 -53.47
N ARG C 81 -15.33 39.18 -52.68
CA ARG C 81 -15.15 39.54 -51.28
C ARG C 81 -14.59 40.98 -51.21
N ARG C 82 -13.69 41.39 -52.13
CA ARG C 82 -13.15 42.74 -52.12
C ARG C 82 -14.12 43.85 -52.51
N THR C 83 -15.28 43.50 -53.07
CA THR C 83 -16.24 44.53 -53.47
C THR C 83 -17.60 44.52 -52.75
N VAL C 84 -17.84 43.54 -51.89
CA VAL C 84 -19.15 43.43 -51.27
C VAL C 84 -19.50 44.65 -50.46
N ASN C 85 -18.53 45.18 -49.73
CA ASN C 85 -18.78 46.37 -48.92
C ASN C 85 -19.16 47.62 -49.73
N MET C 86 -18.49 47.84 -50.87
CA MET C 86 -18.86 48.99 -51.69
C MET C 86 -20.29 48.86 -52.21
N LEU C 87 -20.63 47.69 -52.72
CA LEU C 87 -21.96 47.45 -53.27
C LEU C 87 -23.05 47.55 -52.22
N THR C 88 -22.82 46.91 -51.09
CA THR C 88 -23.80 46.90 -50.04
C THR C 88 -24.03 48.34 -49.65
N SER C 89 -22.91 49.06 -49.56
CA SER C 89 -22.94 50.47 -49.15
C SER C 89 -23.58 51.41 -50.17
N PHE C 90 -23.24 51.22 -51.45
CA PHE C 90 -23.80 52.08 -52.49
C PHE C 90 -25.28 51.73 -52.73
N CYS C 91 -25.61 50.46 -52.56
CA CYS C 91 -26.98 50.00 -52.71
C CYS C 91 -27.86 50.55 -51.58
N GLY C 92 -27.34 50.47 -50.36
CA GLY C 92 -28.05 50.96 -49.20
C GLY C 92 -28.20 52.47 -49.22
N ALA C 93 -27.17 53.17 -49.70
CA ALA C 93 -27.23 54.62 -49.73
C ALA C 93 -28.11 55.17 -50.86
N LEU C 94 -28.22 54.44 -51.96
CA LEU C 94 -28.92 54.97 -53.11
C LEU C 94 -30.27 54.30 -53.40
N HIS C 95 -30.55 53.21 -52.68
CA HIS C 95 -31.78 52.43 -52.88
C HIS C 95 -31.90 51.93 -54.31
N VAL C 96 -30.81 51.50 -54.94
CA VAL C 96 -30.87 50.80 -56.21
C VAL C 96 -30.57 49.32 -55.84
N CYS C 97 -31.33 48.38 -56.37
CA CYS C 97 -31.07 46.98 -56.06
C CYS C 97 -30.03 46.36 -56.97
N PHE C 98 -29.29 45.45 -56.37
CA PHE C 98 -28.27 44.66 -57.04
C PHE C 98 -28.76 43.22 -56.90
N ILE C 99 -28.98 42.57 -58.03
CA ILE C 99 -29.49 41.20 -58.11
C ILE C 99 -28.29 40.36 -58.57
N THR C 100 -27.84 39.39 -57.78
CA THR C 100 -26.56 38.77 -58.03
C THR C 100 -26.60 37.31 -57.71
N PRO C 101 -25.99 36.47 -58.57
CA PRO C 101 -25.78 35.02 -58.32
C PRO C 101 -24.56 34.72 -57.50
N SER C 102 -23.81 35.74 -57.12
CA SER C 102 -22.56 35.55 -56.38
C SER C 102 -22.68 34.98 -54.97
N PHE C 103 -21.53 34.67 -54.41
CA PHE C 103 -21.48 33.99 -53.16
C PHE C 103 -22.12 34.85 -52.07
N PRO C 104 -23.17 34.38 -51.43
CA PRO C 104 -23.90 35.19 -50.45
C PRO C 104 -23.07 35.61 -49.24
N VAL C 105 -23.28 36.83 -48.76
CA VAL C 105 -22.54 37.40 -47.62
C VAL C 105 -23.33 37.36 -46.31
N ASP C 106 -22.60 37.43 -45.19
CA ASP C 106 -23.19 37.36 -43.85
C ASP C 106 -24.10 38.51 -43.43
N THR C 107 -23.66 39.75 -43.64
CA THR C 107 -24.51 40.92 -43.38
C THR C 107 -24.38 41.78 -44.69
N SER C 108 -25.53 42.05 -45.33
CA SER C 108 -25.64 42.84 -46.56
C SER C 108 -26.93 43.53 -46.20
N ASN C 109 -27.64 44.11 -47.17
CA ASN C 109 -28.90 44.77 -46.88
C ASN C 109 -30.05 44.30 -47.76
N GLN C 110 -31.24 44.84 -47.48
CA GLN C 110 -32.46 44.46 -48.20
C GLN C 110 -32.31 44.71 -49.70
N PHE C 111 -31.57 45.75 -50.06
CA PHE C 111 -31.46 46.16 -51.45
C PHE C 111 -30.65 45.20 -52.33
N VAL C 112 -29.86 44.33 -51.69
CA VAL C 112 -29.09 43.33 -52.42
C VAL C 112 -29.88 42.04 -52.52
N LEU C 113 -30.14 41.58 -53.75
CA LEU C 113 -30.92 40.37 -53.90
C LEU C 113 -30.10 39.17 -54.35
N GLN C 114 -29.92 38.24 -53.42
CA GLN C 114 -29.05 37.09 -53.61
C GLN C 114 -29.75 35.87 -54.12
N LEU C 115 -29.49 35.60 -55.38
CA LEU C 115 -30.11 34.48 -56.05
C LEU C 115 -29.55 33.16 -55.52
N ARG C 116 -28.32 33.18 -55.03
CA ARG C 116 -27.69 31.94 -54.57
C ARG C 116 -28.04 31.56 -53.14
N PRO C 117 -28.69 30.41 -53.01
CA PRO C 117 -29.05 29.84 -51.70
C PRO C 117 -27.82 29.67 -50.81
N GLU C 118 -27.96 29.94 -49.53
CA GLU C 118 -26.86 29.76 -48.59
C GLU C 118 -26.61 28.27 -48.38
N LEU C 119 -25.37 27.95 -48.05
CA LEU C 119 -24.91 26.57 -48.05
C LEU C 119 -24.39 26.12 -46.69
N GLN C 120 -24.06 27.09 -45.84
CA GLN C 120 -23.34 26.80 -44.59
C GLN C 120 -24.10 25.88 -43.62
N GLU C 121 -25.40 26.09 -43.47
CA GLU C 121 -26.21 25.24 -42.60
C GLU C 121 -26.23 23.83 -43.14
N ALA C 122 -26.51 23.69 -44.44
CA ALA C 122 -26.55 22.40 -45.11
C ALA C 122 -25.26 21.65 -44.87
N LEU C 123 -24.15 22.34 -45.10
CA LEU C 123 -22.83 21.78 -44.87
C LEU C 123 -22.64 21.27 -43.44
N ILE C 124 -23.03 22.04 -42.45
CA ILE C 124 -22.88 21.60 -41.07
C ILE C 124 -23.73 20.35 -40.80
N SER C 125 -24.88 20.23 -41.44
CA SER C 125 -25.72 19.05 -41.33
C SER C 125 -24.98 17.81 -41.82
N ILE C 126 -24.36 17.95 -42.99
CA ILE C 126 -23.67 16.85 -43.64
C ILE C 126 -22.48 16.36 -42.83
N ILE C 127 -21.79 17.28 -42.17
CA ILE C 127 -20.68 16.90 -41.28
C ILE C 127 -21.24 16.21 -40.05
N ASP C 128 -22.24 16.83 -39.43
CA ASP C 128 -22.91 16.23 -38.28
C ASP C 128 -23.39 14.82 -38.70
N HIS C 129 -23.92 14.66 -39.92
CA HIS C 129 -24.41 13.35 -40.36
C HIS C 129 -23.35 12.25 -40.26
N TYR C 130 -22.25 12.43 -40.99
CA TYR C 130 -21.18 11.44 -41.00
C TYR C 130 -20.34 11.48 -39.72
N LYS C 131 -20.89 12.14 -38.69
CA LYS C 131 -20.23 12.23 -37.39
C LYS C 131 -18.72 12.48 -37.47
N TRP C 132 -18.30 13.39 -38.34
CA TRP C 132 -16.90 13.77 -38.43
C TRP C 132 -16.44 14.44 -37.13
N GLN C 133 -15.16 14.28 -36.79
CA GLN C 133 -14.60 14.82 -35.55
C GLN C 133 -13.41 15.70 -35.86
N THR C 134 -12.52 15.17 -36.68
CA THR C 134 -11.30 15.88 -37.08
C THR C 134 -11.20 15.86 -38.59
N PHE C 135 -11.07 17.05 -39.17
CA PHE C 135 -11.05 17.21 -40.62
C PHE C 135 -10.38 18.51 -41.09
N VAL C 136 -10.00 18.51 -42.35
CA VAL C 136 -9.41 19.65 -42.98
C VAL C 136 -10.52 20.46 -43.60
N TYR C 137 -10.43 21.77 -43.46
CA TYR C 137 -11.37 22.68 -44.10
C TYR C 137 -10.63 23.62 -45.04
N ILE C 138 -10.67 23.31 -46.34
CA ILE C 138 -10.04 24.13 -47.36
C ILE C 138 -11.07 25.11 -47.92
N TYR C 139 -10.71 26.39 -47.95
CA TYR C 139 -11.67 27.42 -48.30
C TYR C 139 -11.19 28.55 -49.16
N ASP C 140 -12.15 29.29 -49.68
CA ASP C 140 -11.87 30.43 -50.52
C ASP C 140 -11.76 31.69 -49.68
N ALA C 141 -10.54 32.22 -49.59
CA ALA C 141 -10.33 33.47 -48.89
C ALA C 141 -11.16 34.54 -49.57
N ASP C 142 -11.62 34.25 -50.77
CA ASP C 142 -12.33 35.22 -51.58
C ASP C 142 -13.79 35.45 -51.14
N ARG C 143 -14.40 34.45 -50.53
CA ARG C 143 -15.80 34.54 -50.12
C ARG C 143 -16.06 34.01 -48.72
N GLY C 144 -15.26 33.04 -48.32
CA GLY C 144 -15.50 32.31 -47.10
C GLY C 144 -14.66 32.71 -45.91
N LEU C 145 -14.86 33.93 -45.42
CA LEU C 145 -14.21 34.35 -44.18
C LEU C 145 -15.22 34.33 -43.04
N SER C 146 -16.50 34.46 -43.39
CA SER C 146 -17.59 34.42 -42.41
C SER C 146 -18.01 32.97 -42.15
N VAL C 147 -17.87 32.12 -43.17
CA VAL C 147 -18.27 30.72 -43.06
C VAL C 147 -17.33 29.93 -42.15
N LEU C 148 -16.07 30.34 -42.11
CA LEU C 148 -15.09 29.63 -41.35
C LEU C 148 -15.22 29.78 -39.93
N GLN C 149 -15.58 30.98 -39.63
CA GLN C 149 -15.88 31.28 -38.24
C GLN C 149 -17.10 30.47 -37.81
N ARG C 150 -18.09 30.39 -38.70
CA ARG C 150 -19.26 29.57 -38.42
C ARG C 150 -18.87 28.10 -38.22
N VAL C 151 -17.85 27.66 -38.93
CA VAL C 151 -17.33 26.30 -38.81
C VAL C 151 -16.53 26.18 -37.54
N LEU C 152 -15.74 27.21 -37.22
CA LEU C 152 -14.98 27.24 -35.98
C LEU C 152 -15.90 27.30 -34.75
N ASP C 153 -16.98 28.07 -34.85
CA ASP C 153 -18.01 28.14 -33.82
C ASP C 153 -18.57 26.76 -33.50
N THR C 154 -19.11 26.10 -34.53
CA THR C 154 -19.68 24.77 -34.36
C THR C 154 -18.64 23.81 -33.78
N ALA C 155 -17.41 23.88 -34.31
CA ALA C 155 -16.31 23.06 -33.81
C ALA C 155 -16.14 23.16 -32.30
N ALA C 156 -16.29 24.36 -31.76
CA ALA C 156 -16.22 24.56 -30.32
C ALA C 156 -17.35 23.83 -29.61
N GLU C 157 -18.55 23.90 -30.17
CA GLU C 157 -19.72 23.30 -29.55
C GLU C 157 -19.70 21.77 -29.58
N LYS C 158 -19.40 21.19 -30.74
CA LYS C 158 -19.37 19.75 -30.90
C LYS C 158 -17.96 19.20 -30.76
N ASN C 159 -17.04 20.04 -30.32
CA ASN C 159 -15.66 19.64 -30.06
C ASN C 159 -14.97 18.96 -31.23
N TRP C 160 -15.03 19.59 -32.40
CA TRP C 160 -14.33 19.08 -33.58
C TRP C 160 -12.89 19.58 -33.56
N GLN C 161 -12.03 18.91 -34.33
CA GLN C 161 -10.64 19.32 -34.45
C GLN C 161 -10.40 19.72 -35.92
N VAL C 162 -10.80 20.93 -36.29
CA VAL C 162 -10.69 21.38 -37.68
C VAL C 162 -9.33 21.98 -38.02
N THR C 163 -8.94 21.85 -39.28
CA THR C 163 -7.67 22.40 -39.77
C THR C 163 -7.93 23.35 -40.92
N ALA C 164 -7.88 24.65 -40.65
CA ALA C 164 -8.19 25.66 -41.64
C ALA C 164 -7.05 25.89 -42.63
N VAL C 165 -7.41 25.97 -43.91
CA VAL C 165 -6.47 26.12 -44.99
C VAL C 165 -7.04 27.07 -46.03
N ASN C 166 -6.43 28.25 -46.18
CA ASN C 166 -6.91 29.20 -47.15
C ASN C 166 -6.33 28.86 -48.50
N ILE C 167 -7.21 28.75 -49.49
CA ILE C 167 -6.79 28.49 -50.86
C ILE C 167 -5.75 29.53 -51.37
N LEU C 168 -6.06 30.81 -51.23
CA LEU C 168 -5.22 31.86 -51.83
C LEU C 168 -3.77 31.90 -51.32
N THR C 169 -3.53 31.37 -50.13
CA THR C 169 -2.25 31.56 -49.44
C THR C 169 -1.34 30.33 -49.32
N THR C 170 -1.85 29.14 -49.59
CA THR C 170 -1.02 27.97 -49.38
C THR C 170 -0.37 27.56 -50.69
N THR C 171 0.86 27.05 -50.64
CA THR C 171 1.54 26.62 -51.87
C THR C 171 1.41 25.14 -52.15
N GLU C 172 1.84 24.78 -53.35
CA GLU C 172 1.96 23.40 -53.81
C GLU C 172 2.59 22.51 -52.73
N GLU C 173 3.65 23.03 -52.11
CA GLU C 173 4.37 22.31 -51.05
C GLU C 173 3.63 22.36 -49.71
N GLY C 174 3.04 23.50 -49.39
CA GLY C 174 2.10 23.59 -48.28
C GLY C 174 1.05 22.48 -48.36
N TYR C 175 0.55 22.26 -49.59
CA TYR C 175 -0.42 21.20 -49.86
C TYR C 175 0.18 19.82 -49.71
N ARG C 176 1.36 19.63 -50.28
CA ARG C 176 2.07 18.36 -50.19
C ARG C 176 2.16 17.99 -48.73
N MET C 177 2.49 18.99 -47.94
CA MET C 177 2.79 18.81 -46.54
C MET C 177 1.58 18.33 -45.74
N LEU C 178 0.44 18.99 -45.94
CA LEU C 178 -0.72 18.68 -45.12
C LEU C 178 -1.42 17.38 -45.57
N PHE C 179 -1.29 17.06 -46.85
CA PHE C 179 -1.74 15.78 -47.37
C PHE C 179 -0.76 14.71 -46.88
N GLN C 180 0.43 15.14 -46.46
CA GLN C 180 1.37 14.24 -45.82
C GLN C 180 0.95 13.99 -44.36
N ASP C 181 0.42 15.01 -43.68
CA ASP C 181 -0.11 14.84 -42.34
C ASP C 181 -1.31 13.90 -42.32
N LEU C 182 -2.20 14.10 -43.30
CA LEU C 182 -3.47 13.37 -43.42
C LEU C 182 -3.33 11.88 -43.62
N GLU C 183 -2.32 11.48 -44.39
CA GLU C 183 -2.15 10.08 -44.75
C GLU C 183 -1.41 9.29 -43.68
N LYS C 184 -1.18 9.94 -42.55
CA LYS C 184 -0.65 9.27 -41.37
C LYS C 184 -1.76 8.56 -40.58
N LYS C 185 -3.01 8.90 -40.88
CA LYS C 185 -4.19 8.33 -40.22
C LYS C 185 -5.08 7.67 -41.29
N LYS C 186 -5.81 6.62 -40.92
CA LYS C 186 -6.54 5.82 -41.91
C LYS C 186 -7.65 6.46 -42.77
N GLU C 187 -8.53 7.28 -42.19
CA GLU C 187 -9.58 7.92 -42.98
C GLU C 187 -9.19 9.38 -43.03
N ARG C 188 -9.12 9.93 -44.24
CA ARG C 188 -8.74 11.31 -44.38
C ARG C 188 -9.99 12.09 -44.76
N LEU C 189 -10.37 13.03 -43.90
CA LEU C 189 -11.59 13.79 -44.13
C LEU C 189 -11.30 15.25 -44.48
N VAL C 190 -11.79 15.63 -45.65
CA VAL C 190 -11.55 16.94 -46.23
C VAL C 190 -12.86 17.62 -46.68
N VAL C 191 -12.99 18.87 -46.26
CA VAL C 191 -14.04 19.75 -46.76
C VAL C 191 -13.38 20.75 -47.68
N VAL C 192 -13.97 20.95 -48.85
CA VAL C 192 -13.46 21.95 -49.78
C VAL C 192 -14.62 22.89 -50.13
N ASP C 193 -14.56 24.14 -49.67
CA ASP C 193 -15.62 25.10 -49.99
C ASP C 193 -14.99 26.16 -50.84
N CYS C 194 -15.45 26.23 -52.08
CA CYS C 194 -14.98 27.28 -52.99
C CYS C 194 -15.79 27.25 -54.29
N GLU C 195 -15.59 28.27 -55.10
CA GLU C 195 -16.28 28.42 -56.39
C GLU C 195 -15.75 27.41 -57.41
N SER C 196 -16.50 27.25 -58.51
CA SER C 196 -16.23 26.20 -59.50
C SER C 196 -14.88 26.26 -60.22
N GLU C 197 -14.49 27.44 -60.68
CA GLU C 197 -13.25 27.56 -61.43
C GLU C 197 -12.02 27.23 -60.57
N ARG C 198 -11.98 27.77 -59.36
CA ARG C 198 -10.89 27.48 -58.44
C ARG C 198 -10.99 26.05 -57.93
N LEU C 199 -12.22 25.54 -57.88
CA LEU C 199 -12.49 24.17 -57.45
C LEU C 199 -11.76 23.18 -58.35
N ASN C 200 -11.99 23.29 -59.65
CA ASN C 200 -11.39 22.39 -60.63
C ASN C 200 -9.88 22.40 -60.62
N ALA C 201 -9.30 23.57 -60.38
CA ALA C 201 -7.86 23.71 -60.33
C ALA C 201 -7.29 22.99 -59.12
N ILE C 202 -8.03 23.01 -58.02
CA ILE C 202 -7.63 22.34 -56.80
C ILE C 202 -7.78 20.83 -56.94
N LEU C 203 -8.76 20.41 -57.73
CA LEU C 203 -9.02 18.99 -57.95
C LEU C 203 -7.77 18.29 -58.48
N GLY C 204 -7.28 18.73 -59.62
CA GLY C 204 -6.10 18.15 -60.23
C GLY C 204 -4.93 18.06 -59.27
N GLN C 205 -4.85 19.03 -58.37
CA GLN C 205 -3.76 19.07 -57.39
C GLN C 205 -3.98 18.05 -56.27
N ILE C 206 -5.25 17.81 -55.94
CA ILE C 206 -5.59 16.88 -54.87
C ILE C 206 -5.44 15.42 -55.32
N VAL C 207 -6.10 15.08 -56.42
CA VAL C 207 -6.08 13.72 -56.94
C VAL C 207 -4.66 13.21 -57.11
N LYS C 208 -3.77 14.05 -57.64
CA LYS C 208 -2.38 13.67 -57.86
C LYS C 208 -1.67 13.37 -56.55
N LEU C 209 -2.05 14.09 -55.50
CA LEU C 209 -1.42 13.95 -54.19
C LEU C 209 -1.92 12.75 -53.41
N GLU C 210 -3.16 12.35 -53.68
CA GLU C 210 -3.83 11.33 -52.88
C GLU C 210 -3.59 9.88 -53.29
N LYS C 211 -2.93 9.67 -54.43
CA LYS C 211 -2.65 8.29 -54.89
C LYS C 211 -3.89 7.36 -55.08
N ASN C 212 -3.90 6.20 -54.44
CA ASN C 212 -4.98 5.24 -54.65
C ASN C 212 -6.34 5.79 -54.26
N GLY C 213 -6.34 6.85 -53.45
CA GLY C 213 -7.58 7.49 -53.04
C GLY C 213 -8.32 6.74 -51.95
N ILE C 214 -7.72 5.65 -51.47
CA ILE C 214 -8.33 4.84 -50.43
C ILE C 214 -8.38 5.58 -49.10
N GLY C 215 -9.54 5.58 -48.45
CA GLY C 215 -9.69 6.19 -47.14
C GLY C 215 -9.85 7.70 -47.16
N TYR C 216 -10.02 8.26 -48.35
CA TYR C 216 -10.22 9.71 -48.49
C TYR C 216 -11.72 10.01 -48.68
N HIS C 217 -12.26 10.93 -47.89
CA HIS C 217 -13.68 11.31 -47.98
C HIS C 217 -13.83 12.82 -48.16
N TYR C 218 -14.32 13.24 -49.33
CA TYR C 218 -14.44 14.66 -49.63
C TYR C 218 -15.88 15.17 -49.61
N ILE C 219 -16.07 16.30 -48.95
CA ILE C 219 -17.32 17.04 -49.03
C ILE C 219 -17.04 18.35 -49.74
N LEU C 220 -17.62 18.52 -50.93
CA LEU C 220 -17.39 19.72 -51.72
C LEU C 220 -18.53 20.72 -51.52
N ALA C 221 -18.26 21.78 -50.76
CA ALA C 221 -19.24 22.81 -50.50
C ALA C 221 -19.48 23.66 -51.73
N ASN C 222 -20.28 23.13 -52.64
CA ASN C 222 -20.55 23.74 -53.93
C ASN C 222 -21.95 23.35 -54.34
N LEU C 223 -22.58 24.16 -55.19
CA LEU C 223 -23.96 23.91 -55.59
C LEU C 223 -24.06 23.28 -56.98
N GLY C 224 -22.92 23.05 -57.61
CA GLY C 224 -22.87 22.44 -58.92
C GLY C 224 -22.03 21.18 -58.91
N PHE C 225 -22.39 20.22 -58.08
CA PHE C 225 -21.67 18.96 -57.99
C PHE C 225 -21.46 18.38 -59.38
N MET C 226 -22.53 18.35 -60.15
CA MET C 226 -22.51 17.82 -61.49
C MET C 226 -21.75 18.69 -62.49
N ASP C 227 -21.45 19.94 -62.13
CA ASP C 227 -20.67 20.81 -63.04
C ASP C 227 -19.20 20.45 -63.04
N ILE C 228 -18.74 19.75 -62.00
CA ILE C 228 -17.33 19.44 -61.83
C ILE C 228 -16.82 18.39 -62.83
N ASP C 229 -15.54 18.47 -63.16
CA ASP C 229 -14.92 17.37 -63.91
C ASP C 229 -14.67 16.23 -62.95
N LEU C 230 -15.55 15.24 -63.03
CA LEU C 230 -15.56 14.18 -62.07
C LEU C 230 -14.77 13.01 -62.63
N ASN C 231 -14.32 13.18 -63.87
CA ASN C 231 -13.39 12.24 -64.54
C ASN C 231 -12.06 12.15 -63.82
N LYS C 232 -11.69 13.24 -63.16
CA LYS C 232 -10.44 13.30 -62.39
C LYS C 232 -10.49 12.27 -61.26
N PHE C 233 -11.67 11.69 -61.05
CA PHE C 233 -11.87 10.70 -59.99
C PHE C 233 -12.10 9.28 -60.48
N LYS C 234 -11.94 9.05 -61.79
CA LYS C 234 -12.09 7.70 -62.36
C LYS C 234 -11.00 6.75 -61.81
N GLU C 235 -11.47 5.68 -61.16
CA GLU C 235 -10.64 4.82 -60.32
C GLU C 235 -9.81 5.54 -59.22
N SER C 236 -10.47 6.46 -58.53
CA SER C 236 -9.99 6.94 -57.24
C SER C 236 -10.89 6.33 -56.20
N GLY C 237 -10.28 5.77 -55.14
CA GLY C 237 -11.05 5.30 -53.98
C GLY C 237 -11.86 6.39 -53.29
N ALA C 238 -11.61 7.63 -53.69
CA ALA C 238 -12.20 8.83 -53.09
C ALA C 238 -13.71 8.78 -52.99
N ASN C 239 -14.21 9.00 -51.77
CA ASN C 239 -15.63 9.15 -51.49
C ASN C 239 -15.96 10.64 -51.58
N VAL C 240 -16.74 11.01 -52.59
CA VAL C 240 -16.99 12.42 -52.83
C VAL C 240 -18.45 12.76 -52.64
N THR C 241 -18.69 13.72 -51.75
CA THR C 241 -20.05 14.20 -51.49
C THR C 241 -20.17 15.67 -51.80
N GLY C 242 -21.33 16.03 -52.35
CA GLY C 242 -21.63 17.40 -52.72
C GLY C 242 -23.09 17.73 -52.76
N PHE C 243 -23.40 18.77 -53.50
CA PHE C 243 -24.71 19.37 -53.51
C PHE C 243 -25.10 19.74 -54.93
N GLN C 244 -26.32 19.39 -55.32
CA GLN C 244 -26.82 19.84 -56.61
C GLN C 244 -28.09 20.68 -56.41
N LEU C 245 -28.09 21.86 -56.98
CA LEU C 245 -29.22 22.77 -56.87
C LEU C 245 -30.25 22.48 -57.96
N VAL C 246 -29.75 22.19 -59.16
CA VAL C 246 -30.61 21.97 -60.33
C VAL C 246 -30.74 20.50 -60.74
N ASN C 247 -31.98 20.06 -60.97
CA ASN C 247 -32.29 18.77 -61.58
C ASN C 247 -32.81 19.03 -63.00
N TYR C 248 -32.04 18.62 -64.01
CA TYR C 248 -32.36 18.92 -65.43
C TYR C 248 -33.36 18.00 -66.05
N THR C 249 -33.79 17.03 -65.26
CA THR C 249 -34.76 16.06 -65.71
C THR C 249 -36.12 16.38 -65.11
N ASP C 250 -36.16 17.38 -64.23
CA ASP C 250 -37.43 17.80 -63.66
C ASP C 250 -38.24 18.55 -64.71
N THR C 251 -39.56 18.57 -64.51
CA THR C 251 -40.49 19.12 -65.48
C THR C 251 -40.15 20.52 -65.97
N ILE C 252 -40.18 21.49 -65.06
CA ILE C 252 -39.92 22.87 -65.42
C ILE C 252 -38.50 23.07 -65.94
N PRO C 253 -37.50 22.55 -65.24
CA PRO C 253 -36.11 22.63 -65.70
C PRO C 253 -35.93 22.01 -67.09
N ALA C 254 -36.44 20.80 -67.28
CA ALA C 254 -36.32 20.10 -68.55
C ALA C 254 -36.98 20.85 -69.70
N ARG C 255 -38.18 21.35 -69.45
CA ARG C 255 -38.90 22.15 -70.44
C ARG C 255 -38.03 23.33 -70.86
N ILE C 256 -37.38 23.94 -69.87
CA ILE C 256 -36.51 25.09 -70.10
C ILE C 256 -35.25 24.69 -70.86
N MET C 257 -34.63 23.58 -70.45
CA MET C 257 -33.44 23.08 -71.11
C MET C 257 -33.75 22.76 -72.57
N GLN C 258 -34.92 22.16 -72.78
CA GLN C 258 -35.37 21.80 -74.12
C GLN C 258 -35.56 23.04 -74.98
N GLN C 259 -36.07 24.10 -74.37
CA GLN C 259 -36.39 25.33 -75.10
C GLN C 259 -35.16 26.03 -75.68
N TRP C 260 -34.10 26.19 -74.89
CA TRP C 260 -32.88 26.83 -75.42
C TRP C 260 -31.93 25.86 -76.10
N ARG C 261 -32.06 24.57 -75.81
CA ARG C 261 -31.30 23.56 -76.54
C ARG C 261 -31.70 23.66 -78.01
N THR C 262 -32.99 23.79 -78.25
CA THR C 262 -33.51 23.99 -79.60
C THR C 262 -33.16 25.38 -80.08
N SER C 263 -33.12 26.33 -79.15
CA SER C 263 -32.79 27.70 -79.47
C SER C 263 -31.41 27.80 -80.12
N ASP C 264 -30.48 26.95 -79.66
CA ASP C 264 -29.11 26.99 -80.15
C ASP C 264 -28.80 26.03 -81.27
N SER C 265 -29.68 25.06 -81.46
CA SER C 265 -29.52 24.09 -82.53
C SER C 265 -30.21 24.60 -83.78
N ARG C 266 -31.44 25.07 -83.64
CA ARG C 266 -32.17 25.60 -84.78
C ARG C 266 -31.40 26.79 -85.35
N ASP C 267 -30.73 27.53 -84.46
CA ASP C 267 -29.86 28.62 -84.86
C ASP C 267 -28.63 28.07 -85.58
N LYS C 274 -24.03 22.32 -74.44
CA LYS C 274 -23.32 22.15 -73.18
C LYS C 274 -24.25 22.35 -71.98
N ARG C 275 -24.05 21.55 -70.95
CA ARG C 275 -24.89 21.54 -69.75
C ARG C 275 -24.69 22.79 -68.91
N PRO C 276 -25.76 23.55 -68.69
CA PRO C 276 -25.66 24.84 -67.99
C PRO C 276 -25.20 24.71 -66.53
N LYS C 277 -24.16 25.45 -66.20
CA LYS C 277 -23.64 25.51 -64.84
C LYS C 277 -24.67 26.23 -63.96
N TYR C 278 -24.57 26.03 -62.64
CA TYR C 278 -25.55 26.58 -61.71
C TYR C 278 -25.58 28.09 -61.63
N THR C 279 -24.44 28.70 -61.88
CA THR C 279 -24.34 30.14 -61.89
C THR C 279 -25.11 30.70 -63.08
N SER C 280 -25.10 29.94 -64.18
CA SER C 280 -25.83 30.30 -65.39
C SER C 280 -27.31 30.07 -65.15
N ALA C 281 -27.63 29.09 -64.33
CA ALA C 281 -29.02 28.80 -63.98
C ALA C 281 -29.55 29.92 -63.09
N LEU C 282 -28.71 30.34 -62.14
CA LEU C 282 -29.07 31.44 -61.25
C LEU C 282 -29.26 32.72 -62.05
N THR C 283 -28.40 32.92 -63.04
CA THR C 283 -28.49 34.07 -63.90
C THR C 283 -29.83 34.06 -64.65
N TYR C 284 -30.15 32.90 -65.23
CA TYR C 284 -31.45 32.67 -65.84
C TYR C 284 -32.64 33.04 -64.91
N ASP C 285 -32.61 32.52 -63.68
CA ASP C 285 -33.69 32.77 -62.73
C ASP C 285 -33.64 34.24 -62.24
N GLY C 286 -32.44 34.84 -62.26
CA GLY C 286 -32.26 36.22 -61.82
C GLY C 286 -32.99 37.16 -62.76
N VAL C 287 -33.03 36.78 -64.03
CA VAL C 287 -33.72 37.56 -65.02
C VAL C 287 -35.24 37.50 -64.82
N LYS C 288 -35.79 36.30 -64.60
CA LYS C 288 -37.22 36.15 -64.34
C LYS C 288 -37.66 36.83 -63.03
N VAL C 289 -36.78 36.85 -62.04
CA VAL C 289 -37.01 37.59 -60.80
C VAL C 289 -37.29 39.05 -61.16
N MET C 290 -36.46 39.59 -62.05
CA MET C 290 -36.56 41.01 -62.38
C MET C 290 -37.82 41.22 -63.21
N ALA C 291 -38.01 40.35 -64.20
CA ALA C 291 -39.19 40.39 -65.04
C ALA C 291 -40.45 40.35 -64.18
N GLU C 292 -40.49 39.43 -63.24
CA GLU C 292 -41.63 39.28 -62.33
C GLU C 292 -41.80 40.55 -61.50
N ALA C 293 -40.70 41.02 -60.92
CA ALA C 293 -40.71 42.20 -60.07
C ALA C 293 -41.48 43.37 -60.68
N PHE C 294 -41.11 43.73 -61.91
CA PHE C 294 -41.71 44.90 -62.57
C PHE C 294 -43.14 44.65 -63.05
N GLN C 295 -43.43 43.41 -63.44
CA GLN C 295 -44.79 43.06 -63.86
C GLN C 295 -45.72 43.08 -62.63
N SER C 296 -45.14 42.92 -61.43
CA SER C 296 -45.91 43.04 -60.18
C SER C 296 -46.19 44.50 -59.92
N LEU C 297 -45.25 45.36 -60.34
CA LEU C 297 -45.40 46.79 -60.21
C LEU C 297 -46.43 47.32 -61.19
N ARG C 298 -46.57 46.67 -62.35
CA ARG C 298 -47.57 47.10 -63.32
C ARG C 298 -48.98 46.76 -62.84
N ARG C 299 -49.16 45.59 -62.25
CA ARG C 299 -50.50 45.22 -61.77
C ARG C 299 -50.83 45.84 -60.41
N GLN C 300 -49.82 46.29 -59.69
CA GLN C 300 -50.04 47.07 -58.47
C GLN C 300 -50.26 48.52 -58.89
N ARG C 301 -49.94 48.80 -60.15
CA ARG C 301 -50.18 50.11 -60.78
C ARG C 301 -49.41 51.25 -60.14
N ILE C 302 -48.24 50.93 -59.62
CA ILE C 302 -47.32 51.93 -59.11
C ILE C 302 -46.52 52.50 -60.28
N ASP C 303 -46.48 53.82 -60.39
CA ASP C 303 -45.83 54.48 -61.52
C ASP C 303 -44.37 54.84 -61.27
N ILE C 304 -43.49 54.29 -62.10
CA ILE C 304 -42.05 54.51 -62.00
C ILE C 304 -41.52 55.34 -63.17
N SER C 305 -40.39 56.01 -62.95
CA SER C 305 -39.73 56.80 -63.98
C SER C 305 -38.40 57.31 -63.43
N ARG C 306 -37.40 57.46 -64.29
CA ARG C 306 -36.10 57.95 -63.81
C ARG C 306 -35.40 58.93 -64.75
N ARG C 307 -34.54 59.76 -64.14
CA ARG C 307 -33.79 60.80 -64.84
C ARG C 307 -32.77 60.25 -65.82
N GLY C 308 -32.90 60.66 -67.07
CA GLY C 308 -31.88 60.40 -68.06
C GLY C 308 -30.90 61.56 -68.00
N ASN C 309 -31.25 62.54 -67.16
CA ASN C 309 -30.46 63.75 -67.00
C ASN C 309 -29.31 63.59 -66.02
N ALA C 310 -28.62 62.46 -66.10
CA ALA C 310 -27.39 62.23 -65.34
C ALA C 310 -27.43 62.65 -63.87
N GLY C 311 -28.51 62.31 -63.16
CA GLY C 311 -28.56 62.59 -61.74
C GLY C 311 -27.25 62.06 -61.16
N ASP C 312 -26.44 62.96 -60.61
CA ASP C 312 -25.10 62.58 -60.12
C ASP C 312 -25.15 61.62 -58.92
N CYS C 313 -24.10 60.83 -58.78
CA CYS C 313 -24.06 59.73 -57.84
C CYS C 313 -23.58 60.18 -56.44
N LEU C 314 -22.33 60.57 -56.35
CA LEU C 314 -21.71 60.95 -55.09
C LEU C 314 -22.18 62.26 -54.52
N ALA C 315 -22.54 62.22 -53.27
CA ALA C 315 -23.09 63.37 -52.64
C ALA C 315 -23.04 63.15 -51.16
N ASN C 316 -23.25 64.21 -50.40
CA ASN C 316 -23.34 64.10 -48.95
C ASN C 316 -24.45 64.97 -48.38
N PRO C 317 -25.49 64.34 -47.87
CA PRO C 317 -25.57 62.87 -47.82
C PRO C 317 -25.98 62.29 -49.16
N ALA C 318 -25.95 60.97 -49.25
CA ALA C 318 -26.43 60.27 -50.43
C ALA C 318 -27.93 60.50 -50.52
N VAL C 319 -28.38 61.03 -51.64
CA VAL C 319 -29.79 61.23 -51.86
C VAL C 319 -30.37 59.96 -52.54
N PRO C 320 -31.24 59.23 -51.85
CA PRO C 320 -31.79 57.98 -52.40
C PRO C 320 -32.81 58.17 -53.51
N TRP C 321 -32.94 57.17 -54.38
CA TRP C 321 -33.97 57.15 -55.41
C TRP C 321 -35.30 56.88 -54.73
N GLY C 322 -36.17 57.88 -54.73
CA GLY C 322 -37.42 57.82 -53.99
C GLY C 322 -38.30 56.60 -54.22
N GLN C 323 -38.20 56.01 -55.41
CA GLN C 323 -39.05 54.87 -55.75
C GLN C 323 -38.28 53.56 -55.67
N GLY C 324 -37.03 53.64 -55.24
CA GLY C 324 -36.19 52.46 -55.10
C GLY C 324 -36.79 51.43 -54.17
N ILE C 325 -37.42 51.90 -53.10
CA ILE C 325 -38.03 51.01 -52.12
C ILE C 325 -39.22 50.25 -52.73
N ASP C 326 -39.81 50.82 -53.78
CA ASP C 326 -40.93 50.18 -54.46
C ASP C 326 -40.43 48.99 -55.29
N ILE C 327 -39.35 49.21 -56.02
CA ILE C 327 -38.75 48.17 -56.83
C ILE C 327 -38.19 47.06 -55.96
N GLN C 328 -37.77 47.44 -54.75
CA GLN C 328 -37.15 46.50 -53.82
C GLN C 328 -38.12 45.59 -53.15
N ARG C 329 -39.26 46.14 -52.78
CA ARG C 329 -40.32 45.34 -52.20
C ARG C 329 -40.81 44.33 -53.22
N ALA C 330 -40.93 44.77 -54.47
CA ALA C 330 -41.38 43.91 -55.56
C ALA C 330 -40.41 42.75 -55.81
N LEU C 331 -39.13 43.06 -55.88
CA LEU C 331 -38.11 42.04 -56.10
C LEU C 331 -38.11 41.01 -54.98
N GLN C 332 -38.30 41.48 -53.75
CA GLN C 332 -38.23 40.63 -52.57
C GLN C 332 -39.45 39.71 -52.42
N GLN C 333 -40.59 40.14 -52.94
CA GLN C 333 -41.83 39.39 -52.78
C GLN C 333 -42.02 38.33 -53.86
N VAL C 334 -41.08 38.26 -54.81
CA VAL C 334 -41.18 37.33 -55.93
C VAL C 334 -41.23 35.87 -55.52
N ARG C 335 -42.17 35.15 -56.11
CA ARG C 335 -42.32 33.73 -55.85
C ARG C 335 -42.62 33.00 -57.15
N PHE C 336 -41.75 32.08 -57.52
CA PHE C 336 -41.96 31.29 -58.73
C PHE C 336 -41.07 30.05 -58.82
N GLU C 337 -41.30 29.28 -59.87
CA GLU C 337 -40.61 28.03 -60.10
C GLU C 337 -39.69 28.18 -61.30
N GLY C 338 -38.38 28.25 -61.06
CA GLY C 338 -37.47 28.42 -62.17
C GLY C 338 -36.54 27.25 -62.31
N LEU C 339 -35.54 27.45 -63.15
CA LEU C 339 -34.45 26.51 -63.30
C LEU C 339 -33.83 26.05 -61.98
N THR C 340 -33.97 26.82 -60.90
CA THR C 340 -33.31 26.45 -59.65
C THR C 340 -34.33 26.11 -58.56
N GLY C 341 -35.40 25.47 -58.97
CA GLY C 341 -36.42 25.11 -58.02
C GLY C 341 -37.25 26.32 -57.64
N ASN C 342 -37.64 26.36 -56.38
CA ASN C 342 -38.51 27.38 -55.86
C ASN C 342 -37.72 28.66 -55.59
N VAL C 343 -38.07 29.74 -56.28
CA VAL C 343 -37.34 31.03 -56.15
C VAL C 343 -38.13 31.99 -55.24
N GLN C 344 -37.54 32.32 -54.08
CA GLN C 344 -38.23 33.01 -52.99
C GLN C 344 -37.23 33.73 -52.05
N PHE C 345 -37.56 34.92 -51.56
CA PHE C 345 -36.62 35.67 -50.71
C PHE C 345 -37.24 36.03 -49.36
N ASN C 346 -36.48 35.84 -48.28
CA ASN C 346 -36.84 36.43 -47.01
C ASN C 346 -36.62 37.94 -47.02
N GLU C 347 -36.98 38.60 -45.92
CA GLU C 347 -36.91 40.07 -45.86
C GLU C 347 -35.48 40.61 -45.86
N LYS C 348 -34.51 39.79 -45.48
CA LYS C 348 -33.13 40.22 -45.50
C LYS C 348 -32.50 40.21 -46.91
N GLY C 349 -33.25 39.75 -47.91
CA GLY C 349 -32.77 39.63 -49.29
C GLY C 349 -32.18 38.30 -49.74
N ARG C 350 -32.35 37.26 -48.95
CA ARG C 350 -31.75 35.96 -49.25
C ARG C 350 -32.77 34.93 -49.67
N ARG C 351 -32.34 33.99 -50.51
CA ARG C 351 -33.14 32.82 -50.89
C ARG C 351 -33.76 32.12 -49.69
N THR C 352 -35.06 31.89 -49.74
CA THR C 352 -35.72 31.15 -48.67
C THR C 352 -36.63 30.06 -49.24
N ASN C 353 -37.06 29.09 -48.43
CA ASN C 353 -37.89 27.98 -48.90
C ASN C 353 -37.23 27.24 -50.08
N TYR C 354 -35.98 26.82 -49.94
CA TYR C 354 -35.35 26.10 -51.04
C TYR C 354 -34.93 24.71 -50.59
N THR C 355 -34.78 23.78 -51.54
CA THR C 355 -34.33 22.42 -51.25
C THR C 355 -32.97 22.23 -51.93
N LEU C 356 -31.99 21.70 -51.20
CA LEU C 356 -30.72 21.26 -51.81
C LEU C 356 -30.66 19.75 -51.86
N HIS C 357 -30.35 19.19 -53.04
CA HIS C 357 -30.18 17.73 -53.13
C HIS C 357 -28.73 17.34 -52.85
N VAL C 358 -28.55 16.36 -51.96
CA VAL C 358 -27.22 15.83 -51.61
C VAL C 358 -26.85 14.60 -52.45
N ILE C 359 -25.67 14.65 -53.07
CA ILE C 359 -25.20 13.58 -53.96
C ILE C 359 -23.84 13.07 -53.52
N GLU C 360 -23.58 11.80 -53.85
CA GLU C 360 -22.38 11.10 -53.44
C GLU C 360 -21.77 10.40 -54.66
N MET C 361 -20.44 10.24 -54.67
CA MET C 361 -19.78 9.57 -55.79
C MET C 361 -18.56 8.74 -55.40
N LYS C 362 -18.52 7.52 -55.91
CA LYS C 362 -17.37 6.63 -55.73
C LYS C 362 -17.27 5.73 -56.95
N HIS C 363 -16.08 5.66 -57.54
CA HIS C 363 -15.90 4.88 -58.76
C HIS C 363 -17.09 5.17 -59.68
N ASP C 364 -17.36 6.45 -59.87
CA ASP C 364 -18.55 6.95 -60.56
C ASP C 364 -19.83 6.43 -59.92
N GLY C 365 -19.89 6.52 -58.60
CA GLY C 365 -21.09 6.19 -57.87
C GLY C 365 -21.93 7.44 -57.76
N ILE C 366 -22.86 7.61 -58.70
CA ILE C 366 -23.75 8.76 -58.65
C ILE C 366 -25.05 8.37 -57.96
N ARG C 367 -25.02 8.40 -56.62
CA ARG C 367 -26.18 8.10 -55.81
C ARG C 367 -26.67 9.36 -55.12
N LYS C 368 -27.96 9.41 -54.82
CA LYS C 368 -28.56 10.57 -54.16
C LYS C 368 -28.80 10.28 -52.68
N ILE C 369 -27.94 10.84 -51.83
CA ILE C 369 -28.00 10.60 -50.41
C ILE C 369 -29.34 11.07 -49.89
N GLY C 370 -29.83 12.15 -50.48
CA GLY C 370 -31.12 12.72 -50.07
C GLY C 370 -31.31 14.18 -50.41
N TYR C 371 -31.78 14.95 -49.43
CA TYR C 371 -32.06 16.37 -49.63
C TYR C 371 -31.93 17.16 -48.32
N TRP C 372 -31.71 18.46 -48.43
CA TRP C 372 -31.66 19.36 -47.27
C TRP C 372 -32.51 20.58 -47.49
N ASN C 373 -33.18 21.01 -46.43
CA ASN C 373 -33.96 22.22 -46.49
C ASN C 373 -34.00 22.86 -45.11
N GLU C 374 -34.46 24.10 -45.05
CA GLU C 374 -34.43 24.83 -43.80
C GLU C 374 -35.26 24.20 -42.68
N ASP C 375 -36.48 23.75 -42.98
CA ASP C 375 -37.34 23.10 -41.96
C ASP C 375 -36.93 21.73 -41.43
N ASP C 376 -36.58 20.81 -42.32
CA ASP C 376 -36.25 19.45 -41.89
C ASP C 376 -34.76 19.21 -41.80
N LYS C 377 -33.97 20.19 -42.19
CA LYS C 377 -32.54 19.99 -42.26
C LYS C 377 -32.29 18.84 -43.24
N PHE C 378 -31.50 17.86 -42.83
CA PHE C 378 -31.14 16.76 -43.71
C PHE C 378 -31.97 15.49 -43.50
N VAL C 379 -32.61 15.01 -44.56
CA VAL C 379 -33.40 13.77 -44.55
C VAL C 379 -32.82 12.92 -45.67
N PRO C 380 -32.38 11.72 -45.33
CA PRO C 380 -31.80 10.78 -46.29
C PRO C 380 -32.87 10.17 -47.19
N ALA C 381 -32.48 9.78 -48.40
CA ALA C 381 -33.45 9.17 -49.33
C ALA C 381 -32.75 8.44 -50.47
N TYR C 399 -22.81 -14.95 -44.40
CA TYR C 399 -21.89 -14.26 -43.44
C TYR C 399 -20.45 -14.75 -43.67
N ILE C 400 -19.48 -13.97 -43.17
CA ILE C 400 -18.06 -14.27 -43.30
C ILE C 400 -17.48 -14.52 -41.90
N VAL C 401 -16.66 -15.56 -41.78
CA VAL C 401 -16.02 -15.96 -40.53
C VAL C 401 -14.54 -15.55 -40.58
N THR C 402 -14.10 -14.83 -39.55
CA THR C 402 -12.69 -14.46 -39.35
C THR C 402 -12.09 -15.39 -38.28
N THR C 403 -10.91 -15.94 -38.59
CA THR C 403 -10.23 -16.89 -37.70
C THR C 403 -8.71 -16.84 -37.96
N ILE C 404 -7.96 -17.42 -37.02
CA ILE C 404 -6.50 -17.50 -37.08
C ILE C 404 -6.08 -18.98 -37.11
N LEU C 405 -4.91 -19.23 -37.71
CA LEU C 405 -4.38 -20.59 -37.86
C LEU C 405 -3.54 -20.93 -36.62
N GLU C 406 -3.95 -21.98 -35.91
CA GLU C 406 -3.25 -22.49 -34.74
C GLU C 406 -3.76 -23.91 -34.44
N ASP C 407 -2.84 -24.81 -34.12
CA ASP C 407 -3.14 -26.22 -33.84
C ASP C 407 -3.70 -26.34 -32.43
N PRO C 408 -4.77 -27.12 -32.24
CA PRO C 408 -5.50 -27.83 -33.28
C PRO C 408 -6.90 -27.23 -33.54
N TYR C 409 -7.02 -25.91 -33.38
CA TYR C 409 -8.29 -25.20 -33.50
C TYR C 409 -8.68 -25.11 -34.98
N VAL C 410 -7.74 -24.64 -35.80
CA VAL C 410 -7.91 -24.51 -37.24
C VAL C 410 -6.56 -24.85 -37.92
N MET C 411 -6.60 -25.80 -38.85
CA MET C 411 -5.46 -26.13 -39.71
C MET C 411 -5.99 -26.61 -41.07
N LEU C 412 -5.21 -26.33 -42.13
CA LEU C 412 -5.61 -26.66 -43.50
C LEU C 412 -5.63 -28.18 -43.69
N LYS C 413 -6.57 -28.64 -44.52
CA LYS C 413 -6.83 -30.07 -44.74
C LYS C 413 -5.69 -30.68 -45.58
N LYS C 414 -5.60 -32.01 -45.55
CA LYS C 414 -4.60 -32.77 -46.30
C LYS C 414 -4.96 -32.72 -47.79
N ASN C 415 -3.96 -32.37 -48.62
CA ASN C 415 -4.15 -32.11 -50.04
C ASN C 415 -5.10 -30.92 -50.21
N ALA C 416 -4.63 -29.75 -49.76
CA ALA C 416 -5.40 -28.50 -49.79
C ALA C 416 -5.47 -27.94 -51.22
N ASN C 417 -4.59 -28.44 -52.10
CA ASN C 417 -4.58 -28.07 -53.51
C ASN C 417 -5.87 -28.54 -54.18
N GLN C 418 -6.32 -29.75 -53.83
CA GLN C 418 -7.56 -30.34 -54.34
C GLN C 418 -8.67 -30.19 -53.29
N PHE C 419 -9.01 -28.92 -52.99
CA PHE C 419 -10.05 -28.57 -52.03
C PHE C 419 -10.65 -27.21 -52.42
N GLU C 420 -11.92 -27.00 -52.06
CA GLU C 420 -12.67 -25.80 -52.42
C GLU C 420 -13.58 -25.38 -51.26
N GLY C 421 -13.36 -24.16 -50.75
CA GLY C 421 -14.25 -23.52 -49.78
C GLY C 421 -13.98 -23.99 -48.37
N ASN C 422 -15.04 -24.48 -47.70
CA ASN C 422 -15.00 -24.86 -46.28
C ASN C 422 -14.34 -26.23 -46.11
N ASP C 423 -14.19 -26.98 -47.22
CA ASP C 423 -13.54 -28.29 -47.22
C ASP C 423 -12.03 -28.14 -47.44
N ARG C 424 -11.48 -26.95 -47.15
CA ARG C 424 -10.06 -26.67 -47.22
C ARG C 424 -9.53 -26.34 -45.81
N TYR C 425 -10.25 -26.80 -44.78
CA TYR C 425 -9.90 -26.56 -43.37
C TYR C 425 -10.43 -27.70 -42.51
N GLU C 426 -9.79 -27.91 -41.35
CA GLU C 426 -10.17 -28.96 -40.39
C GLU C 426 -9.65 -28.60 -39.00
N GLY C 427 -10.46 -28.87 -37.98
CA GLY C 427 -10.08 -28.64 -36.59
C GLY C 427 -11.28 -28.58 -35.65
N TYR C 428 -11.05 -27.94 -34.48
CA TYR C 428 -12.03 -27.84 -33.41
C TYR C 428 -13.06 -26.74 -33.72
N CYS C 429 -12.55 -25.52 -33.97
CA CYS C 429 -13.38 -24.34 -34.22
C CYS C 429 -14.16 -24.49 -35.54
N VAL C 430 -13.64 -25.31 -36.45
CA VAL C 430 -14.31 -25.70 -37.69
C VAL C 430 -15.68 -26.29 -37.36
N GLU C 431 -15.70 -27.22 -36.40
CA GLU C 431 -16.90 -27.97 -36.01
C GLU C 431 -17.84 -27.08 -35.19
N LEU C 432 -17.28 -26.14 -34.43
CA LEU C 432 -18.05 -25.18 -33.63
C LEU C 432 -18.81 -24.22 -34.55
N ALA C 433 -18.14 -23.78 -35.63
CA ALA C 433 -18.73 -22.89 -36.63
C ALA C 433 -19.90 -23.57 -37.34
N ALA C 434 -19.78 -24.90 -37.53
CA ALA C 434 -20.79 -25.72 -38.22
C ALA C 434 -22.06 -25.85 -37.36
N GLU C 435 -21.88 -25.96 -36.03
CA GLU C 435 -22.96 -26.24 -35.10
C GLU C 435 -23.87 -25.00 -34.93
N ILE C 436 -23.25 -23.82 -34.77
CA ILE C 436 -23.96 -22.58 -34.45
C ILE C 436 -24.69 -22.06 -35.69
N ALA C 437 -24.09 -22.24 -36.87
CA ALA C 437 -24.66 -21.79 -38.15
C ALA C 437 -26.02 -22.47 -38.40
N LYS C 438 -26.17 -23.71 -37.91
CA LYS C 438 -27.39 -24.50 -38.05
C LYS C 438 -28.45 -24.04 -37.05
N HIS C 439 -28.02 -23.77 -35.80
CA HIS C 439 -28.93 -23.45 -34.69
C HIS C 439 -29.52 -22.03 -34.88
N VAL C 440 -28.69 -21.09 -35.34
CA VAL C 440 -29.12 -19.71 -35.58
C VAL C 440 -29.83 -19.63 -36.93
N GLY C 441 -29.17 -20.14 -37.98
CA GLY C 441 -29.76 -20.30 -39.30
C GLY C 441 -29.21 -19.30 -40.31
N TYR C 442 -27.93 -19.49 -40.69
CA TYR C 442 -27.31 -18.75 -41.79
C TYR C 442 -26.09 -19.52 -42.32
N SER C 443 -25.91 -19.50 -43.65
CA SER C 443 -24.75 -20.08 -44.31
C SER C 443 -23.55 -19.15 -44.15
N TYR C 444 -22.35 -19.73 -44.12
CA TYR C 444 -21.12 -19.01 -43.81
C TYR C 444 -20.02 -19.34 -44.84
N ARG C 445 -18.93 -18.58 -44.75
CA ARG C 445 -17.71 -18.80 -45.54
C ARG C 445 -16.50 -18.49 -44.67
N LEU C 446 -15.63 -19.48 -44.49
CA LEU C 446 -14.45 -19.38 -43.62
C LEU C 446 -13.34 -18.60 -44.35
N GLU C 447 -12.69 -17.70 -43.61
CA GLU C 447 -11.59 -16.89 -44.13
C GLU C 447 -10.55 -16.68 -43.03
N ILE C 448 -9.27 -16.84 -43.40
CA ILE C 448 -8.13 -16.65 -42.49
C ILE C 448 -7.83 -15.16 -42.37
N VAL C 449 -7.29 -14.75 -41.22
CA VAL C 449 -6.98 -13.35 -40.91
C VAL C 449 -5.78 -12.92 -41.76
N SER C 450 -5.63 -11.60 -41.93
CA SER C 450 -4.62 -10.98 -42.79
C SER C 450 -3.30 -10.80 -42.03
N ASP C 451 -3.39 -10.27 -40.82
CA ASP C 451 -2.21 -9.93 -40.00
C ASP C 451 -1.58 -11.22 -39.45
N GLY C 452 -2.38 -12.04 -38.77
CA GLY C 452 -1.94 -13.29 -38.16
C GLY C 452 -1.73 -13.18 -36.66
N LYS C 453 -2.11 -12.02 -36.09
CA LYS C 453 -2.02 -11.77 -34.65
C LYS C 453 -3.39 -12.02 -34.01
N TYR C 454 -3.41 -12.07 -32.67
CA TYR C 454 -4.64 -12.30 -31.90
C TYR C 454 -5.48 -11.03 -31.88
N GLY C 455 -4.89 -9.93 -31.37
CA GLY C 455 -5.57 -8.65 -31.28
C GLY C 455 -4.88 -7.72 -30.29
N ALA C 456 -4.24 -6.67 -30.81
CA ALA C 456 -3.55 -5.66 -29.99
C ALA C 456 -3.54 -4.32 -30.73
N ARG C 457 -3.75 -3.24 -29.96
CA ARG C 457 -3.72 -1.86 -30.46
C ARG C 457 -2.35 -1.25 -30.17
N ASP C 458 -1.84 -0.46 -31.11
CA ASP C 458 -0.60 0.29 -30.94
C ASP C 458 -0.85 1.45 -30.00
N PRO C 459 0.15 1.86 -29.17
CA PRO C 459 -0.04 2.94 -28.21
C PRO C 459 -0.22 4.33 -28.84
N ASP C 460 0.44 4.57 -29.99
CA ASP C 460 0.38 5.84 -30.69
C ASP C 460 -0.96 5.93 -31.45
N THR C 461 -1.01 5.30 -32.64
CA THR C 461 -2.21 5.25 -33.46
C THR C 461 -3.06 4.05 -33.01
N LYS C 462 -4.38 4.24 -32.96
CA LYS C 462 -5.32 3.20 -32.54
C LYS C 462 -5.60 2.27 -33.72
N ALA C 463 -4.52 1.66 -34.25
CA ALA C 463 -4.59 0.72 -35.37
C ALA C 463 -4.58 -0.70 -34.83
N TRP C 464 -5.76 -1.31 -34.77
CA TRP C 464 -5.95 -2.65 -34.22
C TRP C 464 -5.53 -3.70 -35.26
N ASN C 465 -4.61 -4.58 -34.86
CA ASN C 465 -4.03 -5.60 -35.73
C ASN C 465 -4.62 -6.97 -35.38
N GLY C 466 -4.70 -7.86 -36.37
CA GLY C 466 -5.07 -9.25 -36.20
C GLY C 466 -6.55 -9.50 -36.43
N MET C 467 -7.15 -10.29 -35.54
CA MET C 467 -8.52 -10.79 -35.69
C MET C 467 -9.53 -9.68 -35.36
N VAL C 468 -9.30 -8.98 -34.25
CA VAL C 468 -10.22 -7.95 -33.75
C VAL C 468 -10.19 -6.73 -34.67
N GLY C 469 -9.04 -6.47 -35.31
CA GLY C 469 -8.86 -5.37 -36.25
C GLY C 469 -9.76 -5.49 -37.47
N GLU C 470 -9.96 -6.73 -37.93
CA GLU C 470 -10.79 -7.03 -39.10
C GLU C 470 -12.28 -6.85 -38.76
N LEU C 471 -12.61 -7.00 -37.47
CA LEU C 471 -13.98 -6.89 -36.96
C LEU C 471 -14.37 -5.42 -36.73
N VAL C 472 -13.39 -4.59 -36.35
CA VAL C 472 -13.64 -3.21 -35.89
C VAL C 472 -14.30 -2.39 -37.00
N TYR C 473 -13.72 -2.41 -38.20
CA TYR C 473 -14.28 -1.68 -39.36
C TYR C 473 -15.38 -2.53 -40.02
N GLY C 474 -15.18 -3.85 -40.02
CA GLY C 474 -16.21 -4.83 -40.40
C GLY C 474 -15.99 -5.40 -41.79
N ARG C 475 -15.00 -6.30 -41.89
CA ARG C 475 -14.73 -7.10 -43.09
C ARG C 475 -15.44 -8.45 -42.97
N ALA C 476 -15.57 -8.95 -41.73
CA ALA C 476 -16.24 -10.22 -41.42
C ALA C 476 -17.37 -9.97 -40.42
N ASP C 477 -18.33 -10.91 -40.38
CA ASP C 477 -19.52 -10.82 -39.54
C ASP C 477 -19.17 -11.19 -38.09
N VAL C 478 -18.68 -12.42 -37.90
CA VAL C 478 -18.33 -12.95 -36.58
C VAL C 478 -16.95 -13.63 -36.66
N ALA C 479 -16.42 -13.99 -35.49
CA ALA C 479 -15.11 -14.63 -35.37
C ALA C 479 -15.19 -15.77 -34.34
N VAL C 480 -14.57 -16.91 -34.69
CA VAL C 480 -14.45 -18.07 -33.80
C VAL C 480 -12.97 -18.47 -33.72
N ALA C 481 -12.30 -17.98 -32.67
CA ALA C 481 -10.87 -18.23 -32.44
C ALA C 481 -10.59 -18.23 -30.94
N PRO C 482 -9.58 -19.00 -30.46
CA PRO C 482 -9.19 -18.94 -29.05
C PRO C 482 -8.62 -17.56 -28.69
N LEU C 483 -9.49 -16.69 -28.15
CA LEU C 483 -9.13 -15.33 -27.75
C LEU C 483 -9.66 -15.06 -26.34
N THR C 484 -8.75 -14.60 -25.46
CA THR C 484 -9.04 -14.33 -24.06
C THR C 484 -9.80 -13.00 -23.94
N ILE C 485 -10.46 -12.80 -22.80
CA ILE C 485 -11.25 -11.61 -22.52
C ILE C 485 -10.46 -10.67 -21.60
N THR C 486 -10.48 -9.38 -21.92
CA THR C 486 -9.85 -8.33 -21.11
C THR C 486 -10.78 -7.11 -21.07
N LEU C 487 -10.55 -6.24 -20.08
CA LEU C 487 -11.27 -4.97 -19.92
C LEU C 487 -11.04 -4.08 -21.14
N VAL C 488 -9.83 -4.15 -21.71
CA VAL C 488 -9.40 -3.36 -22.86
C VAL C 488 -10.20 -3.79 -24.09
N ARG C 489 -10.41 -5.10 -24.22
CA ARG C 489 -11.01 -5.73 -25.40
C ARG C 489 -12.54 -5.60 -25.36
N GLU C 490 -13.10 -5.50 -24.15
CA GLU C 490 -14.55 -5.51 -23.93
C GLU C 490 -15.21 -4.21 -24.42
N GLU C 491 -14.42 -3.13 -24.46
CA GLU C 491 -14.90 -1.80 -24.84
C GLU C 491 -15.15 -1.74 -26.35
N VAL C 492 -14.14 -2.15 -27.14
CA VAL C 492 -14.12 -1.96 -28.60
C VAL C 492 -14.92 -3.07 -29.28
N ILE C 493 -14.89 -4.29 -28.72
CA ILE C 493 -15.62 -5.44 -29.26
C ILE C 493 -16.48 -6.07 -28.15
N ASP C 494 -17.67 -6.55 -28.53
CA ASP C 494 -18.60 -7.18 -27.60
C ASP C 494 -18.31 -8.68 -27.52
N PHE C 495 -18.00 -9.15 -26.30
CA PHE C 495 -17.69 -10.55 -26.02
C PHE C 495 -18.94 -11.27 -25.53
N SER C 496 -19.06 -12.56 -25.90
CA SER C 496 -20.16 -13.43 -25.49
C SER C 496 -19.75 -14.21 -24.23
N LYS C 497 -20.63 -15.10 -23.78
CA LYS C 497 -20.42 -15.93 -22.58
C LYS C 497 -19.31 -16.95 -22.88
N PRO C 498 -18.47 -17.32 -21.88
CA PRO C 498 -17.36 -18.24 -22.11
C PRO C 498 -17.83 -19.69 -22.37
N PHE C 499 -17.05 -20.42 -23.16
CA PHE C 499 -17.36 -21.81 -23.56
C PHE C 499 -16.34 -22.79 -22.98
N MET C 500 -15.06 -22.39 -22.98
CA MET C 500 -13.96 -23.22 -22.47
C MET C 500 -13.11 -22.37 -21.50
N SER C 501 -12.86 -22.94 -20.31
CA SER C 501 -12.07 -22.28 -19.26
C SER C 501 -10.62 -22.77 -19.32
N LEU C 502 -9.68 -21.85 -19.04
CA LEU C 502 -8.25 -22.10 -19.10
C LEU C 502 -7.56 -21.59 -17.82
N GLY C 503 -6.31 -22.00 -17.64
CA GLY C 503 -5.50 -21.59 -16.50
C GLY C 503 -4.02 -21.84 -16.75
N ILE C 504 -3.18 -21.16 -15.96
CA ILE C 504 -1.72 -21.30 -16.02
C ILE C 504 -1.32 -22.52 -15.17
N SER C 505 -0.54 -23.43 -15.79
CA SER C 505 -0.13 -24.69 -15.18
C SER C 505 1.36 -24.95 -15.46
N ILE C 506 1.86 -26.06 -14.92
CA ILE C 506 3.28 -26.40 -14.92
C ILE C 506 3.52 -27.55 -15.91
N MET C 507 4.65 -27.47 -16.63
CA MET C 507 5.08 -28.50 -17.58
C MET C 507 6.54 -28.86 -17.30
N ILE C 508 6.77 -30.12 -16.92
CA ILE C 508 8.11 -30.66 -16.66
C ILE C 508 8.36 -31.85 -17.59
N LYS C 509 9.62 -32.29 -17.63
CA LYS C 509 10.03 -33.49 -18.36
C LYS C 509 9.51 -34.72 -17.59
N LYS C 510 8.85 -35.62 -18.33
CA LYS C 510 8.21 -36.80 -17.75
C LYS C 510 9.27 -37.72 -17.15
N PRO C 511 9.15 -38.10 -15.85
CA PRO C 511 10.07 -39.08 -15.26
C PRO C 511 10.04 -40.42 -16.01
N GLN C 512 11.15 -40.76 -16.67
CA GLN C 512 11.27 -41.96 -17.47
C GLN C 512 11.19 -43.19 -16.57
N LYS C 513 10.66 -44.29 -17.11
CA LYS C 513 10.48 -45.55 -16.39
C LYS C 513 11.85 -46.08 -15.94
N SER C 514 12.19 -45.80 -14.68
CA SER C 514 13.47 -46.19 -14.10
C SER C 514 13.52 -47.71 -13.90
N LYS C 515 13.92 -48.42 -14.96
CA LYS C 515 14.12 -49.86 -14.94
C LYS C 515 15.34 -50.17 -14.07
N PRO C 516 15.19 -50.89 -12.94
CA PRO C 516 16.32 -51.16 -12.05
C PRO C 516 17.38 -52.02 -12.75
N GLY C 517 18.66 -51.75 -12.45
CA GLY C 517 19.78 -52.54 -12.94
C GLY C 517 19.62 -54.00 -12.54
N VAL C 518 20.00 -54.89 -13.45
CA VAL C 518 19.88 -56.34 -13.24
C VAL C 518 20.84 -56.77 -12.12
N PHE C 519 21.86 -55.94 -11.84
CA PHE C 519 22.71 -56.07 -10.66
C PHE C 519 22.69 -54.76 -9.87
N SER C 520 21.49 -54.36 -9.43
CA SER C 520 21.28 -53.15 -8.63
C SER C 520 21.11 -53.53 -7.14
N PHE C 521 21.78 -54.61 -6.73
CA PHE C 521 21.79 -55.08 -5.33
C PHE C 521 23.23 -55.08 -4.78
N LEU C 522 24.21 -54.76 -5.64
CA LEU C 522 25.62 -54.63 -5.26
C LEU C 522 26.03 -53.16 -5.25
N ASP C 523 25.05 -52.26 -5.09
CA ASP C 523 25.26 -50.82 -5.07
C ASP C 523 25.85 -50.38 -3.73
N PRO C 524 25.41 -50.91 -2.57
CA PRO C 524 25.90 -50.44 -1.27
C PRO C 524 27.44 -50.40 -1.12
N LEU C 525 28.11 -51.46 -1.58
CA LEU C 525 29.58 -51.56 -1.53
C LEU C 525 30.15 -51.31 -2.93
N ALA C 526 31.25 -50.54 -2.99
CA ALA C 526 31.92 -50.17 -4.23
C ALA C 526 32.72 -51.37 -4.78
N TYR C 527 33.16 -51.25 -6.04
CA TYR C 527 33.73 -52.37 -6.80
C TYR C 527 35.10 -52.79 -6.23
N GLU C 528 35.86 -51.82 -5.69
CA GLU C 528 37.23 -52.08 -5.22
C GLU C 528 37.22 -52.83 -3.90
N ILE C 529 36.10 -52.76 -3.15
CA ILE C 529 35.92 -53.52 -1.90
C ILE C 529 35.65 -55.00 -2.24
N TRP C 530 34.71 -55.23 -3.16
CA TRP C 530 34.33 -56.59 -3.59
C TRP C 530 35.56 -57.34 -4.14
N MET C 531 36.53 -56.59 -4.68
CA MET C 531 37.77 -57.16 -5.21
C MET C 531 38.65 -57.67 -4.06
N CYS C 532 38.76 -56.88 -2.99
CA CYS C 532 39.70 -57.11 -1.90
C CYS C 532 39.17 -58.17 -0.91
N ILE C 533 37.87 -58.46 -0.95
CA ILE C 533 37.27 -59.52 -0.13
C ILE C 533 37.71 -60.88 -0.68
N VAL C 534 37.85 -60.97 -2.01
CA VAL C 534 38.21 -62.21 -2.70
C VAL C 534 39.70 -62.50 -2.45
N PHE C 535 40.54 -61.46 -2.57
CA PHE C 535 41.99 -61.58 -2.36
C PHE C 535 42.28 -62.05 -0.94
N ALA C 536 41.63 -61.42 0.05
CA ALA C 536 41.81 -61.72 1.46
C ALA C 536 41.38 -63.17 1.77
N TYR C 537 40.31 -63.61 1.12
CA TYR C 537 39.72 -64.95 1.31
C TYR C 537 40.74 -66.04 0.98
N ILE C 538 41.51 -65.84 -0.10
CA ILE C 538 42.54 -66.78 -0.54
C ILE C 538 43.69 -66.78 0.48
N GLY C 539 44.17 -65.58 0.81
CA GLY C 539 45.30 -65.39 1.74
C GLY C 539 45.04 -65.98 3.12
N VAL C 540 43.78 -65.93 3.56
CA VAL C 540 43.36 -66.47 4.86
C VAL C 540 43.46 -68.00 4.84
N SER C 541 42.98 -68.61 3.75
CA SER C 541 42.90 -70.07 3.60
C SER C 541 44.31 -70.68 3.56
N VAL C 542 45.20 -70.06 2.79
CA VAL C 542 46.57 -70.57 2.55
C VAL C 542 47.36 -70.56 3.87
N VAL C 543 47.25 -69.45 4.62
CA VAL C 543 47.95 -69.27 5.90
C VAL C 543 47.42 -70.30 6.91
N LEU C 544 46.09 -70.47 6.94
CA LEU C 544 45.42 -71.43 7.84
C LEU C 544 45.95 -72.84 7.57
N PHE C 545 46.05 -73.18 6.28
CA PHE C 545 46.48 -74.50 5.79
C PHE C 545 47.90 -74.82 6.25
N LEU C 546 48.77 -73.81 6.24
CA LEU C 546 50.21 -73.95 6.54
C LEU C 546 50.43 -74.26 8.02
N VAL C 547 49.83 -73.42 8.89
CA VAL C 547 50.10 -73.45 10.33
C VAL C 547 49.30 -74.58 11.01
N SER C 548 48.25 -75.09 10.33
CA SER C 548 47.40 -76.16 10.86
C SER C 548 48.18 -77.48 10.90
N ARG C 549 48.76 -77.87 9.76
CA ARG C 549 49.52 -79.12 9.64
C ARG C 549 51.02 -78.78 9.55
N PHE C 550 51.76 -79.16 10.60
CA PHE C 550 53.20 -78.90 10.72
C PHE C 550 53.81 -79.97 11.61
N SER C 551 54.96 -80.59 11.21
CA SER C 551 55.53 -81.71 11.96
C SER C 551 56.16 -81.28 13.29
N ASN C 573 46.06 -83.84 11.36
CA ASN C 573 45.36 -82.60 11.05
C ASN C 573 44.29 -82.86 9.99
N GLU C 574 43.09 -82.32 10.21
CA GLU C 574 41.94 -82.49 9.33
C GLU C 574 41.93 -81.37 8.27
N PHE C 575 42.50 -80.21 8.61
CA PHE C 575 42.53 -79.05 7.72
C PHE C 575 43.54 -79.27 6.59
N GLY C 576 43.09 -80.00 5.55
CA GLY C 576 43.83 -80.15 4.31
C GLY C 576 43.72 -78.91 3.44
N ILE C 577 44.23 -79.01 2.20
CA ILE C 577 44.15 -77.92 1.22
C ILE C 577 42.69 -77.73 0.78
N PHE C 578 41.92 -78.83 0.77
CA PHE C 578 40.52 -78.81 0.35
C PHE C 578 39.62 -78.32 1.50
N ASN C 579 39.89 -78.78 2.72
CA ASN C 579 39.03 -78.54 3.89
C ASN C 579 39.23 -77.12 4.44
N SER C 580 40.48 -76.64 4.45
CA SER C 580 40.80 -75.29 4.91
C SER C 580 40.13 -74.24 4.02
N LEU C 581 39.94 -74.59 2.74
CA LEU C 581 39.27 -73.74 1.75
C LEU C 581 37.76 -73.70 2.03
N TRP C 582 37.23 -74.82 2.52
CA TRP C 582 35.80 -75.02 2.81
C TRP C 582 35.41 -74.35 4.13
N PHE C 583 36.35 -74.31 5.09
CA PHE C 583 36.14 -73.72 6.41
C PHE C 583 36.00 -72.19 6.30
N SER C 584 36.80 -71.59 5.41
CA SER C 584 36.88 -70.13 5.24
C SER C 584 35.58 -69.58 4.63
N LEU C 585 34.99 -70.35 3.70
CA LEU C 585 33.73 -69.95 3.05
C LEU C 585 32.58 -70.04 4.04
N GLY C 586 32.58 -71.09 4.87
CA GLY C 586 31.54 -71.35 5.87
C GLY C 586 31.45 -70.25 6.91
N ALA C 587 32.56 -69.57 7.17
CA ALA C 587 32.64 -68.49 8.16
C ALA C 587 32.00 -67.21 7.61
N PHE C 588 32.36 -66.83 6.37
CA PHE C 588 31.89 -65.60 5.74
C PHE C 588 30.38 -65.67 5.46
N MET C 589 29.91 -66.84 5.01
CA MET C 589 28.52 -67.06 4.63
C MET C 589 27.62 -67.15 5.89
N GLN C 590 28.23 -67.39 7.05
CA GLN C 590 27.54 -67.51 8.33
C GLN C 590 26.60 -68.71 8.30
N GLN C 591 27.21 -69.91 8.25
CA GLN C 591 26.47 -71.17 8.18
C GLN C 591 27.15 -72.21 9.11
N GLY C 592 27.69 -71.73 10.22
CA GLY C 592 28.37 -72.57 11.21
C GLY C 592 29.65 -73.18 10.67
N CYS C 593 30.01 -74.35 11.21
CA CYS C 593 31.24 -75.06 10.83
C CYS C 593 31.08 -76.57 11.11
N ASP C 594 31.91 -77.36 10.44
CA ASP C 594 31.99 -78.81 10.63
C ASP C 594 33.02 -79.12 11.72
N ILE C 595 34.26 -78.68 11.49
CA ILE C 595 35.40 -78.95 12.36
C ILE C 595 36.04 -77.62 12.79
N SER C 596 36.36 -77.52 14.09
CA SER C 596 37.01 -76.36 14.69
C SER C 596 38.52 -76.56 14.73
N PRO C 597 39.34 -75.51 14.51
CA PRO C 597 40.78 -75.59 14.73
C PRO C 597 41.14 -76.06 16.15
N ARG C 598 42.12 -76.96 16.24
CA ARG C 598 42.47 -77.66 17.48
C ARG C 598 43.61 -76.91 18.20
N SER C 599 44.64 -76.51 17.44
CA SER C 599 45.87 -75.94 17.99
C SER C 599 45.73 -74.43 18.21
N LEU C 600 46.76 -73.84 18.84
CA LEU C 600 46.80 -72.41 19.17
C LEU C 600 46.99 -71.58 17.89
N SER C 601 47.85 -72.05 17.00
CA SER C 601 48.19 -71.36 15.75
C SER C 601 46.97 -71.28 14.83
N GLY C 602 46.15 -72.35 14.82
CA GLY C 602 44.96 -72.44 13.98
C GLY C 602 43.79 -71.62 14.54
N ARG C 603 43.76 -71.46 15.87
CA ARG C 603 42.67 -70.76 16.56
C ARG C 603 42.78 -69.25 16.34
N ILE C 604 44.00 -68.70 16.45
CA ILE C 604 44.23 -67.26 16.42
C ILE C 604 43.89 -66.69 15.04
N VAL C 605 44.15 -67.47 13.97
CA VAL C 605 43.86 -67.03 12.59
C VAL C 605 42.35 -67.13 12.33
N GLY C 606 41.68 -68.07 13.01
CA GLY C 606 40.23 -68.26 12.91
C GLY C 606 39.46 -67.12 13.56
N GLY C 607 39.96 -66.62 14.68
CA GLY C 607 39.31 -65.58 15.49
C GLY C 607 39.26 -64.23 14.79
N VAL C 608 40.32 -63.92 14.03
CA VAL C 608 40.44 -62.64 13.31
C VAL C 608 39.50 -62.67 12.10
N TRP C 609 39.40 -63.84 11.46
CA TRP C 609 38.54 -64.05 10.30
C TRP C 609 37.05 -63.96 10.72
N TRP C 610 36.76 -64.30 11.98
CA TRP C 610 35.43 -64.16 12.57
C TRP C 610 35.12 -62.68 12.83
N PHE C 611 36.11 -61.92 13.31
CA PHE C 611 35.96 -60.50 13.62
C PHE C 611 35.81 -59.68 12.33
N PHE C 612 36.48 -60.13 11.26
CA PHE C 612 36.40 -59.53 9.93
C PHE C 612 34.96 -59.63 9.40
N THR C 613 34.40 -60.84 9.50
CA THR C 613 33.10 -61.20 8.91
C THR C 613 31.97 -60.36 9.50
N LEU C 614 31.98 -60.18 10.82
CA LEU C 614 30.84 -59.62 11.56
C LEU C 614 30.66 -58.13 11.23
N ILE C 615 31.75 -57.45 10.84
CA ILE C 615 31.74 -56.02 10.55
C ILE C 615 31.31 -55.77 9.09
N ILE C 616 31.79 -56.62 8.17
CA ILE C 616 31.51 -56.47 6.73
C ILE C 616 30.01 -56.68 6.47
N ILE C 617 29.43 -57.70 7.12
CA ILE C 617 28.02 -58.07 6.95
C ILE C 617 27.11 -56.95 7.48
N SER C 618 27.41 -56.47 8.70
CA SER C 618 26.55 -55.51 9.39
C SER C 618 26.61 -54.13 8.72
N SER C 619 27.74 -53.82 8.08
CA SER C 619 27.93 -52.57 7.34
C SER C 619 27.09 -52.59 6.05
N TYR C 620 26.99 -53.78 5.43
CA TYR C 620 26.25 -53.98 4.18
C TYR C 620 24.74 -53.81 4.41
N THR C 621 24.25 -54.33 5.54
CA THR C 621 22.83 -54.30 5.89
C THR C 621 22.39 -52.86 6.20
N ALA C 622 23.22 -52.14 6.96
CA ALA C 622 22.90 -50.79 7.44
C ALA C 622 22.91 -49.78 6.28
N ASN C 623 23.82 -49.97 5.32
CA ASN C 623 23.98 -49.07 4.18
C ASN C 623 22.80 -49.22 3.22
N LEU C 624 22.33 -50.46 3.04
CA LEU C 624 21.17 -50.78 2.20
C LEU C 624 19.88 -50.25 2.87
N ALA C 625 19.85 -50.27 4.20
CA ALA C 625 18.74 -49.73 4.99
C ALA C 625 18.62 -48.22 4.77
N ALA C 626 19.77 -47.54 4.70
CA ALA C 626 19.84 -46.09 4.48
C ALA C 626 19.47 -45.74 3.03
N PHE C 627 19.76 -46.65 2.10
CA PHE C 627 19.57 -46.44 0.66
C PHE C 627 18.08 -46.39 0.33
N LEU C 628 17.31 -47.30 0.94
CA LEU C 628 15.87 -47.45 0.67
C LEU C 628 15.05 -46.45 1.48
N THR C 629 15.57 -46.02 2.63
CA THR C 629 14.89 -45.06 3.52
C THR C 629 14.82 -43.69 2.83
N VAL C 630 15.93 -43.26 2.23
CA VAL C 630 16.05 -41.97 1.55
C VAL C 630 15.21 -41.97 0.27
N GLU C 631 15.22 -43.11 -0.45
CA GLU C 631 14.66 -43.21 -1.80
C GLU C 631 13.14 -43.04 -1.79
N ARG C 632 12.47 -43.45 -0.70
CA ARG C 632 11.00 -43.48 -0.64
C ARG C 632 10.43 -42.17 -0.08
N MET C 633 11.24 -41.41 0.68
CA MET C 633 10.80 -40.11 1.21
C MET C 633 11.31 -38.99 0.30
N VAL C 634 10.77 -38.96 -0.93
CA VAL C 634 11.02 -37.92 -1.91
C VAL C 634 9.70 -37.55 -2.58
N SER C 635 9.48 -36.24 -2.78
CA SER C 635 8.25 -35.71 -3.35
C SER C 635 8.56 -34.97 -4.65
N PRO C 636 7.84 -35.25 -5.76
CA PRO C 636 7.99 -34.49 -7.00
C PRO C 636 7.38 -33.08 -6.88
N ILE C 637 7.77 -32.20 -7.82
CA ILE C 637 7.26 -30.82 -7.86
C ILE C 637 5.78 -30.86 -8.22
N GLU C 638 4.92 -30.77 -7.19
CA GLU C 638 3.47 -30.99 -7.34
C GLU C 638 2.77 -29.63 -7.52
N SER C 639 2.84 -28.78 -6.48
CA SER C 639 2.12 -27.50 -6.45
C SER C 639 3.09 -26.34 -6.71
N ALA C 640 2.54 -25.13 -6.82
CA ALA C 640 3.29 -23.90 -7.06
C ALA C 640 4.13 -23.54 -5.82
N GLU C 641 3.74 -24.04 -4.66
CA GLU C 641 4.46 -23.85 -3.40
C GLU C 641 5.80 -24.59 -3.45
N ASP C 642 5.82 -25.75 -4.12
CA ASP C 642 7.03 -26.57 -4.28
C ASP C 642 8.03 -25.85 -5.18
N LEU C 643 7.53 -25.14 -6.20
CA LEU C 643 8.34 -24.33 -7.11
C LEU C 643 8.96 -23.14 -6.34
N ALA C 644 8.16 -22.56 -5.44
CA ALA C 644 8.55 -21.37 -4.67
C ALA C 644 9.76 -21.65 -3.78
N LYS C 645 9.86 -22.89 -3.28
CA LYS C 645 10.97 -23.33 -2.41
C LYS C 645 11.81 -24.37 -3.14
N GLN C 646 12.40 -23.95 -4.27
CA GLN C 646 13.38 -24.75 -5.01
C GLN C 646 14.24 -23.83 -5.89
N THR C 647 15.53 -24.15 -5.97
CA THR C 647 16.54 -23.37 -6.71
C THR C 647 17.19 -24.22 -7.81
N GLU C 648 17.28 -25.53 -7.59
CA GLU C 648 17.96 -26.47 -8.48
C GLU C 648 17.19 -26.60 -9.80
N ILE C 649 15.85 -26.62 -9.72
CA ILE C 649 14.97 -26.72 -10.88
C ILE C 649 14.45 -25.31 -11.21
N ALA C 650 14.93 -24.76 -12.33
CA ALA C 650 14.62 -23.40 -12.78
C ALA C 650 13.24 -23.39 -13.44
N TYR C 651 12.65 -22.19 -13.52
CA TYR C 651 11.35 -21.99 -14.16
C TYR C 651 11.27 -20.58 -14.75
N GLY C 652 10.75 -20.49 -15.99
CA GLY C 652 10.59 -19.24 -16.72
C GLY C 652 9.43 -19.29 -17.69
N THR C 653 8.96 -18.12 -18.13
CA THR C 653 7.80 -17.96 -19.01
C THR C 653 8.27 -17.42 -20.37
N LEU C 654 7.33 -16.90 -21.16
CA LEU C 654 7.63 -16.25 -22.44
C LEU C 654 8.26 -14.87 -22.18
N GLU C 655 8.88 -14.31 -23.23
CA GLU C 655 9.56 -13.01 -23.18
C GLU C 655 8.53 -11.91 -22.94
N ALA C 656 7.40 -11.98 -23.65
CA ALA C 656 6.30 -11.02 -23.51
C ALA C 656 4.96 -11.73 -23.75
N GLY C 657 3.94 -11.32 -22.99
CA GLY C 657 2.59 -11.88 -23.10
C GLY C 657 1.70 -11.40 -21.96
N SER C 658 0.62 -12.16 -21.72
CA SER C 658 -0.33 -11.88 -20.63
C SER C 658 0.13 -12.56 -19.34
N THR C 659 1.07 -13.50 -19.45
CA THR C 659 1.59 -14.28 -18.33
C THR C 659 2.52 -13.42 -17.47
N LYS C 660 3.51 -12.80 -18.12
CA LYS C 660 4.54 -12.00 -17.45
C LYS C 660 3.94 -10.68 -16.95
N GLU C 661 2.93 -10.17 -17.67
CA GLU C 661 2.24 -8.92 -17.32
C GLU C 661 1.45 -9.13 -16.02
N PHE C 662 0.90 -10.33 -15.82
CA PHE C 662 0.19 -10.72 -14.60
C PHE C 662 1.18 -10.82 -13.43
N PHE C 663 2.39 -11.30 -13.72
CA PHE C 663 3.41 -11.58 -12.71
C PHE C 663 3.94 -10.29 -12.07
N ARG C 664 3.94 -9.19 -12.83
CA ARG C 664 4.52 -7.91 -12.37
C ARG C 664 3.63 -7.27 -11.30
N ARG C 665 2.32 -7.21 -11.57
CA ARG C 665 1.33 -6.64 -10.64
C ARG C 665 0.61 -7.78 -9.90
N SER C 666 1.38 -8.80 -9.49
CA SER C 666 0.89 -9.94 -8.73
C SER C 666 0.93 -9.61 -7.24
N LYS C 667 -0.27 -9.47 -6.64
CA LYS C 667 -0.43 -9.24 -5.20
C LYS C 667 -0.96 -10.53 -4.56
N ILE C 668 -0.07 -11.53 -4.43
CA ILE C 668 -0.41 -12.86 -3.94
C ILE C 668 0.46 -13.18 -2.71
N ALA C 669 0.42 -14.46 -2.29
CA ALA C 669 1.10 -14.91 -1.08
C ALA C 669 2.62 -14.96 -1.30
N VAL C 670 3.07 -15.88 -2.16
CA VAL C 670 4.51 -16.12 -2.38
C VAL C 670 4.81 -16.18 -3.89
N PHE C 671 3.90 -15.66 -4.72
CA PHE C 671 4.12 -15.54 -6.16
C PHE C 671 4.82 -14.21 -6.47
N GLU C 672 4.79 -13.28 -5.50
CA GLU C 672 5.58 -12.05 -5.53
C GLU C 672 7.06 -12.39 -5.36
N LYS C 673 7.34 -13.39 -4.51
CA LYS C 673 8.70 -13.89 -4.27
C LYS C 673 9.17 -14.71 -5.48
N MET C 674 8.22 -15.37 -6.16
CA MET C 674 8.49 -16.17 -7.35
C MET C 674 9.05 -15.29 -8.48
N TRP C 675 8.42 -14.13 -8.70
CA TRP C 675 8.83 -13.19 -9.75
C TRP C 675 10.11 -12.46 -9.34
N THR C 676 10.32 -12.30 -8.02
CA THR C 676 11.53 -11.67 -7.47
C THR C 676 12.77 -12.47 -7.90
N TYR C 677 12.63 -13.81 -7.91
CA TYR C 677 13.70 -14.72 -8.32
C TYR C 677 13.85 -14.73 -9.84
N MET C 678 12.71 -14.63 -10.55
CA MET C 678 12.64 -14.73 -12.02
C MET C 678 13.43 -13.59 -12.68
N LYS C 679 13.41 -12.40 -12.06
CA LYS C 679 14.02 -11.20 -12.63
C LYS C 679 15.55 -11.35 -12.70
N SER C 680 16.14 -11.89 -11.62
CA SER C 680 17.59 -12.05 -11.50
C SER C 680 17.96 -13.53 -11.63
N ALA C 681 18.42 -13.91 -12.83
CA ALA C 681 18.90 -15.27 -13.14
C ALA C 681 20.24 -15.19 -13.85
N GLU C 682 21.00 -16.30 -13.82
CA GLU C 682 22.34 -16.37 -14.39
C GLU C 682 22.24 -16.36 -15.92
N PRO C 683 21.62 -17.39 -16.55
CA PRO C 683 21.19 -17.29 -17.94
C PRO C 683 19.78 -16.66 -18.06
N SER C 684 19.38 -16.34 -19.28
CA SER C 684 18.06 -15.76 -19.57
C SER C 684 16.99 -16.85 -19.47
N VAL C 685 16.18 -16.79 -18.40
CA VAL C 685 15.15 -17.79 -18.12
C VAL C 685 13.96 -17.60 -19.07
N PHE C 686 13.71 -16.36 -19.48
CA PHE C 686 12.60 -16.03 -20.38
C PHE C 686 12.99 -16.42 -21.81
N VAL C 687 12.15 -17.23 -22.45
CA VAL C 687 12.37 -17.73 -23.82
C VAL C 687 11.45 -16.96 -24.77
N ARG C 688 11.95 -16.68 -25.98
CA ARG C 688 11.24 -15.90 -26.99
C ARG C 688 10.10 -16.73 -27.58
N THR C 689 10.45 -17.91 -28.10
CA THR C 689 9.51 -18.82 -28.76
C THR C 689 8.97 -19.83 -27.74
N THR C 690 7.71 -20.25 -27.94
CA THR C 690 7.01 -21.18 -27.05
C THR C 690 7.42 -22.62 -27.38
N GLU C 691 7.49 -22.94 -28.68
CA GLU C 691 7.82 -24.28 -29.17
C GLU C 691 9.30 -24.57 -28.91
N GLU C 692 10.15 -23.56 -29.11
CA GLU C 692 11.59 -23.64 -28.82
C GLU C 692 11.81 -23.70 -27.30
N GLY C 693 10.89 -23.11 -26.54
CA GLY C 693 10.89 -23.18 -25.07
C GLY C 693 10.61 -24.57 -24.57
N MET C 694 9.79 -25.33 -25.32
CA MET C 694 9.47 -26.73 -25.02
C MET C 694 10.70 -27.63 -25.25
N ILE C 695 11.57 -27.22 -26.19
CA ILE C 695 12.79 -27.94 -26.53
C ILE C 695 13.81 -27.79 -25.40
N ARG C 696 13.81 -26.63 -24.73
CA ARG C 696 14.75 -26.32 -23.66
C ARG C 696 14.49 -27.23 -22.45
N VAL C 697 13.22 -27.60 -22.23
CA VAL C 697 12.82 -28.49 -21.14
C VAL C 697 13.34 -29.90 -21.45
N ARG C 698 13.27 -30.30 -22.72
CA ARG C 698 13.76 -31.59 -23.22
C ARG C 698 15.28 -31.69 -23.03
N LYS C 699 15.99 -30.62 -23.37
CA LYS C 699 17.47 -30.58 -23.36
C LYS C 699 18.01 -30.66 -21.93
N SER C 700 17.32 -29.97 -21.01
CA SER C 700 17.72 -29.91 -19.60
C SER C 700 17.56 -31.29 -18.93
N LYS C 701 16.45 -31.96 -19.23
CA LYS C 701 16.12 -33.29 -18.70
C LYS C 701 15.98 -33.20 -17.18
N GLY C 702 14.88 -32.59 -16.73
CA GLY C 702 14.55 -32.45 -15.32
C GLY C 702 15.40 -31.40 -14.62
N LYS C 703 15.54 -30.24 -15.26
CA LYS C 703 16.30 -29.11 -14.71
C LYS C 703 15.62 -27.77 -15.00
N TYR C 704 14.61 -27.77 -15.89
CA TYR C 704 13.87 -26.56 -16.28
C TYR C 704 12.38 -26.91 -16.40
N ALA C 705 11.53 -25.96 -15.99
CA ALA C 705 10.07 -26.08 -16.08
C ALA C 705 9.52 -24.84 -16.80
N TYR C 706 8.61 -25.07 -17.76
CA TYR C 706 8.05 -24.02 -18.59
C TYR C 706 6.57 -23.83 -18.22
N LEU C 707 6.20 -22.60 -17.85
CA LEU C 707 4.84 -22.22 -17.49
C LEU C 707 4.11 -21.70 -18.73
N LEU C 708 2.86 -22.15 -18.90
CA LEU C 708 2.02 -21.78 -20.05
C LEU C 708 0.56 -22.06 -19.72
N GLU C 709 -0.32 -21.89 -20.72
CA GLU C 709 -1.75 -22.18 -20.59
C GLU C 709 -1.95 -23.70 -20.48
N SER C 710 -3.05 -24.10 -19.82
CA SER C 710 -3.35 -25.50 -19.54
C SER C 710 -3.79 -26.24 -20.81
N THR C 711 -4.57 -25.55 -21.65
CA THR C 711 -5.14 -26.12 -22.88
C THR C 711 -4.01 -26.53 -23.82
N MET C 712 -3.03 -25.65 -24.00
CA MET C 712 -1.88 -25.88 -24.88
C MET C 712 -0.97 -26.96 -24.27
N ASN C 713 -0.88 -26.98 -22.95
CA ASN C 713 -0.01 -27.91 -22.20
C ASN C 713 -0.50 -29.35 -22.38
N GLU C 714 -1.83 -29.54 -22.33
CA GLU C 714 -2.45 -30.87 -22.37
C GLU C 714 -2.30 -31.49 -23.77
N TYR C 715 -2.34 -30.64 -24.81
CA TYR C 715 -2.27 -31.08 -26.21
C TYR C 715 -0.82 -31.45 -26.58
N ILE C 716 0.15 -30.79 -25.94
CA ILE C 716 1.58 -30.97 -26.23
C ILE C 716 2.04 -32.33 -25.71
N GLU C 717 1.40 -32.83 -24.65
CA GLU C 717 1.67 -34.16 -24.09
C GLU C 717 1.22 -35.25 -25.08
N GLN C 718 0.06 -35.02 -25.72
CA GLN C 718 -0.61 -36.02 -26.56
C GLN C 718 0.14 -36.14 -27.89
N ARG C 719 0.10 -35.08 -28.71
CA ARG C 719 0.74 -35.06 -30.03
C ARG C 719 2.25 -34.80 -29.86
N LYS C 720 3.05 -35.50 -30.68
CA LYS C 720 4.52 -35.39 -30.68
C LYS C 720 5.11 -36.41 -29.71
N PRO C 721 6.42 -36.74 -29.81
CA PRO C 721 7.06 -37.70 -28.91
C PRO C 721 6.80 -37.41 -27.42
N CYS C 722 6.51 -38.48 -26.66
CA CYS C 722 6.08 -38.38 -25.27
C CYS C 722 7.29 -38.27 -24.34
N ASP C 723 7.53 -37.05 -23.84
CA ASP C 723 8.54 -36.80 -22.80
C ASP C 723 8.12 -35.60 -21.93
N THR C 724 6.82 -35.33 -21.86
CA THR C 724 6.26 -34.18 -21.13
C THR C 724 4.95 -34.61 -20.45
N MET C 725 4.53 -33.82 -19.45
CA MET C 725 3.26 -34.02 -18.77
C MET C 725 2.87 -32.76 -17.99
N LYS C 726 1.56 -32.63 -17.71
CA LYS C 726 1.00 -31.60 -16.86
C LYS C 726 1.08 -32.07 -15.40
N VAL C 727 1.31 -31.14 -14.48
CA VAL C 727 1.38 -31.44 -13.05
C VAL C 727 0.79 -30.27 -12.25
N GLY C 728 0.02 -30.61 -11.21
CA GLY C 728 -0.57 -29.64 -10.28
C GLY C 728 -1.89 -29.08 -10.80
N GLY C 729 -2.44 -28.13 -10.03
CA GLY C 729 -3.71 -27.46 -10.35
C GLY C 729 -3.48 -26.16 -11.11
N ASN C 730 -4.58 -25.55 -11.56
CA ASN C 730 -4.55 -24.29 -12.29
C ASN C 730 -4.33 -23.14 -11.30
N LEU C 731 -3.62 -22.09 -11.75
CA LEU C 731 -3.22 -20.95 -10.92
C LEU C 731 -4.10 -19.74 -11.25
N ASP C 732 -4.09 -19.33 -12.52
CA ASP C 732 -4.81 -18.13 -12.99
C ASP C 732 -6.17 -18.54 -13.56
N SER C 733 -7.07 -17.56 -13.65
CA SER C 733 -8.42 -17.73 -14.21
C SER C 733 -8.57 -16.86 -15.46
N LYS C 734 -8.85 -17.51 -16.59
CA LYS C 734 -9.05 -16.85 -17.88
C LYS C 734 -9.91 -17.75 -18.78
N GLY C 735 -10.74 -17.12 -19.61
CA GLY C 735 -11.69 -17.83 -20.48
C GLY C 735 -11.63 -17.31 -21.91
N TYR C 736 -11.77 -18.24 -22.87
CA TYR C 736 -11.91 -17.91 -24.28
C TYR C 736 -13.36 -17.51 -24.55
N GLY C 737 -13.60 -16.82 -25.68
CA GLY C 737 -14.92 -16.32 -26.03
C GLY C 737 -15.09 -16.12 -27.53
N ILE C 738 -16.32 -15.80 -27.93
CA ILE C 738 -16.69 -15.51 -29.32
C ILE C 738 -17.14 -14.05 -29.38
N ALA C 739 -16.54 -13.28 -30.32
CA ALA C 739 -16.64 -11.83 -30.35
C ALA C 739 -17.29 -11.36 -31.66
N THR C 740 -18.12 -10.33 -31.55
CA THR C 740 -18.68 -9.58 -32.68
C THR C 740 -18.86 -8.13 -32.24
N PRO C 741 -18.55 -7.12 -33.08
CA PRO C 741 -18.54 -5.73 -32.64
C PRO C 741 -19.89 -5.26 -32.09
N LYS C 742 -19.84 -4.33 -31.12
CA LYS C 742 -21.01 -3.87 -30.37
C LYS C 742 -22.02 -3.21 -31.33
N GLY C 743 -23.31 -3.39 -31.03
CA GLY C 743 -24.41 -2.93 -31.86
C GLY C 743 -24.81 -3.97 -32.90
N SER C 744 -24.37 -5.22 -32.70
CA SER C 744 -24.72 -6.35 -33.55
C SER C 744 -25.99 -7.02 -33.02
N ALA C 745 -26.88 -7.40 -33.94
CA ALA C 745 -28.11 -8.12 -33.64
C ALA C 745 -27.86 -9.63 -33.59
N LEU C 746 -26.61 -10.04 -33.87
CA LEU C 746 -26.19 -11.44 -33.90
C LEU C 746 -25.89 -11.94 -32.47
N ARG C 747 -25.79 -11.02 -31.50
CA ARG C 747 -25.47 -11.35 -30.11
C ARG C 747 -26.57 -12.25 -29.51
N GLY C 748 -27.83 -11.91 -29.81
CA GLY C 748 -29.01 -12.59 -29.27
C GLY C 748 -28.96 -14.11 -29.46
N PRO C 749 -29.09 -14.61 -30.71
CA PRO C 749 -29.20 -16.05 -30.96
C PRO C 749 -27.90 -16.85 -30.73
N VAL C 750 -26.75 -16.19 -30.88
CA VAL C 750 -25.44 -16.83 -30.78
C VAL C 750 -25.11 -17.12 -29.31
N ASN C 751 -25.31 -16.11 -28.44
CA ASN C 751 -24.99 -16.20 -27.01
C ASN C 751 -25.77 -17.35 -26.37
N LEU C 752 -27.06 -17.47 -26.73
CA LEU C 752 -27.96 -18.50 -26.19
C LEU C 752 -27.62 -19.87 -26.79
N ALA C 753 -27.16 -19.89 -28.05
CA ALA C 753 -26.75 -21.12 -28.74
C ALA C 753 -25.53 -21.74 -28.04
N VAL C 754 -24.60 -20.87 -27.61
CA VAL C 754 -23.39 -21.28 -26.88
C VAL C 754 -23.80 -21.99 -25.58
N LEU C 755 -24.82 -21.45 -24.90
CA LEU C 755 -25.34 -22.01 -23.65
C LEU C 755 -26.12 -23.31 -23.94
N LYS C 756 -26.74 -23.39 -25.12
CA LYS C 756 -27.48 -24.57 -25.56
C LYS C 756 -26.52 -25.75 -25.82
N LEU C 757 -25.33 -25.44 -26.35
CA LEU C 757 -24.31 -26.43 -26.69
C LEU C 757 -23.69 -27.00 -25.40
N SER C 758 -23.41 -26.12 -24.44
CA SER C 758 -22.65 -26.45 -23.23
C SER C 758 -23.46 -27.33 -22.29
N GLU C 759 -24.72 -26.95 -22.05
CA GLU C 759 -25.58 -27.58 -21.04
C GLU C 759 -25.95 -29.00 -21.49
N GLN C 760 -26.24 -29.17 -22.78
CA GLN C 760 -26.60 -30.48 -23.35
C GLN C 760 -25.36 -31.38 -23.43
N GLY C 761 -24.20 -30.77 -23.74
CA GLY C 761 -22.92 -31.45 -23.75
C GLY C 761 -22.43 -31.76 -25.16
N VAL C 762 -22.31 -30.70 -25.97
CA VAL C 762 -21.80 -30.79 -27.35
C VAL C 762 -20.30 -30.49 -27.35
N LEU C 763 -19.91 -29.43 -26.62
CA LEU C 763 -18.51 -28.99 -26.50
C LEU C 763 -17.65 -30.09 -25.87
N ASP C 764 -18.19 -30.76 -24.85
CA ASP C 764 -17.44 -31.69 -24.01
C ASP C 764 -17.11 -32.96 -24.80
N LYS C 765 -18.03 -33.37 -25.68
CA LYS C 765 -17.83 -34.52 -26.58
C LYS C 765 -16.80 -34.15 -27.66
N LEU C 766 -16.87 -32.90 -28.15
CA LEU C 766 -16.05 -32.41 -29.25
C LEU C 766 -14.61 -32.19 -28.77
N LYS C 767 -14.47 -31.74 -27.52
CA LYS C 767 -13.16 -31.51 -26.89
C LYS C 767 -12.45 -32.84 -26.63
N SER C 768 -13.24 -33.90 -26.37
CA SER C 768 -12.73 -35.24 -26.13
C SER C 768 -12.13 -35.84 -27.42
N LYS C 769 -12.67 -35.44 -28.56
CA LYS C 769 -12.32 -36.02 -29.87
C LYS C 769 -10.93 -35.55 -30.30
N TRP C 770 -10.76 -34.23 -30.41
CA TRP C 770 -9.58 -33.62 -31.05
C TRP C 770 -8.35 -33.71 -30.16
N TRP C 771 -8.54 -33.82 -28.84
CA TRP C 771 -7.44 -33.89 -27.88
C TRP C 771 -6.99 -35.34 -27.66
N TYR C 772 -7.94 -36.22 -27.35
CA TYR C 772 -7.64 -37.58 -26.88
C TYR C 772 -7.84 -38.62 -28.00
N ASP C 773 -9.03 -38.61 -28.62
CA ASP C 773 -9.39 -39.57 -29.68
C ASP C 773 -8.43 -39.43 -30.86
N LYS C 774 -8.10 -38.18 -31.21
CA LYS C 774 -7.09 -37.86 -32.22
C LYS C 774 -5.78 -37.51 -31.50
N GLY C 775 -5.22 -38.52 -30.82
CA GLY C 775 -4.00 -38.40 -30.03
C GLY C 775 -3.06 -39.56 -30.29
N GLU C 776 -1.77 -39.35 -29.96
CA GLU C 776 -0.70 -40.31 -30.26
C GLU C 776 0.15 -40.54 -29.01
N CYS C 777 -0.50 -40.58 -27.83
CA CYS C 777 0.17 -40.86 -26.56
C CYS C 777 -0.85 -41.37 -25.54
N GLY C 778 -0.54 -42.50 -24.90
CA GLY C 778 -1.38 -43.12 -23.89
C GLY C 778 -2.59 -43.81 -24.52
N THR C 788 1.07 -50.37 -4.88
CA THR C 788 1.96 -51.36 -4.27
C THR C 788 3.41 -50.85 -4.34
N SER C 789 4.07 -50.80 -3.19
CA SER C 789 5.45 -50.33 -3.07
C SER C 789 6.25 -51.25 -2.15
N ALA C 790 6.33 -52.53 -2.54
CA ALA C 790 7.19 -53.52 -1.91
C ALA C 790 8.48 -53.66 -2.72
N LEU C 791 9.35 -54.59 -2.30
CA LEU C 791 10.59 -54.89 -3.01
C LEU C 791 10.26 -55.69 -4.28
N SER C 792 10.73 -55.20 -5.43
CA SER C 792 10.43 -55.78 -6.74
C SER C 792 11.29 -57.03 -6.98
N LEU C 793 10.91 -57.80 -8.01
CA LEU C 793 11.62 -59.01 -8.41
C LEU C 793 12.93 -58.64 -9.13
N SER C 794 12.90 -57.51 -9.84
CA SER C 794 14.02 -57.07 -10.70
C SER C 794 15.25 -56.70 -9.85
N ASN C 795 15.02 -56.24 -8.62
CA ASN C 795 16.09 -55.80 -7.71
C ASN C 795 16.92 -57.02 -7.24
N VAL C 796 16.28 -58.18 -7.16
CA VAL C 796 16.89 -59.42 -6.67
C VAL C 796 17.21 -60.35 -7.87
N ALA C 797 16.56 -60.11 -9.01
CA ALA C 797 16.66 -60.94 -10.23
C ALA C 797 18.10 -61.41 -10.48
N GLY C 798 19.07 -60.51 -10.29
CA GLY C 798 20.48 -60.75 -10.57
C GLY C 798 21.04 -61.97 -9.84
N VAL C 799 20.63 -62.15 -8.58
CA VAL C 799 21.23 -63.15 -7.69
C VAL C 799 20.72 -64.55 -8.05
N PHE C 800 19.64 -64.64 -8.84
CA PHE C 800 19.12 -65.90 -9.36
C PHE C 800 20.02 -66.44 -10.48
N TYR C 801 20.61 -65.53 -11.27
CA TYR C 801 21.51 -65.90 -12.38
C TYR C 801 22.79 -66.55 -11.83
N ILE C 802 23.20 -66.13 -10.62
CA ILE C 802 24.36 -66.68 -9.92
C ILE C 802 24.05 -68.11 -9.47
N LEU C 803 22.79 -68.34 -9.07
CA LEU C 803 22.32 -69.62 -8.54
C LEU C 803 22.28 -70.68 -9.65
N ILE C 804 21.80 -70.29 -10.84
CA ILE C 804 21.64 -71.19 -11.98
C ILE C 804 23.02 -71.54 -12.56
N GLY C 805 23.87 -70.54 -12.74
CA GLY C 805 25.22 -70.70 -13.29
C GLY C 805 26.08 -71.63 -12.45
N GLY C 806 25.87 -71.61 -11.13
CA GLY C 806 26.56 -72.48 -10.18
C GLY C 806 26.18 -73.94 -10.36
N LEU C 807 24.89 -74.20 -10.58
CA LEU C 807 24.37 -75.56 -10.78
C LEU C 807 24.78 -76.10 -12.16
N GLY C 808 25.04 -75.19 -13.11
CA GLY C 808 25.54 -75.54 -14.44
C GLY C 808 26.92 -76.18 -14.37
N LEU C 809 27.81 -75.54 -13.59
CA LEU C 809 29.17 -76.04 -13.36
C LEU C 809 29.13 -77.34 -12.56
N ALA C 810 28.18 -77.43 -11.61
CA ALA C 810 28.02 -78.57 -10.71
C ALA C 810 27.80 -79.87 -11.51
N MET C 811 26.98 -79.79 -12.56
CA MET C 811 26.66 -80.94 -13.41
C MET C 811 27.88 -81.35 -14.24
N LEU C 812 28.70 -80.36 -14.66
CA LEU C 812 29.88 -80.59 -15.49
C LEU C 812 30.98 -81.31 -14.70
N VAL C 813 31.11 -80.98 -13.41
CA VAL C 813 32.10 -81.59 -12.52
C VAL C 813 31.75 -83.06 -12.30
N ALA C 814 30.45 -83.35 -12.20
CA ALA C 814 29.94 -84.73 -12.07
C ALA C 814 30.19 -85.52 -13.36
N LEU C 815 30.17 -84.82 -14.50
CA LEU C 815 30.33 -85.42 -15.82
C LEU C 815 31.79 -85.84 -16.05
N ILE C 816 32.72 -84.99 -15.59
CA ILE C 816 34.17 -85.15 -15.87
C ILE C 816 34.72 -86.34 -15.07
N GLU C 817 34.45 -86.37 -13.76
CA GLU C 817 35.09 -87.32 -12.84
C GLU C 817 34.39 -88.70 -12.87
N PHE C 818 33.32 -88.82 -13.65
CA PHE C 818 32.66 -90.10 -13.88
C PHE C 818 33.37 -90.89 -15.00
N CYS C 819 33.81 -90.15 -16.03
CA CYS C 819 34.53 -90.74 -17.18
C CYS C 819 35.94 -91.19 -16.77
N TYR C 820 36.52 -90.50 -15.77
CA TYR C 820 37.87 -90.78 -15.28
C TYR C 820 37.91 -92.13 -14.56
N LYS C 821 37.03 -92.28 -13.56
CA LYS C 821 36.92 -93.50 -12.76
C LYS C 821 36.24 -94.59 -13.57
N SER D 3 -60.13 67.41 15.45
CA SER D 3 -59.45 68.39 16.28
C SER D 3 -58.80 67.73 17.50
N ASN D 4 -58.93 66.41 17.59
CA ASN D 4 -58.37 65.65 18.70
C ASN D 4 -56.87 65.41 18.53
N SER D 5 -56.07 66.41 18.86
CA SER D 5 -54.63 66.31 18.70
C SER D 5 -53.94 65.72 19.93
N ILE D 6 -53.43 64.51 19.79
CA ILE D 6 -52.54 63.94 20.78
C ILE D 6 -51.11 64.21 20.34
N GLN D 7 -50.39 65.00 21.11
CA GLN D 7 -49.03 65.35 20.73
C GLN D 7 -48.03 64.26 21.10
N ILE D 8 -47.07 64.01 20.21
CA ILE D 8 -45.98 63.10 20.49
C ILE D 8 -44.69 63.70 19.98
N GLY D 9 -43.57 63.19 20.48
CA GLY D 9 -42.29 63.61 19.97
C GLY D 9 -41.70 62.58 19.03
N GLY D 10 -40.79 63.04 18.19
CA GLY D 10 -40.02 62.17 17.34
C GLY D 10 -38.56 62.59 17.43
N LEU D 11 -37.72 61.73 18.00
CA LEU D 11 -36.29 61.96 18.10
C LEU D 11 -35.55 61.19 16.99
N PHE D 12 -35.17 61.89 15.92
CA PHE D 12 -34.60 61.25 14.74
C PHE D 12 -33.13 61.55 14.55
N PRO D 13 -32.30 60.50 14.44
CA PRO D 13 -30.87 60.67 14.17
C PRO D 13 -30.68 61.50 12.93
N ARG D 14 -29.61 62.29 12.91
CA ARG D 14 -29.41 63.29 11.87
C ARG D 14 -29.33 62.78 10.44
N GLY D 15 -29.38 61.48 10.21
CA GLY D 15 -29.41 61.04 8.82
C GLY D 15 -30.47 60.02 8.46
N ALA D 16 -31.47 59.87 9.33
CA ALA D 16 -32.41 58.76 9.21
C ALA D 16 -33.55 59.09 8.27
N ASP D 17 -33.20 59.45 7.03
CA ASP D 17 -34.15 59.90 6.02
C ASP D 17 -35.25 58.89 5.73
N GLN D 18 -34.86 57.66 5.44
CA GLN D 18 -35.83 56.65 5.05
C GLN D 18 -36.78 56.36 6.20
N GLU D 19 -36.21 56.30 7.40
CA GLU D 19 -36.99 56.08 8.60
C GLU D 19 -38.03 57.20 8.80
N TYR D 20 -37.60 58.44 8.65
CA TYR D 20 -38.55 59.53 8.73
C TYR D 20 -39.61 59.43 7.62
N SER D 21 -39.20 59.09 6.41
CA SER D 21 -40.19 58.88 5.34
C SER D 21 -41.21 57.78 5.73
N ALA D 22 -40.69 56.66 6.21
CA ALA D 22 -41.52 55.60 6.76
C ALA D 22 -42.48 56.07 7.86
N PHE D 23 -42.00 56.95 8.72
CA PHE D 23 -42.80 57.48 9.82
C PHE D 23 -43.92 58.37 9.28
N ARG D 24 -43.57 59.27 8.37
CA ARG D 24 -44.57 60.11 7.75
C ARG D 24 -45.63 59.31 6.99
N VAL D 25 -45.22 58.20 6.37
CA VAL D 25 -46.18 57.36 5.65
C VAL D 25 -47.14 56.68 6.63
N GLY D 26 -46.62 56.13 7.71
CA GLY D 26 -47.46 55.51 8.73
C GLY D 26 -48.46 56.46 9.36
N MET D 27 -48.07 57.72 9.52
CA MET D 27 -48.98 58.74 10.05
C MET D 27 -50.20 58.92 9.14
N VAL D 28 -49.98 58.78 7.83
CA VAL D 28 -51.03 58.87 6.83
C VAL D 28 -51.88 57.59 6.83
N GLN D 29 -51.20 56.45 6.72
CA GLN D 29 -51.86 55.15 6.72
C GLN D 29 -52.81 54.96 7.90
N PHE D 30 -52.39 55.39 9.08
CA PHE D 30 -53.11 55.04 10.32
C PHE D 30 -53.90 56.18 10.95
N SER D 31 -53.79 57.37 10.39
CA SER D 31 -54.59 58.52 10.85
C SER D 31 -56.10 58.28 10.71
N THR D 32 -56.87 59.01 11.52
CA THR D 32 -58.29 58.72 11.64
C THR D 32 -59.05 59.96 12.11
N SER D 33 -60.37 59.92 11.98
CA SER D 33 -61.22 61.00 12.46
C SER D 33 -61.26 61.03 13.98
N GLU D 34 -60.95 59.90 14.60
CA GLU D 34 -60.93 59.80 16.06
C GLU D 34 -59.96 60.82 16.63
N PHE D 35 -58.71 60.70 16.22
CA PHE D 35 -57.66 61.61 16.68
C PHE D 35 -56.51 61.67 15.69
N ARG D 36 -55.75 62.74 15.78
CA ARG D 36 -54.58 62.96 14.96
C ARG D 36 -53.32 63.06 15.83
N LEU D 37 -52.47 62.03 15.78
CA LEU D 37 -51.13 62.14 16.35
C LEU D 37 -50.44 63.35 15.77
N THR D 38 -50.06 64.31 16.62
CA THR D 38 -49.39 65.49 16.11
C THR D 38 -47.92 65.50 16.55
N PRO D 39 -47.05 65.00 15.67
CA PRO D 39 -45.64 64.78 16.01
C PRO D 39 -44.86 66.08 16.06
N HIS D 40 -44.03 66.24 17.07
CA HIS D 40 -43.00 67.27 17.00
C HIS D 40 -41.63 66.60 16.84
N ILE D 41 -40.90 67.01 15.80
CA ILE D 41 -39.70 66.31 15.36
C ILE D 41 -38.42 67.03 15.73
N ASP D 42 -37.50 66.31 16.39
CA ASP D 42 -36.15 66.81 16.54
C ASP D 42 -35.15 65.94 15.78
N ASN D 43 -34.25 66.59 15.04
CA ASN D 43 -33.14 65.91 14.39
C ASN D 43 -31.84 66.12 15.17
N LEU D 44 -31.21 65.06 15.65
CA LEU D 44 -30.04 65.24 16.51
C LEU D 44 -28.95 64.15 16.46
N GLU D 45 -27.76 64.55 16.93
CA GLU D 45 -26.61 63.68 17.10
C GLU D 45 -26.96 62.70 18.22
N VAL D 46 -27.51 61.56 17.83
CA VAL D 46 -28.10 60.63 18.76
C VAL D 46 -27.07 59.99 19.73
N ALA D 47 -25.79 60.08 19.39
CA ALA D 47 -24.70 59.54 20.21
C ALA D 47 -24.26 60.55 21.28
N ASN D 48 -24.80 61.76 21.22
CA ASN D 48 -24.41 62.86 22.09
C ASN D 48 -25.44 62.95 23.19
N SER D 49 -25.08 62.49 24.39
CA SER D 49 -26.00 62.39 25.51
C SER D 49 -26.54 63.74 25.95
N PHE D 50 -25.69 64.76 25.86
CA PHE D 50 -26.14 66.11 26.14
C PHE D 50 -27.22 66.50 25.13
N ALA D 51 -26.96 66.26 23.85
CA ALA D 51 -27.92 66.59 22.81
C ALA D 51 -29.22 65.84 23.03
N VAL D 52 -29.11 64.56 23.38
CA VAL D 52 -30.28 63.72 23.66
C VAL D 52 -31.08 64.22 24.88
N THR D 53 -30.41 64.67 25.93
CA THR D 53 -31.11 65.21 27.08
C THR D 53 -31.85 66.49 26.72
N ASN D 54 -31.15 67.41 26.07
CA ASN D 54 -31.78 68.61 25.55
C ASN D 54 -33.04 68.35 24.75
N ALA D 55 -33.00 67.36 23.87
CA ALA D 55 -34.12 67.08 23.00
C ALA D 55 -35.24 66.40 23.77
N PHE D 56 -34.87 65.50 24.68
CA PHE D 56 -35.90 64.87 25.51
C PHE D 56 -36.59 65.92 26.38
N CYS D 57 -35.79 66.77 27.01
CA CYS D 57 -36.35 67.73 27.93
C CYS D 57 -37.20 68.75 27.15
N SER D 58 -36.75 69.09 25.96
CA SER D 58 -37.49 70.02 25.12
C SER D 58 -38.89 69.47 24.77
N GLN D 59 -38.95 68.17 24.49
CA GLN D 59 -40.22 67.51 24.18
C GLN D 59 -41.06 67.27 25.42
N PHE D 60 -40.40 67.09 26.57
CA PHE D 60 -41.12 66.89 27.81
C PHE D 60 -41.87 68.19 28.14
N SER D 61 -41.15 69.31 28.11
CA SER D 61 -41.74 70.63 28.37
C SER D 61 -42.95 70.97 27.50
N ARG D 62 -42.94 70.53 26.24
CA ARG D 62 -44.05 70.79 25.33
C ARG D 62 -45.29 70.07 25.78
N GLY D 63 -45.10 68.98 26.51
CA GLY D 63 -46.20 68.17 26.99
C GLY D 63 -46.60 67.05 26.06
N VAL D 64 -45.63 66.40 25.44
CA VAL D 64 -45.92 65.28 24.54
C VAL D 64 -46.45 64.13 25.35
N TYR D 65 -47.27 63.28 24.73
CA TYR D 65 -47.85 62.16 25.45
C TYR D 65 -47.02 60.90 25.32
N ALA D 66 -46.02 60.95 24.46
CA ALA D 66 -45.06 59.87 24.35
C ALA D 66 -44.01 60.33 23.34
N ILE D 67 -42.91 59.59 23.27
CA ILE D 67 -41.83 59.93 22.35
C ILE D 67 -41.43 58.73 21.50
N PHE D 68 -41.52 58.86 20.18
CA PHE D 68 -40.97 57.85 19.30
C PHE D 68 -39.56 58.29 18.97
N GLY D 69 -38.62 57.37 18.95
CA GLY D 69 -37.26 57.81 18.69
C GLY D 69 -36.23 56.72 18.63
N PHE D 70 -34.97 57.16 18.54
CA PHE D 70 -33.82 56.26 18.41
C PHE D 70 -32.82 56.62 19.51
N TYR D 71 -32.05 55.63 19.97
CA TYR D 71 -30.88 55.86 20.80
C TYR D 71 -29.66 55.10 20.28
N ASP D 72 -28.53 55.38 20.91
CA ASP D 72 -27.22 54.83 20.58
C ASP D 72 -26.75 54.12 21.85
N LYS D 73 -25.70 53.32 21.78
CA LYS D 73 -25.22 52.67 22.98
C LYS D 73 -24.70 53.73 23.98
N LYS D 74 -24.33 54.92 23.49
CA LYS D 74 -23.82 55.98 24.35
C LYS D 74 -24.92 56.85 25.00
N SER D 75 -26.14 56.78 24.47
CA SER D 75 -27.19 57.65 24.92
C SER D 75 -28.35 56.86 25.47
N VAL D 76 -28.30 55.53 25.37
CA VAL D 76 -29.41 54.66 25.79
C VAL D 76 -29.77 54.85 27.29
N ASN D 77 -28.75 55.00 28.11
CA ASN D 77 -28.98 55.26 29.54
C ASN D 77 -29.69 56.55 29.86
N THR D 78 -29.42 57.59 29.09
CA THR D 78 -30.13 58.87 29.23
C THR D 78 -31.62 58.67 28.99
N ILE D 79 -31.93 57.96 27.90
CA ILE D 79 -33.31 57.67 27.52
C ILE D 79 -34.05 56.86 28.56
N THR D 80 -33.46 55.74 28.97
CA THR D 80 -34.11 54.87 29.95
C THR D 80 -34.23 55.52 31.33
N SER D 81 -33.21 56.23 31.78
CA SER D 81 -33.28 56.90 33.08
C SER D 81 -34.34 58.01 33.06
N PHE D 82 -34.29 58.86 32.04
CA PHE D 82 -35.24 59.98 32.00
C PHE D 82 -36.69 59.51 31.81
N CYS D 83 -36.88 58.50 30.97
CA CYS D 83 -38.20 57.94 30.74
C CYS D 83 -38.72 57.19 31.96
N GLY D 84 -37.83 56.45 32.60
CA GLY D 84 -38.24 55.65 33.75
C GLY D 84 -38.60 56.54 34.93
N THR D 85 -37.89 57.67 35.04
CA THR D 85 -38.07 58.59 36.16
C THR D 85 -39.33 59.42 35.99
N LEU D 86 -39.61 59.82 34.75
CA LEU D 86 -40.72 60.74 34.49
C LEU D 86 -42.00 60.05 33.99
N HIS D 87 -41.97 58.73 33.90
CA HIS D 87 -43.06 57.95 33.31
C HIS D 87 -43.45 58.40 31.89
N VAL D 88 -42.45 58.72 31.08
CA VAL D 88 -42.66 59.05 29.67
C VAL D 88 -42.23 57.87 28.82
N SER D 89 -43.17 57.37 28.03
CA SER D 89 -42.94 56.20 27.22
C SER D 89 -42.12 56.54 25.99
N PHE D 90 -41.09 55.75 25.75
CA PHE D 90 -40.26 55.89 24.58
C PHE D 90 -40.54 54.71 23.68
N ILE D 91 -40.87 54.96 22.42
CA ILE D 91 -41.09 53.87 21.47
C ILE D 91 -40.00 53.92 20.41
N THR D 92 -39.31 52.81 20.21
CA THR D 92 -38.08 52.84 19.41
C THR D 92 -37.81 51.57 18.60
N PRO D 93 -37.22 51.72 17.41
CA PRO D 93 -36.74 50.59 16.59
C PRO D 93 -35.27 50.27 16.89
N SER D 94 -34.67 50.97 17.83
CA SER D 94 -33.27 50.73 18.21
C SER D 94 -33.08 49.37 18.89
N PHE D 95 -31.82 48.96 19.09
CA PHE D 95 -31.51 47.73 19.80
C PHE D 95 -32.25 47.67 21.12
N PRO D 96 -32.79 46.48 21.46
CA PRO D 96 -33.49 46.27 22.74
C PRO D 96 -32.52 46.54 23.89
N THR D 97 -33.02 47.12 24.98
CA THR D 97 -32.15 47.41 26.12
C THR D 97 -31.67 46.15 26.82
N ASP D 98 -30.52 46.27 27.46
CA ASP D 98 -29.92 45.18 28.20
C ASP D 98 -30.40 45.25 29.65
N GLY D 99 -31.62 44.78 29.88
CA GLY D 99 -32.26 44.88 31.17
C GLY D 99 -33.76 45.01 30.96
N THR D 100 -34.50 45.26 32.03
CA THR D 100 -35.95 45.29 31.93
C THR D 100 -36.48 46.68 32.19
N HIS D 101 -35.69 47.68 31.80
CA HIS D 101 -36.11 49.07 31.91
C HIS D 101 -37.55 49.27 31.50
N PRO D 102 -38.33 49.98 32.34
CA PRO D 102 -39.74 50.34 32.10
C PRO D 102 -39.88 51.55 31.19
N PHE D 103 -41.09 51.74 30.67
CA PHE D 103 -41.40 52.93 29.88
C PHE D 103 -40.65 52.96 28.55
N VAL D 104 -40.22 51.80 28.08
CA VAL D 104 -39.53 51.71 26.82
C VAL D 104 -40.12 50.60 25.94
N ILE D 105 -40.78 51.00 24.87
CA ILE D 105 -41.42 50.05 23.96
C ILE D 105 -40.44 49.71 22.84
N GLN D 106 -39.89 48.50 22.89
CA GLN D 106 -38.83 48.12 21.96
C GLN D 106 -39.42 47.38 20.72
N MET D 107 -39.57 48.11 19.62
CA MET D 107 -40.15 47.53 18.41
C MET D 107 -39.30 46.38 17.86
N ARG D 108 -37.99 46.46 18.03
CA ARG D 108 -37.06 45.50 17.43
C ARG D 108 -36.91 44.21 18.24
N PRO D 109 -37.24 43.07 17.62
CA PRO D 109 -37.07 41.79 18.33
C PRO D 109 -35.62 41.47 18.61
N ASP D 110 -35.41 40.63 19.63
CA ASP D 110 -34.11 40.13 20.01
C ASP D 110 -33.59 39.16 18.95
N LEU D 111 -32.31 39.25 18.65
CA LEU D 111 -31.70 38.50 17.56
C LEU D 111 -30.80 37.37 18.07
N LYS D 112 -30.43 37.45 19.35
CA LYS D 112 -29.48 36.51 19.96
C LYS D 112 -29.89 35.04 19.91
N GLY D 113 -31.15 34.78 20.23
CA GLY D 113 -31.66 33.42 20.15
C GLY D 113 -31.50 32.82 18.75
N ALA D 114 -32.07 33.48 17.76
CA ALA D 114 -31.98 32.99 16.38
C ALA D 114 -30.53 32.77 15.95
N LEU D 115 -29.66 33.74 16.25
CA LEU D 115 -28.25 33.61 15.88
C LEU D 115 -27.59 32.40 16.54
N LEU D 116 -27.72 32.27 17.86
CA LEU D 116 -27.20 31.10 18.56
C LEU D 116 -27.75 29.81 17.92
N SER D 117 -29.04 29.79 17.63
CA SER D 117 -29.69 28.65 16.99
C SER D 117 -29.12 28.38 15.61
N LEU D 118 -28.89 29.43 14.83
CA LEU D 118 -28.38 29.23 13.47
C LEU D 118 -26.97 28.64 13.50
N ILE D 119 -26.15 29.10 14.43
CA ILE D 119 -24.77 28.64 14.53
C ILE D 119 -24.75 27.15 14.81
N GLU D 120 -25.63 26.71 15.71
CA GLU D 120 -25.77 25.31 16.06
C GLU D 120 -26.25 24.52 14.84
N TYR D 121 -27.24 25.08 14.15
CA TYR D 121 -27.79 24.46 12.97
C TYR D 121 -26.70 24.05 11.98
N TYR D 122 -25.84 24.98 11.62
CA TYR D 122 -24.75 24.67 10.70
C TYR D 122 -23.67 23.83 11.35
N GLN D 123 -23.86 23.52 12.62
CA GLN D 123 -22.97 22.59 13.33
C GLN D 123 -21.55 23.13 13.49
N TRP D 124 -21.43 24.45 13.49
CA TRP D 124 -20.15 25.12 13.66
C TRP D 124 -19.56 24.80 15.04
N ASP D 125 -18.24 24.68 15.10
CA ASP D 125 -17.54 24.59 16.37
C ASP D 125 -16.41 25.62 16.48
N LYS D 126 -15.82 26.00 15.36
CA LYS D 126 -14.78 27.01 15.33
C LYS D 126 -15.14 28.08 14.29
N PHE D 127 -15.06 29.34 14.67
CA PHE D 127 -15.45 30.42 13.77
C PHE D 127 -14.91 31.78 14.23
N ALA D 128 -14.86 32.72 13.29
CA ALA D 128 -14.51 34.10 13.58
C ALA D 128 -15.79 34.91 13.79
N TYR D 129 -15.72 35.84 14.73
CA TYR D 129 -16.83 36.72 15.03
C TYR D 129 -16.37 38.17 14.87
N LEU D 130 -16.78 38.82 13.78
CA LEU D 130 -16.47 40.23 13.56
C LEU D 130 -17.52 41.08 14.23
N TYR D 131 -17.11 41.90 15.19
CA TYR D 131 -18.05 42.72 15.91
C TYR D 131 -17.67 44.18 15.78
N ASP D 132 -18.65 45.03 16.03
CA ASP D 132 -18.46 46.45 15.84
C ASP D 132 -18.65 47.14 17.16
N SER D 133 -17.56 47.52 17.80
CA SER D 133 -17.62 48.20 19.10
C SER D 133 -18.53 49.44 19.06
N ASP D 134 -18.60 50.11 17.92
CA ASP D 134 -19.44 51.30 17.76
C ASP D 134 -20.90 50.99 18.03
N ARG D 135 -21.27 49.76 17.71
CA ARG D 135 -22.66 49.35 17.70
C ARG D 135 -23.02 48.58 18.95
N GLY D 136 -22.03 47.92 19.56
CA GLY D 136 -22.27 47.17 20.79
C GLY D 136 -21.69 45.76 20.81
N LEU D 137 -21.56 45.19 22.01
CA LEU D 137 -20.94 43.90 22.20
C LEU D 137 -21.93 42.87 22.73
N SER D 138 -23.13 43.36 23.02
CA SER D 138 -24.18 42.54 23.59
C SER D 138 -24.39 41.14 22.95
N THR D 139 -24.46 41.03 21.62
CA THR D 139 -24.68 39.69 21.06
C THR D 139 -23.41 38.82 20.99
N LEU D 140 -22.25 39.45 20.80
CA LEU D 140 -20.98 38.77 21.00
C LEU D 140 -20.92 38.12 22.38
N GLN D 141 -21.28 38.89 23.41
CA GLN D 141 -21.24 38.34 24.75
C GLN D 141 -22.11 37.08 24.88
N ALA D 142 -23.26 37.08 24.23
CA ALA D 142 -24.15 35.93 24.33
C ALA D 142 -23.52 34.70 23.72
N VAL D 143 -22.82 34.87 22.60
CA VAL D 143 -22.13 33.73 22.01
C VAL D 143 -20.85 33.37 22.77
N LEU D 144 -20.19 34.36 23.37
CA LEU D 144 -19.06 34.06 24.25
C LEU D 144 -19.52 33.30 25.51
N ASP D 145 -20.67 33.68 26.07
CA ASP D 145 -21.20 33.00 27.25
C ASP D 145 -21.48 31.54 26.90
N SER D 146 -22.09 31.34 25.73
CA SER D 146 -22.53 30.02 25.29
C SER D 146 -21.41 29.15 24.78
N ALA D 147 -20.27 29.75 24.43
CA ALA D 147 -19.23 29.02 23.73
C ALA D 147 -18.84 27.71 24.44
N ALA D 148 -18.68 27.73 25.75
CA ALA D 148 -18.35 26.52 26.52
C ALA D 148 -19.39 25.41 26.37
N GLU D 149 -20.61 25.71 26.82
CA GLU D 149 -21.69 24.74 26.78
C GLU D 149 -21.92 24.22 25.36
N LYS D 150 -21.91 25.12 24.38
CA LYS D 150 -22.12 24.74 22.98
C LYS D 150 -20.81 24.24 22.35
N LYS D 151 -19.72 24.24 23.12
CA LYS D 151 -18.42 23.79 22.61
C LYS D 151 -17.97 24.48 21.32
N TRP D 152 -17.75 25.80 21.37
CA TRP D 152 -17.24 26.55 20.23
C TRP D 152 -15.86 27.15 20.51
N GLN D 153 -15.06 27.31 19.48
CA GLN D 153 -13.86 28.14 19.55
C GLN D 153 -14.07 29.40 18.74
N VAL D 154 -14.24 30.51 19.43
CA VAL D 154 -14.53 31.80 18.81
C VAL D 154 -13.32 32.71 18.77
N THR D 155 -13.03 33.20 17.58
CA THR D 155 -12.03 34.23 17.37
C THR D 155 -12.79 35.54 17.12
N ALA D 156 -12.79 36.42 18.12
CA ALA D 156 -13.52 37.70 18.06
C ALA D 156 -12.62 38.84 17.61
N ILE D 157 -13.00 39.48 16.51
CA ILE D 157 -12.26 40.59 15.97
C ILE D 157 -13.10 41.88 15.95
N ASN D 158 -12.57 42.97 16.50
CA ASN D 158 -13.26 44.27 16.51
C ASN D 158 -13.12 44.97 15.18
N VAL D 159 -14.26 45.29 14.59
CA VAL D 159 -14.24 45.89 13.28
C VAL D 159 -14.72 47.34 13.39
N GLY D 160 -14.68 47.85 14.63
CA GLY D 160 -15.41 49.04 14.98
C GLY D 160 -14.70 50.37 15.10
N ASN D 161 -13.39 50.41 15.02
CA ASN D 161 -12.74 51.72 15.08
C ASN D 161 -11.93 52.08 13.85
N ILE D 162 -12.47 51.74 12.70
CA ILE D 162 -11.77 51.89 11.43
C ILE D 162 -11.93 53.31 10.90
N ASN D 163 -10.84 54.06 10.85
CA ASN D 163 -10.92 55.38 10.24
C ASN D 163 -11.02 55.23 8.73
N ASN D 164 -12.12 55.71 8.16
CA ASN D 164 -12.40 55.54 6.75
C ASN D 164 -11.24 55.91 5.84
N ASP D 165 -10.27 56.62 6.39
CA ASP D 165 -9.05 56.96 5.67
C ASP D 165 -8.47 55.70 5.02
N LYS D 166 -8.12 54.73 5.86
CA LYS D 166 -7.68 53.43 5.35
C LYS D 166 -8.86 52.55 4.94
N LYS D 167 -9.43 51.81 5.88
CA LYS D 167 -10.62 51.01 5.62
C LYS D 167 -10.31 49.82 4.70
N ASP D 168 -10.09 50.11 3.43
CA ASP D 168 -9.67 49.09 2.47
C ASP D 168 -8.52 48.31 3.07
N GLU D 169 -7.43 49.01 3.38
CA GLU D 169 -6.23 48.36 3.90
C GLU D 169 -6.51 47.59 5.20
N THR D 170 -7.27 48.18 6.13
CA THR D 170 -7.58 47.49 7.38
C THR D 170 -8.30 46.18 7.08
N TYR D 171 -9.42 46.26 6.36
CA TYR D 171 -10.25 45.08 6.10
C TYR D 171 -9.52 43.95 5.38
N ARG D 172 -8.55 44.31 4.54
CA ARG D 172 -7.74 43.33 3.84
C ARG D 172 -6.74 42.70 4.80
N SER D 173 -6.16 43.53 5.67
CA SER D 173 -5.22 43.05 6.68
C SER D 173 -5.93 42.06 7.61
N LEU D 174 -7.15 42.40 7.99
CA LEU D 174 -7.95 41.51 8.84
C LEU D 174 -8.14 40.11 8.23
N PHE D 175 -8.52 40.05 6.96
CA PHE D 175 -8.77 38.77 6.33
C PHE D 175 -7.49 38.02 5.97
N GLN D 176 -6.47 38.78 5.60
CA GLN D 176 -5.16 38.19 5.37
C GLN D 176 -4.46 37.83 6.69
N ASP D 177 -5.13 38.11 7.80
CA ASP D 177 -4.70 37.62 9.11
C ASP D 177 -5.47 36.36 9.50
N LEU D 178 -6.78 36.37 9.27
CA LEU D 178 -7.58 35.14 9.36
C LEU D 178 -7.05 34.13 8.35
N GLU D 179 -6.07 34.56 7.56
CA GLU D 179 -5.26 33.65 6.74
C GLU D 179 -4.09 33.17 7.60
N LEU D 180 -4.40 32.75 8.81
CA LEU D 180 -3.41 32.23 9.75
C LEU D 180 -4.01 30.99 10.37
N LYS D 181 -5.10 31.18 11.10
CA LYS D 181 -5.79 30.08 11.77
C LYS D 181 -6.73 29.36 10.83
N LYS D 182 -6.59 29.63 9.53
CA LYS D 182 -7.48 29.04 8.54
C LYS D 182 -8.93 29.22 8.95
N GLU D 183 -9.36 30.48 9.01
CA GLU D 183 -10.74 30.77 9.37
C GLU D 183 -11.56 30.92 8.10
N ARG D 184 -12.68 30.20 8.03
CA ARG D 184 -13.49 30.20 6.83
C ARG D 184 -14.95 30.37 7.18
N ARG D 185 -15.25 30.27 8.47
CA ARG D 185 -16.59 30.52 8.97
C ARG D 185 -16.62 31.81 9.79
N VAL D 186 -17.43 32.76 9.35
CA VAL D 186 -17.33 34.14 9.79
C VAL D 186 -18.69 34.72 10.05
N ILE D 187 -18.89 35.27 11.24
CA ILE D 187 -20.12 35.99 11.59
C ILE D 187 -19.88 37.49 11.50
N LEU D 188 -20.79 38.21 10.86
CA LEU D 188 -20.62 39.63 10.64
C LEU D 188 -21.11 40.54 11.77
N ASP D 189 -22.40 40.61 12.09
CA ASP D 189 -22.80 41.46 13.26
C ASP D 189 -22.35 42.94 13.16
N CYS D 190 -22.93 43.65 12.19
CA CYS D 190 -22.58 45.03 11.85
C CYS D 190 -23.83 45.71 11.29
N GLU D 191 -23.81 47.04 11.25
CA GLU D 191 -24.83 47.79 10.52
C GLU D 191 -24.74 47.41 9.03
N ARG D 192 -25.83 47.58 8.29
CA ARG D 192 -25.86 47.20 6.87
C ARG D 192 -24.76 47.85 6.02
N ASP D 193 -24.31 49.03 6.44
CA ASP D 193 -23.29 49.77 5.71
C ASP D 193 -21.91 49.12 5.89
N LYS D 194 -21.58 48.85 7.14
CA LYS D 194 -20.34 48.19 7.47
C LYS D 194 -20.32 46.79 6.87
N VAL D 195 -21.50 46.19 6.70
CA VAL D 195 -21.59 44.86 6.13
C VAL D 195 -21.22 44.96 4.66
N ASN D 196 -21.81 45.95 3.99
CA ASN D 196 -21.53 46.25 2.60
C ASN D 196 -20.06 46.49 2.34
N ASP D 197 -19.44 47.30 3.20
CA ASP D 197 -18.03 47.63 3.09
C ASP D 197 -17.23 46.36 3.17
N ILE D 198 -17.65 45.45 4.04
CA ILE D 198 -16.84 44.28 4.33
C ILE D 198 -17.02 43.30 3.17
N VAL D 199 -18.26 43.10 2.79
CA VAL D 199 -18.58 42.31 1.60
C VAL D 199 -17.77 42.77 0.41
N ASP D 200 -17.70 44.08 0.20
CA ASP D 200 -16.89 44.64 -0.87
C ASP D 200 -15.44 44.19 -0.76
N GLN D 201 -14.90 44.16 0.45
CA GLN D 201 -13.50 43.77 0.58
C GLN D 201 -13.28 42.25 0.49
N VAL D 202 -14.27 41.47 0.92
CA VAL D 202 -14.18 40.02 0.82
C VAL D 202 -14.08 39.64 -0.65
N ILE D 203 -14.92 40.27 -1.47
CA ILE D 203 -14.92 40.08 -2.91
C ILE D 203 -13.59 40.47 -3.53
N THR D 204 -13.09 41.65 -3.20
CA THR D 204 -11.82 42.09 -3.75
C THR D 204 -10.69 41.13 -3.39
N ILE D 205 -10.78 40.51 -2.21
CA ILE D 205 -9.74 39.60 -1.74
C ILE D 205 -9.96 38.19 -2.30
N GLY D 206 -11.15 37.94 -2.79
CA GLY D 206 -11.45 36.66 -3.42
C GLY D 206 -11.78 35.60 -2.37
N LYS D 207 -12.49 36.02 -1.34
CA LYS D 207 -12.85 35.13 -0.26
C LYS D 207 -14.36 34.96 -0.22
N HIS D 208 -15.00 35.15 -1.37
CA HIS D 208 -16.45 34.94 -1.49
C HIS D 208 -16.70 33.68 -2.29
N VAL D 209 -15.68 32.83 -2.36
CA VAL D 209 -15.76 31.59 -3.10
C VAL D 209 -16.21 30.45 -2.20
N LYS D 210 -16.41 29.30 -2.82
CA LYS D 210 -16.76 28.07 -2.12
C LYS D 210 -15.73 27.73 -1.03
N GLY D 211 -16.22 27.34 0.13
CA GLY D 211 -15.33 27.01 1.22
C GLY D 211 -15.40 28.02 2.35
N TYR D 212 -15.86 29.25 2.06
CA TYR D 212 -16.16 30.25 3.10
C TYR D 212 -17.66 30.32 3.34
N HIS D 213 -18.04 30.70 4.55
CA HIS D 213 -19.45 30.85 4.91
C HIS D 213 -19.59 32.04 5.86
N TYR D 214 -20.50 32.95 5.54
CA TYR D 214 -20.71 34.17 6.29
C TYR D 214 -22.11 34.18 6.85
N ILE D 215 -22.23 34.60 8.10
CA ILE D 215 -23.54 34.81 8.69
C ILE D 215 -23.66 36.31 8.98
N ILE D 216 -24.61 36.97 8.32
CA ILE D 216 -24.87 38.37 8.59
C ILE D 216 -25.82 38.52 9.76
N ALA D 217 -25.32 39.02 10.89
CA ALA D 217 -26.11 39.02 12.11
C ALA D 217 -26.75 40.37 12.29
N ASN D 218 -27.70 40.67 11.41
CA ASN D 218 -28.63 41.77 11.60
C ASN D 218 -29.99 41.29 11.12
N LEU D 219 -31.03 42.09 11.32
CA LEU D 219 -32.38 41.67 10.99
C LEU D 219 -32.81 42.05 9.58
N GLY D 220 -31.88 42.51 8.78
CA GLY D 220 -32.21 42.95 7.45
C GLY D 220 -31.36 42.30 6.37
N PHE D 221 -31.41 40.96 6.29
CA PHE D 221 -30.60 40.23 5.29
C PHE D 221 -30.66 40.85 3.89
N THR D 222 -31.86 41.18 3.42
CA THR D 222 -31.99 41.73 2.08
C THR D 222 -32.06 43.26 2.00
N ASP D 223 -31.73 43.93 3.10
CA ASP D 223 -31.68 45.39 3.06
C ASP D 223 -30.52 45.88 2.19
N GLY D 224 -29.44 45.11 2.15
CA GLY D 224 -28.26 45.53 1.39
C GLY D 224 -28.18 44.86 0.03
N ASP D 225 -27.05 45.05 -0.65
CA ASP D 225 -26.86 44.47 -1.97
C ASP D 225 -26.18 43.12 -1.91
N LEU D 226 -26.97 42.06 -2.01
CA LEU D 226 -26.42 40.71 -1.98
C LEU D 226 -26.00 40.22 -3.37
N LEU D 227 -26.57 40.82 -4.41
CA LEU D 227 -26.36 40.31 -5.75
C LEU D 227 -24.87 40.15 -6.05
N LYS D 228 -24.05 41.07 -5.53
CA LYS D 228 -22.62 41.08 -5.88
C LYS D 228 -21.79 39.93 -5.29
N ILE D 229 -22.30 39.28 -4.25
CA ILE D 229 -21.60 38.17 -3.59
C ILE D 229 -22.31 36.83 -3.83
N GLN D 230 -23.25 36.86 -4.76
CA GLN D 230 -24.18 35.76 -5.02
C GLN D 230 -23.56 34.63 -5.86
N PHE D 231 -22.53 34.97 -6.63
CA PHE D 231 -22.07 34.04 -7.64
C PHE D 231 -20.67 33.53 -7.38
N GLY D 232 -20.11 33.95 -6.26
CA GLY D 232 -18.78 33.52 -5.90
C GLY D 232 -18.73 32.04 -5.52
N GLY D 233 -19.83 31.51 -4.97
CA GLY D 233 -19.83 30.19 -4.36
C GLY D 233 -19.88 30.11 -2.84
N ALA D 234 -19.59 31.20 -2.14
CA ALA D 234 -19.65 31.18 -0.67
C ALA D 234 -21.07 30.97 -0.15
N ASN D 235 -21.21 30.31 1.00
CA ASN D 235 -22.45 30.34 1.76
C ASN D 235 -22.60 31.72 2.43
N VAL D 236 -23.82 32.24 2.44
CA VAL D 236 -24.14 33.50 3.07
C VAL D 236 -25.52 33.33 3.67
N SER D 237 -25.62 33.47 4.99
CA SER D 237 -26.89 33.28 5.66
C SER D 237 -27.21 34.51 6.50
N GLY D 238 -28.50 34.74 6.73
CA GLY D 238 -28.89 35.89 7.53
C GLY D 238 -30.31 35.79 8.06
N PHE D 239 -30.81 36.92 8.52
CA PHE D 239 -32.11 36.95 9.16
C PHE D 239 -32.94 38.07 8.56
N GLN D 240 -34.25 37.87 8.59
CA GLN D 240 -35.17 38.79 7.91
C GLN D 240 -36.45 38.83 8.72
N ILE D 241 -36.92 40.04 8.99
CA ILE D 241 -38.11 40.21 9.82
C ILE D 241 -39.26 40.77 8.98
N VAL D 242 -38.90 41.43 7.89
CA VAL D 242 -39.87 41.94 6.94
C VAL D 242 -40.08 40.88 5.83
N ASP D 243 -41.21 40.18 5.87
CA ASP D 243 -41.48 39.10 4.90
C ASP D 243 -42.24 39.66 3.70
N TYR D 244 -41.53 39.92 2.61
CA TYR D 244 -42.14 40.53 1.43
C TYR D 244 -43.19 39.64 0.77
N ASP D 245 -43.37 38.43 1.29
CA ASP D 245 -44.38 37.53 0.75
C ASP D 245 -45.75 37.80 1.38
N ASP D 246 -45.76 38.45 2.54
CA ASP D 246 -47.01 38.85 3.16
C ASP D 246 -47.71 39.88 2.30
N SER D 247 -49.03 39.74 2.15
CA SER D 247 -49.83 40.71 1.42
C SER D 247 -49.76 42.09 2.07
N LEU D 248 -49.83 42.14 3.40
CA LEU D 248 -49.70 43.41 4.12
C LEU D 248 -48.44 44.14 3.69
N VAL D 249 -47.33 43.40 3.59
CA VAL D 249 -46.05 43.99 3.18
C VAL D 249 -46.05 44.32 1.70
N SER D 250 -46.55 43.37 0.89
CA SER D 250 -46.60 43.53 -0.55
C SER D 250 -47.46 44.74 -0.90
N LYS D 251 -48.59 44.87 -0.22
CA LYS D 251 -49.50 45.97 -0.47
C LYS D 251 -48.86 47.28 -0.04
N PHE D 252 -48.05 47.23 1.03
CA PHE D 252 -47.32 48.41 1.47
C PHE D 252 -46.26 48.84 0.46
N ILE D 253 -45.44 47.90 0.01
CA ILE D 253 -44.39 48.20 -0.97
C ILE D 253 -44.96 48.66 -2.31
N GLU D 254 -46.13 48.17 -2.67
CA GLU D 254 -46.79 48.65 -3.87
C GLU D 254 -46.87 50.17 -3.76
N ARG D 255 -47.31 50.62 -2.60
CA ARG D 255 -47.47 52.04 -2.32
C ARG D 255 -46.11 52.75 -2.24
N TRP D 256 -45.21 52.17 -1.47
CA TRP D 256 -43.91 52.76 -1.16
C TRP D 256 -43.04 52.96 -2.40
N SER D 257 -43.12 52.00 -3.32
CA SER D 257 -42.32 52.06 -4.53
C SER D 257 -42.75 53.22 -5.43
N THR D 258 -43.95 53.72 -5.18
CA THR D 258 -44.57 54.73 -6.02
C THR D 258 -44.30 56.17 -5.57
N LEU D 259 -44.13 56.38 -4.28
CA LEU D 259 -43.96 57.73 -3.73
C LEU D 259 -42.90 58.53 -4.45
N GLU D 260 -43.08 59.83 -4.52
CA GLU D 260 -42.04 60.66 -5.11
C GLU D 260 -40.84 60.73 -4.16
N GLU D 261 -39.67 60.41 -4.69
CA GLU D 261 -38.44 60.35 -3.92
C GLU D 261 -38.10 61.72 -3.31
N LYS D 262 -38.54 62.78 -3.97
CA LYS D 262 -38.32 64.15 -3.51
C LYS D 262 -39.14 64.48 -2.27
N GLU D 263 -40.36 63.95 -2.21
CA GLU D 263 -41.19 64.12 -1.04
C GLU D 263 -40.84 63.11 0.06
N TYR D 264 -40.44 61.91 -0.33
CA TYR D 264 -40.10 60.88 0.66
C TYR D 264 -38.73 60.28 0.41
N PRO D 265 -37.66 60.99 0.79
CA PRO D 265 -36.30 60.44 0.67
C PRO D 265 -36.20 59.00 1.16
N GLY D 266 -35.61 58.15 0.34
CA GLY D 266 -35.32 56.77 0.69
C GLY D 266 -36.43 55.83 0.28
N ALA D 267 -37.53 56.40 -0.22
CA ALA D 267 -38.77 55.66 -0.45
C ALA D 267 -39.22 55.50 -1.90
N HIS D 268 -38.31 55.28 -2.83
CA HIS D 268 -38.79 54.96 -4.19
C HIS D 268 -38.20 53.63 -4.61
N THR D 269 -38.42 52.61 -3.78
CA THR D 269 -37.64 51.37 -3.85
C THR D 269 -38.50 50.12 -3.67
N ALA D 270 -37.88 48.97 -3.91
CA ALA D 270 -38.57 47.68 -3.82
C ALA D 270 -38.49 47.12 -2.41
N THR D 271 -37.33 47.25 -1.79
CA THR D 271 -37.17 46.84 -0.40
C THR D 271 -37.25 48.04 0.56
N ILE D 272 -37.21 47.77 1.85
CA ILE D 272 -37.20 48.81 2.86
C ILE D 272 -36.44 48.33 4.11
N LYS D 273 -35.50 49.15 4.58
CA LYS D 273 -34.69 48.78 5.73
C LYS D 273 -35.60 48.35 6.89
N TYR D 274 -35.21 47.31 7.61
CA TYR D 274 -36.03 46.81 8.70
C TYR D 274 -36.23 47.93 9.74
N THR D 275 -35.26 48.84 9.87
CA THR D 275 -35.43 49.97 10.79
C THR D 275 -36.59 50.89 10.38
N SER D 276 -36.74 51.14 9.08
CA SER D 276 -37.85 51.94 8.60
C SER D 276 -39.19 51.21 8.73
N ALA D 277 -39.15 49.89 8.58
CA ALA D 277 -40.35 49.07 8.71
C ALA D 277 -40.84 49.06 10.13
N LEU D 278 -39.89 48.95 11.07
CA LEU D 278 -40.21 49.02 12.50
C LEU D 278 -40.76 50.40 12.89
N THR D 279 -40.29 51.44 12.21
CA THR D 279 -40.79 52.79 12.42
C THR D 279 -42.25 52.96 11.97
N TYR D 280 -42.55 52.52 10.76
CA TYR D 280 -43.93 52.50 10.27
C TYR D 280 -44.82 51.75 11.27
N ASP D 281 -44.37 50.57 11.67
CA ASP D 281 -45.06 49.72 12.63
C ASP D 281 -45.30 50.44 13.95
N ALA D 282 -44.32 51.25 14.36
CA ALA D 282 -44.41 52.03 15.60
C ALA D 282 -45.57 53.03 15.58
N VAL D 283 -45.86 53.57 14.39
CA VAL D 283 -46.96 54.52 14.29
C VAL D 283 -48.28 53.77 14.46
N GLN D 284 -48.33 52.51 14.05
CA GLN D 284 -49.56 51.77 14.26
C GLN D 284 -49.76 51.49 15.75
N VAL D 285 -48.67 51.15 16.42
CA VAL D 285 -48.76 50.75 17.81
C VAL D 285 -49.19 51.95 18.67
N MET D 286 -48.58 53.09 18.41
CA MET D 286 -48.91 54.31 19.12
C MET D 286 -50.36 54.68 18.88
N THR D 287 -50.81 54.54 17.63
CA THR D 287 -52.18 54.84 17.26
C THR D 287 -53.18 53.93 17.99
N GLU D 288 -52.95 52.61 17.92
CA GLU D 288 -53.77 51.65 18.65
C GLU D 288 -53.79 51.91 20.16
N ALA D 289 -52.61 52.13 20.74
CA ALA D 289 -52.54 52.35 22.18
C ALA D 289 -53.44 53.51 22.57
N PHE D 290 -53.31 54.64 21.88
CA PHE D 290 -54.10 55.82 22.24
C PHE D 290 -55.56 55.69 21.87
N ARG D 291 -55.84 54.90 20.84
CA ARG D 291 -57.22 54.56 20.47
C ARG D 291 -57.84 53.70 21.58
N ASN D 292 -57.09 52.71 22.04
CA ASN D 292 -57.56 51.83 23.10
C ASN D 292 -57.75 52.52 24.45
N LEU D 293 -56.97 53.59 24.72
CA LEU D 293 -57.16 54.34 25.94
C LEU D 293 -58.52 55.05 25.93
N ARG D 294 -58.99 55.42 24.75
CA ARG D 294 -60.31 56.03 24.62
C ARG D 294 -61.44 54.99 24.70
N LYS D 295 -61.24 53.85 24.05
CA LYS D 295 -62.20 52.76 24.09
C LYS D 295 -62.45 52.30 25.54
N GLN D 296 -61.55 52.68 26.45
CA GLN D 296 -61.72 52.31 27.84
C GLN D 296 -61.97 53.53 28.72
N ARG D 297 -62.23 54.67 28.07
CA ARG D 297 -62.56 55.92 28.74
C ARG D 297 -61.57 56.23 29.86
N ILE D 298 -60.31 55.92 29.59
CA ILE D 298 -59.20 56.33 30.43
C ILE D 298 -58.78 57.70 29.96
N GLU D 299 -59.09 58.74 30.72
CA GLU D 299 -58.68 60.08 30.34
C GLU D 299 -57.20 60.26 30.64
N ILE D 300 -56.45 60.76 29.67
CA ILE D 300 -55.00 60.85 29.82
C ILE D 300 -54.52 62.25 29.48
N SER D 301 -55.46 63.16 29.31
CA SER D 301 -55.14 64.53 28.92
C SER D 301 -54.51 65.29 30.08
N ARG D 302 -53.32 65.84 29.85
CA ARG D 302 -52.62 66.58 30.88
C ARG D 302 -53.34 67.89 31.15
N ARG D 303 -53.52 68.21 32.43
CA ARG D 303 -54.22 69.42 32.82
C ARG D 303 -53.26 70.60 32.90
N GLY D 304 -52.16 70.41 33.61
CA GLY D 304 -51.16 71.45 33.75
C GLY D 304 -49.90 71.12 32.97
N ASN D 305 -49.08 72.14 32.73
CA ASN D 305 -47.83 71.95 32.01
C ASN D 305 -47.00 70.80 32.59
N ALA D 306 -46.34 70.07 31.71
CA ALA D 306 -45.47 68.96 32.11
C ALA D 306 -44.35 69.53 32.97
N GLY D 307 -43.90 70.72 32.61
CA GLY D 307 -42.87 71.40 33.40
C GLY D 307 -41.46 71.23 32.89
N ASP D 308 -40.51 71.28 33.80
CA ASP D 308 -39.09 71.13 33.46
C ASP D 308 -38.58 69.75 33.84
N CYS D 309 -37.98 69.06 32.88
CA CYS D 309 -37.44 67.72 33.12
C CYS D 309 -36.42 67.74 34.25
N LEU D 310 -36.08 68.94 34.72
CA LEU D 310 -35.11 69.09 35.80
C LEU D 310 -35.78 69.67 37.05
N ALA D 311 -37.09 69.52 37.14
CA ALA D 311 -37.84 70.02 38.29
C ALA D 311 -37.52 69.10 39.45
N ASN D 312 -37.49 69.63 40.65
CA ASN D 312 -37.07 68.87 41.80
C ASN D 312 -37.98 69.21 42.97
N PRO D 313 -38.62 68.21 43.57
CA PRO D 313 -38.49 66.77 43.27
C PRO D 313 -39.16 66.32 41.97
N ALA D 314 -38.70 65.18 41.49
CA ALA D 314 -39.25 64.52 40.34
C ALA D 314 -40.47 63.71 40.72
N VAL D 315 -41.65 64.25 40.41
CA VAL D 315 -42.90 63.54 40.66
C VAL D 315 -43.56 63.22 39.33
N PRO D 316 -43.54 61.96 38.92
CA PRO D 316 -44.06 61.59 37.60
C PRO D 316 -45.56 61.81 37.53
N TRP D 317 -46.06 62.16 36.35
CA TRP D 317 -47.51 62.33 36.18
C TRP D 317 -48.27 61.02 36.29
N GLY D 318 -49.49 61.14 36.81
CA GLY D 318 -50.32 60.00 37.14
C GLY D 318 -50.66 59.09 35.97
N GLN D 319 -50.79 59.66 34.78
CA GLN D 319 -51.29 58.87 33.66
C GLN D 319 -50.19 58.17 32.84
N GLY D 320 -48.93 58.43 33.15
CA GLY D 320 -47.83 57.75 32.49
C GLY D 320 -47.95 56.23 32.48
N VAL D 321 -48.23 55.67 33.65
CA VAL D 321 -48.34 54.23 33.79
C VAL D 321 -49.48 53.65 32.90
N GLU D 322 -50.58 54.39 32.77
CA GLU D 322 -51.70 53.97 31.92
C GLU D 322 -51.28 53.94 30.45
N ILE D 323 -50.54 54.97 30.05
CA ILE D 323 -50.06 55.08 28.68
C ILE D 323 -49.11 53.95 28.33
N GLU D 324 -48.18 53.68 29.25
CA GLU D 324 -47.22 52.57 29.12
C GLU D 324 -47.97 51.27 28.95
N ARG D 325 -48.87 50.98 29.89
CA ARG D 325 -49.66 49.76 29.82
C ARG D 325 -50.41 49.64 28.49
N ALA D 326 -51.08 50.70 28.07
CA ALA D 326 -51.83 50.67 26.81
C ALA D 326 -50.91 50.37 25.66
N LEU D 327 -49.73 50.99 25.67
CA LEU D 327 -48.77 50.74 24.62
C LEU D 327 -48.33 49.28 24.62
N LYS D 328 -48.15 48.73 25.81
CA LYS D 328 -47.63 47.37 25.93
C LYS D 328 -48.70 46.31 25.71
N GLN D 329 -49.96 46.73 25.72
CA GLN D 329 -51.07 45.81 25.52
C GLN D 329 -51.47 45.71 24.04
N VAL D 330 -50.92 46.58 23.21
CA VAL D 330 -51.23 46.58 21.79
C VAL D 330 -50.78 45.28 21.14
N GLN D 331 -51.68 44.64 20.37
CA GLN D 331 -51.27 43.50 19.55
C GLN D 331 -51.80 43.63 18.14
N VAL D 332 -50.92 43.91 17.19
CA VAL D 332 -51.30 44.07 15.80
C VAL D 332 -50.34 43.32 14.88
N GLU D 333 -50.70 43.24 13.62
CA GLU D 333 -49.85 42.64 12.61
C GLU D 333 -49.33 43.80 11.76
N GLY D 334 -48.05 43.75 11.40
CA GLY D 334 -47.49 44.85 10.63
C GLY D 334 -46.42 44.39 9.68
N LEU D 335 -45.59 45.30 9.22
CA LEU D 335 -44.49 44.95 8.31
C LEU D 335 -43.51 43.96 8.95
N SER D 336 -43.35 44.04 10.27
CA SER D 336 -42.45 43.15 10.97
C SER D 336 -43.19 41.97 11.56
N GLY D 337 -44.37 41.67 11.02
CA GLY D 337 -45.08 40.48 11.44
C GLY D 337 -46.00 40.72 12.60
N ASN D 338 -46.32 39.67 13.36
CA ASN D 338 -47.11 39.84 14.55
C ASN D 338 -46.36 40.68 15.59
N ILE D 339 -46.99 41.74 16.06
CA ILE D 339 -46.38 42.58 17.07
C ILE D 339 -47.07 42.39 18.42
N LYS D 340 -46.28 42.00 19.40
CA LYS D 340 -46.77 41.81 20.76
C LYS D 340 -45.64 42.09 21.73
N PHE D 341 -45.98 42.60 22.91
CA PHE D 341 -44.98 42.95 23.92
C PHE D 341 -45.20 42.24 25.26
N ASP D 342 -44.11 41.95 25.94
CA ASP D 342 -44.23 41.54 27.33
C ASP D 342 -44.29 42.79 28.23
N GLN D 343 -44.33 42.57 29.54
CA GLN D 343 -44.46 43.62 30.53
C GLN D 343 -43.27 44.55 30.56
N ASN D 344 -42.18 44.13 29.93
CA ASN D 344 -41.00 44.99 29.85
C ASN D 344 -40.82 45.56 28.44
N GLY D 345 -41.89 45.55 27.64
CA GLY D 345 -41.86 46.17 26.33
C GLY D 345 -40.97 45.51 25.28
N LYS D 346 -40.63 44.24 25.49
CA LYS D 346 -39.86 43.48 24.51
C LYS D 346 -40.83 42.72 23.59
N ARG D 347 -40.52 42.65 22.30
CA ARG D 347 -41.34 41.90 21.35
C ARG D 347 -41.48 40.46 21.84
N ILE D 348 -42.70 39.92 21.80
CA ILE D 348 -42.86 38.48 22.03
C ILE D 348 -43.70 37.86 20.92
N ASN D 349 -43.69 36.54 20.84
CA ASN D 349 -44.45 35.85 19.82
C ASN D 349 -44.15 36.44 18.45
N TYR D 350 -42.87 36.72 18.20
CA TYR D 350 -42.50 37.26 16.90
C TYR D 350 -41.80 36.16 16.13
N THR D 351 -41.55 36.41 14.86
CA THR D 351 -40.86 35.44 14.04
C THR D 351 -39.72 36.04 13.23
N ILE D 352 -38.59 35.35 13.19
CA ILE D 352 -37.47 35.76 12.36
C ILE D 352 -37.18 34.73 11.27
N ASN D 353 -37.27 35.15 10.00
CA ASN D 353 -36.94 34.25 8.89
C ASN D 353 -35.44 34.00 8.76
N ILE D 354 -35.10 32.76 8.44
CA ILE D 354 -33.71 32.40 8.20
C ILE D 354 -33.46 32.33 6.70
N MET D 355 -32.39 32.98 6.25
CA MET D 355 -32.13 33.12 4.84
C MET D 355 -30.77 32.57 4.46
N GLU D 356 -30.70 31.98 3.27
CA GLU D 356 -29.44 31.74 2.59
C GLU D 356 -29.47 32.41 1.21
N LEU D 357 -28.32 32.87 0.76
CA LEU D 357 -28.21 33.45 -0.57
C LEU D 357 -28.03 32.32 -1.58
N LYS D 358 -28.81 32.33 -2.66
CA LYS D 358 -28.58 31.37 -3.74
C LYS D 358 -28.32 32.08 -5.06
N THR D 359 -27.93 31.32 -6.07
CA THR D 359 -27.66 31.88 -7.38
C THR D 359 -28.90 32.58 -7.94
N ASN D 360 -30.08 32.11 -7.56
CA ASN D 360 -31.31 32.79 -7.94
C ASN D 360 -31.80 33.83 -6.91
N GLY D 361 -30.93 34.20 -5.98
CA GLY D 361 -31.25 35.23 -4.99
C GLY D 361 -31.50 34.68 -3.59
N PRO D 362 -31.73 35.58 -2.62
CA PRO D 362 -31.99 35.18 -1.23
C PRO D 362 -33.23 34.31 -1.16
N ARG D 363 -33.15 33.21 -0.43
CA ARG D 363 -34.33 32.38 -0.23
C ARG D 363 -34.50 32.03 1.24
N LYS D 364 -35.75 32.10 1.71
CA LYS D 364 -36.10 31.69 3.06
C LYS D 364 -35.95 30.18 3.22
N ILE D 365 -35.24 29.77 4.26
CA ILE D 365 -34.87 28.37 4.45
C ILE D 365 -35.58 27.83 5.69
N GLY D 366 -36.24 28.73 6.40
CA GLY D 366 -36.85 28.38 7.67
C GLY D 366 -37.16 29.61 8.49
N TYR D 367 -37.49 29.41 9.75
CA TYR D 367 -37.91 30.51 10.59
C TYR D 367 -37.54 30.20 12.01
N TRP D 368 -37.34 31.26 12.81
CA TRP D 368 -37.05 31.12 14.22
C TRP D 368 -38.15 31.75 15.06
N SER D 369 -38.60 30.99 16.05
CA SER D 369 -39.68 31.42 16.92
C SER D 369 -39.17 31.41 18.34
N GLU D 370 -39.78 32.24 19.18
CA GLU D 370 -39.43 32.27 20.59
C GLU D 370 -39.47 30.88 21.20
N VAL D 371 -40.50 30.11 20.85
CA VAL D 371 -40.77 28.87 21.54
C VAL D 371 -40.41 27.62 20.74
N ASP D 372 -40.36 27.75 19.42
CA ASP D 372 -40.03 26.60 18.58
C ASP D 372 -38.54 26.57 18.24
N LYS D 373 -37.84 27.66 18.56
CA LYS D 373 -36.48 27.86 18.05
C LYS D 373 -36.45 27.68 16.52
N MET D 374 -35.41 27.03 16.02
CA MET D 374 -35.14 26.99 14.59
C MET D 374 -35.89 25.91 13.79
N VAL D 375 -36.64 26.33 12.77
CA VAL D 375 -37.45 25.37 12.01
C VAL D 375 -37.21 25.41 10.50
N VAL D 376 -36.63 24.33 9.95
CA VAL D 376 -36.41 24.22 8.51
C VAL D 376 -37.71 24.13 7.73
N THR D 377 -37.84 25.00 6.73
CA THR D 377 -39.09 25.15 5.99
C THR D 377 -39.23 24.17 4.82
N LEU D 378 -40.41 23.56 4.71
CA LEU D 378 -40.68 22.61 3.64
C LEU D 378 -42.13 22.14 3.67
N VAL D 396 -31.39 -1.56 -3.35
CA VAL D 396 -31.74 -2.88 -2.72
C VAL D 396 -30.84 -3.97 -3.30
N VAL D 397 -30.17 -4.72 -2.41
CA VAL D 397 -29.25 -5.79 -2.77
C VAL D 397 -29.80 -7.11 -2.18
N THR D 398 -30.31 -7.98 -3.06
CA THR D 398 -30.88 -9.27 -2.66
C THR D 398 -29.76 -10.33 -2.67
N THR D 399 -29.68 -11.09 -1.58
CA THR D 399 -28.69 -12.15 -1.40
C THR D 399 -29.41 -13.40 -0.85
N ILE D 400 -28.63 -14.41 -0.46
CA ILE D 400 -29.17 -15.65 0.10
C ILE D 400 -28.18 -16.22 1.12
N LEU D 401 -28.73 -16.87 2.15
CA LEU D 401 -27.97 -17.43 3.27
C LEU D 401 -27.26 -18.72 2.81
N GLU D 402 -25.93 -18.72 2.93
CA GLU D 402 -25.08 -19.87 2.61
C GLU D 402 -24.11 -20.10 3.79
N SER D 403 -23.37 -21.22 3.72
CA SER D 403 -22.40 -21.59 4.75
C SER D 403 -21.19 -20.68 4.67
N PRO D 404 -20.48 -20.59 3.51
CA PRO D 404 -19.28 -19.77 3.40
C PRO D 404 -19.43 -18.35 2.86
N TYR D 405 -20.61 -18.02 2.31
CA TYR D 405 -20.81 -16.79 1.52
C TYR D 405 -21.40 -15.68 2.41
N VAL D 406 -22.59 -15.95 2.99
CA VAL D 406 -23.30 -14.98 3.83
C VAL D 406 -23.55 -15.60 5.21
N MET D 407 -22.75 -15.17 6.19
CA MET D 407 -22.83 -15.65 7.57
C MET D 407 -23.29 -14.51 8.49
N MET D 408 -24.16 -14.85 9.45
CA MET D 408 -24.62 -13.92 10.49
C MET D 408 -23.60 -13.94 11.64
N LYS D 409 -23.10 -12.75 12.00
CA LYS D 409 -22.05 -12.60 13.00
C LYS D 409 -22.66 -12.76 14.40
N LYS D 410 -21.78 -13.05 15.38
CA LYS D 410 -22.15 -13.19 16.79
C LYS D 410 -22.42 -11.80 17.37
N ASN D 411 -23.44 -11.72 18.24
CA ASN D 411 -23.93 -10.46 18.80
C ASN D 411 -24.52 -9.62 17.65
N HIS D 412 -25.53 -10.18 16.98
CA HIS D 412 -26.20 -9.56 15.84
C HIS D 412 -27.29 -8.59 16.31
N GLU D 413 -27.76 -8.78 17.56
CA GLU D 413 -28.78 -7.94 18.17
C GLU D 413 -28.17 -6.61 18.62
N MET D 414 -26.88 -6.64 18.98
CA MET D 414 -26.16 -5.48 19.51
C MET D 414 -25.56 -4.65 18.37
N LEU D 415 -25.59 -5.17 17.13
CA LEU D 415 -25.09 -4.48 15.95
C LEU D 415 -26.14 -4.55 14.84
N GLU D 416 -26.90 -3.46 14.68
CA GLU D 416 -27.97 -3.35 13.68
C GLU D 416 -27.43 -2.68 12.42
N GLY D 417 -27.73 -3.28 11.26
CA GLY D 417 -27.35 -2.75 9.95
C GLY D 417 -26.58 -3.78 9.13
N ASN D 418 -25.39 -3.38 8.65
CA ASN D 418 -24.55 -4.21 7.78
C ASN D 418 -23.49 -4.94 8.62
N GLU D 419 -23.47 -4.69 9.93
CA GLU D 419 -22.54 -5.33 10.86
C GLU D 419 -23.10 -6.69 11.31
N ARG D 420 -24.35 -6.98 10.96
CA ARG D 420 -25.04 -8.22 11.34
C ARG D 420 -24.45 -9.42 10.59
N TYR D 421 -23.95 -9.18 9.37
CA TYR D 421 -23.44 -10.24 8.50
C TYR D 421 -21.96 -10.00 8.19
N GLU D 422 -21.27 -11.09 7.79
CA GLU D 422 -19.87 -11.06 7.39
C GLU D 422 -19.57 -12.28 6.51
N GLY D 423 -18.88 -12.06 5.38
CA GLY D 423 -18.53 -13.13 4.46
C GLY D 423 -17.88 -12.62 3.18
N TYR D 424 -17.72 -13.53 2.21
CA TYR D 424 -17.14 -13.25 0.90
C TYR D 424 -18.07 -12.35 0.08
N CYS D 425 -19.36 -12.72 0.06
CA CYS D 425 -20.36 -12.11 -0.81
C CYS D 425 -20.67 -10.68 -0.37
N VAL D 426 -20.41 -10.38 0.90
CA VAL D 426 -20.60 -9.03 1.48
C VAL D 426 -19.53 -8.09 0.92
N ASP D 427 -18.28 -8.57 0.89
CA ASP D 427 -17.12 -7.78 0.49
C ASP D 427 -17.10 -7.62 -1.04
N LEU D 428 -17.70 -8.59 -1.75
CA LEU D 428 -17.80 -8.59 -3.21
C LEU D 428 -18.72 -7.45 -3.66
N ALA D 429 -19.76 -7.17 -2.87
CA ALA D 429 -20.72 -6.10 -3.13
C ALA D 429 -20.05 -4.73 -2.92
N ALA D 430 -19.17 -4.66 -1.93
CA ALA D 430 -18.44 -3.44 -1.59
C ALA D 430 -17.42 -3.09 -2.69
N GLU D 431 -16.86 -4.13 -3.33
CA GLU D 431 -15.93 -4.00 -4.45
C GLU D 431 -16.67 -3.48 -5.69
N ILE D 432 -17.93 -3.88 -5.83
CA ILE D 432 -18.79 -3.49 -6.96
C ILE D 432 -19.19 -2.01 -6.83
N ALA D 433 -19.50 -1.59 -5.59
CA ALA D 433 -19.97 -0.24 -5.30
C ALA D 433 -18.79 0.74 -5.15
N LYS D 434 -17.57 0.24 -5.34
CA LYS D 434 -16.36 1.08 -5.36
C LYS D 434 -16.28 1.82 -6.70
N HIS D 435 -16.83 1.22 -7.76
CA HIS D 435 -16.82 1.79 -9.11
C HIS D 435 -18.26 2.02 -9.62
N CYS D 436 -19.25 1.86 -8.74
CA CYS D 436 -20.66 2.09 -9.06
C CYS D 436 -21.26 3.08 -8.05
N GLY D 437 -22.07 4.02 -8.55
CA GLY D 437 -22.77 5.01 -7.73
C GLY D 437 -24.11 4.47 -7.26
N PHE D 438 -24.08 3.63 -6.22
CA PHE D 438 -25.27 2.98 -5.67
C PHE D 438 -25.14 2.83 -4.15
N LYS D 439 -26.25 3.00 -3.45
CA LYS D 439 -26.36 2.79 -2.01
C LYS D 439 -26.91 1.38 -1.75
N TYR D 440 -26.15 0.60 -0.97
CA TYR D 440 -26.45 -0.81 -0.74
C TYR D 440 -27.07 -1.01 0.65
N LYS D 441 -28.09 -1.87 0.71
CA LYS D 441 -28.73 -2.29 1.95
C LYS D 441 -28.85 -3.83 1.92
N LEU D 442 -28.23 -4.48 2.92
CA LEU D 442 -28.17 -5.94 3.00
C LEU D 442 -29.57 -6.50 3.29
N THR D 443 -30.29 -6.86 2.23
CA THR D 443 -31.65 -7.39 2.33
C THR D 443 -31.64 -8.89 1.96
N ILE D 444 -32.15 -9.71 2.88
CA ILE D 444 -32.22 -11.17 2.74
C ILE D 444 -33.55 -11.50 2.05
N VAL D 445 -33.51 -12.47 1.13
CA VAL D 445 -34.73 -12.93 0.43
C VAL D 445 -35.55 -13.78 1.41
N GLY D 446 -36.86 -13.56 1.40
CA GLY D 446 -37.78 -14.11 2.40
C GLY D 446 -38.11 -15.58 2.17
N ASP D 447 -38.18 -15.97 0.89
CA ASP D 447 -38.55 -17.34 0.49
C ASP D 447 -37.51 -18.34 0.97
N GLY D 448 -36.22 -17.99 0.79
CA GLY D 448 -35.11 -18.89 1.03
C GLY D 448 -34.91 -19.85 -0.12
N LYS D 449 -34.95 -19.29 -1.34
CA LYS D 449 -34.86 -20.04 -2.59
C LYS D 449 -34.08 -19.23 -3.62
N TYR D 450 -33.42 -19.95 -4.55
CA TYR D 450 -32.60 -19.34 -5.59
C TYR D 450 -33.50 -18.78 -6.69
N GLY D 451 -34.30 -19.66 -7.31
CA GLY D 451 -35.27 -19.26 -8.33
C GLY D 451 -35.54 -20.38 -9.31
N ALA D 452 -36.82 -20.80 -9.37
CA ALA D 452 -37.29 -21.81 -10.32
C ALA D 452 -38.79 -21.62 -10.56
N ARG D 453 -39.18 -21.60 -11.85
CA ARG D 453 -40.57 -21.45 -12.26
C ARG D 453 -41.28 -22.80 -12.08
N ASP D 454 -42.35 -22.80 -11.28
CA ASP D 454 -43.11 -24.01 -10.96
C ASP D 454 -43.92 -24.43 -12.21
N ALA D 455 -44.22 -25.73 -12.29
CA ALA D 455 -44.89 -26.33 -13.44
C ALA D 455 -46.38 -25.92 -13.47
N ASP D 456 -46.99 -25.83 -12.29
CA ASP D 456 -48.43 -25.59 -12.13
C ASP D 456 -48.71 -24.08 -12.26
N THR D 457 -47.96 -23.28 -11.50
CA THR D 457 -48.21 -21.83 -11.38
C THR D 457 -47.65 -21.08 -12.59
N LYS D 458 -46.48 -21.52 -13.08
CA LYS D 458 -45.77 -20.87 -14.18
C LYS D 458 -45.35 -19.46 -13.76
N ILE D 459 -44.74 -19.37 -12.56
CA ILE D 459 -44.32 -18.10 -11.96
C ILE D 459 -43.04 -18.34 -11.16
N TRP D 460 -42.15 -17.34 -11.15
CA TRP D 460 -40.82 -17.43 -10.55
C TRP D 460 -40.90 -17.03 -9.06
N ASN D 461 -39.89 -17.48 -8.30
CA ASN D 461 -39.82 -17.28 -6.85
C ASN D 461 -38.41 -16.81 -6.45
N GLY D 462 -38.31 -16.28 -5.23
CA GLY D 462 -37.03 -15.94 -4.61
C GLY D 462 -36.38 -14.72 -5.24
N MET D 463 -35.06 -14.78 -5.39
CA MET D 463 -34.24 -13.66 -5.90
C MET D 463 -34.52 -13.45 -7.39
N VAL D 464 -34.83 -14.53 -8.11
CA VAL D 464 -35.15 -14.49 -9.53
C VAL D 464 -36.56 -13.89 -9.71
N GLY D 465 -37.49 -14.29 -8.83
CA GLY D 465 -38.87 -13.80 -8.82
C GLY D 465 -38.96 -12.32 -8.51
N GLU D 466 -38.06 -11.84 -7.64
CA GLU D 466 -38.03 -10.44 -7.22
C GLU D 466 -37.46 -9.56 -8.35
N LEU D 467 -36.65 -10.15 -9.22
CA LEU D 467 -35.97 -9.45 -10.32
C LEU D 467 -36.97 -9.17 -11.45
N VAL D 468 -37.71 -10.20 -11.88
CA VAL D 468 -38.58 -10.13 -13.06
C VAL D 468 -39.83 -9.28 -12.76
N TYR D 469 -40.39 -9.45 -11.55
CA TYR D 469 -41.63 -8.76 -11.16
C TYR D 469 -41.32 -7.32 -10.71
N GLY D 470 -40.04 -6.99 -10.55
CA GLY D 470 -39.59 -5.62 -10.32
C GLY D 470 -39.73 -5.23 -8.86
N LYS D 471 -38.91 -5.85 -8.01
CA LYS D 471 -38.84 -5.56 -6.58
C LYS D 471 -37.37 -5.35 -6.18
N ALA D 472 -36.51 -6.32 -6.57
CA ALA D 472 -35.07 -6.27 -6.33
C ALA D 472 -34.39 -5.46 -7.44
N ASP D 473 -33.24 -4.86 -7.10
CA ASP D 473 -32.47 -4.00 -8.00
C ASP D 473 -31.24 -4.74 -8.51
N ILE D 474 -30.49 -5.37 -7.59
CA ILE D 474 -29.25 -6.10 -7.92
C ILE D 474 -29.18 -7.37 -7.06
N ALA D 475 -28.50 -8.39 -7.60
CA ALA D 475 -28.36 -9.70 -6.94
C ALA D 475 -26.91 -10.17 -7.03
N ILE D 476 -26.21 -10.11 -5.89
CA ILE D 476 -24.84 -10.61 -5.74
C ILE D 476 -24.88 -11.79 -4.77
N ALA D 477 -25.00 -13.00 -5.34
CA ALA D 477 -25.16 -14.24 -4.58
C ALA D 477 -24.67 -15.42 -5.41
N PRO D 478 -24.29 -16.56 -4.80
CA PRO D 478 -23.95 -17.77 -5.55
C PRO D 478 -25.15 -18.29 -6.35
N LEU D 479 -25.29 -17.80 -7.59
CA LEU D 479 -26.37 -18.18 -8.51
C LEU D 479 -25.76 -18.70 -9.82
N THR D 480 -26.13 -19.93 -10.19
CA THR D 480 -25.63 -20.59 -11.39
C THR D 480 -26.31 -19.97 -12.63
N ILE D 481 -25.51 -19.77 -13.69
CA ILE D 481 -25.96 -19.13 -14.92
C ILE D 481 -26.35 -20.23 -15.91
N THR D 482 -27.67 -20.37 -16.14
CA THR D 482 -28.22 -21.42 -17.00
C THR D 482 -28.98 -20.79 -18.17
N LEU D 483 -29.58 -21.66 -19.00
CA LEU D 483 -30.19 -21.29 -20.28
C LEU D 483 -31.46 -20.46 -20.04
N VAL D 484 -32.34 -20.96 -19.17
CA VAL D 484 -33.68 -20.42 -18.97
C VAL D 484 -33.62 -19.07 -18.25
N ARG D 485 -32.59 -18.86 -17.42
CA ARG D 485 -32.43 -17.62 -16.64
C ARG D 485 -32.06 -16.46 -17.57
N GLU D 486 -31.30 -16.75 -18.63
CA GLU D 486 -30.81 -15.75 -19.58
C GLU D 486 -31.97 -15.19 -20.43
N GLU D 487 -33.03 -15.99 -20.58
CA GLU D 487 -34.21 -15.60 -21.35
C GLU D 487 -35.03 -14.55 -20.59
N VAL D 488 -34.95 -14.56 -19.25
CA VAL D 488 -35.78 -13.69 -18.40
C VAL D 488 -34.96 -12.50 -17.87
N ILE D 489 -33.74 -12.77 -17.35
CA ILE D 489 -32.90 -11.71 -16.76
C ILE D 489 -31.49 -11.78 -17.37
N ASP D 490 -30.85 -10.62 -17.47
CA ASP D 490 -29.48 -10.48 -17.97
C ASP D 490 -28.50 -10.86 -16.87
N PHE D 491 -27.38 -11.47 -17.27
CA PHE D 491 -26.32 -11.91 -16.35
C PHE D 491 -25.00 -11.22 -16.71
N SER D 492 -24.14 -11.05 -15.70
CA SER D 492 -22.80 -10.49 -15.86
C SER D 492 -21.82 -11.60 -16.24
N LYS D 493 -20.53 -11.25 -16.35
CA LYS D 493 -19.46 -12.20 -16.67
C LYS D 493 -19.09 -12.98 -15.41
N PRO D 494 -18.59 -14.23 -15.54
CA PRO D 494 -18.29 -15.07 -14.39
C PRO D 494 -17.11 -14.53 -13.55
N PHE D 495 -17.27 -14.52 -12.23
CA PHE D 495 -16.25 -14.00 -11.31
C PHE D 495 -15.42 -15.14 -10.72
N MET D 496 -15.99 -16.36 -10.66
CA MET D 496 -15.23 -17.57 -10.33
C MET D 496 -15.86 -18.78 -11.04
N SER D 497 -15.02 -19.79 -11.31
CA SER D 497 -15.41 -21.01 -12.01
C SER D 497 -15.46 -22.18 -11.02
N LEU D 498 -16.30 -23.18 -11.35
CA LEU D 498 -16.52 -24.36 -10.50
C LEU D 498 -17.02 -25.53 -11.35
N GLY D 499 -17.14 -26.69 -10.71
CA GLY D 499 -17.62 -27.91 -11.36
C GLY D 499 -17.95 -28.99 -10.33
N ILE D 500 -18.44 -30.13 -10.82
CA ILE D 500 -18.81 -31.27 -10.00
C ILE D 500 -17.56 -32.13 -9.76
N SER D 501 -17.30 -32.47 -8.48
CA SER D 501 -16.10 -33.17 -8.06
C SER D 501 -16.47 -34.31 -7.10
N ILE D 502 -15.46 -35.10 -6.71
CA ILE D 502 -15.61 -36.28 -5.86
C ILE D 502 -15.01 -35.94 -4.48
N MET D 503 -15.71 -36.37 -3.42
CA MET D 503 -15.19 -36.31 -2.05
C MET D 503 -15.30 -37.69 -1.40
N ILE D 504 -14.30 -38.02 -0.57
CA ILE D 504 -14.22 -39.29 0.17
C ILE D 504 -13.70 -38.99 1.59
N LYS D 505 -13.90 -39.96 2.49
CA LYS D 505 -13.37 -39.88 3.85
C LYS D 505 -11.85 -40.06 3.81
N LYS D 506 -11.16 -39.40 4.75
CA LYS D 506 -9.70 -39.41 4.83
C LYS D 506 -9.21 -40.85 4.92
N PRO D 507 -8.05 -41.19 4.29
CA PRO D 507 -7.61 -42.58 4.18
C PRO D 507 -7.19 -43.19 5.53
N GLN D 508 -6.68 -42.36 6.44
CA GLN D 508 -6.30 -42.76 7.81
C GLN D 508 -5.27 -43.90 7.75
N LYS D 509 -5.36 -44.84 8.71
CA LYS D 509 -4.41 -45.94 8.86
C LYS D 509 -5.18 -47.26 9.01
N SER D 510 -4.66 -48.31 8.37
CA SER D 510 -5.30 -49.63 8.34
C SER D 510 -4.91 -50.44 9.59
N LYS D 511 -5.66 -51.51 9.85
CA LYS D 511 -5.33 -52.50 10.87
C LYS D 511 -4.64 -53.69 10.21
N PRO D 512 -3.42 -54.07 10.65
CA PRO D 512 -2.77 -55.28 10.16
C PRO D 512 -3.39 -56.54 10.82
N GLY D 513 -3.93 -57.43 9.98
CA GLY D 513 -4.65 -58.62 10.44
C GLY D 513 -3.72 -59.80 10.65
N VAL D 514 -3.57 -60.62 9.60
CA VAL D 514 -2.75 -61.83 9.63
C VAL D 514 -1.99 -61.93 8.30
N PHE D 515 -0.75 -62.43 8.39
CA PHE D 515 0.21 -62.48 7.27
C PHE D 515 0.46 -61.07 6.72
N SER D 516 0.59 -60.10 7.65
CA SER D 516 0.89 -58.71 7.33
C SER D 516 2.40 -58.49 7.30
N PHE D 517 3.16 -59.53 7.65
CA PHE D 517 4.63 -59.48 7.76
C PHE D 517 5.28 -59.90 6.43
N LEU D 518 4.46 -60.25 5.43
CA LEU D 518 4.92 -60.59 4.08
C LEU D 518 4.81 -59.35 3.16
N ASP D 519 4.61 -58.18 3.77
CA ASP D 519 4.44 -56.90 3.06
C ASP D 519 5.76 -56.43 2.43
N PRO D 520 6.93 -56.54 3.08
CA PRO D 520 8.18 -56.03 2.51
C PRO D 520 8.52 -56.55 1.11
N LEU D 521 8.28 -57.84 0.86
CA LEU D 521 8.59 -58.49 -0.42
C LEU D 521 7.29 -58.74 -1.20
N ALA D 522 7.44 -58.79 -2.53
CA ALA D 522 6.34 -59.09 -3.45
C ALA D 522 5.98 -60.58 -3.37
N TYR D 523 4.73 -60.90 -3.73
CA TYR D 523 4.20 -62.26 -3.70
C TYR D 523 4.86 -63.13 -4.78
N GLU D 524 5.46 -62.49 -5.79
CA GLU D 524 6.14 -63.18 -6.89
C GLU D 524 7.45 -63.80 -6.40
N ILE D 525 8.14 -63.10 -5.50
CA ILE D 525 9.49 -63.49 -5.04
C ILE D 525 9.38 -64.70 -4.09
N TRP D 526 8.38 -64.68 -3.21
CA TRP D 526 8.19 -65.71 -2.18
C TRP D 526 8.09 -67.10 -2.82
N MET D 527 7.29 -67.21 -3.90
CA MET D 527 7.03 -68.48 -4.58
C MET D 527 8.28 -68.94 -5.33
N CYS D 528 9.11 -68.00 -5.79
CA CYS D 528 10.34 -68.30 -6.53
C CYS D 528 11.37 -68.97 -5.60
N ILE D 529 11.36 -68.58 -4.32
CA ILE D 529 12.23 -69.17 -3.30
C ILE D 529 11.82 -70.62 -3.06
N VAL D 530 10.51 -70.88 -3.08
CA VAL D 530 9.94 -72.21 -2.82
C VAL D 530 10.39 -73.18 -3.93
N PHE D 531 10.16 -72.80 -5.19
CA PHE D 531 10.49 -73.61 -6.36
C PHE D 531 12.00 -73.89 -6.41
N ALA D 532 12.80 -72.84 -6.21
CA ALA D 532 14.26 -72.88 -6.36
C ALA D 532 14.88 -73.87 -5.36
N TYR D 533 14.35 -73.89 -4.14
CA TYR D 533 14.88 -74.71 -3.04
C TYR D 533 14.64 -76.21 -3.31
N ILE D 534 13.58 -76.52 -4.06
CA ILE D 534 13.30 -77.90 -4.49
C ILE D 534 14.36 -78.31 -5.51
N GLY D 535 14.63 -77.39 -6.46
CA GLY D 535 15.63 -77.59 -7.52
C GLY D 535 17.01 -77.90 -6.98
N VAL D 536 17.44 -77.10 -5.98
CA VAL D 536 18.76 -77.25 -5.36
C VAL D 536 18.84 -78.59 -4.63
N SER D 537 17.75 -78.98 -3.98
CA SER D 537 17.65 -80.24 -3.22
C SER D 537 17.74 -81.45 -4.17
N VAL D 538 17.00 -81.37 -5.28
CA VAL D 538 16.91 -82.46 -6.26
C VAL D 538 18.26 -82.65 -6.96
N VAL D 539 18.89 -81.54 -7.36
CA VAL D 539 20.17 -81.54 -8.08
C VAL D 539 21.24 -82.19 -7.18
N LEU D 540 21.23 -81.85 -5.89
CA LEU D 540 22.20 -82.37 -4.91
C LEU D 540 22.18 -83.91 -4.90
N PHE D 541 20.98 -84.49 -5.01
CA PHE D 541 20.78 -85.93 -4.98
C PHE D 541 21.36 -86.58 -6.24
N LEU D 542 20.99 -86.04 -7.42
CA LEU D 542 21.42 -86.57 -8.72
C LEU D 542 22.95 -86.41 -8.88
N VAL D 543 23.49 -85.31 -8.33
CA VAL D 543 24.93 -85.02 -8.36
C VAL D 543 25.68 -86.09 -7.55
N SER D 544 25.10 -86.49 -6.41
CA SER D 544 25.72 -87.43 -5.48
C SER D 544 25.81 -88.84 -6.09
N ARG D 545 24.69 -89.29 -6.68
CA ARG D 545 24.61 -90.60 -7.34
C ARG D 545 24.25 -90.39 -8.82
N GLU D 570 25.06 -90.33 4.05
CA GLU D 570 24.52 -90.42 2.70
C GLU D 570 23.42 -89.35 2.52
N PHE D 571 23.18 -88.99 1.26
CA PHE D 571 22.18 -87.99 0.87
C PHE D 571 21.12 -88.65 -0.03
N GLY D 572 19.89 -88.75 0.47
CA GLY D 572 18.74 -89.22 -0.28
C GLY D 572 17.86 -88.07 -0.75
N ILE D 573 16.57 -88.36 -0.91
CA ILE D 573 15.56 -87.36 -1.28
C ILE D 573 15.16 -86.58 -0.02
N PHE D 574 14.92 -87.30 1.07
CA PHE D 574 14.47 -86.74 2.35
C PHE D 574 15.60 -85.92 2.99
N ASN D 575 16.83 -86.43 2.90
CA ASN D 575 17.99 -85.86 3.61
C ASN D 575 18.47 -84.57 2.91
N SER D 576 18.34 -84.54 1.58
CA SER D 576 18.77 -83.38 0.77
C SER D 576 17.82 -82.20 1.00
N LEU D 577 16.51 -82.49 1.09
CA LEU D 577 15.47 -81.48 1.34
C LEU D 577 15.71 -80.78 2.68
N TRP D 578 16.13 -81.56 3.68
CA TRP D 578 16.36 -81.08 5.05
C TRP D 578 17.57 -80.14 5.10
N PHE D 579 18.61 -80.46 4.32
CA PHE D 579 19.87 -79.72 4.30
C PHE D 579 19.65 -78.29 3.78
N SER D 580 18.83 -78.17 2.72
CA SER D 580 18.59 -76.88 2.05
C SER D 580 17.55 -76.05 2.82
N LEU D 581 16.77 -76.71 3.70
CA LEU D 581 15.84 -76.02 4.60
C LEU D 581 16.64 -75.40 5.76
N GLY D 582 17.54 -76.20 6.35
CA GLY D 582 18.43 -75.75 7.41
C GLY D 582 19.38 -74.66 6.97
N ALA D 583 19.68 -74.63 5.66
CA ALA D 583 20.56 -73.64 5.06
C ALA D 583 19.87 -72.27 4.98
N PHE D 584 18.59 -72.26 4.60
CA PHE D 584 17.82 -71.02 4.40
C PHE D 584 17.49 -70.37 5.75
N MET D 585 17.30 -71.20 6.78
CA MET D 585 16.99 -70.74 8.14
C MET D 585 18.27 -70.22 8.84
N ARG D 586 19.43 -70.60 8.29
CA ARG D 586 20.75 -70.12 8.73
C ARG D 586 21.08 -70.70 10.10
N GLN D 587 20.85 -72.01 10.26
CA GLN D 587 21.27 -72.79 11.42
C GLN D 587 22.15 -73.94 10.95
N GLY D 588 23.27 -74.16 11.66
CA GLY D 588 24.25 -75.19 11.35
C GLY D 588 23.91 -76.51 12.02
N CYS D 589 23.74 -77.56 11.20
CA CYS D 589 23.47 -78.92 11.65
C CYS D 589 24.77 -79.73 11.62
N ASP D 590 24.72 -80.93 11.03
CA ASP D 590 25.90 -81.80 10.87
C ASP D 590 25.92 -82.43 9.47
N ILE D 591 25.08 -81.92 8.56
CA ILE D 591 24.96 -82.43 7.19
C ILE D 591 25.85 -81.57 6.28
N SER D 592 26.89 -82.20 5.72
CA SER D 592 27.89 -81.50 4.90
C SER D 592 28.21 -82.31 3.66
N PRO D 593 27.92 -81.79 2.43
CA PRO D 593 28.32 -82.44 1.20
C PRO D 593 29.85 -82.54 1.08
N ARG D 594 30.35 -83.77 0.94
CA ARG D 594 31.77 -84.09 0.99
C ARG D 594 32.38 -84.07 -0.42
N SER D 595 31.52 -84.12 -1.45
CA SER D 595 31.94 -84.10 -2.85
C SER D 595 32.28 -82.67 -3.26
N LEU D 596 33.23 -82.55 -4.20
CA LEU D 596 33.64 -81.27 -4.80
C LEU D 596 32.45 -80.64 -5.53
N SER D 597 31.67 -81.47 -6.22
CA SER D 597 30.51 -81.04 -7.00
C SER D 597 29.44 -80.44 -6.08
N GLY D 598 29.24 -81.07 -4.91
CA GLY D 598 28.22 -80.67 -3.95
C GLY D 598 28.57 -79.38 -3.22
N ARG D 599 29.87 -79.09 -3.10
CA ARG D 599 30.36 -77.91 -2.38
C ARG D 599 30.25 -76.67 -3.28
N ILE D 600 30.15 -76.88 -4.60
CA ILE D 600 29.83 -75.82 -5.56
C ILE D 600 28.34 -75.46 -5.41
N VAL D 601 27.51 -76.48 -5.17
CA VAL D 601 26.06 -76.31 -4.98
C VAL D 601 25.81 -75.56 -3.66
N GLY D 602 26.41 -76.07 -2.58
CA GLY D 602 26.21 -75.57 -1.22
C GLY D 602 26.56 -74.10 -1.07
N GLY D 603 27.76 -73.74 -1.52
CA GLY D 603 28.32 -72.38 -1.39
C GLY D 603 27.51 -71.35 -2.18
N VAL D 604 26.97 -71.77 -3.33
CA VAL D 604 26.17 -70.91 -4.20
C VAL D 604 24.80 -70.66 -3.56
N TRP D 605 24.24 -71.71 -2.95
CA TRP D 605 22.96 -71.64 -2.25
C TRP D 605 23.07 -70.78 -0.98
N TRP D 606 24.27 -70.75 -0.38
CA TRP D 606 24.56 -69.95 0.80
C TRP D 606 24.51 -68.46 0.48
N PHE D 607 25.12 -68.06 -0.65
CA PHE D 607 25.19 -66.65 -1.05
C PHE D 607 23.78 -66.11 -1.32
N PHE D 608 22.90 -66.98 -1.84
CA PHE D 608 21.49 -66.63 -2.06
C PHE D 608 20.85 -66.26 -0.71
N THR D 609 21.07 -67.10 0.30
CA THR D 609 20.47 -66.95 1.64
C THR D 609 20.88 -65.61 2.26
N LEU D 610 22.14 -65.23 2.09
CA LEU D 610 22.75 -64.07 2.77
C LEU D 610 22.12 -62.77 2.26
N ILE D 611 21.78 -62.73 0.97
CA ILE D 611 21.26 -61.52 0.30
C ILE D 611 19.76 -61.36 0.60
N ILE D 612 19.02 -62.48 0.65
CA ILE D 612 17.56 -62.47 0.84
C ILE D 612 17.24 -61.94 2.25
N ILE D 613 17.98 -62.44 3.25
CA ILE D 613 17.76 -62.08 4.66
C ILE D 613 18.08 -60.59 4.87
N SER D 614 19.21 -60.14 4.30
CA SER D 614 19.70 -58.77 4.46
C SER D 614 18.76 -57.78 3.75
N SER D 615 18.23 -58.19 2.59
CA SER D 615 17.32 -57.36 1.79
C SER D 615 15.96 -57.21 2.51
N TYR D 616 15.54 -58.26 3.21
CA TYR D 616 14.30 -58.26 4.00
C TYR D 616 14.38 -57.19 5.10
N THR D 617 15.46 -57.27 5.89
CA THR D 617 15.66 -56.45 7.09
C THR D 617 15.67 -54.96 6.73
N ALA D 618 16.35 -54.62 5.61
CA ALA D 618 16.52 -53.24 5.16
C ALA D 618 15.17 -52.62 4.78
N ASN D 619 14.36 -53.39 4.04
CA ASN D 619 13.09 -52.90 3.48
C ASN D 619 12.07 -52.69 4.60
N LEU D 620 12.17 -53.48 5.67
CA LEU D 620 11.23 -53.42 6.80
C LEU D 620 11.52 -52.17 7.66
N ALA D 621 12.78 -51.72 7.65
CA ALA D 621 13.21 -50.52 8.39
C ALA D 621 12.63 -49.26 7.74
N ALA D 622 12.54 -49.28 6.40
CA ALA D 622 12.06 -48.15 5.61
C ALA D 622 10.56 -47.90 5.86
N PHE D 623 9.82 -48.98 6.13
CA PHE D 623 8.37 -48.92 6.34
C PHE D 623 8.03 -48.21 7.66
N LEU D 624 8.90 -48.38 8.66
CA LEU D 624 8.64 -47.93 10.03
C LEU D 624 9.37 -46.61 10.32
N THR D 625 10.03 -46.05 9.31
CA THR D 625 10.66 -44.72 9.40
C THR D 625 9.70 -43.65 8.89
N VAL D 626 9.18 -43.85 7.66
CA VAL D 626 8.20 -42.95 7.06
C VAL D 626 7.03 -43.79 6.54
N GLU D 627 5.81 -43.42 6.96
CA GLU D 627 4.57 -44.11 6.60
C GLU D 627 3.82 -43.28 5.55
N ARG D 628 3.44 -43.94 4.44
CA ARG D 628 2.69 -43.32 3.36
C ARG D 628 1.27 -43.88 3.33
N MET D 629 0.28 -43.01 3.57
CA MET D 629 -1.14 -43.35 3.40
C MET D 629 -1.59 -42.88 2.02
N VAL D 630 -1.84 -43.85 1.12
CA VAL D 630 -2.14 -43.58 -0.28
C VAL D 630 -3.64 -43.82 -0.51
N SER D 631 -4.23 -42.97 -1.35
CA SER D 631 -5.67 -42.99 -1.64
C SER D 631 -6.01 -44.18 -2.52
N PRO D 632 -7.16 -44.87 -2.28
CA PRO D 632 -7.56 -46.02 -3.10
C PRO D 632 -8.03 -45.65 -4.52
N ILE D 633 -8.65 -44.46 -4.66
CA ILE D 633 -9.19 -43.99 -5.95
C ILE D 633 -8.46 -42.70 -6.35
N GLU D 634 -8.28 -42.53 -7.66
CA GLU D 634 -7.51 -41.43 -8.24
C GLU D 634 -8.42 -40.52 -9.08
N SER D 635 -9.24 -41.13 -9.95
CA SER D 635 -10.03 -40.42 -10.96
C SER D 635 -11.49 -40.92 -10.97
N ALA D 636 -12.30 -40.32 -11.85
CA ALA D 636 -13.69 -40.70 -12.08
C ALA D 636 -13.75 -42.05 -12.81
N GLU D 637 -12.76 -42.31 -13.67
CA GLU D 637 -12.64 -43.56 -14.43
C GLU D 637 -12.15 -44.69 -13.50
N ASP D 638 -11.60 -44.32 -12.35
CA ASP D 638 -11.11 -45.27 -11.34
C ASP D 638 -12.29 -45.95 -10.63
N LEU D 639 -13.25 -45.13 -10.18
CA LEU D 639 -14.45 -45.64 -9.47
C LEU D 639 -15.49 -46.16 -10.48
N SER D 640 -15.19 -46.04 -11.77
CA SER D 640 -15.99 -46.63 -12.85
C SER D 640 -15.67 -48.14 -12.98
N LYS D 641 -14.42 -48.52 -12.67
CA LYS D 641 -13.94 -49.91 -12.80
C LYS D 641 -14.00 -50.62 -11.45
N GLN D 642 -13.59 -49.93 -10.38
CA GLN D 642 -13.53 -50.50 -9.03
C GLN D 642 -14.90 -51.08 -8.66
N THR D 643 -15.94 -50.24 -8.74
CA THR D 643 -17.34 -50.62 -8.47
C THR D 643 -17.41 -51.41 -7.16
N GLU D 644 -17.14 -50.71 -6.06
CA GLU D 644 -17.07 -51.28 -4.72
C GLU D 644 -17.72 -50.34 -3.71
N ILE D 645 -17.32 -49.05 -3.77
CA ILE D 645 -17.80 -48.00 -2.88
C ILE D 645 -18.99 -47.30 -3.54
N ALA D 646 -20.01 -47.02 -2.73
CA ALA D 646 -21.27 -46.41 -3.19
C ALA D 646 -21.04 -44.94 -3.55
N TYR D 647 -21.79 -44.44 -4.55
CA TYR D 647 -21.71 -43.04 -4.95
C TYR D 647 -23.06 -42.58 -5.53
N GLY D 648 -23.49 -41.38 -5.11
CA GLY D 648 -24.71 -40.74 -5.56
C GLY D 648 -24.68 -39.24 -5.33
N THR D 649 -25.82 -38.58 -5.56
CA THR D 649 -25.99 -37.13 -5.42
C THR D 649 -27.22 -36.86 -4.56
N LEU D 650 -27.79 -35.65 -4.68
CA LEU D 650 -29.05 -35.28 -4.05
C LEU D 650 -30.22 -35.95 -4.78
N ASP D 651 -31.38 -35.96 -4.13
CA ASP D 651 -32.61 -36.57 -4.64
C ASP D 651 -33.02 -35.86 -5.95
N SER D 652 -33.04 -34.52 -5.90
CA SER D 652 -33.33 -33.67 -7.06
C SER D 652 -32.52 -32.37 -6.96
N GLY D 653 -31.69 -32.13 -7.99
CA GLY D 653 -30.83 -30.95 -8.04
C GLY D 653 -30.26 -30.73 -9.44
N SER D 654 -29.21 -29.89 -9.51
CA SER D 654 -28.54 -29.54 -10.76
C SER D 654 -27.66 -30.70 -11.24
N THR D 655 -26.93 -31.30 -10.31
CA THR D 655 -25.97 -32.39 -10.60
C THR D 655 -26.72 -33.69 -10.90
N LYS D 656 -27.90 -33.87 -10.30
CA LYS D 656 -28.74 -35.05 -10.52
C LYS D 656 -29.29 -35.04 -11.96
N GLU D 657 -29.65 -33.85 -12.43
CA GLU D 657 -30.21 -33.65 -13.78
C GLU D 657 -29.11 -33.82 -14.83
N PHE D 658 -27.87 -33.50 -14.47
CA PHE D 658 -26.69 -33.65 -15.34
C PHE D 658 -26.43 -35.14 -15.61
N PHE D 659 -26.53 -35.96 -14.56
CA PHE D 659 -26.24 -37.40 -14.63
C PHE D 659 -27.25 -38.12 -15.55
N ARG D 660 -28.52 -37.74 -15.45
CA ARG D 660 -29.61 -38.38 -16.18
C ARG D 660 -29.36 -38.30 -17.69
N ARG D 661 -29.21 -37.06 -18.19
CA ARG D 661 -28.97 -36.78 -19.60
C ARG D 661 -27.46 -36.66 -19.85
N SER D 662 -26.84 -37.76 -20.30
CA SER D 662 -25.42 -37.83 -20.62
C SER D 662 -25.22 -38.53 -21.97
N LYS D 663 -24.27 -38.01 -22.76
CA LYS D 663 -23.98 -38.51 -24.10
C LYS D 663 -22.86 -39.56 -24.06
N ILE D 664 -21.77 -39.23 -23.35
CA ILE D 664 -20.56 -40.07 -23.29
C ILE D 664 -20.84 -41.30 -22.42
N ALA D 665 -20.11 -42.39 -22.70
CA ALA D 665 -20.38 -43.74 -22.19
C ALA D 665 -20.08 -43.85 -20.68
N VAL D 666 -19.07 -43.12 -20.21
CA VAL D 666 -18.53 -43.30 -18.85
C VAL D 666 -19.57 -42.88 -17.79
N PHE D 667 -20.27 -41.78 -18.03
CA PHE D 667 -21.30 -41.27 -17.11
C PHE D 667 -22.64 -41.95 -17.37
N ASP D 668 -22.81 -42.50 -18.58
CA ASP D 668 -24.00 -43.28 -18.95
C ASP D 668 -23.99 -44.60 -18.16
N LYS D 669 -22.79 -45.17 -17.98
CA LYS D 669 -22.58 -46.37 -17.16
C LYS D 669 -22.75 -46.02 -15.67
N MET D 670 -22.42 -44.78 -15.31
CA MET D 670 -22.52 -44.28 -13.94
C MET D 670 -23.99 -44.04 -13.57
N TRP D 671 -24.79 -43.55 -14.51
CA TRP D 671 -26.23 -43.30 -14.31
C TRP D 671 -26.98 -44.64 -14.19
N THR D 672 -26.47 -45.67 -14.88
CA THR D 672 -27.00 -47.04 -14.80
C THR D 672 -26.87 -47.55 -13.36
N TYR D 673 -25.73 -47.25 -12.73
CA TYR D 673 -25.46 -47.63 -11.33
C TYR D 673 -26.32 -46.79 -10.39
N MET D 674 -26.40 -45.49 -10.65
CA MET D 674 -27.09 -44.52 -9.78
C MET D 674 -28.59 -44.82 -9.74
N ARG D 675 -29.17 -45.19 -10.89
CA ARG D 675 -30.60 -45.45 -11.02
C ARG D 675 -30.95 -46.78 -10.35
N SER D 676 -30.31 -47.86 -10.81
CA SER D 676 -30.54 -49.22 -10.30
C SER D 676 -29.60 -49.51 -9.14
N ALA D 677 -29.70 -48.71 -8.07
CA ALA D 677 -28.91 -48.86 -6.86
C ALA D 677 -29.75 -49.56 -5.79
N GLU D 678 -29.11 -50.48 -5.05
CA GLU D 678 -29.77 -51.29 -4.03
C GLU D 678 -29.04 -51.10 -2.70
N PRO D 679 -29.54 -50.22 -1.83
CA PRO D 679 -30.71 -49.37 -2.08
C PRO D 679 -30.31 -48.03 -2.72
N SER D 680 -31.31 -47.18 -2.95
CA SER D 680 -31.14 -45.87 -3.59
C SER D 680 -30.13 -45.03 -2.80
N VAL D 681 -29.13 -44.49 -3.51
CA VAL D 681 -28.07 -43.68 -2.92
C VAL D 681 -28.39 -42.20 -3.20
N PHE D 682 -29.41 -41.70 -2.49
CA PHE D 682 -29.90 -40.33 -2.62
C PHE D 682 -30.31 -39.81 -1.25
N VAL D 683 -29.88 -38.58 -0.92
CA VAL D 683 -30.17 -37.93 0.36
C VAL D 683 -30.91 -36.61 0.09
N ARG D 684 -31.57 -36.10 1.13
CA ARG D 684 -32.46 -34.94 1.03
C ARG D 684 -31.64 -33.65 0.94
N THR D 685 -30.69 -33.48 1.87
CA THR D 685 -29.90 -32.26 1.99
C THR D 685 -28.42 -32.57 1.71
N THR D 686 -27.66 -31.50 1.38
CA THR D 686 -26.23 -31.58 1.14
C THR D 686 -25.48 -31.80 2.47
N ALA D 687 -26.08 -31.32 3.57
CA ALA D 687 -25.55 -31.52 4.91
C ALA D 687 -25.65 -33.00 5.31
N GLU D 688 -26.69 -33.68 4.81
CA GLU D 688 -26.91 -35.11 5.04
C GLU D 688 -25.86 -35.93 4.30
N GLY D 689 -25.48 -35.47 3.10
CA GLY D 689 -24.49 -36.13 2.24
C GLY D 689 -23.12 -36.21 2.90
N VAL D 690 -22.68 -35.11 3.52
CA VAL D 690 -21.38 -35.02 4.19
C VAL D 690 -21.37 -35.96 5.41
N ALA D 691 -22.50 -36.00 6.13
CA ALA D 691 -22.67 -36.82 7.33
C ALA D 691 -22.58 -38.30 6.99
N ARG D 692 -23.08 -38.68 5.81
CA ARG D 692 -23.14 -40.07 5.36
C ARG D 692 -21.74 -40.58 4.99
N VAL D 693 -20.87 -39.67 4.51
CA VAL D 693 -19.51 -40.00 4.06
C VAL D 693 -18.64 -40.34 5.27
N ARG D 694 -18.74 -39.53 6.33
CA ARG D 694 -17.91 -39.66 7.53
C ARG D 694 -18.32 -40.89 8.35
N LYS D 695 -19.62 -41.20 8.35
CA LYS D 695 -20.19 -42.30 9.13
C LYS D 695 -19.89 -43.65 8.46
N SER D 696 -20.01 -43.69 7.12
CA SER D 696 -19.82 -44.90 6.34
C SER D 696 -18.39 -45.43 6.46
N LYS D 697 -17.42 -44.51 6.54
CA LYS D 697 -16.00 -44.82 6.73
C LYS D 697 -15.47 -45.59 5.51
N GLY D 698 -15.32 -44.87 4.39
CA GLY D 698 -14.81 -45.42 3.14
C GLY D 698 -15.79 -46.41 2.51
N LYS D 699 -17.07 -46.01 2.46
CA LYS D 699 -18.14 -46.85 1.91
C LYS D 699 -19.12 -46.03 1.05
N TYR D 700 -19.12 -44.69 1.21
CA TYR D 700 -19.96 -43.81 0.41
C TYR D 700 -19.14 -42.58 -0.04
N ALA D 701 -19.27 -42.23 -1.32
CA ALA D 701 -18.59 -41.09 -1.93
C ALA D 701 -19.63 -40.13 -2.52
N TYR D 702 -19.70 -38.93 -1.96
CA TYR D 702 -20.69 -37.91 -2.32
C TYR D 702 -20.14 -37.06 -3.46
N LEU D 703 -21.03 -36.63 -4.37
CA LEU D 703 -20.67 -35.81 -5.52
C LEU D 703 -21.42 -34.48 -5.44
N LEU D 704 -20.68 -33.36 -5.41
CA LEU D 704 -21.26 -32.02 -5.37
C LEU D 704 -20.28 -31.01 -5.97
N GLU D 705 -20.59 -29.72 -5.81
CA GLU D 705 -19.80 -28.61 -6.32
C GLU D 705 -18.42 -28.62 -5.65
N SER D 706 -17.39 -28.22 -6.42
CA SER D 706 -16.00 -28.23 -5.97
C SER D 706 -15.75 -27.10 -4.96
N THR D 707 -16.54 -26.03 -5.05
CA THR D 707 -16.42 -24.85 -4.19
C THR D 707 -16.73 -25.22 -2.73
N MET D 708 -17.91 -25.81 -2.52
CA MET D 708 -18.38 -26.19 -1.18
C MET D 708 -17.46 -27.29 -0.62
N ASN D 709 -17.05 -28.23 -1.48
CA ASN D 709 -16.21 -29.37 -1.10
C ASN D 709 -14.90 -28.89 -0.46
N GLU D 710 -14.29 -27.85 -1.03
CA GLU D 710 -13.00 -27.33 -0.57
C GLU D 710 -13.15 -26.60 0.77
N TYR D 711 -14.33 -26.00 1.00
CA TYR D 711 -14.64 -25.28 2.24
C TYR D 711 -14.85 -26.28 3.39
N ILE D 712 -15.51 -27.40 3.09
CA ILE D 712 -15.84 -28.44 4.08
C ILE D 712 -14.55 -29.12 4.55
N GLU D 713 -13.56 -29.23 3.65
CA GLU D 713 -12.28 -29.87 3.94
C GLU D 713 -11.48 -29.04 4.94
N GLN D 714 -11.56 -27.71 4.82
CA GLN D 714 -10.80 -26.77 5.65
C GLN D 714 -11.46 -26.59 7.01
N ARG D 715 -12.79 -26.79 7.09
CA ARG D 715 -13.55 -26.62 8.33
C ARG D 715 -13.34 -27.85 9.23
N LYS D 716 -13.77 -27.71 10.49
CA LYS D 716 -13.52 -28.70 11.54
C LYS D 716 -14.41 -29.93 11.34
N PRO D 717 -13.98 -31.13 11.79
CA PRO D 717 -12.65 -31.36 12.36
C PRO D 717 -11.62 -31.94 11.38
N CYS D 718 -11.85 -31.76 10.08
CA CYS D 718 -10.97 -32.20 8.98
C CYS D 718 -10.93 -33.74 8.91
N ASP D 719 -11.76 -34.31 8.03
CA ASP D 719 -11.80 -35.76 7.80
C ASP D 719 -12.25 -36.09 6.37
N THR D 720 -12.12 -35.14 5.44
CA THR D 720 -12.49 -35.34 4.03
C THR D 720 -11.63 -34.42 3.15
N MET D 721 -11.47 -34.82 1.88
CA MET D 721 -10.61 -34.10 0.94
C MET D 721 -11.10 -34.30 -0.49
N LYS D 722 -10.69 -33.37 -1.37
CA LYS D 722 -11.01 -33.37 -2.79
C LYS D 722 -10.07 -34.36 -3.51
N VAL D 723 -10.59 -35.01 -4.56
CA VAL D 723 -9.82 -35.97 -5.36
C VAL D 723 -10.18 -35.78 -6.84
N GLY D 724 -9.15 -35.81 -7.70
CA GLY D 724 -9.29 -35.74 -9.15
C GLY D 724 -9.67 -34.34 -9.60
N GLY D 725 -10.00 -34.23 -10.90
CA GLY D 725 -10.45 -32.99 -11.53
C GLY D 725 -11.97 -32.90 -11.55
N ASN D 726 -12.49 -31.76 -12.04
CA ASN D 726 -13.92 -31.52 -12.16
C ASN D 726 -14.42 -32.16 -13.46
N LEU D 727 -15.75 -32.37 -13.52
CA LEU D 727 -16.41 -33.12 -14.58
C LEU D 727 -17.01 -32.14 -15.60
N ASP D 728 -17.87 -31.22 -15.10
CA ASP D 728 -18.46 -30.15 -15.90
C ASP D 728 -17.80 -28.83 -15.50
N SER D 729 -18.14 -27.75 -16.22
CA SER D 729 -17.61 -26.42 -15.96
C SER D 729 -18.75 -25.39 -15.95
N LYS D 730 -19.06 -24.86 -14.75
CA LYS D 730 -20.09 -23.85 -14.55
C LYS D 730 -19.49 -22.68 -13.77
N GLY D 731 -20.28 -21.60 -13.61
CA GLY D 731 -19.81 -20.39 -12.93
C GLY D 731 -20.97 -19.59 -12.32
N TYR D 732 -20.62 -18.76 -11.34
CA TYR D 732 -21.56 -17.82 -10.71
C TYR D 732 -21.37 -16.42 -11.32
N GLY D 733 -22.41 -15.59 -11.22
CA GLY D 733 -22.39 -14.22 -11.73
C GLY D 733 -23.32 -13.32 -10.92
N ILE D 734 -23.40 -12.05 -11.35
CA ILE D 734 -24.26 -11.04 -10.73
C ILE D 734 -25.50 -10.86 -11.62
N ALA D 735 -26.67 -11.07 -11.02
CA ALA D 735 -27.96 -11.04 -11.73
C ALA D 735 -28.56 -9.64 -11.61
N THR D 736 -29.28 -9.22 -12.66
CA THR D 736 -29.93 -7.91 -12.74
C THR D 736 -31.22 -8.03 -13.54
N PRO D 737 -32.32 -7.35 -13.14
CA PRO D 737 -33.59 -7.39 -13.86
C PRO D 737 -33.50 -7.12 -15.37
N LYS D 738 -34.55 -7.54 -16.10
CA LYS D 738 -34.64 -7.39 -17.56
C LYS D 738 -34.59 -5.90 -17.92
N GLY D 739 -33.99 -5.61 -19.08
CA GLY D 739 -33.68 -4.24 -19.51
C GLY D 739 -32.26 -3.86 -19.14
N SER D 740 -31.99 -3.87 -17.83
CA SER D 740 -30.65 -3.69 -17.26
C SER D 740 -30.05 -2.35 -17.71
N SER D 741 -30.55 -1.25 -17.12
CA SER D 741 -30.08 0.10 -17.38
C SER D 741 -28.81 0.39 -16.56
N LEU D 742 -28.63 -0.36 -15.46
CA LEU D 742 -27.52 -0.15 -14.51
C LEU D 742 -26.62 -1.39 -14.45
N GLY D 743 -26.84 -2.35 -15.35
CA GLY D 743 -26.16 -3.65 -15.33
C GLY D 743 -24.89 -3.67 -16.17
N THR D 744 -24.68 -2.61 -16.96
CA THR D 744 -23.55 -2.52 -17.90
C THR D 744 -22.25 -2.21 -17.15
N PRO D 745 -22.15 -1.12 -16.35
CA PRO D 745 -20.87 -0.68 -15.79
C PRO D 745 -20.29 -1.66 -14.75
N VAL D 746 -21.16 -2.27 -13.95
CA VAL D 746 -20.77 -3.14 -12.84
C VAL D 746 -20.20 -4.47 -13.40
N ASN D 747 -20.61 -4.83 -14.62
CA ASN D 747 -20.11 -6.02 -15.32
C ASN D 747 -18.64 -5.81 -15.71
N LEU D 748 -18.32 -4.59 -16.15
CA LEU D 748 -16.96 -4.22 -16.61
C LEU D 748 -16.01 -4.11 -15.41
N ALA D 749 -16.52 -3.57 -14.28
CA ALA D 749 -15.71 -3.30 -13.09
C ALA D 749 -15.21 -4.61 -12.46
N VAL D 750 -16.07 -5.63 -12.46
CA VAL D 750 -15.77 -6.96 -11.91
C VAL D 750 -14.61 -7.60 -12.70
N LEU D 751 -14.62 -7.39 -14.02
CA LEU D 751 -13.63 -7.95 -14.93
C LEU D 751 -12.24 -7.35 -14.65
N LYS D 752 -12.22 -6.07 -14.24
CA LYS D 752 -10.99 -5.36 -13.90
C LYS D 752 -10.46 -5.84 -12.54
N LEU D 753 -11.38 -6.04 -11.59
CA LEU D 753 -11.04 -6.51 -10.24
C LEU D 753 -10.62 -7.99 -10.27
N SER D 754 -11.07 -8.71 -11.32
CA SER D 754 -10.61 -10.06 -11.61
C SER D 754 -9.14 -10.06 -12.03
N GLU D 755 -8.77 -9.05 -12.83
CA GLU D 755 -7.41 -8.90 -13.38
C GLU D 755 -6.42 -8.50 -12.28
N GLN D 756 -6.85 -7.63 -11.36
CA GLN D 756 -6.01 -7.11 -10.29
C GLN D 756 -5.64 -8.21 -9.30
N GLY D 757 -6.57 -9.16 -9.08
CA GLY D 757 -6.37 -10.30 -8.18
C GLY D 757 -6.95 -10.02 -6.80
N VAL D 758 -8.16 -9.45 -6.76
CA VAL D 758 -8.88 -9.15 -5.53
C VAL D 758 -9.82 -10.32 -5.20
N LEU D 759 -10.33 -10.98 -6.25
CA LEU D 759 -11.26 -12.11 -6.11
C LEU D 759 -10.51 -13.31 -5.51
N ASP D 760 -9.27 -13.52 -5.96
CA ASP D 760 -8.40 -14.60 -5.49
C ASP D 760 -7.97 -14.30 -4.04
N LYS D 761 -7.77 -13.02 -3.72
CA LYS D 761 -7.33 -12.56 -2.41
C LYS D 761 -8.46 -12.78 -1.38
N LEU D 762 -9.71 -12.55 -1.80
CA LEU D 762 -10.88 -12.63 -0.92
C LEU D 762 -11.26 -14.08 -0.66
N LYS D 763 -11.12 -14.93 -1.69
CA LYS D 763 -11.42 -16.37 -1.59
C LYS D 763 -10.39 -17.06 -0.70
N ASN D 764 -9.16 -16.52 -0.67
CA ASN D 764 -8.05 -17.07 0.11
C ASN D 764 -8.25 -16.73 1.61
N LYS D 765 -9.07 -15.71 1.89
CA LYS D 765 -9.27 -15.18 3.24
C LYS D 765 -10.28 -16.05 4.02
N TRP D 766 -11.41 -16.36 3.37
CA TRP D 766 -12.54 -17.03 4.04
C TRP D 766 -12.39 -18.56 4.01
N TRP D 767 -11.86 -19.09 2.91
CA TRP D 767 -11.66 -20.53 2.73
C TRP D 767 -10.49 -21.02 3.57
N TYR D 768 -9.29 -20.49 3.26
CA TYR D 768 -8.01 -21.04 3.71
C TYR D 768 -7.56 -20.39 5.03
N ASP D 769 -7.62 -19.05 5.09
CA ASP D 769 -7.06 -18.27 6.20
C ASP D 769 -7.78 -18.63 7.50
N LYS D 770 -9.12 -18.55 7.48
CA LYS D 770 -9.98 -18.91 8.61
C LYS D 770 -10.37 -20.39 8.47
N GLY D 771 -9.63 -21.26 9.18
CA GLY D 771 -9.84 -22.71 9.13
C GLY D 771 -9.35 -23.40 10.39
N GLU D 772 -9.78 -24.67 10.56
CA GLU D 772 -9.50 -25.46 11.76
C GLU D 772 -8.07 -26.01 11.67
N CYS D 773 -7.81 -26.86 10.66
CA CYS D 773 -6.51 -27.50 10.46
C CYS D 773 -5.71 -26.76 9.39
N GLY D 774 -4.43 -26.51 9.69
CA GLY D 774 -3.52 -25.77 8.82
C GLY D 774 -2.88 -26.66 7.77
N GLY D 779 2.36 -28.12 11.45
CA GLY D 779 3.58 -28.90 11.57
C GLY D 779 3.29 -30.39 11.69
N SER D 780 3.95 -31.20 10.86
CA SER D 780 3.79 -32.66 10.85
C SER D 780 4.92 -33.31 11.65
N LYS D 781 4.59 -33.83 12.83
CA LYS D 781 5.53 -34.50 13.73
C LYS D 781 5.16 -35.99 13.81
N GLU D 782 6.11 -36.85 13.46
CA GLU D 782 5.93 -38.31 13.49
C GLU D 782 6.77 -38.89 14.63
N LYS D 783 6.18 -39.87 15.33
CA LYS D 783 6.81 -40.58 16.43
C LYS D 783 6.65 -42.09 16.22
N THR D 784 7.74 -42.83 16.39
CA THR D 784 7.76 -44.28 16.19
C THR D 784 7.20 -44.97 17.44
N SER D 785 6.14 -45.76 17.25
CA SER D 785 5.45 -46.47 18.32
C SER D 785 6.00 -47.91 18.43
N ALA D 786 5.82 -48.51 19.61
CA ALA D 786 6.21 -49.89 19.88
C ALA D 786 5.28 -50.84 19.12
N LEU D 787 5.83 -51.99 18.71
CA LEU D 787 5.09 -53.01 17.95
C LEU D 787 4.14 -53.75 18.90
N SER D 788 2.86 -53.83 18.50
CA SER D 788 1.84 -54.58 19.22
C SER D 788 1.81 -56.04 18.73
N LEU D 789 1.09 -56.89 19.45
CA LEU D 789 1.06 -58.34 19.23
C LEU D 789 0.26 -58.67 17.96
N SER D 790 -0.73 -57.81 17.64
CA SER D 790 -1.68 -58.04 16.55
C SER D 790 -0.97 -58.16 15.19
N ASN D 791 0.11 -57.40 15.00
CA ASN D 791 0.81 -57.31 13.72
C ASN D 791 1.83 -58.45 13.57
N VAL D 792 2.19 -59.09 14.69
CA VAL D 792 3.10 -60.25 14.71
C VAL D 792 2.28 -61.54 14.88
N ALA D 793 0.99 -61.40 15.20
CA ALA D 793 0.09 -62.51 15.55
C ALA D 793 0.15 -63.63 14.50
N GLY D 794 0.36 -63.26 13.23
CA GLY D 794 0.37 -64.19 12.10
C GLY D 794 1.27 -65.40 12.32
N VAL D 795 2.50 -65.15 12.80
CA VAL D 795 3.53 -66.20 12.91
C VAL D 795 3.24 -67.11 14.11
N PHE D 796 2.46 -66.61 15.08
CA PHE D 796 2.12 -67.37 16.29
C PHE D 796 1.16 -68.52 15.96
N TYR D 797 0.19 -68.26 15.07
CA TYR D 797 -0.78 -69.28 14.63
C TYR D 797 -0.06 -70.41 13.88
N ILE D 798 0.98 -70.04 13.11
CA ILE D 798 1.74 -70.97 12.28
C ILE D 798 2.53 -71.93 13.19
N LEU D 799 3.05 -71.41 14.30
CA LEU D 799 3.89 -72.16 15.23
C LEU D 799 3.06 -73.29 15.87
N VAL D 800 1.96 -72.91 16.54
CA VAL D 800 1.15 -73.81 17.35
C VAL D 800 0.44 -74.81 16.42
N GLY D 801 0.07 -74.35 15.22
CA GLY D 801 -0.51 -75.19 14.18
C GLY D 801 0.45 -76.29 13.73
N GLY D 802 1.73 -75.93 13.59
CA GLY D 802 2.79 -76.86 13.22
C GLY D 802 3.08 -77.88 14.32
N LEU D 803 2.99 -77.41 15.58
CA LEU D 803 3.22 -78.25 16.76
C LEU D 803 2.17 -79.37 16.84
N GLY D 804 0.89 -78.99 16.66
CA GLY D 804 -0.24 -79.91 16.71
C GLY D 804 -0.18 -80.98 15.63
N LEU D 805 0.36 -80.59 14.46
CA LEU D 805 0.50 -81.48 13.31
C LEU D 805 1.58 -82.53 13.58
N ALA D 806 2.64 -82.12 14.29
CA ALA D 806 3.79 -82.97 14.61
C ALA D 806 3.38 -84.12 15.55
N MET D 807 2.42 -83.84 16.44
CA MET D 807 1.88 -84.84 17.38
C MET D 807 1.12 -85.93 16.60
N LEU D 808 0.35 -85.50 15.60
CA LEU D 808 -0.55 -86.36 14.83
C LEU D 808 0.24 -87.40 14.03
N VAL D 809 1.30 -86.95 13.37
CA VAL D 809 2.11 -87.78 12.46
C VAL D 809 2.92 -88.79 13.28
N ALA D 810 3.37 -88.38 14.47
CA ALA D 810 4.18 -89.22 15.36
C ALA D 810 3.35 -90.38 15.92
N LEU D 811 2.05 -90.13 16.12
CA LEU D 811 1.13 -91.10 16.73
C LEU D 811 0.83 -92.23 15.75
N ILE D 812 0.45 -91.86 14.52
CA ILE D 812 0.04 -92.82 13.47
C ILE D 812 1.27 -93.59 12.95
N GLU D 813 2.47 -92.99 13.06
CA GLU D 813 3.72 -93.65 12.70
C GLU D 813 4.00 -94.81 13.65
N PHE D 814 3.61 -94.64 14.92
CA PHE D 814 3.73 -95.66 15.96
C PHE D 814 2.58 -96.67 15.87
N CYS D 815 1.38 -96.17 15.54
CA CYS D 815 0.14 -96.95 15.57
C CYS D 815 0.20 -98.11 14.54
N TYR D 816 0.66 -97.80 13.32
CA TYR D 816 0.71 -98.79 12.23
C TYR D 816 1.99 -99.63 12.31
N LYS D 817 2.99 -99.14 13.06
CA LYS D 817 4.23 -99.87 13.32
C LYS D 817 3.98 -100.95 14.38
N SER D 818 2.97 -100.71 15.25
CA SER D 818 2.55 -101.66 16.27
C SER D 818 1.89 -102.88 15.62
N ARG D 819 1.02 -102.62 14.62
CA ARG D 819 0.33 -103.66 13.87
C ARG D 819 1.25 -104.16 12.75
N VAL E 19 59.99 -83.11 -11.33
CA VAL E 19 58.91 -82.93 -12.37
C VAL E 19 57.96 -81.82 -11.92
N GLN E 20 57.37 -81.99 -10.73
CA GLN E 20 56.47 -81.02 -10.13
C GLN E 20 57.28 -79.89 -9.47
N VAL E 21 58.47 -80.24 -8.95
CA VAL E 21 59.39 -79.30 -8.32
C VAL E 21 59.98 -78.36 -9.38
N LEU E 22 60.14 -78.87 -10.61
CA LEU E 22 60.66 -78.09 -11.74
C LEU E 22 59.60 -77.08 -12.20
N LEU E 23 58.32 -77.45 -12.08
CA LEU E 23 57.19 -76.58 -12.42
C LEU E 23 57.12 -75.39 -11.44
N THR E 24 57.58 -75.62 -10.20
CA THR E 24 57.58 -74.61 -9.14
C THR E 24 58.57 -73.48 -9.47
N THR E 25 59.72 -73.84 -10.07
CA THR E 25 60.77 -72.88 -10.41
C THR E 25 60.28 -71.92 -11.49
N ILE E 26 59.52 -72.45 -12.46
CA ILE E 26 59.02 -71.69 -13.61
C ILE E 26 58.03 -70.64 -13.11
N GLY E 27 57.14 -71.06 -12.21
CA GLY E 27 56.12 -70.19 -11.61
C GLY E 27 56.74 -69.13 -10.70
N ALA E 28 57.86 -69.46 -10.06
CA ALA E 28 58.60 -68.53 -9.20
C ALA E 28 59.19 -67.39 -10.03
N PHE E 29 59.78 -67.74 -11.18
CA PHE E 29 60.36 -66.77 -12.11
C PHE E 29 59.26 -65.95 -12.80
N ALA E 30 58.11 -66.60 -13.06
CA ALA E 30 56.97 -65.96 -13.71
C ALA E 30 56.38 -64.87 -12.80
N ALA E 31 56.20 -65.21 -11.52
CA ALA E 31 55.69 -64.29 -10.50
C ALA E 31 56.69 -63.15 -10.27
N PHE E 32 57.98 -63.47 -10.34
CA PHE E 32 59.07 -62.51 -10.17
C PHE E 32 59.04 -61.48 -11.32
N GLY E 33 58.77 -61.96 -12.54
CA GLY E 33 58.71 -61.12 -13.74
C GLY E 33 57.58 -60.11 -13.68
N LEU E 34 56.36 -60.60 -13.42
CA LEU E 34 55.12 -59.81 -13.50
C LEU E 34 55.13 -58.68 -12.45
N MET E 35 55.84 -58.90 -11.33
CA MET E 35 56.02 -57.87 -10.30
C MET E 35 56.99 -56.79 -10.79
N THR E 36 58.01 -57.21 -11.54
CA THR E 36 59.07 -56.33 -12.03
C THR E 36 58.55 -55.46 -13.19
N ILE E 37 57.66 -56.03 -14.02
CA ILE E 37 57.02 -55.30 -15.12
C ILE E 37 56.07 -54.25 -14.53
N ALA E 38 55.36 -54.62 -13.45
CA ALA E 38 54.35 -53.80 -12.82
C ALA E 38 54.95 -52.45 -12.39
N ILE E 39 56.03 -52.52 -11.60
CA ILE E 39 56.70 -51.31 -11.06
C ILE E 39 57.44 -50.54 -12.17
N SER E 40 57.75 -51.22 -13.29
CA SER E 40 58.45 -50.60 -14.42
C SER E 40 57.49 -49.73 -15.24
N THR E 41 56.44 -50.34 -15.78
CA THR E 41 55.51 -49.67 -16.71
C THR E 41 54.61 -48.69 -15.94
N ASP E 42 54.40 -47.51 -16.54
CA ASP E 42 53.62 -46.44 -15.93
C ASP E 42 52.19 -46.47 -16.51
N TYR E 43 51.42 -47.49 -16.11
CA TYR E 43 50.07 -47.72 -16.60
C TYR E 43 49.21 -48.36 -15.50
N TRP E 44 49.01 -47.61 -14.40
CA TRP E 44 48.27 -48.09 -13.22
C TRP E 44 46.92 -47.36 -13.08
N LEU E 45 46.82 -46.13 -13.59
CA LEU E 45 45.64 -45.29 -13.38
C LEU E 45 45.45 -44.34 -14.57
N TYR E 46 44.20 -43.92 -14.78
CA TYR E 46 43.82 -42.89 -15.76
C TYR E 46 42.97 -41.82 -15.07
N THR E 47 43.22 -40.54 -15.40
CA THR E 47 42.45 -39.43 -14.87
C THR E 47 42.38 -38.30 -15.92
N ARG E 48 41.29 -37.53 -15.87
CA ARG E 48 41.03 -36.42 -16.78
C ARG E 48 40.93 -35.12 -15.98
N GLY E 80 43.19 -34.42 -20.03
CA GLY E 80 42.61 -35.31 -21.03
C GLY E 80 42.80 -36.77 -20.64
N LEU E 81 43.94 -37.34 -21.01
CA LEU E 81 44.33 -38.70 -20.67
C LEU E 81 45.69 -38.66 -19.94
N THR E 82 45.76 -39.34 -18.79
CA THR E 82 46.94 -39.32 -17.93
C THR E 82 47.29 -40.75 -17.48
N HIS E 83 48.17 -41.38 -18.26
CA HIS E 83 48.63 -42.76 -17.99
C HIS E 83 49.74 -42.72 -16.95
N SER E 84 49.35 -42.63 -15.67
CA SER E 84 50.27 -42.56 -14.53
C SER E 84 50.47 -43.95 -13.93
N GLY E 85 51.73 -44.23 -13.54
CA GLY E 85 52.10 -45.48 -12.90
C GLY E 85 52.23 -45.32 -11.39
N LEU E 86 53.43 -45.60 -10.88
CA LEU E 86 53.71 -45.58 -9.44
C LEU E 86 54.68 -44.44 -9.10
N TRP E 87 55.69 -44.21 -9.96
CA TRP E 87 56.77 -43.26 -9.70
C TRP E 87 56.72 -42.03 -10.61
N ARG E 88 56.09 -42.15 -11.79
CA ARG E 88 56.14 -41.10 -12.80
C ARG E 88 54.74 -40.92 -13.42
N ILE E 89 54.28 -39.66 -13.45
CA ILE E 89 53.01 -39.28 -14.07
C ILE E 89 53.29 -38.86 -15.51
N CYS E 90 52.80 -39.66 -16.46
CA CYS E 90 53.07 -39.49 -17.88
C CYS E 90 51.76 -39.10 -18.61
N CYS E 91 51.80 -37.95 -19.28
CA CYS E 91 50.61 -37.34 -19.91
C CYS E 91 50.58 -37.67 -21.41
N LEU E 92 49.36 -37.61 -21.98
CA LEU E 92 49.12 -37.82 -23.41
C LEU E 92 47.89 -37.02 -23.84
N GLU E 93 47.81 -36.74 -25.14
CA GLU E 93 46.66 -36.08 -25.78
C GLU E 93 46.53 -34.65 -25.23
N GLY E 94 47.40 -33.76 -25.72
CA GLY E 94 47.40 -32.36 -25.32
C GLY E 94 48.63 -31.62 -25.83
N LEU E 95 49.21 -30.78 -24.97
CA LEU E 95 50.34 -29.92 -25.31
C LEU E 95 51.63 -30.76 -25.35
N LYS E 96 52.06 -31.25 -24.18
CA LYS E 96 53.26 -32.06 -24.04
C LYS E 96 52.87 -33.54 -24.11
N ARG E 97 53.26 -34.20 -25.21
CA ARG E 97 52.93 -35.59 -25.49
C ARG E 97 54.19 -36.45 -25.37
N GLY E 98 54.60 -36.75 -24.14
CA GLY E 98 55.78 -37.55 -23.84
C GLY E 98 56.60 -36.97 -22.69
N VAL E 99 56.55 -35.64 -22.52
CA VAL E 99 57.26 -34.95 -21.44
C VAL E 99 56.60 -35.30 -20.11
N CYS E 100 57.33 -36.09 -19.30
CA CYS E 100 56.82 -36.64 -18.03
C CYS E 100 57.81 -36.33 -16.90
N VAL E 101 57.30 -36.27 -15.67
CA VAL E 101 58.05 -35.81 -14.51
C VAL E 101 57.59 -36.58 -13.26
N LYS E 102 58.42 -36.54 -12.20
CA LYS E 102 58.18 -37.21 -10.91
C LYS E 102 56.84 -36.77 -10.30
N ILE E 103 56.35 -37.59 -9.36
CA ILE E 103 55.14 -37.30 -8.58
C ILE E 103 55.55 -36.36 -7.43
N ASN E 104 54.74 -35.33 -7.21
CA ASN E 104 54.91 -34.41 -6.07
C ASN E 104 53.88 -34.77 -5.00
N HIS E 105 54.30 -35.63 -4.06
CA HIS E 105 53.45 -36.10 -2.97
C HIS E 105 53.27 -34.98 -1.93
N PHE E 106 54.40 -34.42 -1.49
CA PHE E 106 54.43 -33.30 -0.55
C PHE E 106 55.72 -32.49 -0.78
N SER E 117 49.15 -39.29 11.85
CA SER E 117 48.48 -40.48 11.34
C SER E 117 48.37 -40.41 9.81
N GLU E 118 47.90 -39.26 9.30
CA GLU E 118 47.75 -39.00 7.87
C GLU E 118 49.14 -38.88 7.21
N TYR E 119 50.10 -38.35 7.98
CA TYR E 119 51.49 -38.17 7.53
C TYR E 119 52.17 -39.52 7.29
N LEU E 120 51.84 -40.51 8.12
CA LEU E 120 52.53 -41.80 8.14
C LEU E 120 52.17 -42.63 6.89
N LEU E 121 50.93 -42.48 6.40
CA LEU E 121 50.46 -43.22 5.22
C LEU E 121 51.12 -42.66 3.95
N ARG E 122 51.36 -41.35 3.93
CA ARG E 122 51.89 -40.63 2.77
C ARG E 122 53.30 -41.13 2.42
N VAL E 123 54.14 -41.35 3.44
CA VAL E 123 55.54 -41.78 3.25
C VAL E 123 55.57 -43.25 2.84
N VAL E 124 54.55 -44.02 3.24
CA VAL E 124 54.42 -45.45 2.90
C VAL E 124 53.96 -45.58 1.43
N ARG E 125 53.34 -44.53 0.89
CA ARG E 125 52.93 -44.48 -0.53
C ARG E 125 54.09 -43.95 -1.39
N ALA E 126 54.74 -42.88 -0.92
CA ALA E 126 55.82 -42.20 -1.66
C ALA E 126 57.02 -43.14 -1.85
N SER E 127 57.12 -44.16 -1.00
CA SER E 127 58.09 -45.25 -1.15
C SER E 127 57.35 -46.58 -1.34
N SER E 128 57.61 -47.26 -2.47
CA SER E 128 57.03 -48.57 -2.77
C SER E 128 57.67 -49.63 -1.87
N ILE E 129 57.41 -49.51 -0.56
CA ILE E 129 58.15 -50.22 0.48
C ILE E 129 57.68 -51.68 0.55
N PHE E 130 56.40 -51.92 0.25
CA PHE E 130 55.80 -53.26 0.35
C PHE E 130 55.96 -54.06 -0.95
N PRO E 131 55.57 -53.53 -2.14
CA PRO E 131 55.67 -54.30 -3.38
C PRO E 131 57.10 -54.72 -3.78
N ILE E 132 58.10 -53.90 -3.42
CA ILE E 132 59.51 -54.20 -3.68
C ILE E 132 59.97 -55.32 -2.73
N LEU E 133 59.55 -55.23 -1.46
CA LEU E 133 59.82 -56.26 -0.45
C LEU E 133 59.26 -57.61 -0.93
N SER E 134 58.06 -57.57 -1.55
CA SER E 134 57.41 -58.76 -2.11
C SER E 134 58.32 -59.46 -3.12
N ALA E 135 59.00 -58.67 -3.96
CA ALA E 135 59.89 -59.18 -5.01
C ALA E 135 61.16 -59.79 -4.38
N ILE E 136 61.70 -59.13 -3.35
CA ILE E 136 62.93 -59.56 -2.68
C ILE E 136 62.68 -60.90 -1.98
N LEU E 137 61.51 -61.03 -1.34
CA LEU E 137 61.05 -62.30 -0.74
C LEU E 137 60.93 -63.38 -1.82
N LEU E 138 60.43 -62.98 -3.00
CA LEU E 138 60.07 -63.90 -4.08
C LEU E 138 61.32 -64.45 -4.77
N LEU E 139 62.27 -63.57 -5.11
CA LEU E 139 63.47 -63.95 -5.88
C LEU E 139 64.42 -64.79 -5.01
N LEU E 140 64.39 -64.56 -3.70
CA LEU E 140 65.16 -65.37 -2.74
C LEU E 140 64.52 -66.75 -2.62
N GLY E 141 63.18 -66.81 -2.79
CA GLY E 141 62.41 -68.05 -2.81
C GLY E 141 62.86 -68.98 -3.92
N GLY E 142 62.86 -68.48 -5.17
CA GLY E 142 63.31 -69.23 -6.34
C GLY E 142 64.77 -69.64 -6.24
N VAL E 143 65.58 -68.80 -5.57
CA VAL E 143 66.99 -69.07 -5.29
C VAL E 143 67.09 -70.24 -4.29
N CYS E 144 66.18 -70.28 -3.33
CA CYS E 144 66.15 -71.30 -2.27
C CYS E 144 65.80 -72.68 -2.84
N VAL E 145 65.02 -72.69 -3.94
CA VAL E 145 64.63 -73.93 -4.63
C VAL E 145 65.86 -74.47 -5.39
N ALA E 146 66.66 -73.57 -5.96
CA ALA E 146 67.90 -73.93 -6.67
C ALA E 146 68.96 -74.43 -5.67
N ALA E 147 68.90 -73.91 -4.43
CA ALA E 147 69.79 -74.32 -3.35
C ALA E 147 69.44 -75.73 -2.86
N SER E 148 68.21 -76.19 -3.15
CA SER E 148 67.72 -77.51 -2.79
C SER E 148 68.08 -78.54 -3.86
N ARG E 149 68.22 -78.09 -5.11
CA ARG E 149 68.56 -78.95 -6.25
C ARG E 149 69.95 -79.58 -6.03
N VAL E 150 70.95 -78.71 -5.86
CA VAL E 150 72.32 -79.13 -5.54
C VAL E 150 72.44 -79.29 -4.02
N TYR E 151 73.26 -80.27 -3.59
CA TYR E 151 73.40 -80.65 -2.19
C TYR E 151 72.04 -81.12 -1.65
N LYS E 152 71.57 -82.26 -2.20
CA LYS E 152 70.24 -82.79 -1.92
C LYS E 152 70.20 -83.46 -0.55
N SER E 153 68.98 -83.76 -0.09
CA SER E 153 68.70 -84.39 1.21
C SER E 153 69.20 -83.49 2.35
N LYS E 154 68.54 -82.33 2.50
CA LYS E 154 68.74 -81.41 3.64
C LYS E 154 67.54 -81.53 4.59
N ARG E 155 66.33 -81.59 4.00
CA ARG E 155 65.08 -81.84 4.71
C ARG E 155 64.62 -80.57 5.45
N ASN E 156 64.99 -79.41 4.89
CA ASN E 156 64.59 -78.09 5.42
C ASN E 156 65.10 -77.01 4.45
N ILE E 157 64.57 -77.05 3.22
CA ILE E 157 65.07 -76.23 2.11
C ILE E 157 63.92 -75.46 1.45
N ILE E 158 62.98 -76.20 0.87
CA ILE E 158 61.85 -75.64 0.10
C ILE E 158 60.85 -75.01 1.09
N LEU E 159 60.80 -75.57 2.31
CA LEU E 159 59.99 -75.05 3.42
C LEU E 159 60.21 -73.54 3.56
N GLY E 160 61.50 -73.15 3.65
CA GLY E 160 61.91 -71.75 3.76
C GLY E 160 61.33 -70.89 2.63
N ALA E 161 61.43 -71.40 1.40
CA ALA E 161 60.94 -70.71 0.20
C ALA E 161 59.42 -70.51 0.28
N GLY E 162 58.72 -71.56 0.71
CA GLY E 162 57.25 -71.57 0.82
C GLY E 162 56.72 -70.41 1.66
N ILE E 163 57.43 -70.10 2.75
CA ILE E 163 57.03 -69.03 3.68
C ILE E 163 57.17 -67.68 2.97
N LEU E 164 58.24 -67.54 2.18
CA LEU E 164 58.60 -66.28 1.51
C LEU E 164 57.58 -65.93 0.42
N PHE E 165 57.10 -66.96 -0.30
CA PHE E 165 56.11 -66.81 -1.36
C PHE E 165 54.76 -66.35 -0.78
N VAL E 166 54.39 -66.94 0.36
CA VAL E 166 53.18 -66.57 1.09
C VAL E 166 53.31 -65.14 1.61
N ALA E 167 54.51 -64.82 2.12
CA ALA E 167 54.84 -63.50 2.67
C ALA E 167 54.84 -62.43 1.56
N ALA E 168 55.23 -62.83 0.35
CA ALA E 168 55.27 -61.95 -0.83
C ALA E 168 53.85 -61.43 -1.12
N GLY E 169 52.87 -62.34 -1.13
CA GLY E 169 51.47 -62.01 -1.38
C GLY E 169 50.86 -61.19 -0.25
N LEU E 170 51.23 -61.54 1.00
CA LEU E 170 50.75 -60.84 2.20
C LEU E 170 51.38 -59.44 2.28
N SER E 171 52.54 -59.25 1.63
CA SER E 171 53.15 -57.94 1.46
C SER E 171 52.48 -57.19 0.31
N ASN E 172 52.18 -57.91 -0.78
CA ASN E 172 51.59 -57.36 -2.00
C ASN E 172 50.19 -56.79 -1.69
N ILE E 173 49.40 -57.53 -0.90
CA ILE E 173 47.99 -57.21 -0.63
C ILE E 173 47.87 -55.88 0.13
N ILE E 174 48.89 -55.56 0.94
CA ILE E 174 48.95 -54.28 1.67
C ILE E 174 49.15 -53.14 0.66
N GLY E 175 50.10 -53.34 -0.26
CA GLY E 175 50.48 -52.36 -1.29
C GLY E 175 49.31 -51.92 -2.15
N VAL E 176 48.36 -52.84 -2.39
CA VAL E 176 47.16 -52.57 -3.18
C VAL E 176 46.24 -51.64 -2.36
N ILE E 177 46.04 -51.98 -1.10
CA ILE E 177 45.13 -51.27 -0.18
C ILE E 177 45.63 -49.83 0.01
N VAL E 178 46.94 -49.66 0.20
CA VAL E 178 47.57 -48.36 0.45
C VAL E 178 47.37 -47.46 -0.78
N TYR E 179 47.51 -48.04 -1.97
CA TYR E 179 47.47 -47.31 -3.24
C TYR E 179 46.07 -46.73 -3.48
N ILE E 180 45.03 -47.52 -3.15
CA ILE E 180 43.63 -47.12 -3.35
C ILE E 180 43.25 -46.07 -2.29
N SER E 181 43.84 -46.21 -1.09
CA SER E 181 43.62 -45.29 0.03
C SER E 181 44.22 -43.90 -0.28
N ALA E 182 45.37 -43.88 -0.95
CA ALA E 182 46.11 -42.65 -1.26
C ALA E 182 45.43 -41.89 -2.41
N ASN E 183 45.00 -42.65 -3.43
CA ASN E 183 44.41 -42.10 -4.66
C ASN E 183 43.12 -41.33 -4.33
N ALA E 184 42.28 -41.92 -3.47
CA ALA E 184 40.97 -41.35 -3.11
C ALA E 184 41.17 -40.12 -2.22
N GLY E 185 40.39 -39.06 -2.51
CA GLY E 185 40.41 -37.81 -1.76
C GLY E 185 39.31 -37.76 -0.71
N LYS E 196 31.73 -35.35 -12.64
CA LYS E 196 32.73 -36.01 -11.81
C LYS E 196 33.26 -37.24 -12.54
N ASN E 197 34.42 -37.09 -13.18
CA ASN E 197 35.06 -38.15 -13.95
C ASN E 197 35.73 -39.14 -12.98
N HIS E 198 35.51 -40.44 -13.23
CA HIS E 198 36.01 -41.52 -12.38
C HIS E 198 37.34 -42.04 -12.94
N TYR E 199 38.20 -42.51 -12.02
CA TYR E 199 39.46 -43.17 -12.34
C TYR E 199 39.19 -44.58 -12.87
N SER E 200 40.10 -45.09 -13.69
CA SER E 200 40.04 -46.44 -14.23
C SER E 200 41.42 -47.10 -14.09
N TYR E 201 41.42 -48.38 -13.72
CA TYR E 201 42.65 -49.12 -13.43
C TYR E 201 43.23 -49.67 -14.74
N GLY E 202 44.51 -49.37 -14.96
CA GLY E 202 45.25 -49.78 -16.17
C GLY E 202 45.67 -51.23 -16.10
N TRP E 203 46.27 -51.70 -17.21
CA TRP E 203 46.63 -53.11 -17.40
C TRP E 203 47.71 -53.53 -16.40
N SER E 204 48.70 -52.67 -16.18
CA SER E 204 49.89 -52.98 -15.38
C SER E 204 49.55 -53.19 -13.89
N PHE E 205 48.35 -52.75 -13.47
CA PHE E 205 47.86 -52.94 -12.10
C PHE E 205 47.41 -54.39 -11.90
N TYR E 206 46.73 -54.96 -12.90
CA TYR E 206 46.21 -56.33 -12.85
C TYR E 206 47.37 -57.35 -12.88
N PHE E 207 48.53 -56.90 -13.39
CA PHE E 207 49.77 -57.69 -13.35
C PHE E 207 50.16 -57.96 -11.89
N GLY E 208 50.05 -56.92 -11.05
CA GLY E 208 50.28 -57.03 -9.61
C GLY E 208 49.27 -57.94 -8.94
N GLY E 209 48.03 -57.92 -9.44
CA GLY E 209 46.95 -58.78 -8.96
C GLY E 209 47.16 -60.24 -9.34
N LEU E 210 47.63 -60.47 -10.57
CA LEU E 210 47.82 -61.82 -11.12
C LEU E 210 49.03 -62.50 -10.46
N SER E 211 50.04 -61.69 -10.09
CA SER E 211 51.26 -62.17 -9.46
C SER E 211 50.98 -62.71 -8.05
N PHE E 212 50.01 -62.08 -7.35
CA PHE E 212 49.60 -62.47 -6.00
C PHE E 212 49.01 -63.89 -6.02
N ILE E 213 48.21 -64.19 -7.04
CA ILE E 213 47.50 -65.47 -7.15
C ILE E 213 48.53 -66.59 -7.34
N LEU E 214 49.46 -66.37 -8.28
CA LEU E 214 50.49 -67.34 -8.64
C LEU E 214 51.36 -67.66 -7.42
N ALA E 215 51.89 -66.62 -6.77
CA ALA E 215 52.79 -66.76 -5.61
C ALA E 215 52.14 -67.62 -4.52
N GLU E 216 50.83 -67.45 -4.32
CA GLU E 216 50.05 -68.21 -3.35
C GLU E 216 50.00 -69.69 -3.77
N VAL E 217 49.85 -69.93 -5.07
CA VAL E 217 49.80 -71.28 -5.65
C VAL E 217 51.19 -71.94 -5.55
N ILE E 218 52.25 -71.14 -5.74
CA ILE E 218 53.63 -71.61 -5.63
C ILE E 218 53.91 -72.03 -4.18
N GLY E 219 53.38 -71.24 -3.23
CA GLY E 219 53.58 -71.45 -1.80
C GLY E 219 53.02 -72.80 -1.32
N VAL E 220 51.80 -73.11 -1.76
CA VAL E 220 51.09 -74.32 -1.32
C VAL E 220 51.76 -75.57 -1.91
N LEU E 221 52.30 -75.45 -3.12
CA LEU E 221 53.03 -76.54 -3.79
C LEU E 221 54.29 -76.90 -2.98
N ALA E 222 54.97 -75.88 -2.46
CA ALA E 222 56.21 -76.02 -1.69
C ALA E 222 55.98 -76.85 -0.42
N VAL E 223 54.76 -76.76 0.13
CA VAL E 223 54.37 -77.45 1.36
C VAL E 223 54.21 -78.95 1.07
N ASN E 224 53.66 -79.28 -0.11
CA ASN E 224 53.36 -80.65 -0.52
C ASN E 224 54.66 -81.46 -0.67
N ILE E 225 55.71 -80.81 -1.17
CA ILE E 225 57.01 -81.45 -1.42
C ILE E 225 57.69 -81.72 -0.07
N TYR E 226 57.54 -80.77 0.85
CA TYR E 226 58.14 -80.82 2.18
C TYR E 226 57.51 -81.95 3.01
N ILE E 227 56.19 -82.15 2.83
CA ILE E 227 55.44 -83.23 3.50
C ILE E 227 55.88 -84.59 2.95
N GLU E 228 56.11 -84.65 1.63
CA GLU E 228 56.40 -85.89 0.91
C GLU E 228 57.74 -86.49 1.38
N ARG E 229 58.76 -85.64 1.49
CA ARG E 229 60.13 -86.05 1.84
C ARG E 229 60.19 -86.45 3.32
N SER E 230 59.45 -85.72 4.17
CA SER E 230 59.43 -85.95 5.61
C SER E 230 58.75 -87.29 5.92
N ARG E 231 57.67 -87.60 5.21
CA ARG E 231 56.91 -88.84 5.38
C ARG E 231 57.66 -89.98 4.70
N VAL F 19 3.20 -92.92 44.32
CA VAL F 19 3.81 -91.80 45.11
C VAL F 19 3.90 -90.55 44.23
N GLN F 20 4.63 -90.68 43.10
CA GLN F 20 4.78 -89.61 42.12
C GLN F 20 3.53 -89.52 41.23
N VAL F 21 2.89 -90.68 41.01
CA VAL F 21 1.66 -90.79 40.22
C VAL F 21 0.50 -90.12 40.98
N LEU F 22 0.56 -90.18 42.32
CA LEU F 22 -0.45 -89.57 43.20
C LEU F 22 -0.31 -88.04 43.17
N LEU F 23 0.93 -87.56 43.01
CA LEU F 23 1.23 -86.12 42.91
C LEU F 23 0.66 -85.55 41.61
N THR F 24 0.59 -86.40 40.57
CA THR F 24 0.08 -86.04 39.25
C THR F 24 -1.42 -85.73 39.32
N THR F 25 -2.15 -86.50 40.12
CA THR F 25 -3.61 -86.36 40.27
C THR F 25 -3.94 -85.00 40.91
N ILE F 26 -3.15 -84.61 41.90
CA ILE F 26 -3.36 -83.39 42.69
C ILE F 26 -3.17 -82.18 41.75
N GLY F 27 -2.12 -82.22 40.94
CA GLY F 27 -1.79 -81.18 39.96
C GLY F 27 -2.82 -81.08 38.85
N ALA F 28 -3.41 -82.23 38.48
CA ALA F 28 -4.46 -82.30 37.46
C ALA F 28 -5.72 -81.56 37.95
N PHE F 29 -6.09 -81.80 39.21
CA PHE F 29 -7.25 -81.16 39.85
C PHE F 29 -6.97 -79.67 40.10
N ALA F 30 -5.71 -79.35 40.42
CA ALA F 30 -5.28 -77.98 40.69
C ALA F 30 -5.41 -77.13 39.41
N ALA F 31 -4.91 -77.67 38.29
CA ALA F 31 -4.97 -77.02 36.98
C ALA F 31 -6.42 -76.90 36.52
N PHE F 32 -7.24 -77.92 36.84
CA PHE F 32 -8.66 -77.96 36.50
C PHE F 32 -9.41 -76.84 37.24
N GLY F 33 -9.04 -76.61 38.51
CA GLY F 33 -9.66 -75.57 39.35
C GLY F 33 -9.38 -74.18 38.82
N LEU F 34 -8.10 -73.87 38.61
CA LEU F 34 -7.62 -72.51 38.27
C LEU F 34 -8.19 -72.05 36.92
N MET F 35 -8.49 -72.99 36.03
CA MET F 35 -9.15 -72.70 34.74
C MET F 35 -10.63 -72.34 34.99
N THR F 36 -11.25 -73.04 35.94
CA THR F 36 -12.68 -72.89 36.24
C THR F 36 -12.94 -71.58 36.99
N ILE F 37 -11.99 -71.17 37.84
CA ILE F 37 -12.07 -69.89 38.57
C ILE F 37 -11.90 -68.74 37.58
N ALA F 38 -11.00 -68.93 36.60
CA ALA F 38 -10.65 -67.91 35.62
C ALA F 38 -11.89 -67.46 34.83
N ILE F 39 -12.62 -68.44 34.27
CA ILE F 39 -13.81 -68.18 33.45
C ILE F 39 -14.98 -67.71 34.33
N SER F 40 -14.93 -68.02 35.64
CA SER F 40 -15.99 -67.62 36.59
C SER F 40 -15.87 -66.14 36.95
N THR F 41 -14.73 -65.76 37.55
CA THR F 41 -14.53 -64.41 38.10
C THR F 41 -14.33 -63.41 36.95
N ASP F 42 -14.98 -62.25 37.08
CA ASP F 42 -14.96 -61.19 36.07
C ASP F 42 -13.90 -60.16 36.46
N TYR F 43 -12.63 -60.54 36.31
CA TYR F 43 -11.49 -59.70 36.70
C TYR F 43 -10.30 -59.98 35.78
N TRP F 44 -10.47 -59.67 34.49
CA TRP F 44 -9.46 -59.95 33.45
C TRP F 44 -8.84 -58.64 32.91
N LEU F 45 -9.58 -57.52 32.99
CA LEU F 45 -9.15 -56.26 32.38
C LEU F 45 -9.73 -55.07 33.17
N TYR F 46 -9.05 -53.92 33.06
CA TYR F 46 -9.52 -52.64 33.61
C TYR F 46 -9.44 -51.57 32.51
N THR F 47 -10.46 -50.71 32.45
CA THR F 47 -10.49 -49.59 31.50
C THR F 47 -11.25 -48.41 32.12
N ARG F 48 -10.87 -47.20 31.70
CA ARG F 48 -11.44 -45.94 32.18
C ARG F 48 -12.08 -45.19 31.01
N GLY F 80 -14.79 -44.88 34.81
CA GLY F 80 -13.85 -44.78 35.94
C GLY F 80 -13.04 -46.05 36.10
N LEU F 81 -13.64 -47.05 36.77
CA LEU F 81 -13.05 -48.38 36.96
C LEU F 81 -14.04 -49.42 36.42
N THR F 82 -13.55 -50.32 35.56
CA THR F 82 -14.39 -51.31 34.89
C THR F 82 -13.73 -52.69 34.99
N HIS F 83 -14.14 -53.47 36.00
CA HIS F 83 -13.61 -54.80 36.26
C HIS F 83 -14.38 -55.81 35.39
N SER F 84 -13.97 -55.91 34.12
CA SER F 84 -14.59 -56.79 33.14
C SER F 84 -13.81 -58.11 33.05
N GLY F 85 -14.55 -59.21 32.90
CA GLY F 85 -14.00 -60.54 32.75
C GLY F 85 -14.03 -61.00 31.30
N LEU F 86 -14.75 -62.10 31.05
CA LEU F 86 -14.83 -62.74 29.74
C LEU F 86 -16.26 -62.64 29.18
N TRP F 87 -17.27 -62.78 30.04
CA TRP F 87 -18.68 -62.86 29.62
C TRP F 87 -19.50 -61.65 30.08
N ARG F 88 -19.06 -60.97 31.15
CA ARG F 88 -19.86 -59.91 31.77
C ARG F 88 -18.94 -58.72 32.12
N ILE F 89 -19.35 -57.53 31.67
CA ILE F 89 -18.65 -56.28 31.95
C ILE F 89 -19.30 -55.65 33.20
N CYS F 90 -18.55 -55.64 34.31
CA CYS F 90 -19.04 -55.22 35.61
C CYS F 90 -18.35 -53.91 36.01
N CYS F 91 -19.17 -52.87 36.27
CA CYS F 91 -18.70 -51.51 36.53
C CYS F 91 -18.63 -51.23 38.03
N LEU F 92 -17.81 -50.24 38.41
CA LEU F 92 -17.66 -49.78 39.79
C LEU F 92 -17.26 -48.30 39.79
N GLU F 93 -17.52 -47.63 40.92
CA GLU F 93 -17.12 -46.25 41.17
C GLU F 93 -17.81 -45.32 40.18
N GLY F 94 -19.09 -45.04 40.44
CA GLY F 94 -19.91 -44.15 39.61
C GLY F 94 -21.38 -44.21 39.96
N LEU F 95 -22.22 -44.27 38.94
CA LEU F 95 -23.68 -44.24 39.09
C LEU F 95 -24.17 -45.62 39.59
N LYS F 96 -24.09 -46.62 38.71
CA LYS F 96 -24.51 -47.99 39.00
C LYS F 96 -23.29 -48.78 39.51
N ARG F 97 -23.33 -49.17 40.78
CA ARG F 97 -22.23 -49.86 41.46
C ARG F 97 -22.66 -51.29 41.78
N GLY F 98 -22.66 -52.15 40.76
CA GLY F 98 -23.03 -53.56 40.88
C GLY F 98 -23.90 -54.03 39.73
N VAL F 99 -24.66 -53.11 39.14
CA VAL F 99 -25.53 -53.40 37.99
C VAL F 99 -24.65 -53.68 36.77
N CYS F 100 -24.62 -54.94 36.35
CA CYS F 100 -23.74 -55.42 35.27
C CYS F 100 -24.58 -56.18 34.23
N VAL F 101 -24.05 -56.24 32.99
CA VAL F 101 -24.79 -56.75 31.83
C VAL F 101 -23.82 -57.44 30.86
N LYS F 102 -24.36 -58.26 29.96
CA LYS F 102 -23.62 -59.01 28.95
C LYS F 102 -22.79 -58.08 28.06
N ILE F 103 -21.79 -58.67 27.38
CA ILE F 103 -20.95 -57.97 26.40
C ILE F 103 -21.71 -57.92 25.07
N ASN F 104 -21.71 -56.75 24.43
CA ASN F 104 -22.29 -56.57 23.10
C ASN F 104 -21.15 -56.52 22.07
N HIS F 105 -20.82 -57.70 21.51
CA HIS F 105 -19.74 -57.84 20.54
C HIS F 105 -20.19 -57.28 19.18
N PHE F 106 -21.37 -57.73 18.72
CA PHE F 106 -22.00 -57.26 17.50
C PHE F 106 -23.52 -57.42 17.60
N SER F 117 -12.74 -62.35 7.20
CA SER F 117 -11.52 -62.60 7.98
C SER F 117 -11.64 -61.97 9.37
N GLU F 118 -12.05 -60.70 9.41
CA GLU F 118 -12.26 -59.95 10.64
C GLU F 118 -13.50 -60.49 11.39
N TYR F 119 -14.48 -60.97 10.61
CA TYR F 119 -15.72 -61.54 11.14
C TYR F 119 -15.45 -62.86 11.88
N LEU F 120 -14.48 -63.63 11.38
CA LEU F 120 -14.21 -64.99 11.85
C LEU F 120 -13.58 -64.96 13.26
N LEU F 121 -12.75 -63.94 13.53
CA LEU F 121 -12.06 -63.82 14.82
C LEU F 121 -13.06 -63.40 15.91
N ARG F 122 -14.05 -62.60 15.54
CA ARG F 122 -15.04 -62.03 16.46
C ARG F 122 -15.88 -63.14 17.12
N VAL F 123 -16.27 -64.15 16.32
CA VAL F 123 -17.12 -65.25 16.79
C VAL F 123 -16.29 -66.21 17.66
N VAL F 124 -14.97 -66.27 17.42
CA VAL F 124 -14.04 -67.10 18.19
C VAL F 124 -13.77 -66.45 19.56
N ARG F 125 -13.99 -65.14 19.66
CA ARG F 125 -13.85 -64.39 20.92
C ARG F 125 -15.18 -64.44 21.70
N ALA F 126 -16.29 -64.19 21.00
CA ALA F 126 -17.63 -64.12 21.61
C ALA F 126 -18.02 -65.46 22.23
N SER F 127 -17.41 -66.54 21.76
CA SER F 127 -17.52 -67.87 22.36
C SER F 127 -16.14 -68.32 22.86
N SER F 128 -16.04 -68.60 24.17
CA SER F 128 -14.80 -69.08 24.81
C SER F 128 -14.56 -70.53 24.38
N ILE F 129 -14.26 -70.71 23.09
CA ILE F 129 -14.28 -72.01 22.42
C ILE F 129 -13.01 -72.80 22.78
N PHE F 130 -11.89 -72.09 22.98
CA PHE F 130 -10.59 -72.73 23.25
C PHE F 130 -10.38 -72.97 24.74
N PRO F 131 -10.54 -71.97 25.64
CA PRO F 131 -10.28 -72.17 27.06
C PRO F 131 -11.18 -73.22 27.75
N ILE F 132 -12.41 -73.37 27.27
CA ILE F 132 -13.37 -74.35 27.78
C ILE F 132 -12.93 -75.74 27.31
N LEU F 133 -12.53 -75.85 26.04
CA LEU F 133 -11.98 -77.08 25.45
C LEU F 133 -10.77 -77.55 26.26
N SER F 134 -9.93 -76.59 26.68
CA SER F 134 -8.75 -76.85 27.51
C SER F 134 -9.14 -77.59 28.79
N ALA F 135 -10.25 -77.16 29.41
CA ALA F 135 -10.75 -77.73 30.66
C ALA F 135 -11.30 -79.15 30.42
N ILE F 136 -12.00 -79.35 29.30
CA ILE F 136 -12.62 -80.63 28.97
C ILE F 136 -11.52 -81.68 28.71
N LEU F 137 -10.45 -81.25 28.02
CA LEU F 137 -9.25 -82.06 27.80
C LEU F 137 -8.60 -82.40 29.15
N LEU F 138 -8.60 -81.43 30.07
CA LEU F 138 -7.88 -81.51 31.34
C LEU F 138 -8.59 -82.47 32.31
N LEU F 139 -9.91 -82.31 32.46
CA LEU F 139 -10.70 -83.07 33.45
C LEU F 139 -10.82 -84.54 33.02
N LEU F 140 -10.78 -84.79 31.71
CA LEU F 140 -10.77 -86.16 31.16
C LEU F 140 -9.39 -86.79 31.44
N GLY F 141 -8.34 -85.95 31.45
CA GLY F 141 -6.98 -86.35 31.78
C GLY F 141 -6.87 -86.94 33.17
N GLY F 142 -7.34 -86.18 34.17
CA GLY F 142 -7.37 -86.61 35.58
C GLY F 142 -8.23 -87.84 35.79
N VAL F 143 -9.30 -87.95 34.99
CA VAL F 143 -10.20 -89.11 34.98
C VAL F 143 -9.45 -90.34 34.42
N CYS F 144 -8.60 -90.11 33.41
CA CYS F 144 -7.83 -91.17 32.76
C CYS F 144 -6.76 -91.75 33.70
N VAL F 145 -6.28 -90.93 34.64
CA VAL F 145 -5.29 -91.36 35.64
C VAL F 145 -5.99 -92.25 36.67
N ALA F 146 -7.24 -91.92 37.01
CA ALA F 146 -8.06 -92.69 37.94
C ALA F 146 -8.47 -94.02 37.30
N ALA F 147 -8.61 -94.03 35.96
CA ALA F 147 -8.93 -95.23 35.19
C ALA F 147 -7.73 -96.18 35.14
N SER F 148 -6.52 -95.65 35.39
CA SER F 148 -5.28 -96.43 35.42
C SER F 148 -5.05 -97.05 36.80
N ARG F 149 -5.58 -96.41 37.85
CA ARG F 149 -5.44 -96.86 39.24
C ARG F 149 -6.09 -98.25 39.39
N VAL F 150 -7.41 -98.31 39.09
CA VAL F 150 -8.17 -99.56 39.11
C VAL F 150 -8.00 -100.24 37.74
N TYR F 151 -7.97 -101.59 37.76
CA TYR F 151 -7.70 -102.41 36.58
C TYR F 151 -6.29 -102.09 36.06
N LYS F 152 -5.29 -102.45 36.88
CA LYS F 152 -3.89 -102.09 36.64
C LYS F 152 -3.29 -103.00 35.55
N SER F 153 -2.10 -102.61 35.07
CA SER F 153 -1.35 -103.30 34.02
C SER F 153 -2.16 -103.33 32.72
N LYS F 154 -2.33 -102.14 32.13
CA LYS F 154 -2.91 -101.96 30.79
C LYS F 154 -1.80 -101.60 29.80
N ARG F 155 -0.89 -100.71 30.23
CA ARG F 155 0.32 -100.34 29.48
C ARG F 155 -0.03 -99.39 28.33
N ASN F 156 -1.10 -98.61 28.52
CA ASN F 156 -1.55 -97.59 27.56
C ASN F 156 -2.72 -96.82 28.18
N ILE F 157 -2.43 -96.09 29.28
CA ILE F 157 -3.44 -95.46 30.12
C ILE F 157 -3.08 -93.98 30.33
N ILE F 158 -1.96 -93.75 31.02
CA ILE F 158 -1.53 -92.40 31.42
C ILE F 158 -1.01 -91.66 30.17
N LEU F 159 -0.50 -92.44 29.20
CA LEU F 159 -0.05 -91.93 27.90
C LEU F 159 -1.13 -91.01 27.30
N GLY F 160 -2.36 -91.53 27.24
CA GLY F 160 -3.52 -90.80 26.72
C GLY F 160 -3.74 -89.48 27.45
N ALA F 161 -3.66 -89.51 28.78
CA ALA F 161 -3.84 -88.33 29.63
C ALA F 161 -2.76 -87.27 29.32
N GLY F 162 -1.51 -87.72 29.17
CA GLY F 162 -0.37 -86.86 28.89
C GLY F 162 -0.57 -85.97 27.68
N ILE F 163 -1.18 -86.54 26.63
CA ILE F 163 -1.42 -85.84 25.36
C ILE F 163 -2.46 -84.73 25.60
N LEU F 164 -3.47 -85.02 26.43
CA LEU F 164 -4.61 -84.14 26.67
C LEU F 164 -4.16 -82.91 27.48
N PHE F 165 -3.24 -83.12 28.44
CA PHE F 165 -2.69 -82.05 29.27
C PHE F 165 -1.86 -81.07 28.42
N VAL F 166 -1.06 -81.63 27.50
CA VAL F 166 -0.25 -80.86 26.56
C VAL F 166 -1.18 -80.10 25.62
N ALA F 167 -2.26 -80.76 25.17
CA ALA F 167 -3.26 -80.20 24.27
C ALA F 167 -4.05 -79.07 24.97
N ALA F 168 -4.25 -79.22 26.28
CA ALA F 168 -4.96 -78.22 27.10
C ALA F 168 -4.22 -76.87 27.06
N GLY F 169 -2.90 -76.92 27.25
CA GLY F 169 -2.05 -75.74 27.21
C GLY F 169 -1.93 -75.16 25.82
N LEU F 170 -1.85 -76.03 24.81
CA LEU F 170 -1.78 -75.64 23.40
C LEU F 170 -3.11 -75.04 22.93
N SER F 171 -4.21 -75.41 23.62
CA SER F 171 -5.51 -74.79 23.42
C SER F 171 -5.58 -73.46 24.19
N ASN F 172 -5.04 -73.46 25.41
CA ASN F 172 -5.06 -72.30 26.30
C ASN F 172 -4.28 -71.13 25.67
N ILE F 173 -3.13 -71.43 25.07
CA ILE F 173 -2.18 -70.41 24.56
C ILE F 173 -2.83 -69.63 23.39
N ILE F 174 -3.73 -70.29 22.64
CA ILE F 174 -4.48 -69.65 21.56
C ILE F 174 -5.45 -68.64 22.16
N GLY F 175 -6.18 -69.06 23.20
CA GLY F 175 -7.20 -68.25 23.87
C GLY F 175 -6.65 -66.94 24.41
N VAL F 176 -5.37 -66.95 24.82
CA VAL F 176 -4.69 -65.76 25.33
C VAL F 176 -4.46 -64.79 24.17
N ILE F 177 -3.93 -65.31 23.06
CA ILE F 177 -3.57 -64.53 21.87
C ILE F 177 -4.82 -63.86 21.28
N VAL F 178 -5.92 -64.62 21.19
CA VAL F 178 -7.19 -64.15 20.62
C VAL F 178 -7.74 -62.99 21.47
N TYR F 179 -7.62 -63.12 22.79
CA TYR F 179 -8.18 -62.16 23.75
C TYR F 179 -7.46 -60.80 23.63
N ILE F 180 -6.15 -60.83 23.43
CA ILE F 180 -5.33 -59.61 23.33
C ILE F 180 -5.56 -58.98 21.95
N SER F 181 -5.81 -59.82 20.94
CA SER F 181 -6.08 -59.39 19.56
C SER F 181 -7.41 -58.65 19.48
N ALA F 182 -8.41 -59.13 20.23
CA ALA F 182 -9.77 -58.60 20.21
C ALA F 182 -9.84 -57.26 20.98
N ASN F 183 -9.13 -57.21 22.12
CA ASN F 183 -9.15 -56.05 23.02
C ASN F 183 -8.59 -54.81 22.31
N ALA F 184 -7.47 -54.99 21.59
CA ALA F 184 -6.78 -53.90 20.91
C ALA F 184 -7.59 -53.42 19.70
N GLY F 185 -7.64 -52.10 19.50
CA GLY F 185 -8.32 -51.46 18.38
C GLY F 185 -7.35 -50.92 17.37
N LYS F 196 -4.32 -40.78 26.81
CA LYS F 196 -4.65 -42.13 26.39
C LYS F 196 -4.39 -43.11 27.54
N ASN F 197 -5.48 -43.52 28.21
CA ASN F 197 -5.41 -44.43 29.35
C ASN F 197 -5.19 -45.86 28.85
N HIS F 198 -4.28 -46.58 29.51
CA HIS F 198 -3.89 -47.93 29.12
C HIS F 198 -4.65 -48.97 29.97
N TYR F 199 -4.91 -50.13 29.36
CA TYR F 199 -5.53 -51.27 30.02
C TYR F 199 -4.49 -51.95 30.91
N SER F 200 -4.97 -52.62 31.96
CA SER F 200 -4.15 -53.39 32.89
C SER F 200 -4.80 -54.75 33.12
N TYR F 201 -3.97 -55.80 33.18
CA TYR F 201 -4.45 -57.18 33.30
C TYR F 201 -4.72 -57.50 34.78
N GLY F 202 -5.93 -57.99 35.05
CA GLY F 202 -6.39 -58.34 36.39
C GLY F 202 -5.83 -59.67 36.86
N TRP F 203 -6.14 -60.00 38.12
CA TRP F 203 -5.57 -61.17 38.80
C TRP F 203 -6.04 -62.47 38.13
N SER F 204 -7.32 -62.53 37.76
CA SER F 204 -7.96 -63.75 37.25
C SER F 204 -7.40 -64.18 35.88
N PHE F 205 -6.68 -63.27 35.21
CA PHE F 205 -6.03 -63.57 33.92
C PHE F 205 -4.75 -64.40 34.16
N TYR F 206 -3.99 -64.04 35.20
CA TYR F 206 -2.73 -64.72 35.55
C TYR F 206 -3.01 -66.14 36.04
N PHE F 207 -4.25 -66.38 36.50
CA PHE F 207 -4.74 -67.72 36.87
C PHE F 207 -4.70 -68.64 35.63
N GLY F 208 -5.16 -68.10 34.49
CA GLY F 208 -5.11 -68.78 33.20
C GLY F 208 -3.68 -69.02 32.74
N GLY F 209 -2.79 -68.07 33.06
CA GLY F 209 -1.36 -68.17 32.77
C GLY F 209 -0.67 -69.23 33.60
N LEU F 210 -1.04 -69.31 34.89
CA LEU F 210 -0.40 -70.23 35.86
C LEU F 210 -0.85 -71.67 35.59
N SER F 211 -2.10 -71.82 35.11
CA SER F 211 -2.70 -73.12 34.81
C SER F 211 -1.98 -73.80 33.63
N PHE F 212 -1.52 -72.98 32.67
CA PHE F 212 -0.80 -73.46 31.49
C PHE F 212 0.53 -74.11 31.90
N ILE F 213 1.22 -73.49 32.86
CA ILE F 213 2.56 -73.92 33.30
C ILE F 213 2.42 -75.29 33.97
N LEU F 214 1.45 -75.42 34.87
CA LEU F 214 1.20 -76.64 35.64
C LEU F 214 0.87 -77.81 34.70
N ALA F 215 -0.12 -77.60 33.81
CA ALA F 215 -0.60 -78.62 32.88
C ALA F 215 0.55 -79.18 32.04
N GLU F 216 1.48 -78.29 31.65
CA GLU F 216 2.68 -78.66 30.88
C GLU F 216 3.59 -79.58 31.73
N VAL F 217 3.70 -79.26 33.02
CA VAL F 217 4.52 -80.02 33.97
C VAL F 217 3.84 -81.36 34.27
N ILE F 218 2.50 -81.37 34.33
CA ILE F 218 1.72 -82.60 34.56
C ILE F 218 1.92 -83.54 33.36
N GLY F 219 1.94 -82.97 32.16
CA GLY F 219 2.08 -83.71 30.91
C GLY F 219 3.41 -84.45 30.82
N VAL F 220 4.50 -83.78 31.21
CA VAL F 220 5.86 -84.32 31.08
C VAL F 220 6.08 -85.43 32.12
N LEU F 221 5.41 -85.32 33.27
CA LEU F 221 5.45 -86.35 34.32
C LEU F 221 4.80 -87.65 33.82
N ALA F 222 3.69 -87.51 33.10
CA ALA F 222 2.90 -88.63 32.56
C ALA F 222 3.74 -89.48 31.61
N VAL F 223 4.70 -88.84 30.92
CA VAL F 223 5.58 -89.49 29.95
C VAL F 223 6.59 -90.38 30.68
N ASN F 224 7.09 -89.89 31.82
CA ASN F 224 8.12 -90.56 32.63
C ASN F 224 7.59 -91.90 33.16
N ILE F 225 6.32 -91.93 33.54
CA ILE F 225 5.68 -93.12 34.14
C ILE F 225 5.47 -94.16 33.03
N TYR F 226 5.10 -93.70 31.84
CA TYR F 226 4.82 -94.54 30.69
C TYR F 226 6.12 -95.22 30.20
N ILE F 227 7.24 -94.50 30.28
CA ILE F 227 8.56 -95.01 29.91
C ILE F 227 9.00 -96.07 30.93
N GLU F 228 8.69 -95.83 32.21
CA GLU F 228 9.15 -96.66 33.33
C GLU F 228 8.54 -98.07 33.26
N ARG F 229 7.23 -98.14 32.98
CA ARG F 229 6.48 -99.40 32.96
C ARG F 229 6.85 -100.21 31.72
N SER F 230 7.04 -99.53 30.58
CA SER F 230 7.38 -100.14 29.30
C SER F 230 8.76 -100.79 29.36
N ARG F 231 9.73 -100.09 29.98
CA ARG F 231 11.10 -100.56 30.12
C ARG F 231 11.16 -101.59 31.25
#